data_7LUC
#
_entry.id   7LUC
#
_cell.length_a   1.00
_cell.length_b   1.00
_cell.length_c   1.00
_cell.angle_alpha   90.00
_cell.angle_beta   90.00
_cell.angle_gamma   90.00
#
_symmetry.space_group_name_H-M   'P 1'
#
loop_
_entity.id
_entity.type
_entity.pdbx_description
1 polymer 'Fusion glycoprotein F0'
2 polymer '01.4B Fab Heavy chain'
3 polymer '01.4B Fab Light chain'
4 polymer '32.4K Fab Heavy chain'
5 polymer '32.4K Fab Light chain'
#
loop_
_entity_poly.entity_id
_entity_poly.type
_entity_poly.pdbx_seq_one_letter_code
_entity_poly.pdbx_strand_id
1 'polypeptide(L)'
;QNITEEFYQSTCSAVSKGYLSALRTGWYTSVITIELSNIKEIKCNGTDAKVKLIKQELDKYKNAVTELQLLMQSTPATNN
RARRELPRFMNYTLNNAKKTNVTLSKKRKRRFLGFLLGVGSAIASGVAVSKVLHLEGEVNKIKSALLSTNKAVVSLSNGV
SVLTSKVLDLKNYIDKQLLPIVNKQSCSIPNIETVIEFQQKNNRLLEITREFSVNAGVTTPVSTYMLTNSELLSLINDMP
ITNDQKKLMSNNVQIVRQQSYSIMSIIKEEVLAYVVQLPLYGVIDTPCWKLHTSPLCTTNTKEGSNICLTRTDRGWYCDN
AGSVSFFPQAETCKVQSNRVFCDTMNSLTLPSEVNLCNVDIFNPKYDCKIMTSKTDVSSSVITSLGAIVSCYGKTKCTAS
NKNRGIIKTFSNGCDYVSNKGVDTVSVGNTLYYVNKQEGKSLYVKGEPIINFYDPLVFPSDEFDASISQVNEKINQSLAF
IRKSDELLSAIGGYIPEAPRDGQAYVRKDGEWVLLSTFLGSLEVLFQ
;
A,B,C
2 'polypeptide(L)'
;QVQLVQSGAEVKKPGASVKLSCQASGYTFNNYGVSWLRQAPGQGLEWMGWISAYNGNKKYAPKFQGRLTLTTVTSTGTAY
MELRSLKSDDTALYFCARDPPAVAAAMFDFWGQGTQVTVSS
;
D,F,H
3 'polypeptide(L)'
;DVVLTQSPLSLPVTLGQPASISCRSSQSLVLSDGNTYLSWFHQRPGHSPRRLIYRISHRDSGVPDRFSGSESGTDFTLKI
SRVEAEDVGIYYCMQGTHWPRTFGQGTKVEIK
;
E,G,I
4 'polypeptide(L)'
;EVQLVQSGAEVKKPGESLKISCKGSADSFTNHWIGWVRQTPGKGLEWMGMIYPGDSDTRYSPSFQGQVTLSVDKSVTTVY
LQWNSLKASDTAIYYCARQVGGVVVAEPPPYYYYGMDAWGQGTTVTVSS
;
J,L,N
5 'polypeptide(L)'
;DIQLTQSPSSLSASVGDRVTLTCRASQSIATFLNWFQQRPGKAPKLLMFDASKLQTGVPSRFSGSGSGTHFTLTISTLQP
EDFATYYCQQSYDLPLTFGPGTKVEIK
;
K,M,O
#
# COMPACT_ATOMS: atom_id res chain seq x y z
N GLN A 1 -32.38 -0.73 -21.12
CA GLN A 1 -31.77 -1.63 -22.10
C GLN A 1 -32.67 -2.83 -22.33
N ASN A 2 -33.07 -3.02 -23.59
CA ASN A 2 -34.12 -3.97 -23.95
C ASN A 2 -33.52 -5.37 -24.11
N ILE A 3 -33.08 -5.92 -22.98
CA ILE A 3 -32.46 -7.23 -22.94
C ILE A 3 -33.54 -8.31 -22.92
N THR A 4 -33.28 -9.42 -23.60
CA THR A 4 -34.27 -10.47 -23.79
C THR A 4 -33.66 -11.85 -23.54
N GLU A 5 -34.51 -12.78 -23.11
CA GLU A 5 -34.11 -14.15 -22.81
C GLU A 5 -35.15 -15.10 -23.36
N GLU A 6 -34.68 -16.28 -23.81
CA GLU A 6 -35.56 -17.33 -24.28
C GLU A 6 -35.19 -18.63 -23.58
N PHE A 7 -36.16 -19.32 -23.02
CA PHE A 7 -35.95 -20.65 -22.47
C PHE A 7 -36.65 -21.68 -23.34
N TYR A 8 -35.88 -22.68 -23.79
CA TYR A 8 -36.41 -23.80 -24.56
C TYR A 8 -36.44 -25.05 -23.70
N GLN A 9 -37.61 -25.68 -23.62
CA GLN A 9 -37.73 -26.94 -22.89
C GLN A 9 -37.15 -28.13 -23.65
N SER A 10 -36.96 -27.99 -24.97
CA SER A 10 -36.49 -29.12 -25.77
C SER A 10 -35.08 -29.54 -25.37
N THR A 11 -34.23 -28.59 -25.00
CA THR A 11 -32.90 -28.88 -24.50
C THR A 11 -32.68 -28.37 -23.09
N CYS A 12 -33.74 -27.89 -22.43
CA CYS A 12 -33.65 -27.25 -21.11
C CYS A 12 -32.53 -26.21 -21.08
N SER A 13 -32.46 -25.40 -22.13
CA SER A 13 -31.41 -24.40 -22.31
C SER A 13 -32.03 -23.01 -22.34
N ALA A 14 -31.16 -22.00 -22.31
CA ALA A 14 -31.62 -20.61 -22.27
C ALA A 14 -30.65 -19.72 -23.03
N VAL A 15 -31.19 -18.92 -23.95
CA VAL A 15 -30.40 -17.96 -24.72
C VAL A 15 -30.80 -16.55 -24.31
N SER A 16 -29.80 -15.75 -23.95
CA SER A 16 -30.00 -14.34 -23.62
C SER A 16 -29.46 -13.48 -24.75
N LYS A 17 -30.33 -12.69 -25.37
CA LYS A 17 -29.97 -11.86 -26.51
C LYS A 17 -30.26 -10.40 -26.23
N GLY A 18 -29.55 -9.52 -26.93
CA GLY A 18 -29.77 -8.10 -26.81
C GLY A 18 -28.59 -7.34 -26.24
N TYR A 19 -27.39 -7.83 -26.49
CA TYR A 19 -26.17 -7.25 -25.91
C TYR A 19 -25.39 -6.50 -26.98
N LEU A 20 -24.42 -5.71 -26.53
CA LEU A 20 -23.53 -4.94 -27.39
C LEU A 20 -22.12 -5.49 -27.26
N SER A 21 -21.51 -5.81 -28.39
CA SER A 21 -20.28 -6.59 -28.40
C SER A 21 -19.04 -5.69 -28.36
N ALA A 22 -17.95 -6.28 -27.88
CA ALA A 22 -16.64 -5.63 -27.90
C ALA A 22 -15.61 -6.75 -28.08
N LEU A 23 -15.18 -6.98 -29.32
CA LEU A 23 -14.41 -8.16 -29.69
C LEU A 23 -12.96 -7.76 -29.95
N ARG A 24 -12.06 -8.19 -29.07
CA ARG A 24 -10.65 -7.85 -29.18
C ARG A 24 -10.06 -8.59 -30.38
N THR A 25 -9.86 -7.87 -31.48
CA THR A 25 -9.23 -8.44 -32.66
C THR A 25 -7.77 -8.03 -32.83
N GLY A 26 -7.34 -6.96 -32.15
CA GLY A 26 -5.96 -6.51 -32.29
C GLY A 26 -5.37 -6.10 -30.95
N TRP A 27 -4.08 -5.79 -31.00
CA TRP A 27 -3.32 -5.31 -29.85
C TRP A 27 -2.67 -3.99 -30.22
N TYR A 28 -2.80 -2.99 -29.34
CA TYR A 28 -2.12 -1.70 -29.52
C TYR A 28 -1.01 -1.60 -28.48
N THR A 29 0.21 -1.43 -28.95
CA THR A 29 1.40 -1.38 -28.10
C THR A 29 1.86 0.06 -27.97
N SER A 30 1.85 0.58 -26.74
CA SER A 30 2.30 1.93 -26.45
C SER A 30 3.48 1.85 -25.49
N VAL A 31 4.51 2.65 -25.77
CA VAL A 31 5.74 2.65 -24.99
C VAL A 31 5.57 3.69 -23.87
N ILE A 32 5.23 3.22 -22.68
CA ILE A 32 5.15 4.09 -21.51
C ILE A 32 6.55 4.30 -20.95
N THR A 33 6.87 5.54 -20.61
CA THR A 33 8.22 5.91 -20.21
C THR A 33 8.20 6.55 -18.83
N ILE A 34 9.16 6.13 -18.00
CA ILE A 34 9.42 6.75 -16.70
C ILE A 34 10.89 7.10 -16.68
N GLU A 35 11.20 8.39 -16.84
CA GLU A 35 12.59 8.83 -16.88
C GLU A 35 13.15 8.86 -15.46
N LEU A 36 14.13 8.00 -15.20
CA LEU A 36 14.76 7.90 -13.89
C LEU A 36 16.10 8.61 -13.91
N SER A 37 16.75 8.66 -12.74
CA SER A 37 18.10 9.21 -12.63
C SER A 37 18.92 8.25 -11.77
N ASN A 38 19.94 7.63 -12.36
CA ASN A 38 20.74 6.63 -11.68
C ASN A 38 21.70 7.32 -10.71
N ILE A 39 21.27 7.41 -9.45
CA ILE A 39 22.13 7.94 -8.40
C ILE A 39 23.24 6.94 -8.11
N LYS A 40 24.50 7.39 -8.21
CA LYS A 40 25.62 6.49 -8.05
C LYS A 40 25.98 6.22 -6.59
N GLU A 41 25.79 7.20 -5.70
CA GLU A 41 26.11 6.97 -4.30
C GLU A 41 25.28 7.87 -3.39
N ILE A 42 24.85 7.32 -2.26
CA ILE A 42 24.16 8.07 -1.22
C ILE A 42 25.11 8.10 -0.02
N LYS A 43 26.00 9.09 0.00
CA LYS A 43 27.09 9.15 0.97
C LYS A 43 26.73 9.94 2.23
N CYS A 44 25.45 10.15 2.50
CA CYS A 44 25.05 10.82 3.72
C CYS A 44 25.39 9.98 4.94
N ASN A 45 25.83 10.65 6.01
CA ASN A 45 26.24 9.97 7.24
C ASN A 45 25.53 10.48 8.48
N GLY A 46 24.62 11.44 8.34
CA GLY A 46 23.94 11.98 9.50
C GLY A 46 22.93 10.99 10.06
N THR A 47 22.82 10.96 11.39
CA THR A 47 21.89 10.09 12.08
C THR A 47 20.62 10.83 12.53
N ASP A 48 20.36 12.00 11.97
CA ASP A 48 19.16 12.74 12.30
C ASP A 48 17.93 12.02 11.77
N ALA A 49 16.77 12.35 12.36
CA ALA A 49 15.52 11.73 11.96
C ALA A 49 15.19 12.04 10.51
N LYS A 50 15.26 13.31 10.11
CA LYS A 50 14.99 13.67 8.72
C LYS A 50 16.07 13.09 7.81
N VAL A 51 17.33 13.11 8.25
CA VAL A 51 18.38 12.48 7.46
C VAL A 51 18.15 10.98 7.38
N LYS A 52 17.70 10.38 8.49
CA LYS A 52 17.37 8.95 8.47
C LYS A 52 16.27 8.66 7.46
N LEU A 53 15.23 9.50 7.44
CA LEU A 53 14.13 9.30 6.50
C LEU A 53 14.58 9.48 5.06
N ILE A 54 15.30 10.57 4.77
CA ILE A 54 15.69 10.86 3.39
C ILE A 54 16.67 9.83 2.87
N LYS A 55 17.55 9.31 3.73
CA LYS A 55 18.46 8.26 3.29
C LYS A 55 17.70 6.97 3.05
N GLN A 56 16.67 6.72 3.85
CA GLN A 56 15.78 5.59 3.63
C GLN A 56 15.10 5.69 2.27
N GLU A 57 14.62 6.88 1.91
CA GLU A 57 13.92 7.01 0.63
C GLU A 57 14.90 6.89 -0.53
N LEU A 58 16.08 7.49 -0.40
CA LEU A 58 17.11 7.35 -1.42
C LEU A 58 17.59 5.90 -1.54
N ASP A 59 17.62 5.18 -0.42
CA ASP A 59 18.04 3.77 -0.46
C ASP A 59 16.97 2.91 -1.14
N LYS A 60 15.69 3.20 -0.90
CA LYS A 60 14.63 2.48 -1.61
C LYS A 60 14.67 2.77 -3.10
N TYR A 61 14.94 4.03 -3.46
CA TYR A 61 15.07 4.38 -4.87
C TYR A 61 16.22 3.64 -5.51
N LYS A 62 17.38 3.61 -4.85
CA LYS A 62 18.54 2.93 -5.41
C LYS A 62 18.30 1.42 -5.49
N ASN A 63 17.65 0.85 -4.47
CA ASN A 63 17.31 -0.57 -4.51
C ASN A 63 16.27 -0.86 -5.58
N ALA A 64 15.35 0.07 -5.81
CA ALA A 64 14.39 -0.08 -6.91
C ALA A 64 15.11 -0.11 -8.24
N VAL A 65 16.07 0.80 -8.44
CA VAL A 65 16.84 0.80 -9.68
C VAL A 65 17.60 -0.50 -9.83
N THR A 66 18.22 -0.98 -8.74
CA THR A 66 18.98 -2.23 -8.81
C THR A 66 18.06 -3.41 -9.10
N GLU A 67 16.86 -3.41 -8.54
CA GLU A 67 15.92 -4.49 -8.81
C GLU A 67 15.45 -4.47 -10.26
N LEU A 68 15.12 -3.28 -10.78
CA LEU A 68 14.72 -3.18 -12.18
C LEU A 68 15.86 -3.55 -13.12
N GLN A 69 17.11 -3.33 -12.70
CA GLN A 69 18.26 -3.81 -13.46
C GLN A 69 18.40 -5.32 -13.39
N LEU A 70 18.03 -5.92 -12.24
CA LEU A 70 18.16 -7.37 -12.11
C LEU A 70 17.14 -8.11 -12.96
N LEU A 71 15.96 -7.53 -13.20
CA LEU A 71 14.96 -8.18 -14.04
C LEU A 71 15.48 -8.47 -15.43
N MET A 72 16.43 -7.67 -15.92
CA MET A 72 17.00 -7.88 -17.23
C MET A 72 18.13 -8.91 -17.18
N PHE A 112 -15.52 -26.22 -22.02
CA PHE A 112 -15.62 -27.59 -22.47
C PHE A 112 -14.92 -27.80 -23.80
N LEU A 113 -14.86 -26.74 -24.60
CA LEU A 113 -14.14 -26.76 -25.88
C LEU A 113 -12.81 -26.01 -25.80
N GLY A 114 -12.24 -25.89 -24.60
CA GLY A 114 -11.00 -25.13 -24.44
C GLY A 114 -9.79 -25.81 -25.03
N PHE A 115 -9.86 -27.12 -25.27
CA PHE A 115 -8.71 -27.85 -25.80
C PHE A 115 -8.43 -27.52 -27.26
N LEU A 116 -9.37 -26.89 -27.97
CA LEU A 116 -9.13 -26.48 -29.34
C LEU A 116 -8.49 -25.10 -29.44
N LEU A 117 -8.51 -24.31 -28.37
CA LEU A 117 -7.92 -22.98 -28.41
C LEU A 117 -6.41 -23.08 -28.62
N GLY A 118 -5.91 -22.30 -29.58
CA GLY A 118 -4.48 -22.31 -29.86
C GLY A 118 -3.73 -21.49 -28.82
N VAL A 119 -2.67 -22.08 -28.28
CA VAL A 119 -1.89 -21.43 -27.22
C VAL A 119 -1.05 -20.33 -27.85
N GLY A 120 -1.55 -19.10 -27.76
CA GLY A 120 -0.81 -17.94 -28.23
C GLY A 120 -0.08 -17.23 -27.10
N SER A 121 0.80 -16.32 -27.49
CA SER A 121 1.59 -15.53 -26.55
C SER A 121 0.88 -14.19 -26.38
N ALA A 122 0.18 -14.03 -25.26
CA ALA A 122 -0.52 -12.77 -25.00
C ALA A 122 0.43 -11.59 -24.90
N ILE A 123 1.71 -11.84 -24.61
CA ILE A 123 2.69 -10.79 -24.47
C ILE A 123 3.68 -10.84 -25.63
N ALA A 124 3.22 -11.36 -26.78
CA ALA A 124 4.10 -11.47 -27.94
C ALA A 124 4.46 -10.10 -28.48
N SER A 125 3.48 -9.21 -28.61
CA SER A 125 3.74 -7.88 -29.15
C SER A 125 4.64 -7.08 -28.22
N GLY A 126 4.35 -7.10 -26.91
CA GLY A 126 5.17 -6.36 -25.97
C GLY A 126 6.61 -6.85 -25.91
N VAL A 127 6.80 -8.17 -25.91
CA VAL A 127 8.15 -8.72 -25.85
C VAL A 127 8.88 -8.47 -27.17
N ALA A 128 8.17 -8.41 -28.29
CA ALA A 128 8.80 -8.07 -29.55
C ALA A 128 9.33 -6.64 -29.54
N VAL A 129 8.49 -5.70 -29.07
CA VAL A 129 8.92 -4.30 -28.99
C VAL A 129 10.06 -4.14 -27.98
N SER A 130 10.04 -4.93 -26.90
CA SER A 130 11.12 -4.86 -25.92
C SER A 130 12.43 -5.36 -26.49
N LYS A 131 12.40 -6.46 -27.26
CA LYS A 131 13.62 -6.96 -27.89
C LYS A 131 14.15 -5.97 -28.91
N VAL A 132 13.26 -5.28 -29.64
CA VAL A 132 13.70 -4.24 -30.57
C VAL A 132 14.34 -3.09 -29.81
N LEU A 133 13.75 -2.71 -28.67
CA LEU A 133 14.35 -1.68 -27.83
C LEU A 133 15.68 -2.12 -27.24
N HIS A 134 15.94 -3.43 -27.13
CA HIS A 134 17.20 -3.91 -26.59
C HIS A 134 18.36 -3.76 -27.56
N LEU A 135 18.09 -3.43 -28.82
CA LEU A 135 19.16 -3.17 -29.77
C LEU A 135 19.91 -1.89 -29.40
N GLU A 136 21.03 -1.67 -30.06
CA GLU A 136 21.82 -0.47 -29.84
C GLU A 136 21.27 0.68 -30.67
N GLY A 137 21.11 1.84 -30.03
CA GLY A 137 20.62 3.02 -30.71
C GLY A 137 19.12 3.23 -30.65
N GLU A 138 18.36 2.29 -30.10
CA GLU A 138 16.93 2.47 -29.98
C GLU A 138 16.56 3.37 -28.80
N VAL A 139 17.25 3.19 -27.66
CA VAL A 139 17.01 4.05 -26.51
C VAL A 139 17.33 5.50 -26.84
N ASN A 140 18.35 5.72 -27.66
CA ASN A 140 18.72 7.08 -28.06
C ASN A 140 17.60 7.74 -28.86
N LYS A 141 16.96 6.99 -29.75
CA LYS A 141 15.85 7.54 -30.52
C LYS A 141 14.65 7.85 -29.63
N ILE A 142 14.33 6.93 -28.72
CA ILE A 142 13.19 7.15 -27.81
C ILE A 142 13.44 8.39 -26.96
N LYS A 143 14.68 8.61 -26.53
CA LYS A 143 15.00 9.77 -25.71
C LYS A 143 14.97 11.06 -26.53
N SER A 144 15.54 11.02 -27.74
CA SER A 144 15.63 12.24 -28.54
C SER A 144 14.27 12.69 -29.06
N ALA A 145 13.36 11.74 -29.33
CA ALA A 145 12.05 12.10 -29.83
C ALA A 145 11.19 12.78 -28.77
N LEU A 146 11.41 12.45 -27.50
CA LEU A 146 10.62 12.99 -26.41
C LEU A 146 11.33 14.09 -25.64
N LEU A 147 12.24 14.82 -26.31
CA LEU A 147 12.94 15.90 -25.64
C LEU A 147 12.09 17.15 -25.51
N SER A 148 11.20 17.39 -26.48
CA SER A 148 10.39 18.60 -26.51
C SER A 148 8.90 18.35 -26.30
N THR A 149 8.43 17.11 -26.42
CA THR A 149 7.02 16.81 -26.30
C THR A 149 6.81 15.66 -25.32
N ASN A 150 5.54 15.39 -25.02
CA ASN A 150 5.17 14.29 -24.15
C ASN A 150 4.78 13.03 -24.91
N LYS A 151 4.45 13.15 -26.19
CA LYS A 151 4.00 12.01 -26.99
C LYS A 151 4.59 12.15 -28.39
N ALA A 152 5.30 11.12 -28.85
CA ALA A 152 5.93 11.14 -30.15
C ALA A 152 5.95 9.73 -30.72
N VAL A 153 5.81 9.65 -32.05
CA VAL A 153 5.92 8.38 -32.76
C VAL A 153 7.37 8.20 -33.20
N VAL A 154 7.99 7.13 -32.73
CA VAL A 154 9.39 6.85 -33.00
C VAL A 154 9.48 5.71 -33.99
N SER A 155 10.34 5.86 -35.00
CA SER A 155 10.58 4.82 -35.99
C SER A 155 11.79 4.01 -35.56
N LEU A 156 11.56 2.77 -35.15
CA LEU A 156 12.62 1.91 -34.65
C LEU A 156 13.30 1.18 -35.81
N SER A 157 14.35 0.42 -35.49
CA SER A 157 15.10 -0.27 -36.54
C SER A 157 14.30 -1.42 -37.15
N ASN A 158 13.37 -1.99 -36.39
CA ASN A 158 12.51 -3.04 -36.93
C ASN A 158 11.64 -2.51 -38.07
N GLY A 159 11.38 -1.21 -38.10
CA GLY A 159 10.40 -0.65 -39.00
C GLY A 159 9.09 -0.26 -38.34
N VAL A 160 8.99 -0.44 -37.03
CA VAL A 160 7.77 -0.15 -36.29
C VAL A 160 7.77 1.30 -35.85
N SER A 161 6.61 1.94 -35.97
CA SER A 161 6.38 3.30 -35.49
C SER A 161 5.49 3.22 -34.25
N VAL A 162 6.06 3.53 -33.09
CA VAL A 162 5.39 3.31 -31.81
C VAL A 162 5.12 4.66 -31.16
N LEU A 163 3.98 4.74 -30.47
CA LEU A 163 3.65 5.94 -29.70
C LEU A 163 4.30 5.82 -28.32
N THR A 164 5.19 6.75 -28.02
CA THR A 164 5.89 6.79 -26.73
C THR A 164 5.42 8.00 -25.94
N SER A 165 5.11 7.78 -24.66
CA SER A 165 4.56 8.84 -23.82
C SER A 165 5.18 8.76 -22.43
N LYS A 166 5.70 9.89 -21.95
CA LYS A 166 6.28 9.98 -20.62
C LYS A 166 5.17 10.27 -19.62
N VAL A 167 4.91 9.31 -18.73
CA VAL A 167 3.85 9.46 -17.74
C VAL A 167 4.38 9.95 -16.39
N LEU A 168 5.68 9.84 -16.14
CA LEU A 168 6.26 10.29 -14.88
C LEU A 168 7.74 10.58 -15.10
N ASP A 169 8.13 11.84 -14.99
CA ASP A 169 9.51 12.25 -15.15
C ASP A 169 10.16 12.33 -13.77
N LEU A 170 10.48 11.16 -13.22
CA LEU A 170 11.25 11.13 -11.98
C LEU A 170 12.62 11.75 -12.17
N LYS A 171 13.19 11.64 -13.38
CA LYS A 171 14.46 12.28 -13.67
C LYS A 171 14.34 13.80 -13.46
N ASN A 172 13.21 14.37 -13.88
CA ASN A 172 12.97 15.79 -13.70
C ASN A 172 12.99 16.18 -12.23
N TYR A 173 12.08 15.59 -11.44
CA TYR A 173 11.98 15.94 -10.02
C TYR A 173 13.27 15.67 -9.25
N ILE A 174 14.02 14.65 -9.65
CA ILE A 174 15.25 14.29 -8.93
C ILE A 174 16.39 15.26 -9.23
N ASP A 175 16.59 15.63 -10.49
CA ASP A 175 17.79 16.39 -10.84
C ASP A 175 17.67 17.86 -10.50
N LYS A 176 16.50 18.46 -10.72
CA LYS A 176 16.34 19.90 -10.52
C LYS A 176 15.42 20.27 -9.37
N GLN A 177 14.72 19.31 -8.77
CA GLN A 177 13.83 19.62 -7.66
C GLN A 177 14.18 18.90 -6.35
N LEU A 178 14.89 17.77 -6.40
CA LEU A 178 15.19 17.01 -5.19
C LEU A 178 16.67 17.05 -4.84
N LEU A 179 17.54 16.65 -5.78
CA LEU A 179 18.97 16.62 -5.48
C LEU A 179 19.53 17.99 -5.13
N PRO A 180 19.11 19.10 -5.74
CA PRO A 180 19.60 20.41 -5.28
C PRO A 180 19.37 20.66 -3.80
N ILE A 181 18.16 20.39 -3.30
CA ILE A 181 17.86 20.62 -1.89
C ILE A 181 18.71 19.71 -1.01
N VAL A 182 18.73 18.41 -1.31
CA VAL A 182 19.43 17.45 -0.44
C VAL A 182 20.91 17.76 -0.41
N ASN A 183 21.47 18.17 -1.55
CA ASN A 183 22.90 18.45 -1.62
C ASN A 183 23.23 19.83 -1.06
N LYS A 184 22.34 20.81 -1.24
CA LYS A 184 22.60 22.15 -0.73
C LYS A 184 22.63 22.15 0.79
N GLN A 185 21.67 21.48 1.42
CA GLN A 185 21.57 21.44 2.87
C GLN A 185 22.47 20.38 3.48
N SER A 186 23.28 19.70 2.68
CA SER A 186 24.14 18.58 3.11
C SER A 186 23.32 17.52 3.84
N CYS A 187 22.39 16.92 3.10
CA CYS A 187 21.58 15.77 3.51
C CYS A 187 20.61 16.09 4.64
N SER A 188 20.55 17.32 5.13
CA SER A 188 19.70 17.69 6.25
C SER A 188 18.48 18.46 5.72
N ILE A 189 17.40 17.73 5.46
CA ILE A 189 16.18 18.35 4.94
C ILE A 189 15.61 19.28 5.99
N PRO A 190 15.18 20.48 5.57
CA PRO A 190 14.72 21.46 6.53
C PRO A 190 13.25 21.26 6.91
N ASN A 191 12.43 20.84 5.95
CA ASN A 191 10.99 20.68 6.15
C ASN A 191 10.58 19.30 5.68
N ILE A 192 9.63 18.68 6.42
CA ILE A 192 9.21 17.31 6.11
C ILE A 192 8.32 17.23 4.87
N GLU A 193 7.78 18.35 4.40
CA GLU A 193 6.88 18.31 3.22
C GLU A 193 7.60 17.76 1.99
N THR A 194 8.89 18.07 1.81
CA THR A 194 9.60 17.54 0.65
C THR A 194 9.74 16.02 0.75
N VAL A 195 9.99 15.51 1.96
CA VAL A 195 10.06 14.06 2.14
C VAL A 195 8.69 13.43 1.85
N ILE A 196 7.61 14.11 2.24
CA ILE A 196 6.27 13.57 1.99
C ILE A 196 5.98 13.55 0.49
N GLU A 197 6.36 14.62 -0.23
CA GLU A 197 6.10 14.65 -1.66
C GLU A 197 7.03 13.70 -2.41
N PHE A 198 8.24 13.47 -1.86
CA PHE A 198 9.11 12.44 -2.42
C PHE A 198 8.49 11.06 -2.26
N GLN A 199 7.87 10.80 -1.11
CA GLN A 199 7.11 9.57 -0.94
C GLN A 199 6.03 9.46 -2.00
N GLN A 200 5.26 10.54 -2.21
CA GLN A 200 4.15 10.49 -3.16
C GLN A 200 4.65 10.23 -4.58
N LYS A 201 5.77 10.84 -4.96
CA LYS A 201 6.28 10.65 -6.31
C LYS A 201 6.95 9.28 -6.47
N ASN A 202 7.72 8.86 -5.48
CA ASN A 202 8.45 7.60 -5.57
C ASN A 202 7.58 6.40 -5.24
N ASN A 203 6.36 6.63 -4.74
CA ASN A 203 5.47 5.51 -4.44
C ASN A 203 5.11 4.74 -5.70
N ARG A 204 4.89 5.45 -6.81
CA ARG A 204 4.57 4.78 -8.06
C ARG A 204 5.72 3.89 -8.53
N LEU A 205 6.95 4.42 -8.46
CA LEU A 205 8.09 3.62 -8.86
C LEU A 205 8.28 2.43 -7.93
N LEU A 206 8.08 2.63 -6.62
CA LEU A 206 8.23 1.54 -5.67
C LEU A 206 7.15 0.48 -5.89
N GLU A 207 5.90 0.90 -6.12
CA GLU A 207 4.84 -0.07 -6.38
C GLU A 207 5.11 -0.83 -7.67
N ILE A 208 5.56 -0.14 -8.72
CA ILE A 208 5.87 -0.79 -9.99
C ILE A 208 6.98 -1.80 -9.81
N THR A 209 8.04 -1.41 -9.06
CA THR A 209 9.12 -2.34 -8.76
C THR A 209 8.60 -3.56 -8.01
N ARG A 210 7.64 -3.35 -7.10
CA ARG A 210 7.08 -4.46 -6.33
C ARG A 210 6.39 -5.46 -7.23
N GLU A 211 5.53 -4.99 -8.14
CA GLU A 211 4.79 -5.93 -8.98
C GLU A 211 5.74 -6.61 -9.96
N PHE A 212 6.72 -5.88 -10.48
CA PHE A 212 7.69 -6.48 -11.38
C PHE A 212 8.53 -7.54 -10.69
N SER A 213 8.77 -7.38 -9.38
CA SER A 213 9.57 -8.34 -8.65
C SER A 213 8.78 -9.61 -8.33
N VAL A 214 7.53 -9.47 -7.85
CA VAL A 214 6.71 -10.62 -7.51
C VAL A 214 5.96 -11.22 -8.68
N ASN A 215 6.15 -10.72 -9.91
CA ASN A 215 5.34 -11.16 -11.05
C ASN A 215 6.17 -11.48 -12.27
N ALA A 216 7.51 -11.46 -12.16
CA ALA A 216 8.40 -11.86 -13.24
C ALA A 216 8.25 -10.94 -14.46
N GLY A 217 8.16 -9.64 -14.20
CA GLY A 217 8.15 -8.64 -15.26
C GLY A 217 6.90 -8.58 -16.12
N VAL A 218 5.88 -9.38 -15.83
CA VAL A 218 4.65 -9.39 -16.61
C VAL A 218 3.48 -9.36 -15.63
N THR A 219 2.70 -8.28 -15.68
CA THR A 219 1.56 -8.08 -14.79
C THR A 219 0.29 -7.89 -15.61
N THR A 220 -0.80 -8.48 -15.13
CA THR A 220 -2.10 -8.37 -15.77
C THR A 220 -3.20 -8.67 -14.76
N PRO A 221 -4.22 -7.82 -14.64
CA PRO A 221 -4.45 -6.57 -15.40
C PRO A 221 -3.51 -5.44 -15.01
N VAL A 222 -3.38 -4.44 -15.89
CA VAL A 222 -2.50 -3.31 -15.62
C VAL A 222 -3.00 -2.56 -14.40
N SER A 223 -2.15 -2.48 -13.38
CA SER A 223 -2.53 -1.81 -12.14
C SER A 223 -2.68 -0.31 -12.37
N THR A 224 -3.26 0.36 -11.37
CA THR A 224 -3.41 1.81 -11.41
C THR A 224 -2.06 2.51 -11.36
N TYR A 225 -1.04 1.86 -10.78
CA TYR A 225 0.28 2.48 -10.69
C TYR A 225 0.95 2.57 -12.05
N MET A 226 0.78 1.57 -12.90
CA MET A 226 1.38 1.64 -14.23
C MET A 226 0.63 2.60 -15.14
N LEU A 227 -0.70 2.59 -15.08
CA LEU A 227 -1.51 3.41 -15.98
C LEU A 227 -2.79 3.81 -15.24
N THR A 228 -2.87 5.08 -14.85
CA THR A 228 -4.06 5.61 -14.20
C THR A 228 -5.22 5.66 -15.20
N ASN A 229 -6.42 5.91 -14.66
CA ASN A 229 -7.62 5.88 -15.49
C ASN A 229 -7.63 7.06 -16.46
N SER A 230 -7.22 8.24 -16.00
CA SER A 230 -7.09 9.39 -16.91
C SER A 230 -6.12 9.09 -18.05
N GLU A 231 -4.99 8.45 -17.75
CA GLU A 231 -4.02 8.12 -18.78
C GLU A 231 -4.55 7.07 -19.73
N LEU A 232 -5.32 6.11 -19.22
CA LEU A 232 -5.92 5.09 -20.09
C LEU A 232 -6.93 5.71 -21.04
N LEU A 233 -7.77 6.62 -20.54
CA LEU A 233 -8.70 7.34 -21.40
C LEU A 233 -7.96 8.13 -22.47
N SER A 234 -6.90 8.84 -22.07
CA SER A 234 -6.13 9.64 -23.02
C SER A 234 -5.49 8.77 -24.09
N LEU A 235 -4.94 7.63 -23.70
CA LEU A 235 -4.30 6.74 -24.68
C LEU A 235 -5.31 6.12 -25.62
N ILE A 236 -6.51 5.81 -25.14
CA ILE A 236 -7.56 5.29 -26.01
C ILE A 236 -7.99 6.35 -27.03
N ASN A 237 -8.09 7.61 -26.59
CA ASN A 237 -8.53 8.68 -27.48
C ASN A 237 -7.52 8.94 -28.59
N ASP A 238 -6.23 8.76 -28.31
CA ASP A 238 -5.17 9.06 -29.27
C ASP A 238 -4.84 7.88 -30.18
N MET A 239 -5.68 6.84 -30.20
CA MET A 239 -5.43 5.74 -31.12
C MET A 239 -5.99 6.08 -32.50
N PRO A 240 -5.28 5.72 -33.57
CA PRO A 240 -5.77 5.98 -34.95
C PRO A 240 -6.83 4.98 -35.39
N ILE A 241 -8.01 5.07 -34.77
CA ILE A 241 -9.11 4.16 -35.03
C ILE A 241 -10.40 4.97 -35.15
N THR A 242 -11.50 4.26 -35.41
CA THR A 242 -12.80 4.90 -35.57
C THR A 242 -13.29 5.44 -34.23
N ASN A 243 -14.35 6.24 -34.30
CA ASN A 243 -14.86 6.92 -33.11
C ASN A 243 -15.72 6.00 -32.24
N ASP A 244 -16.37 5.01 -32.85
CA ASP A 244 -17.24 4.12 -32.08
C ASP A 244 -16.43 3.26 -31.12
N GLN A 245 -15.29 2.76 -31.56
CA GLN A 245 -14.41 2.03 -30.65
C GLN A 245 -13.90 2.93 -29.54
N LYS A 246 -13.62 4.19 -29.84
CA LYS A 246 -13.20 5.15 -28.82
C LYS A 246 -14.25 5.31 -27.73
N LYS A 247 -15.52 5.47 -28.12
CA LYS A 247 -16.57 5.68 -27.12
C LYS A 247 -16.83 4.43 -26.29
N LEU A 248 -16.78 3.25 -26.91
CA LEU A 248 -16.99 2.01 -26.18
C LEU A 248 -15.92 1.80 -25.12
N MET A 249 -14.65 2.00 -25.50
CA MET A 249 -13.56 1.83 -24.54
C MET A 249 -13.56 2.94 -23.49
N SER A 250 -13.98 4.15 -23.86
CA SER A 250 -14.07 5.23 -22.89
C SER A 250 -15.17 5.01 -21.87
N ASN A 251 -16.22 4.27 -22.24
CA ASN A 251 -17.28 3.94 -21.28
C ASN A 251 -16.90 2.79 -20.37
N ASN A 252 -16.05 1.87 -20.85
CA ASN A 252 -15.68 0.68 -20.10
C ASN A 252 -14.16 0.57 -19.99
N VAL A 253 -13.50 1.69 -19.70
CA VAL A 253 -12.07 1.70 -19.39
C VAL A 253 -11.69 0.61 -18.39
N GLN A 254 -12.59 0.28 -17.47
CA GLN A 254 -12.27 -0.71 -16.44
C GLN A 254 -12.13 -2.10 -17.05
N ILE A 255 -13.08 -2.51 -17.88
CA ILE A 255 -12.97 -3.81 -18.54
C ILE A 255 -11.79 -3.82 -19.51
N VAL A 256 -11.53 -2.68 -20.15
CA VAL A 256 -10.40 -2.59 -21.08
C VAL A 256 -9.09 -2.81 -20.34
N ARG A 257 -8.95 -2.22 -19.14
CA ARG A 257 -7.78 -2.44 -18.32
C ARG A 257 -7.68 -3.89 -17.86
N GLN A 258 -8.81 -4.51 -17.55
CA GLN A 258 -8.82 -5.92 -17.17
C GLN A 258 -8.34 -6.82 -18.29
N GLN A 259 -8.54 -6.40 -19.55
CA GLN A 259 -8.19 -7.22 -20.71
C GLN A 259 -6.81 -6.92 -21.29
N SER A 260 -6.04 -6.05 -20.66
CA SER A 260 -4.78 -5.60 -21.20
C SER A 260 -3.61 -6.14 -20.40
N TYR A 261 -2.41 -6.02 -20.97
CA TYR A 261 -1.19 -6.57 -20.38
C TYR A 261 -0.14 -5.47 -20.25
N SER A 262 0.87 -5.74 -19.43
CA SER A 262 2.01 -4.85 -19.24
C SER A 262 3.29 -5.67 -19.27
N ILE A 263 4.22 -5.29 -20.15
CA ILE A 263 5.47 -6.01 -20.36
C ILE A 263 6.63 -5.09 -20.05
N MET A 264 7.60 -5.60 -19.29
CA MET A 264 8.76 -4.82 -18.89
C MET A 264 9.83 -4.81 -19.96
N SER A 265 10.41 -3.64 -20.20
CA SER A 265 11.45 -3.49 -21.22
C SER A 265 12.69 -2.85 -20.62
N ILE A 266 13.60 -2.38 -21.48
CA ILE A 266 14.93 -1.96 -21.04
C ILE A 266 14.84 -0.87 -19.98
N ILE A 267 15.86 -0.82 -19.12
CA ILE A 267 16.11 0.30 -18.22
C ILE A 267 17.60 0.61 -18.32
N LYS A 268 17.95 1.61 -19.12
CA LYS A 268 19.34 2.03 -19.26
C LYS A 268 19.39 3.45 -19.78
N GLU A 269 20.43 4.19 -19.39
CA GLU A 269 20.61 5.58 -19.80
C GLU A 269 19.48 6.47 -19.28
N GLU A 270 19.15 6.29 -17.99
CA GLU A 270 18.20 7.15 -17.27
C GLU A 270 16.80 7.11 -17.89
N VAL A 271 16.33 5.92 -18.23
CA VAL A 271 14.97 5.77 -18.76
C VAL A 271 14.49 4.35 -18.50
N LEU A 272 13.27 4.22 -17.97
CA LEU A 272 12.60 2.93 -17.83
C LEU A 272 11.38 2.93 -18.74
N ALA A 273 11.45 2.17 -19.83
CA ALA A 273 10.33 2.01 -20.75
C ALA A 273 9.69 0.65 -20.53
N TYR A 274 8.36 0.63 -20.49
CA TYR A 274 7.61 -0.61 -20.50
C TYR A 274 6.45 -0.48 -21.46
N VAL A 275 6.11 -1.59 -22.11
CA VAL A 275 5.11 -1.60 -23.17
C VAL A 275 3.78 -2.05 -22.59
N VAL A 276 2.76 -1.20 -22.73
CA VAL A 276 1.39 -1.57 -22.39
C VAL A 276 0.71 -2.13 -23.63
N GLN A 277 0.07 -3.28 -23.49
CA GLN A 277 -0.58 -3.96 -24.60
C GLN A 277 -2.09 -3.90 -24.36
N LEU A 278 -2.74 -2.93 -25.03
CA LEU A 278 -4.15 -2.59 -24.87
C LEU A 278 -4.99 -3.31 -25.92
N PRO A 279 -6.21 -3.70 -25.56
CA PRO A 279 -7.07 -4.42 -26.51
C PRO A 279 -7.67 -3.46 -27.54
N LEU A 280 -7.69 -3.93 -28.79
CA LEU A 280 -8.29 -3.19 -29.89
C LEU A 280 -9.52 -3.95 -30.37
N TYR A 281 -10.70 -3.41 -30.05
CA TYR A 281 -11.97 -4.06 -30.40
C TYR A 281 -12.37 -3.59 -31.79
N GLY A 282 -11.84 -4.28 -32.81
CA GLY A 282 -12.08 -3.93 -34.19
C GLY A 282 -13.51 -4.06 -34.66
N VAL A 283 -14.39 -4.58 -33.80
CA VAL A 283 -15.80 -4.76 -34.14
C VAL A 283 -16.63 -4.32 -32.95
N ILE A 284 -17.55 -3.38 -33.16
CA ILE A 284 -18.35 -2.78 -32.10
C ILE A 284 -19.82 -2.87 -32.47
N ASP A 285 -20.67 -3.07 -31.45
CA ASP A 285 -22.13 -3.03 -31.60
C ASP A 285 -22.64 -4.13 -32.52
N THR A 286 -22.19 -5.36 -32.27
CA THR A 286 -22.78 -6.50 -32.97
C THR A 286 -23.68 -7.31 -32.05
N PRO A 287 -24.66 -8.02 -32.61
CA PRO A 287 -25.51 -8.89 -31.80
C PRO A 287 -24.71 -10.00 -31.13
N CYS A 288 -25.00 -10.24 -29.85
CA CYS A 288 -24.31 -11.25 -29.06
C CYS A 288 -25.30 -11.94 -28.14
N TRP A 289 -25.19 -13.27 -28.04
CA TRP A 289 -26.11 -14.05 -27.23
C TRP A 289 -25.36 -15.10 -26.43
N LYS A 290 -25.84 -15.36 -25.22
CA LYS A 290 -25.26 -16.33 -24.30
C LYS A 290 -26.16 -17.56 -24.22
N LEU A 291 -25.54 -18.73 -24.20
CA LEU A 291 -26.26 -20.01 -24.11
C LEU A 291 -25.90 -20.71 -22.82
N HIS A 292 -26.91 -20.98 -21.99
CA HIS A 292 -26.76 -21.79 -20.79
C HIS A 292 -27.45 -23.13 -20.99
N THR A 293 -26.85 -24.19 -20.47
CA THR A 293 -27.42 -25.52 -20.58
C THR A 293 -27.41 -26.20 -19.20
N SER A 294 -28.43 -27.00 -18.96
CA SER A 294 -28.58 -27.77 -17.73
C SER A 294 -28.69 -29.25 -18.04
N PRO A 295 -28.29 -30.11 -17.11
CA PRO A 295 -28.36 -31.56 -17.37
C PRO A 295 -29.79 -32.03 -17.53
N LEU A 296 -30.16 -32.41 -18.75
CA LEU A 296 -31.47 -33.01 -19.03
C LEU A 296 -31.35 -34.51 -18.85
N CYS A 297 -31.82 -35.02 -17.71
CA CYS A 297 -31.85 -36.44 -17.44
C CYS A 297 -33.30 -36.91 -17.36
N THR A 298 -33.52 -38.17 -17.71
CA THR A 298 -34.85 -38.75 -17.59
C THR A 298 -35.14 -39.14 -16.14
N THR A 299 -36.42 -39.35 -15.85
CA THR A 299 -36.90 -39.65 -14.51
C THR A 299 -37.52 -41.05 -14.49
N ASN A 300 -36.84 -42.00 -15.13
CA ASN A 300 -37.25 -43.39 -15.05
C ASN A 300 -37.24 -43.86 -13.60
N THR A 301 -38.12 -44.82 -13.29
CA THR A 301 -38.32 -45.25 -11.91
C THR A 301 -37.09 -45.96 -11.34
N LYS A 302 -36.41 -46.76 -12.17
CA LYS A 302 -35.21 -47.46 -11.77
C LYS A 302 -34.03 -46.51 -11.66
N GLU A 303 -33.24 -46.67 -10.59
CA GLU A 303 -32.09 -45.81 -10.34
C GLU A 303 -31.07 -45.88 -11.47
N GLY A 304 -30.60 -47.08 -11.79
CA GLY A 304 -29.49 -47.26 -12.71
C GLY A 304 -29.81 -47.23 -14.19
N SER A 305 -31.09 -47.04 -14.55
CA SER A 305 -31.51 -47.16 -15.93
C SER A 305 -31.87 -45.82 -16.59
N ASN A 306 -31.56 -44.70 -15.97
CA ASN A 306 -31.87 -43.43 -16.62
C ASN A 306 -30.71 -42.98 -17.52
N ILE A 307 -31.00 -42.00 -18.37
CA ILE A 307 -30.03 -41.40 -19.28
C ILE A 307 -30.13 -39.89 -19.21
N CYS A 308 -28.98 -39.22 -19.36
CA CYS A 308 -28.89 -37.77 -19.22
C CYS A 308 -28.07 -37.18 -20.35
N LEU A 309 -28.50 -36.01 -20.83
CA LEU A 309 -27.87 -35.32 -21.95
C LEU A 309 -27.62 -33.87 -21.56
N THR A 310 -26.61 -33.26 -22.20
CA THR A 310 -26.30 -31.86 -21.92
C THR A 310 -25.54 -31.26 -23.08
N ARG A 311 -26.06 -30.16 -23.64
CA ARG A 311 -25.36 -29.43 -24.68
C ARG A 311 -24.04 -28.88 -24.15
N THR A 312 -22.95 -29.13 -24.87
CA THR A 312 -21.62 -28.77 -24.39
C THR A 312 -21.18 -27.37 -24.83
N ASP A 313 -21.88 -26.74 -25.77
CA ASP A 313 -21.43 -25.49 -26.36
C ASP A 313 -21.89 -24.26 -25.60
N ARG A 314 -22.06 -24.39 -24.28
CA ARG A 314 -22.44 -23.25 -23.44
C ARG A 314 -21.43 -22.12 -23.56
N GLY A 315 -21.88 -20.91 -23.27
CA GLY A 315 -21.04 -19.74 -23.32
C GLY A 315 -21.60 -18.62 -24.18
N TRP A 316 -20.72 -17.80 -24.73
CA TRP A 316 -21.12 -16.60 -25.46
C TRP A 316 -20.87 -16.78 -26.95
N TYR A 317 -21.73 -16.15 -27.76
CA TYR A 317 -21.56 -16.08 -29.20
C TYR A 317 -21.71 -14.62 -29.61
N CYS A 318 -20.63 -14.02 -30.10
CA CYS A 318 -20.65 -12.63 -30.56
C CYS A 318 -20.43 -12.61 -32.06
N ASP A 319 -21.29 -11.90 -32.78
CA ASP A 319 -21.19 -11.83 -34.25
C ASP A 319 -20.11 -10.89 -34.75
N ASN A 320 -19.14 -11.45 -35.46
CA ASN A 320 -18.05 -10.67 -36.03
C ASN A 320 -17.93 -11.05 -37.49
N ALA A 321 -18.04 -10.10 -38.41
CA ALA A 321 -17.90 -10.40 -39.84
C ALA A 321 -18.76 -11.55 -40.36
N GLY A 322 -18.12 -12.46 -41.09
CA GLY A 322 -18.79 -13.61 -41.70
C GLY A 322 -19.44 -14.68 -40.83
N SER A 323 -18.79 -15.06 -39.73
CA SER A 323 -19.35 -16.07 -38.85
C SER A 323 -19.24 -15.65 -37.38
N VAL A 324 -20.24 -15.99 -36.58
CA VAL A 324 -20.25 -15.59 -35.18
C VAL A 324 -19.07 -16.18 -34.42
N SER A 325 -18.47 -15.39 -33.52
CA SER A 325 -17.40 -15.90 -32.74
C SER A 325 -17.92 -16.80 -31.47
N PHE A 326 -17.15 -17.74 -30.86
CA PHE A 326 -17.66 -18.52 -29.73
C PHE A 326 -16.65 -18.54 -28.60
N PHE A 327 -17.12 -18.36 -27.37
CA PHE A 327 -16.30 -18.43 -26.17
C PHE A 327 -16.90 -19.45 -25.22
N PRO A 328 -16.30 -20.64 -25.09
CA PRO A 328 -16.82 -21.61 -24.12
C PRO A 328 -16.33 -21.33 -22.70
N GLN A 329 -15.15 -20.73 -22.58
CA GLN A 329 -14.59 -20.35 -21.29
C GLN A 329 -15.20 -19.03 -20.87
N ALA A 330 -16.16 -19.08 -19.94
CA ALA A 330 -16.86 -17.87 -19.52
C ALA A 330 -15.95 -16.84 -18.88
N GLU A 331 -14.78 -17.26 -18.39
CA GLU A 331 -13.84 -16.32 -17.81
C GLU A 331 -13.28 -15.36 -18.86
N THR A 332 -13.34 -15.73 -20.13
CA THR A 332 -12.81 -14.85 -21.18
C THR A 332 -13.77 -13.75 -21.57
N CYS A 333 -15.06 -13.88 -21.22
CA CYS A 333 -16.06 -12.86 -21.50
C CYS A 333 -16.42 -12.12 -20.22
N LYS A 334 -16.68 -10.82 -20.36
CA LYS A 334 -17.12 -9.98 -19.25
C LYS A 334 -18.39 -9.26 -19.65
N VAL A 335 -19.45 -9.44 -18.86
CA VAL A 335 -20.72 -8.76 -19.10
C VAL A 335 -20.79 -7.56 -18.18
N GLN A 336 -20.89 -6.37 -18.77
CA GLN A 336 -20.91 -5.12 -18.01
C GLN A 336 -21.97 -4.21 -18.62
N SER A 337 -23.10 -4.09 -17.92
CA SER A 337 -24.23 -3.26 -18.35
C SER A 337 -24.60 -3.54 -19.80
N ASN A 338 -24.98 -4.79 -20.06
CA ASN A 338 -25.42 -5.31 -21.35
C ASN A 338 -24.32 -5.31 -22.39
N ARG A 339 -23.11 -4.87 -22.05
CA ARG A 339 -21.99 -4.86 -22.99
C ARG A 339 -21.11 -6.08 -22.73
N VAL A 340 -20.95 -6.93 -23.75
CA VAL A 340 -20.16 -8.14 -23.65
C VAL A 340 -18.78 -7.86 -24.24
N PHE A 341 -17.77 -7.82 -23.37
CA PHE A 341 -16.39 -7.65 -23.78
C PHE A 341 -15.71 -9.02 -23.73
N CYS A 342 -15.21 -9.47 -24.87
CA CYS A 342 -14.59 -10.78 -24.97
C CYS A 342 -13.34 -10.71 -25.84
N ASP A 343 -12.56 -11.79 -25.79
CA ASP A 343 -11.25 -11.85 -26.43
C ASP A 343 -11.26 -12.94 -27.49
N THR A 344 -11.03 -12.55 -28.74
CA THR A 344 -11.06 -13.50 -29.86
C THR A 344 -9.84 -14.41 -29.91
N MET A 345 -8.79 -14.10 -29.15
CA MET A 345 -7.63 -14.99 -29.13
C MET A 345 -7.94 -16.30 -28.41
N ASN A 346 -8.75 -16.24 -27.35
CA ASN A 346 -9.26 -17.42 -26.66
C ASN A 346 -10.65 -17.81 -27.15
N SER A 347 -10.90 -17.66 -28.46
CA SER A 347 -12.21 -17.93 -29.03
C SER A 347 -12.05 -18.86 -30.23
N LEU A 348 -13.17 -19.15 -30.88
CA LEU A 348 -13.20 -19.96 -32.09
C LEU A 348 -14.03 -19.26 -33.15
N THR A 349 -13.68 -19.51 -34.42
CA THR A 349 -14.37 -18.94 -35.56
C THR A 349 -15.27 -20.00 -36.18
N LEU A 350 -16.57 -19.74 -36.20
CA LEU A 350 -17.54 -20.69 -36.71
C LEU A 350 -18.53 -19.98 -37.62
N PRO A 351 -19.25 -20.73 -38.47
CA PRO A 351 -20.27 -20.12 -39.32
C PRO A 351 -21.42 -19.55 -38.51
N SER A 352 -22.24 -18.74 -39.20
CA SER A 352 -23.40 -18.13 -38.56
C SER A 352 -24.44 -19.16 -38.12
N GLU A 353 -24.45 -20.34 -38.74
CA GLU A 353 -25.43 -21.37 -38.43
C GLU A 353 -25.41 -21.83 -36.98
N VAL A 354 -24.38 -21.48 -36.21
CA VAL A 354 -24.36 -21.80 -34.78
C VAL A 354 -25.54 -21.19 -34.03
N ASN A 355 -26.09 -20.09 -34.53
CA ASN A 355 -27.28 -19.51 -33.91
C ASN A 355 -28.47 -20.47 -33.99
N LEU A 356 -28.65 -21.11 -35.14
CA LEU A 356 -29.68 -22.13 -35.31
C LEU A 356 -29.53 -23.32 -34.37
N CYS A 357 -28.34 -23.51 -33.76
CA CYS A 357 -28.20 -24.58 -32.77
C CYS A 357 -29.17 -24.43 -31.61
N ASN A 358 -29.82 -23.28 -31.51
CA ASN A 358 -30.82 -22.99 -30.50
C ASN A 358 -32.23 -23.24 -30.99
N VAL A 359 -32.44 -23.31 -32.31
CA VAL A 359 -33.76 -23.35 -32.91
C VAL A 359 -34.10 -24.73 -33.46
N ASP A 360 -33.20 -25.33 -34.24
CA ASP A 360 -33.36 -26.71 -34.71
C ASP A 360 -32.26 -27.59 -34.16
N ILE A 361 -32.63 -28.55 -33.31
CA ILE A 361 -31.64 -29.47 -32.74
C ILE A 361 -31.33 -30.64 -33.69
N PHE A 362 -32.24 -30.99 -34.59
CA PHE A 362 -32.04 -32.07 -35.55
C PHE A 362 -31.79 -31.54 -36.96
N ASN A 363 -31.33 -30.31 -37.09
CA ASN A 363 -31.12 -29.69 -38.38
C ASN A 363 -29.99 -30.38 -39.14
N PRO A 364 -30.10 -30.46 -40.47
CA PRO A 364 -29.04 -31.09 -41.27
C PRO A 364 -27.90 -30.18 -41.68
N LYS A 365 -27.96 -28.88 -41.35
CA LYS A 365 -26.92 -27.93 -41.76
C LYS A 365 -25.95 -27.57 -40.64
N TYR A 366 -26.25 -27.94 -39.40
CA TYR A 366 -25.32 -27.79 -38.28
C TYR A 366 -25.47 -28.95 -37.32
N ASP A 367 -24.33 -29.47 -36.88
CA ASP A 367 -24.32 -30.59 -35.94
C ASP A 367 -23.95 -30.02 -34.56
N CYS A 368 -24.93 -29.97 -33.67
CA CYS A 368 -24.72 -29.42 -32.34
C CYS A 368 -23.89 -30.38 -31.49
N LYS A 369 -23.10 -29.82 -30.58
CA LYS A 369 -22.23 -30.61 -29.73
C LYS A 369 -22.84 -30.75 -28.34
N ILE A 370 -22.76 -31.97 -27.79
CA ILE A 370 -23.36 -32.32 -26.51
C ILE A 370 -22.41 -33.26 -25.77
N MET A 371 -22.72 -33.49 -24.49
CA MET A 371 -22.14 -34.58 -23.74
C MET A 371 -23.26 -35.44 -23.15
N THR A 372 -22.93 -36.70 -22.87
CA THR A 372 -23.89 -37.65 -22.34
C THR A 372 -23.30 -38.36 -21.13
N SER A 373 -24.18 -38.74 -20.21
CA SER A 373 -23.78 -39.44 -19.00
C SER A 373 -24.99 -40.16 -18.43
N LYS A 374 -24.78 -40.91 -17.36
CA LYS A 374 -25.85 -41.63 -16.68
C LYS A 374 -25.95 -41.32 -15.20
N THR A 375 -25.11 -40.42 -14.68
CA THR A 375 -25.12 -40.06 -13.27
C THR A 375 -26.19 -39.00 -13.03
N ASP A 376 -27.24 -39.37 -12.31
CA ASP A 376 -28.40 -38.50 -12.11
C ASP A 376 -28.20 -37.67 -10.84
N VAL A 377 -27.59 -36.50 -11.00
CA VAL A 377 -27.46 -35.52 -9.93
C VAL A 377 -28.31 -34.32 -10.31
N SER A 378 -29.18 -33.90 -9.37
CA SER A 378 -30.05 -32.76 -9.59
C SER A 378 -29.33 -31.46 -9.29
N SER A 379 -29.49 -30.48 -10.17
CA SER A 379 -28.74 -29.24 -10.07
C SER A 379 -29.46 -28.17 -10.89
N SER A 380 -29.01 -26.92 -10.73
CA SER A 380 -29.64 -25.79 -11.38
C SER A 380 -28.57 -24.87 -11.94
N VAL A 381 -28.92 -24.16 -13.00
CA VAL A 381 -28.09 -23.09 -13.56
C VAL A 381 -28.90 -21.80 -13.52
N ILE A 382 -28.28 -20.74 -13.01
CA ILE A 382 -28.93 -19.43 -12.88
C ILE A 382 -28.67 -18.64 -14.15
N THR A 383 -29.70 -18.46 -14.96
CA THR A 383 -29.57 -17.72 -16.21
C THR A 383 -29.61 -16.22 -15.92
N SER A 384 -29.66 -15.41 -16.98
CA SER A 384 -29.68 -13.97 -16.81
C SER A 384 -31.05 -13.46 -16.37
N LEU A 385 -32.12 -14.06 -16.90
CA LEU A 385 -33.48 -13.63 -16.61
C LEU A 385 -34.30 -14.73 -15.94
N GLY A 386 -33.64 -15.67 -15.29
CA GLY A 386 -34.37 -16.73 -14.59
C GLY A 386 -33.43 -17.78 -14.05
N ALA A 387 -33.96 -18.99 -13.90
CA ALA A 387 -33.19 -20.10 -13.37
C ALA A 387 -33.77 -21.40 -13.90
N ILE A 388 -32.93 -22.25 -14.46
CA ILE A 388 -33.33 -23.57 -14.94
C ILE A 388 -33.01 -24.57 -13.85
N VAL A 389 -34.02 -25.33 -13.43
CA VAL A 389 -33.89 -26.29 -12.35
C VAL A 389 -34.24 -27.66 -12.89
N SER A 390 -33.27 -28.57 -12.84
CA SER A 390 -33.46 -29.97 -13.22
C SER A 390 -33.60 -30.77 -11.94
N CYS A 391 -34.83 -31.18 -11.63
CA CYS A 391 -35.17 -31.87 -10.40
C CYS A 391 -35.50 -33.32 -10.72
N TYR A 392 -34.67 -34.25 -10.25
CA TYR A 392 -34.88 -35.67 -10.52
C TYR A 392 -34.71 -36.46 -9.23
N GLY A 393 -35.40 -37.59 -9.16
CA GLY A 393 -35.28 -38.47 -8.01
C GLY A 393 -36.09 -37.97 -6.83
N LYS A 394 -35.53 -38.11 -5.63
CA LYS A 394 -36.20 -37.68 -4.40
C LYS A 394 -35.68 -36.34 -3.90
N THR A 395 -34.83 -35.67 -4.68
CA THR A 395 -34.33 -34.37 -4.28
C THR A 395 -35.47 -33.35 -4.26
N LYS A 396 -35.57 -32.62 -3.16
CA LYS A 396 -36.63 -31.63 -2.99
C LYS A 396 -36.19 -30.31 -3.62
N CYS A 397 -37.04 -29.78 -4.50
CA CYS A 397 -36.74 -28.56 -5.25
C CYS A 397 -37.91 -27.59 -5.13
N THR A 398 -37.62 -26.35 -4.75
CA THR A 398 -38.65 -25.35 -4.54
C THR A 398 -38.15 -23.99 -5.01
N ALA A 399 -39.08 -23.13 -5.38
CA ALA A 399 -38.81 -21.73 -5.70
C ALA A 399 -39.62 -20.86 -4.74
N SER A 400 -38.94 -19.91 -4.10
CA SER A 400 -39.55 -19.14 -3.01
C SER A 400 -39.10 -17.69 -3.09
N ASN A 401 -40.00 -16.81 -2.68
CA ASN A 401 -39.65 -15.42 -2.41
C ASN A 401 -39.74 -15.21 -0.91
N LYS A 402 -39.02 -14.21 -0.42
CA LYS A 402 -38.85 -14.08 1.03
C LYS A 402 -40.13 -13.65 1.74
N ASN A 403 -41.06 -12.98 1.05
CA ASN A 403 -42.26 -12.45 1.66
C ASN A 403 -43.47 -13.36 1.52
N ARG A 404 -43.33 -14.56 0.95
CA ARG A 404 -44.41 -15.53 0.98
C ARG A 404 -43.95 -16.97 1.21
N GLY A 405 -42.66 -17.22 1.39
CA GLY A 405 -42.16 -18.58 1.49
C GLY A 405 -42.21 -19.31 0.16
N ILE A 406 -42.37 -20.63 0.23
CA ILE A 406 -42.38 -21.45 -0.98
C ILE A 406 -43.63 -21.14 -1.81
N ILE A 407 -43.42 -20.68 -3.04
CA ILE A 407 -44.46 -20.34 -3.99
C ILE A 407 -44.63 -21.42 -5.06
N LYS A 408 -43.56 -22.17 -5.37
CA LYS A 408 -43.66 -23.23 -6.35
C LYS A 408 -42.82 -24.42 -5.91
N THR A 409 -43.34 -25.61 -6.15
CA THR A 409 -42.62 -26.86 -5.90
C THR A 409 -42.28 -27.49 -7.25
N PHE A 410 -40.98 -27.56 -7.56
CA PHE A 410 -40.56 -28.12 -8.84
C PHE A 410 -40.79 -29.63 -8.86
N SER A 411 -41.60 -30.09 -9.81
CA SER A 411 -41.82 -31.51 -10.01
C SER A 411 -40.63 -32.11 -10.76
N ASN A 412 -40.78 -33.35 -11.20
CA ASN A 412 -39.69 -34.04 -11.90
C ASN A 412 -39.51 -33.50 -13.31
N GLY A 413 -38.26 -33.30 -13.71
CA GLY A 413 -37.91 -32.85 -15.03
C GLY A 413 -37.06 -31.59 -14.98
N CYS A 414 -36.80 -31.04 -16.17
CA CYS A 414 -36.09 -29.78 -16.30
C CYS A 414 -37.13 -28.67 -16.49
N ASP A 415 -37.19 -27.75 -15.53
CA ASP A 415 -38.14 -26.66 -15.58
C ASP A 415 -37.41 -25.33 -15.47
N TYR A 416 -38.16 -24.25 -15.64
CA TYR A 416 -37.61 -22.91 -15.67
C TYR A 416 -38.50 -21.99 -14.87
N VAL A 417 -37.89 -21.13 -14.06
CA VAL A 417 -38.61 -20.20 -13.19
C VAL A 417 -38.15 -18.80 -13.55
N SER A 418 -39.08 -17.85 -13.52
CA SER A 418 -38.79 -16.49 -13.96
C SER A 418 -37.93 -15.78 -12.91
N ASN A 419 -37.69 -14.49 -13.13
CA ASN A 419 -36.85 -13.70 -12.23
C ASN A 419 -37.61 -12.61 -11.50
N LYS A 420 -38.86 -12.34 -11.88
CA LYS A 420 -39.60 -11.23 -11.29
C LYS A 420 -40.26 -11.64 -9.98
N GLY A 421 -40.90 -12.81 -9.95
CA GLY A 421 -41.69 -13.24 -8.82
C GLY A 421 -40.94 -13.98 -7.73
N VAL A 422 -39.74 -14.49 -8.03
CA VAL A 422 -39.01 -15.35 -7.12
C VAL A 422 -37.62 -14.78 -6.89
N ASP A 423 -37.14 -14.90 -5.65
CA ASP A 423 -35.83 -14.40 -5.27
C ASP A 423 -34.81 -15.51 -5.03
N THR A 424 -35.26 -16.69 -4.61
CA THR A 424 -34.37 -17.77 -4.21
C THR A 424 -34.91 -19.08 -4.73
N VAL A 425 -34.00 -20.01 -5.01
CA VAL A 425 -34.37 -21.37 -5.41
C VAL A 425 -33.54 -22.33 -4.57
N SER A 426 -34.12 -23.50 -4.29
CA SER A 426 -33.47 -24.49 -3.42
C SER A 426 -33.69 -25.88 -3.98
N VAL A 427 -32.59 -26.59 -4.24
CA VAL A 427 -32.63 -27.95 -4.77
C VAL A 427 -31.92 -28.85 -3.78
N GLY A 428 -32.60 -29.92 -3.35
CA GLY A 428 -32.07 -30.73 -2.29
C GLY A 428 -31.89 -29.93 -1.02
N ASN A 429 -30.64 -29.71 -0.61
CA ASN A 429 -30.34 -28.81 0.49
C ASN A 429 -29.31 -27.75 0.09
N THR A 430 -29.13 -27.51 -1.21
CA THR A 430 -28.26 -26.46 -1.70
C THR A 430 -29.11 -25.30 -2.22
N LEU A 431 -28.65 -24.09 -1.95
CA LEU A 431 -29.43 -22.88 -2.19
C LEU A 431 -28.77 -22.02 -3.26
N TYR A 432 -29.55 -21.62 -4.26
CA TYR A 432 -29.13 -20.67 -5.28
C TYR A 432 -30.06 -19.47 -5.24
N TYR A 433 -29.57 -18.34 -5.75
CA TYR A 433 -30.39 -17.14 -5.87
C TYR A 433 -30.55 -16.76 -7.34
N VAL A 434 -31.77 -16.37 -7.71
CA VAL A 434 -32.09 -16.07 -9.10
C VAL A 434 -31.66 -14.64 -9.39
N ASN A 435 -31.06 -14.43 -10.57
CA ASN A 435 -30.63 -13.10 -10.96
C ASN A 435 -31.84 -12.19 -11.15
N LYS A 436 -31.79 -11.00 -10.56
CA LYS A 436 -32.90 -10.06 -10.57
C LYS A 436 -32.79 -9.03 -11.69
N GLN A 437 -32.17 -9.40 -12.80
CA GLN A 437 -32.01 -8.46 -13.91
C GLN A 437 -33.35 -8.10 -14.53
N GLU A 438 -33.51 -6.83 -14.87
CA GLU A 438 -34.73 -6.35 -15.51
C GLU A 438 -34.75 -6.71 -16.98
N GLY A 439 -35.82 -7.39 -17.40
CA GLY A 439 -35.95 -7.80 -18.78
C GLY A 439 -37.07 -8.82 -18.92
N LYS A 440 -37.39 -9.11 -20.16
CA LYS A 440 -38.49 -10.01 -20.49
C LYS A 440 -37.97 -11.41 -20.83
N SER A 441 -38.65 -12.42 -20.29
CA SER A 441 -38.30 -13.82 -20.47
C SER A 441 -39.47 -14.55 -21.12
N LEU A 442 -39.16 -15.34 -22.15
CA LEU A 442 -40.17 -16.09 -22.88
C LEU A 442 -39.97 -17.57 -22.62
N TYR A 443 -41.01 -18.22 -22.08
CA TYR A 443 -41.00 -19.64 -21.77
C TYR A 443 -41.47 -20.41 -23.01
N VAL A 444 -40.57 -20.52 -23.97
CA VAL A 444 -40.88 -21.17 -25.25
C VAL A 444 -41.03 -22.67 -25.00
N LYS A 445 -42.28 -23.15 -25.06
CA LYS A 445 -42.59 -24.52 -24.69
C LYS A 445 -41.94 -25.50 -25.65
N GLY A 446 -41.77 -26.74 -25.19
CA GLY A 446 -41.24 -27.78 -26.05
C GLY A 446 -41.15 -29.09 -25.31
N GLU A 447 -41.06 -30.17 -26.09
CA GLU A 447 -40.83 -31.50 -25.55
C GLU A 447 -39.33 -31.72 -25.39
N PRO A 448 -38.83 -32.03 -24.18
CA PRO A 448 -37.40 -32.34 -24.04
C PRO A 448 -36.99 -33.51 -24.93
N ILE A 449 -35.81 -33.36 -25.54
CA ILE A 449 -35.35 -34.31 -26.55
C ILE A 449 -34.89 -35.64 -25.96
N ILE A 450 -34.71 -35.72 -24.64
CA ILE A 450 -34.19 -36.94 -24.02
C ILE A 450 -35.10 -38.12 -24.31
N ASN A 451 -36.41 -37.88 -24.47
CA ASN A 451 -37.35 -38.96 -24.75
C ASN A 451 -37.19 -39.53 -26.16
N PHE A 452 -36.33 -38.94 -26.98
CA PHE A 452 -36.12 -39.41 -28.35
C PHE A 452 -35.01 -40.45 -28.43
N TYR A 453 -34.32 -40.73 -27.33
CA TYR A 453 -33.25 -41.72 -27.28
C TYR A 453 -33.71 -42.93 -26.47
N ASP A 454 -33.23 -44.10 -26.87
CA ASP A 454 -33.49 -45.33 -26.13
C ASP A 454 -32.41 -45.50 -25.06
N PRO A 455 -32.78 -45.62 -23.78
CA PRO A 455 -31.75 -45.79 -22.75
C PRO A 455 -30.89 -47.04 -22.90
N LEU A 456 -31.38 -48.04 -23.64
CA LEU A 456 -30.56 -49.23 -23.90
C LEU A 456 -29.44 -48.96 -24.90
N VAL A 457 -29.51 -47.87 -25.65
CA VAL A 457 -28.54 -47.57 -26.70
C VAL A 457 -27.76 -46.29 -26.43
N PHE A 458 -28.07 -45.58 -25.35
CA PHE A 458 -27.44 -44.29 -25.09
C PHE A 458 -25.97 -44.47 -24.70
N PRO A 459 -25.02 -43.90 -25.44
CA PRO A 459 -23.62 -43.92 -25.03
C PRO A 459 -23.33 -42.81 -24.02
N SER A 460 -22.89 -43.20 -22.82
CA SER A 460 -22.67 -42.27 -21.72
C SER A 460 -21.19 -42.09 -21.40
N ASP A 461 -20.35 -42.10 -22.43
CA ASP A 461 -18.90 -41.96 -22.27
C ASP A 461 -18.33 -40.85 -23.15
N GLU A 462 -19.13 -39.84 -23.46
CA GLU A 462 -18.72 -38.76 -24.34
C GLU A 462 -18.56 -37.46 -23.56
N PHE A 463 -17.45 -36.76 -23.82
CA PHE A 463 -17.18 -35.43 -23.26
C PHE A 463 -17.43 -34.33 -24.26
N ASP A 464 -17.09 -34.55 -25.53
CA ASP A 464 -17.46 -33.67 -26.65
C ASP A 464 -18.00 -34.56 -27.76
N ALA A 465 -19.32 -34.57 -27.92
CA ALA A 465 -19.97 -35.36 -28.95
C ALA A 465 -20.65 -34.44 -29.96
N SER A 466 -21.40 -35.03 -30.88
CA SER A 466 -22.17 -34.27 -31.85
C SER A 466 -23.45 -35.03 -32.18
N ILE A 467 -24.47 -34.30 -32.62
CA ILE A 467 -25.78 -34.91 -32.84
C ILE A 467 -25.70 -36.01 -33.91
N SER A 468 -25.01 -35.73 -35.01
CA SER A 468 -24.95 -36.72 -36.09
C SER A 468 -24.08 -37.91 -35.71
N GLN A 469 -22.96 -37.66 -35.03
CA GLN A 469 -22.10 -38.77 -34.65
C GLN A 469 -22.71 -39.58 -33.52
N VAL A 470 -23.46 -38.93 -32.62
CA VAL A 470 -24.23 -39.70 -31.65
C VAL A 470 -25.30 -40.52 -32.35
N ASN A 471 -25.92 -39.95 -33.38
CA ASN A 471 -26.89 -40.70 -34.17
C ASN A 471 -26.21 -41.86 -34.88
N GLU A 472 -24.98 -41.65 -35.35
CA GLU A 472 -24.25 -42.74 -35.98
C GLU A 472 -23.85 -43.78 -34.94
N LYS A 473 -23.56 -43.36 -33.71
CA LYS A 473 -23.34 -44.31 -32.63
C LYS A 473 -24.59 -45.13 -32.35
N ILE A 474 -25.75 -44.47 -32.27
CA ILE A 474 -27.01 -45.21 -32.11
C ILE A 474 -27.19 -46.18 -33.26
N ASN A 475 -26.86 -45.76 -34.48
CA ASN A 475 -27.07 -46.63 -35.64
C ASN A 475 -26.19 -47.86 -35.58
N GLN A 476 -24.90 -47.69 -35.27
CA GLN A 476 -24.02 -48.86 -35.20
C GLN A 476 -24.39 -49.77 -34.04
N SER A 477 -24.73 -49.20 -32.88
CA SER A 477 -25.13 -50.02 -31.75
C SER A 477 -26.43 -50.76 -32.06
N LEU A 478 -27.38 -50.06 -32.67
CA LEU A 478 -28.62 -50.71 -33.07
C LEU A 478 -28.37 -51.80 -34.11
N ALA A 479 -27.46 -51.53 -35.05
CA ALA A 479 -27.11 -52.51 -36.07
C ALA A 479 -26.49 -53.77 -35.48
N PHE A 480 -25.59 -53.64 -34.50
CA PHE A 480 -24.97 -54.82 -33.90
C PHE A 480 -26.01 -55.68 -33.18
N ILE A 481 -26.87 -55.08 -32.37
CA ILE A 481 -27.84 -55.90 -31.66
C ILE A 481 -28.87 -56.45 -32.64
N ARG A 482 -29.01 -55.81 -33.80
CA ARG A 482 -29.83 -56.27 -34.91
C ARG A 482 -29.19 -57.42 -35.68
N LYS A 483 -27.89 -57.36 -35.96
CA LYS A 483 -27.27 -58.32 -36.87
C LYS A 483 -26.94 -59.64 -36.17
N SER A 484 -26.72 -59.59 -34.86
CA SER A 484 -26.28 -60.76 -34.09
C SER A 484 -27.16 -62.00 -34.32
N ASP A 485 -28.43 -61.82 -34.68
CA ASP A 485 -29.30 -62.97 -34.88
C ASP A 485 -29.13 -63.66 -36.23
N GLU A 486 -29.21 -62.93 -37.35
CA GLU A 486 -29.24 -63.66 -38.61
C GLU A 486 -27.88 -64.15 -39.07
N LEU A 487 -26.79 -63.72 -38.43
CA LEU A 487 -25.51 -64.38 -38.62
C LEU A 487 -25.59 -65.88 -38.35
N LEU A 488 -26.39 -66.29 -37.38
CA LEU A 488 -26.59 -67.72 -37.16
C LEU A 488 -28.02 -68.16 -37.46
N GLN B 1 22.95 -15.81 -26.54
CA GLN B 1 22.55 -17.15 -26.15
C GLN B 1 22.10 -17.95 -27.36
N ASN B 2 22.77 -19.08 -27.59
CA ASN B 2 22.65 -19.82 -28.84
C ASN B 2 21.44 -20.77 -28.75
N ILE B 3 20.27 -20.15 -28.72
CA ILE B 3 19.00 -20.87 -28.63
C ILE B 3 18.59 -21.38 -30.01
N THR B 4 18.00 -22.57 -30.05
CA THR B 4 17.69 -23.24 -31.30
C THR B 4 16.28 -23.82 -31.27
N GLU B 5 15.67 -23.92 -32.46
CA GLU B 5 14.33 -24.44 -32.62
C GLU B 5 14.28 -25.37 -33.83
N GLU B 6 13.45 -26.40 -33.73
CA GLU B 6 13.24 -27.32 -34.86
C GLU B 6 11.74 -27.47 -35.07
N PHE B 7 11.30 -27.31 -36.31
CA PHE B 7 9.91 -27.59 -36.67
C PHE B 7 9.86 -28.84 -37.53
N TYR B 8 9.04 -29.81 -37.12
CA TYR B 8 8.81 -31.03 -37.87
C TYR B 8 7.42 -31.00 -38.48
N GLN B 9 7.34 -31.21 -39.80
CA GLN B 9 6.05 -31.27 -40.48
C GLN B 9 5.33 -32.59 -40.24
N SER B 10 6.05 -33.62 -39.81
CA SER B 10 5.43 -34.94 -39.65
C SER B 10 4.37 -34.93 -38.57
N THR B 11 4.57 -34.15 -37.50
CA THR B 11 3.56 -33.98 -36.46
C THR B 11 3.13 -32.53 -36.31
N CYS B 12 3.56 -31.65 -37.21
CA CYS B 12 3.31 -30.21 -37.11
C CYS B 12 3.66 -29.68 -35.72
N SER B 13 4.80 -30.13 -35.20
CA SER B 13 5.24 -29.79 -33.86
C SER B 13 6.56 -29.02 -33.92
N ALA B 14 6.98 -28.50 -32.76
CA ALA B 14 8.18 -27.68 -32.70
C ALA B 14 8.88 -27.90 -31.38
N VAL B 15 10.18 -28.19 -31.43
CA VAL B 15 11.02 -28.36 -30.25
C VAL B 15 12.02 -27.21 -30.18
N SER B 16 12.06 -26.54 -29.03
CA SER B 16 13.03 -25.48 -28.77
C SER B 16 14.07 -25.99 -27.78
N LYS B 17 15.34 -26.02 -28.21
CA LYS B 17 16.42 -26.55 -27.40
C LYS B 17 17.49 -25.49 -27.19
N GLY B 18 18.25 -25.66 -26.12
CA GLY B 18 19.35 -24.76 -25.83
C GLY B 18 19.17 -23.93 -24.57
N TYR B 19 18.46 -24.48 -23.59
CA TYR B 19 18.14 -23.78 -22.37
C TYR B 19 18.97 -24.31 -21.21
N LEU B 20 18.96 -23.55 -20.10
CA LEU B 20 19.65 -23.92 -18.87
C LEU B 20 18.63 -24.20 -17.79
N SER B 21 18.74 -25.36 -17.16
CA SER B 21 17.68 -25.87 -16.29
C SER B 21 17.87 -25.42 -14.85
N ALA B 22 16.75 -25.41 -14.12
CA ALA B 22 16.75 -25.17 -12.69
C ALA B 22 15.60 -25.98 -12.10
N LEU B 23 15.91 -27.17 -11.60
CA LEU B 23 14.92 -28.17 -11.24
C LEU B 23 14.80 -28.27 -9.73
N ARG B 24 13.66 -27.82 -9.19
CA ARG B 24 13.43 -27.83 -7.74
C ARG B 24 13.27 -29.26 -7.28
N THR B 25 14.33 -29.81 -6.66
CA THR B 25 14.27 -31.14 -6.09
C THR B 25 14.11 -31.15 -4.58
N GLY B 26 14.39 -30.03 -3.89
CA GLY B 26 14.29 -29.98 -2.46
C GLY B 26 13.67 -28.68 -1.98
N TRP B 27 13.43 -28.63 -0.67
CA TRP B 27 12.90 -27.46 0.01
C TRP B 27 13.85 -27.09 1.14
N TYR B 28 14.19 -25.81 1.23
CA TYR B 28 15.00 -25.29 2.33
C TYR B 28 14.11 -24.45 3.22
N THR B 29 14.02 -24.82 4.49
CA THR B 29 13.15 -24.16 5.46
C THR B 29 13.99 -23.29 6.39
N SER B 30 13.74 -21.98 6.36
CA SER B 30 14.44 -21.03 7.21
C SER B 30 13.43 -20.35 8.12
N VAL B 31 13.79 -20.21 9.39
CA VAL B 31 12.89 -19.63 10.39
C VAL B 31 13.16 -18.13 10.43
N ILE B 32 12.31 -17.37 9.76
CA ILE B 32 12.39 -15.91 9.79
C ILE B 32 11.71 -15.42 11.07
N THR B 33 12.35 -14.47 11.75
CA THR B 33 11.91 -14.02 13.06
C THR B 33 11.67 -12.52 13.05
N ILE B 34 10.55 -12.11 13.64
CA ILE B 34 10.23 -10.71 13.89
C ILE B 34 9.93 -10.60 15.37
N GLU B 35 10.86 -10.05 16.14
CA GLU B 35 10.69 -9.92 17.59
C GLU B 35 9.75 -8.76 17.88
N LEU B 36 8.58 -9.07 18.44
CA LEU B 36 7.58 -8.08 18.77
C LEU B 36 7.61 -7.79 20.26
N SER B 37 6.78 -6.83 20.69
CA SER B 37 6.61 -6.53 22.11
C SER B 37 5.12 -6.38 22.38
N ASN B 38 4.58 -7.28 23.20
CA ASN B 38 3.14 -7.31 23.47
C ASN B 38 2.79 -6.19 24.43
N ILE B 39 2.37 -5.05 23.87
CA ILE B 39 1.89 -3.94 24.70
C ILE B 39 0.56 -4.32 25.30
N LYS B 40 0.46 -4.23 26.63
CA LYS B 40 -0.75 -4.66 27.33
C LYS B 40 -1.85 -3.62 27.32
N GLU B 41 -1.51 -2.33 27.36
CA GLU B 41 -2.54 -1.31 27.34
C GLU B 41 -2.01 -0.02 26.76
N ILE B 42 -2.85 0.66 25.97
CA ILE B 42 -2.58 2.00 25.44
C ILE B 42 -3.55 2.96 26.14
N LYS B 43 -3.16 3.46 27.30
CA LYS B 43 -4.03 4.23 28.16
C LYS B 43 -3.95 5.73 27.92
N CYS B 44 -3.44 6.15 26.77
CA CYS B 44 -3.42 7.57 26.43
C CYS B 44 -4.84 8.10 26.26
N ASN B 45 -5.06 9.33 26.73
CA ASN B 45 -6.38 9.95 26.67
C ASN B 45 -6.37 11.32 26.00
N GLY B 46 -5.22 11.79 25.51
CA GLY B 46 -5.17 13.10 24.89
C GLY B 46 -5.82 13.09 23.52
N THR B 47 -6.49 14.19 23.19
CA THR B 47 -7.17 14.35 21.92
C THR B 47 -6.36 15.21 20.94
N ASP B 48 -5.07 15.39 21.22
CA ASP B 48 -4.22 16.16 20.32
C ASP B 48 -4.01 15.40 19.00
N ALA B 49 -3.63 16.15 17.97
CA ALA B 49 -3.41 15.56 16.65
C ALA B 49 -2.28 14.53 16.69
N LYS B 50 -1.14 14.90 17.27
CA LYS B 50 -0.03 13.94 17.37
C LYS B 50 -0.40 12.79 18.31
N VAL B 51 -1.10 13.09 19.41
CA VAL B 51 -1.57 12.03 20.29
C VAL B 51 -2.57 11.15 19.55
N LYS B 52 -3.45 11.77 18.75
CA LYS B 52 -4.39 11.00 17.94
C LYS B 52 -3.66 10.07 16.99
N LEU B 53 -2.61 10.58 16.33
CA LEU B 53 -1.85 9.75 15.39
C LEU B 53 -1.12 8.62 16.10
N ILE B 54 -0.42 8.93 17.20
CA ILE B 54 0.38 7.92 17.88
C ILE B 54 -0.51 6.85 18.52
N LYS B 55 -1.70 7.23 18.98
CA LYS B 55 -2.62 6.24 19.54
C LYS B 55 -3.17 5.37 18.42
N GLN B 56 -3.37 5.98 17.24
CA GLN B 56 -3.79 5.23 16.06
C GLN B 56 -2.73 4.19 15.69
N GLU B 57 -1.45 4.57 15.72
CA GLU B 57 -0.42 3.62 15.34
C GLU B 57 -0.28 2.52 16.38
N LEU B 58 -0.34 2.87 17.66
CA LEU B 58 -0.31 1.88 18.73
C LEU B 58 -1.52 0.96 18.66
N ASP B 59 -2.68 1.50 18.27
CA ASP B 59 -3.87 0.67 18.15
C ASP B 59 -3.76 -0.30 16.98
N LYS B 60 -3.18 0.15 15.86
CA LYS B 60 -2.95 -0.77 14.75
C LYS B 60 -1.96 -1.85 15.13
N TYR B 61 -0.91 -1.49 15.88
CA TYR B 61 0.05 -2.48 16.35
C TYR B 61 -0.63 -3.50 17.26
N LYS B 62 -1.44 -3.03 18.20
CA LYS B 62 -2.12 -3.95 19.12
C LYS B 62 -3.12 -4.82 18.38
N ASN B 63 -3.84 -4.25 17.41
CA ASN B 63 -4.76 -5.04 16.61
C ASN B 63 -4.02 -6.02 15.71
N ALA B 64 -2.83 -5.65 15.23
CA ALA B 64 -2.02 -6.58 14.46
C ALA B 64 -1.61 -7.76 15.34
N VAL B 65 -1.18 -7.49 16.57
CA VAL B 65 -0.82 -8.57 17.49
C VAL B 65 -2.03 -9.46 17.75
N THR B 66 -3.19 -8.85 17.97
CA THR B 66 -4.40 -9.63 18.24
C THR B 66 -4.79 -10.47 17.03
N GLU B 67 -4.61 -9.92 15.83
CA GLU B 67 -4.94 -10.68 14.62
C GLU B 67 -3.99 -11.85 14.44
N LEU B 68 -2.68 -11.61 14.63
CA LEU B 68 -1.71 -12.70 14.52
C LEU B 68 -1.94 -13.77 15.60
N GLN B 69 -2.47 -13.36 16.76
CA GLN B 69 -2.88 -14.34 17.77
C GLN B 69 -4.12 -15.11 17.34
N LEU B 70 -5.04 -14.46 16.62
CA LEU B 70 -6.26 -15.15 16.20
C LEU B 70 -5.97 -16.21 15.13
N LEU B 71 -4.96 -16.00 14.30
CA LEU B 71 -4.62 -16.99 13.27
C LEU B 71 -4.30 -18.36 13.87
N MET B 72 -3.80 -18.38 15.11
CA MET B 72 -3.50 -19.63 15.78
C MET B 72 -4.74 -20.23 16.45
N PHE B 112 -2.39 -31.56 -19.89
CA PHE B 112 -3.17 -32.69 -20.41
C PHE B 112 -2.89 -33.96 -19.63
N LEU B 113 -1.69 -34.05 -19.06
CA LEU B 113 -1.30 -35.17 -18.21
C LEU B 113 -1.29 -34.78 -16.73
N GLY B 114 -2.05 -33.75 -16.35
CA GLY B 114 -2.04 -33.28 -14.97
C GLY B 114 -2.70 -34.23 -13.99
N PHE B 115 -3.55 -35.14 -14.48
CA PHE B 115 -4.26 -36.06 -13.61
C PHE B 115 -3.35 -37.11 -12.99
N LEU B 116 -2.14 -37.29 -13.53
CA LEU B 116 -1.19 -38.23 -12.93
C LEU B 116 -0.34 -37.60 -11.84
N LEU B 117 -0.30 -36.28 -11.75
CA LEU B 117 0.50 -35.63 -10.73
C LEU B 117 -0.04 -35.95 -9.34
N GLY B 118 0.86 -36.35 -8.44
CA GLY B 118 0.45 -36.68 -7.08
C GLY B 118 0.23 -35.42 -6.28
N VAL B 119 -0.91 -35.36 -5.59
CA VAL B 119 -1.26 -34.17 -4.82
C VAL B 119 -0.43 -34.14 -3.56
N GLY B 120 0.66 -33.37 -3.58
CA GLY B 120 1.49 -33.17 -2.42
C GLY B 120 1.16 -31.89 -1.68
N SER B 121 1.71 -31.78 -0.48
CA SER B 121 1.52 -30.60 0.37
C SER B 121 2.72 -29.68 0.17
N ALA B 122 2.53 -28.62 -0.60
CA ALA B 122 3.61 -27.67 -0.84
C ALA B 122 4.08 -27.00 0.43
N ILE B 123 3.25 -26.98 1.48
CA ILE B 123 3.60 -26.34 2.74
C ILE B 123 3.79 -27.41 3.81
N ALA B 124 4.17 -28.62 3.40
CA ALA B 124 4.37 -29.72 4.35
C ALA B 124 5.55 -29.44 5.26
N SER B 125 6.67 -28.99 4.68
CA SER B 125 7.87 -28.74 5.49
C SER B 125 7.65 -27.58 6.45
N GLY B 126 7.04 -26.49 5.97
CA GLY B 126 6.79 -25.35 6.83
C GLY B 126 5.84 -25.65 7.97
N VAL B 127 4.76 -26.38 7.67
CA VAL B 127 3.80 -26.73 8.71
C VAL B 127 4.40 -27.73 9.69
N ALA B 128 5.30 -28.59 9.23
CA ALA B 128 5.99 -29.50 10.15
C ALA B 128 6.86 -28.74 11.13
N VAL B 129 7.65 -27.78 10.63
CA VAL B 129 8.50 -26.98 11.50
C VAL B 129 7.66 -26.12 12.44
N SER B 130 6.50 -25.65 11.97
CA SER B 130 5.62 -24.86 12.82
C SER B 130 5.04 -25.70 13.95
N LYS B 131 4.63 -26.93 13.66
CA LYS B 131 4.11 -27.81 14.71
C LYS B 131 5.19 -28.16 15.72
N VAL B 132 6.43 -28.33 15.26
CA VAL B 132 7.54 -28.57 16.17
C VAL B 132 7.77 -27.35 17.05
N LEU B 133 7.69 -26.15 16.46
CA LEU B 133 7.79 -24.93 17.25
C LEU B 133 6.65 -24.76 18.23
N HIS B 134 5.50 -25.39 17.97
CA HIS B 134 4.36 -25.28 18.87
C HIS B 134 4.54 -26.10 20.15
N LEU B 135 5.55 -26.95 20.22
CA LEU B 135 5.84 -27.67 21.45
C LEU B 135 6.33 -26.71 22.53
N GLU B 136 6.41 -27.22 23.76
CA GLU B 136 6.90 -26.42 24.88
C GLU B 136 8.42 -26.45 24.91
N GLY B 137 9.03 -25.27 25.07
CA GLY B 137 10.47 -25.15 25.15
C GLY B 137 11.17 -24.91 23.84
N GLU B 138 10.46 -24.91 22.72
CA GLU B 138 11.09 -24.62 21.44
C GLU B 138 11.30 -23.12 21.23
N VAL B 139 10.29 -22.31 21.61
CA VAL B 139 10.42 -20.86 21.52
C VAL B 139 11.57 -20.36 22.38
N ASN B 140 11.78 -21.00 23.54
CA ASN B 140 12.89 -20.60 24.41
C ASN B 140 14.24 -20.84 23.74
N LYS B 141 14.38 -21.96 23.03
CA LYS B 141 15.64 -22.23 22.33
C LYS B 141 15.85 -21.24 21.19
N ILE B 142 14.81 -20.96 20.41
CA ILE B 142 14.92 -20.00 19.31
C ILE B 142 15.32 -18.63 19.83
N LYS B 143 14.79 -18.24 21.00
CA LYS B 143 15.12 -16.94 21.56
C LYS B 143 16.53 -16.92 22.13
N SER B 144 16.94 -17.98 22.83
CA SER B 144 18.24 -17.99 23.48
C SER B 144 19.38 -18.09 22.47
N ALA B 145 19.15 -18.78 21.35
CA ALA B 145 20.20 -18.92 20.35
C ALA B 145 20.48 -17.60 19.62
N LEU B 146 19.48 -16.74 19.50
CA LEU B 146 19.62 -15.47 18.77
C LEU B 146 19.77 -14.28 19.71
N LEU B 147 20.33 -14.50 20.90
CA LEU B 147 20.52 -13.39 21.83
C LEU B 147 21.73 -12.55 21.46
N SER B 148 22.77 -13.17 20.88
CA SER B 148 24.01 -12.48 20.57
C SER B 148 24.28 -12.35 19.08
N THR B 149 23.59 -13.09 18.23
CA THR B 149 23.84 -13.07 16.79
C THR B 149 22.53 -12.86 16.04
N ASN B 150 22.66 -12.69 14.73
CA ASN B 150 21.51 -12.54 13.86
C ASN B 150 21.09 -13.84 13.18
N LYS B 151 21.99 -14.82 13.12
CA LYS B 151 21.72 -16.08 12.43
C LYS B 151 22.33 -17.21 13.25
N ALA B 152 21.51 -18.20 13.61
CA ALA B 152 21.99 -19.31 14.41
C ALA B 152 21.21 -20.57 14.02
N VAL B 153 21.89 -21.70 14.08
CA VAL B 153 21.27 -23.00 13.84
C VAL B 153 20.81 -23.57 15.18
N VAL B 154 19.50 -23.79 15.31
CA VAL B 154 18.89 -24.26 16.54
C VAL B 154 18.51 -25.72 16.37
N SER B 155 18.83 -26.53 17.38
CA SER B 155 18.48 -27.95 17.40
C SER B 155 17.16 -28.11 18.16
N LEU B 156 16.09 -28.43 17.43
CA LEU B 156 14.77 -28.54 18.03
C LEU B 156 14.58 -29.96 18.58
N SER B 157 13.42 -30.18 19.22
CA SER B 157 13.16 -31.47 19.84
C SER B 157 12.92 -32.56 18.80
N ASN B 158 12.44 -32.18 17.61
CA ASN B 158 12.26 -33.15 16.53
C ASN B 158 13.59 -33.76 16.11
N GLY B 159 14.69 -33.05 16.33
CA GLY B 159 15.98 -33.43 15.77
C GLY B 159 16.41 -32.59 14.60
N VAL B 160 15.64 -31.59 14.23
CA VAL B 160 15.93 -30.74 13.09
C VAL B 160 16.80 -29.57 13.53
N SER B 161 17.80 -29.25 12.71
CA SER B 161 18.67 -28.09 12.91
C SER B 161 18.29 -27.05 11.86
N VAL B 162 17.71 -25.93 12.30
CA VAL B 162 17.12 -24.94 11.41
C VAL B 162 17.90 -23.65 11.52
N LEU B 163 18.04 -22.95 10.40
CA LEU B 163 18.67 -21.63 10.39
C LEU B 163 17.61 -20.59 10.73
N THR B 164 17.81 -19.88 11.83
CA THR B 164 16.89 -18.83 12.28
C THR B 164 17.58 -17.49 12.14
N SER B 165 16.86 -16.51 11.58
CA SER B 165 17.43 -15.20 11.31
C SER B 165 16.41 -14.12 11.62
N LYS B 166 16.82 -13.14 12.42
CA LYS B 166 15.96 -12.01 12.79
C LYS B 166 16.07 -10.95 11.70
N VAL B 167 14.98 -10.71 10.97
CA VAL B 167 14.98 -9.73 9.90
C VAL B 167 14.43 -8.37 10.33
N LEU B 168 13.72 -8.31 11.46
CA LEU B 168 13.17 -7.05 11.95
C LEU B 168 12.95 -7.18 13.44
N ASP B 169 13.70 -6.42 14.23
CA ASP B 169 13.57 -6.41 15.69
C ASP B 169 12.65 -5.25 16.09
N LEU B 170 11.34 -5.46 15.87
CA LEU B 170 10.37 -4.49 16.37
C LEU B 170 10.42 -4.40 17.88
N LYS B 171 10.74 -5.50 18.56
CA LYS B 171 10.90 -5.47 20.02
C LYS B 171 11.99 -4.47 20.40
N ASN B 172 13.07 -4.43 19.64
CA ASN B 172 14.16 -3.49 19.89
C ASN B 172 13.65 -2.05 19.80
N TYR B 173 13.14 -1.65 18.64
CA TYR B 173 12.71 -0.28 18.43
C TYR B 173 11.60 0.14 19.40
N ILE B 174 10.74 -0.80 19.80
CA ILE B 174 9.63 -0.47 20.69
C ILE B 174 10.07 -0.27 22.13
N ASP B 175 10.95 -1.13 22.65
CA ASP B 175 11.24 -1.08 24.08
C ASP B 175 12.23 0.02 24.43
N LYS B 176 13.25 0.23 23.61
CA LYS B 176 14.30 1.19 23.94
C LYS B 176 14.33 2.41 23.03
N GLN B 177 13.55 2.44 21.96
CA GLN B 177 13.54 3.59 21.06
C GLN B 177 12.18 4.27 20.92
N LEU B 178 11.07 3.57 21.18
CA LEU B 178 9.75 4.14 20.99
C LEU B 178 9.02 4.36 22.31
N LEU B 179 8.88 3.30 23.12
CA LEU B 179 8.16 3.44 24.38
C LEU B 179 8.79 4.45 25.33
N PRO B 180 10.12 4.57 25.43
CA PRO B 180 10.68 5.64 26.27
C PRO B 180 10.18 7.03 25.91
N ILE B 181 10.17 7.36 24.62
CA ILE B 181 9.71 8.69 24.19
C ILE B 181 8.24 8.88 24.52
N VAL B 182 7.40 7.92 24.12
CA VAL B 182 5.96 8.07 24.28
C VAL B 182 5.60 8.17 25.76
N ASN B 183 6.30 7.41 26.61
CA ASN B 183 6.00 7.42 28.03
C ASN B 183 6.63 8.62 28.74
N LYS B 184 7.81 9.06 28.29
CA LYS B 184 8.45 10.21 28.92
C LYS B 184 7.64 11.48 28.70
N GLN B 185 7.18 11.69 27.47
CA GLN B 185 6.42 12.88 27.13
C GLN B 185 4.94 12.76 27.49
N SER B 186 4.53 11.66 28.12
CA SER B 186 3.14 11.37 28.45
C SER B 186 2.25 11.44 27.20
N CYS B 187 2.55 10.56 26.25
CA CYS B 187 1.78 10.31 25.03
C CYS B 187 1.79 11.50 24.07
N SER B 188 2.49 12.59 24.38
CA SER B 188 2.51 13.77 23.53
C SER B 188 3.84 13.83 22.78
N ILE B 189 3.84 13.28 21.56
CA ILE B 189 5.05 13.26 20.75
C ILE B 189 5.43 14.69 20.38
N PRO B 190 6.72 15.02 20.48
CA PRO B 190 7.14 16.39 20.24
C PRO B 190 7.35 16.68 18.76
N ASN B 191 7.85 15.71 18.01
CA ASN B 191 8.18 15.88 16.59
C ASN B 191 7.53 14.77 15.80
N ILE B 192 7.04 15.10 14.59
CA ILE B 192 6.33 14.12 13.77
C ILE B 192 7.25 13.10 13.11
N GLU B 193 8.57 13.35 13.08
CA GLU B 193 9.49 12.41 12.45
C GLU B 193 9.46 11.03 13.11
N THR B 194 9.29 10.97 14.43
CA THR B 194 9.21 9.67 15.09
C THR B 194 7.97 8.92 14.67
N VAL B 195 6.85 9.63 14.51
CA VAL B 195 5.63 8.98 14.03
C VAL B 195 5.83 8.47 12.61
N ILE B 196 6.55 9.24 11.78
CA ILE B 196 6.79 8.82 10.40
C ILE B 196 7.67 7.58 10.36
N GLU B 197 8.71 7.54 11.20
CA GLU B 197 9.59 6.37 11.22
C GLU B 197 8.91 5.18 11.86
N PHE B 198 7.99 5.42 12.79
CA PHE B 198 7.17 4.34 13.33
C PHE B 198 6.26 3.76 12.24
N GLN B 199 5.70 4.62 11.39
CA GLN B 199 4.97 4.14 10.22
C GLN B 199 5.87 3.26 9.36
N GLN B 200 7.08 3.72 9.07
CA GLN B 200 7.97 2.98 8.19
C GLN B 200 8.32 1.62 8.78
N LYS B 201 8.56 1.56 10.09
CA LYS B 201 8.93 0.30 10.71
C LYS B 201 7.73 -0.62 10.86
N ASN B 202 6.59 -0.07 11.27
CA ASN B 202 5.40 -0.89 11.51
C ASN B 202 4.65 -1.22 10.23
N ASN B 203 5.02 -0.59 9.10
CA ASN B 203 4.35 -0.90 7.84
C ASN B 203 4.57 -2.35 7.44
N ARG B 204 5.78 -2.87 7.66
CA ARG B 204 6.06 -4.27 7.33
C ARG B 204 5.19 -5.20 8.15
N LEU B 205 5.08 -4.95 9.47
CA LEU B 205 4.24 -5.79 10.30
C LEU B 205 2.78 -5.67 9.90
N LEU B 206 2.33 -4.46 9.58
CA LEU B 206 0.94 -4.27 9.17
C LEU B 206 0.66 -4.96 7.84
N GLU B 207 1.58 -4.85 6.87
CA GLU B 207 1.38 -5.52 5.60
C GLU B 207 1.38 -7.04 5.78
N ILE B 208 2.29 -7.56 6.61
CA ILE B 208 2.35 -9.00 6.87
C ILE B 208 1.06 -9.47 7.51
N THR B 209 0.56 -8.71 8.49
CA THR B 209 -0.72 -9.02 9.11
C THR B 209 -1.84 -9.03 8.07
N ARG B 210 -1.79 -8.10 7.12
CA ARG B 210 -2.82 -8.02 6.10
C ARG B 210 -2.85 -9.28 5.23
N GLU B 211 -1.68 -9.73 4.77
CA GLU B 211 -1.67 -10.90 3.90
C GLU B 211 -2.04 -12.15 4.68
N PHE B 212 -1.58 -12.24 5.93
CA PHE B 212 -1.94 -13.39 6.76
C PHE B 212 -3.43 -13.43 7.04
N SER B 213 -4.09 -12.27 7.11
CA SER B 213 -5.51 -12.24 7.38
C SER B 213 -6.33 -12.61 6.15
N VAL B 214 -6.00 -12.06 4.98
CA VAL B 214 -6.74 -12.36 3.76
C VAL B 214 -6.28 -13.62 3.03
N ASN B 215 -5.33 -14.37 3.59
CA ASN B 215 -4.76 -15.51 2.87
C ASN B 215 -4.68 -16.76 3.73
N ALA B 216 -5.24 -16.75 4.94
CA ALA B 216 -5.31 -17.93 5.81
C ALA B 216 -3.92 -18.43 6.19
N GLY B 217 -3.03 -17.50 6.52
CA GLY B 217 -1.72 -17.83 7.04
C GLY B 217 -0.74 -18.43 6.05
N VAL B 218 -1.11 -18.57 4.77
CA VAL B 218 -0.23 -19.14 3.75
C VAL B 218 -0.27 -18.24 2.54
N THR B 219 0.88 -17.64 2.21
CA THR B 219 0.99 -16.72 1.09
C THR B 219 2.06 -17.22 0.12
N THR B 220 1.78 -17.06 -1.16
CA THR B 220 2.71 -17.46 -2.23
C THR B 220 2.36 -16.70 -3.51
N PRO B 221 3.35 -16.07 -4.17
CA PRO B 221 4.77 -16.03 -3.81
C PRO B 221 5.07 -15.14 -2.60
N VAL B 222 6.23 -15.33 -1.99
CA VAL B 222 6.62 -14.55 -0.82
C VAL B 222 6.73 -13.09 -1.22
N SER B 223 5.94 -12.23 -0.57
CA SER B 223 5.93 -10.82 -0.89
C SER B 223 7.26 -10.18 -0.45
N THR B 224 7.45 -8.94 -0.92
CA THR B 224 8.63 -8.17 -0.53
C THR B 224 8.61 -7.83 0.96
N TYR B 225 7.43 -7.77 1.57
CA TYR B 225 7.34 -7.43 2.99
C TYR B 225 7.88 -8.56 3.87
N MET B 226 7.63 -9.82 3.48
CA MET B 226 8.15 -10.92 4.27
C MET B 226 9.64 -11.11 4.07
N LEU B 227 10.11 -10.99 2.84
CA LEU B 227 11.52 -11.23 2.52
C LEU B 227 11.93 -10.32 1.38
N THR B 228 12.72 -9.30 1.69
CA THR B 228 13.23 -8.39 0.68
C THR B 228 14.24 -9.11 -0.21
N ASN B 229 14.61 -8.45 -1.32
CA ASN B 229 15.48 -9.08 -2.29
C ASN B 229 16.89 -9.25 -1.74
N SER B 230 17.39 -8.25 -1.01
CA SER B 230 18.69 -8.39 -0.34
C SER B 230 18.69 -9.56 0.63
N GLU B 231 17.61 -9.72 1.39
CA GLU B 231 17.53 -10.83 2.35
C GLU B 231 17.44 -12.17 1.63
N LEU B 232 16.74 -12.22 0.50
CA LEU B 232 16.65 -13.46 -0.27
C LEU B 232 18.01 -13.85 -0.83
N LEU B 233 18.76 -12.89 -1.36
CA LEU B 233 20.12 -13.16 -1.83
C LEU B 233 21.00 -13.66 -0.69
N SER B 234 20.92 -13.00 0.48
CA SER B 234 21.73 -13.41 1.62
C SER B 234 21.39 -14.81 2.07
N LEU B 235 20.10 -15.16 2.11
CA LEU B 235 19.70 -16.49 2.55
C LEU B 235 20.11 -17.56 1.55
N ILE B 236 20.07 -17.25 0.25
CA ILE B 236 20.55 -18.19 -0.77
C ILE B 236 22.05 -18.43 -0.61
N ASN B 237 22.81 -17.37 -0.33
CA ASN B 237 24.27 -17.51 -0.21
C ASN B 237 24.66 -18.35 0.99
N ASP B 238 23.88 -18.31 2.07
CA ASP B 238 24.21 -19.01 3.30
C ASP B 238 23.67 -20.44 3.34
N MET B 239 23.21 -20.96 2.22
CA MET B 239 22.76 -22.35 2.20
C MET B 239 23.96 -23.28 2.02
N PRO B 240 23.98 -24.42 2.71
CA PRO B 240 25.08 -25.39 2.57
C PRO B 240 24.97 -26.24 1.31
N ILE B 241 25.16 -25.59 0.17
CA ILE B 241 25.03 -26.25 -1.14
C ILE B 241 26.20 -25.81 -2.01
N THR B 242 26.23 -26.35 -3.23
CA THR B 242 27.29 -26.05 -4.17
C THR B 242 27.19 -24.60 -4.66
N ASN B 243 28.24 -24.15 -5.34
CA ASN B 243 28.32 -22.75 -5.75
C ASN B 243 27.50 -22.48 -7.01
N ASP B 244 27.32 -23.49 -7.87
CA ASP B 244 26.57 -23.28 -9.11
C ASP B 244 25.10 -23.00 -8.83
N GLN B 245 24.51 -23.72 -7.87
CA GLN B 245 23.14 -23.41 -7.46
C GLN B 245 23.04 -22.02 -6.87
N LYS B 246 24.06 -21.60 -6.11
CA LYS B 246 24.08 -20.25 -5.55
C LYS B 246 24.03 -19.18 -6.64
N LYS B 247 24.85 -19.34 -7.68
CA LYS B 247 24.89 -18.32 -8.74
C LYS B 247 23.60 -18.31 -9.55
N LEU B 248 23.02 -19.47 -9.84
CA LEU B 248 21.77 -19.52 -10.58
C LEU B 248 20.65 -18.82 -9.83
N MET B 249 20.51 -19.11 -8.54
CA MET B 249 19.46 -18.47 -7.75
C MET B 249 19.75 -16.99 -7.52
N SER B 250 21.02 -16.61 -7.43
CA SER B 250 21.36 -15.21 -7.27
C SER B 250 21.09 -14.39 -8.54
N ASN B 251 21.13 -15.04 -9.70
CA ASN B 251 20.77 -14.36 -10.95
C ASN B 251 19.27 -14.26 -11.15
N ASN B 252 18.51 -15.21 -10.63
CA ASN B 252 17.06 -15.25 -10.82
C ASN B 252 16.34 -15.32 -9.49
N VAL B 253 16.78 -14.50 -8.52
CA VAL B 253 16.07 -14.34 -7.25
C VAL B 253 14.58 -14.12 -7.45
N GLN B 254 14.18 -13.47 -8.54
CA GLN B 254 12.76 -13.18 -8.77
C GLN B 254 11.97 -14.46 -9.04
N ILE B 255 12.48 -15.31 -9.92
CA ILE B 255 11.80 -16.58 -10.18
C ILE B 255 11.85 -17.47 -8.93
N VAL B 256 12.95 -17.41 -8.18
CA VAL B 256 13.07 -18.20 -6.96
C VAL B 256 12.00 -17.78 -5.95
N ARG B 257 11.78 -16.47 -5.82
CA ARG B 257 10.72 -15.98 -4.94
C ARG B 257 9.34 -16.40 -5.44
N GLN B 258 9.13 -16.40 -6.76
CA GLN B 258 7.87 -16.86 -7.33
C GLN B 258 7.61 -18.32 -7.02
N GLN B 259 8.65 -19.12 -6.84
CA GLN B 259 8.51 -20.56 -6.64
C GLN B 259 8.52 -20.97 -5.17
N SER B 260 8.54 -20.02 -4.24
CA SER B 260 8.70 -20.31 -2.83
C SER B 260 7.40 -20.02 -2.08
N TYR B 261 7.33 -20.49 -0.84
CA TYR B 261 6.15 -20.38 -0.01
C TYR B 261 6.50 -19.74 1.33
N SER B 262 5.48 -19.27 2.03
CA SER B 262 5.62 -18.70 3.36
C SER B 262 4.53 -19.24 4.26
N ILE B 263 4.92 -19.82 5.39
CA ILE B 263 4.00 -20.49 6.32
C ILE B 263 4.08 -19.80 7.67
N MET B 264 2.93 -19.50 8.25
CA MET B 264 2.86 -18.81 9.54
C MET B 264 3.02 -19.78 10.70
N SER B 265 3.81 -19.37 11.69
CA SER B 265 4.06 -20.22 12.86
C SER B 265 3.75 -19.44 14.14
N ILE B 266 4.22 -19.96 15.29
CA ILE B 266 3.79 -19.45 16.58
C ILE B 266 4.10 -17.96 16.72
N ILE B 267 3.28 -17.27 17.53
CA ILE B 267 3.57 -15.93 18.01
C ILE B 267 3.28 -15.93 19.51
N LYS B 268 4.32 -16.08 20.33
CA LYS B 268 4.17 -16.05 21.77
C LYS B 268 5.53 -15.73 22.40
N GLU B 269 5.47 -15.07 23.55
CA GLU B 269 6.68 -14.65 24.29
C GLU B 269 7.51 -13.66 23.47
N GLU B 270 6.83 -12.67 22.90
CA GLU B 270 7.46 -11.54 22.22
C GLU B 270 8.30 -11.97 21.01
N VAL B 271 7.76 -12.89 20.21
CA VAL B 271 8.44 -13.32 19.00
C VAL B 271 7.41 -13.85 18.00
N LEU B 272 7.50 -13.39 16.75
CA LEU B 272 6.72 -13.94 15.65
C LEU B 272 7.65 -14.62 14.67
N ALA B 273 7.63 -15.95 14.65
CA ALA B 273 8.41 -16.74 13.72
C ALA B 273 7.52 -17.26 12.60
N TYR B 274 7.99 -17.15 11.36
CA TYR B 274 7.34 -17.79 10.24
C TYR B 274 8.40 -18.45 9.36
N VAL B 275 8.03 -19.56 8.76
CA VAL B 275 8.95 -20.40 8.01
C VAL B 275 8.83 -20.07 6.53
N VAL B 276 9.93 -19.67 5.92
CA VAL B 276 10.00 -19.49 4.46
C VAL B 276 10.49 -20.79 3.85
N GLN B 277 9.79 -21.25 2.83
CA GLN B 277 10.10 -22.51 2.16
C GLN B 277 10.61 -22.18 0.76
N LEU B 278 11.94 -22.17 0.60
CA LEU B 278 12.66 -21.77 -0.60
C LEU B 278 12.99 -22.98 -1.46
N PRO B 279 12.97 -22.82 -2.77
CA PRO B 279 13.26 -23.95 -3.67
C PRO B 279 14.75 -24.25 -3.71
N LEU B 280 15.07 -25.55 -3.70
CA LEU B 280 16.44 -26.03 -3.81
C LEU B 280 16.59 -26.76 -5.14
N TYR B 281 17.28 -26.13 -6.08
CA TYR B 281 17.47 -26.69 -7.42
C TYR B 281 18.70 -27.57 -7.40
N GLY B 282 18.50 -28.82 -6.99
CA GLY B 282 19.59 -29.77 -6.86
C GLY B 282 20.30 -30.14 -8.16
N VAL B 283 19.79 -29.65 -9.29
CA VAL B 283 20.38 -29.94 -10.60
C VAL B 283 20.39 -28.65 -11.40
N ILE B 284 21.58 -28.26 -11.87
CA ILE B 284 21.77 -27.00 -12.57
C ILE B 284 22.47 -27.25 -13.90
N ASP B 285 22.11 -26.47 -14.92
CA ASP B 285 22.77 -26.47 -16.22
C ASP B 285 22.62 -27.81 -16.94
N THR B 286 21.38 -28.30 -17.01
CA THR B 286 21.11 -29.47 -17.82
C THR B 286 20.37 -29.09 -19.10
N PRO B 287 20.51 -29.89 -20.16
CA PRO B 287 19.74 -29.62 -21.39
C PRO B 287 18.23 -29.73 -21.15
N CYS B 288 17.49 -28.76 -21.71
CA CYS B 288 16.04 -28.70 -21.55
C CYS B 288 15.41 -28.25 -22.86
N TRP B 289 14.31 -28.90 -23.25
CA TRP B 289 13.65 -28.59 -24.50
C TRP B 289 12.14 -28.55 -24.31
N LYS B 290 11.49 -27.65 -25.04
CA LYS B 290 10.06 -27.45 -25.00
C LYS B 290 9.42 -27.99 -26.28
N LEU B 291 8.28 -28.66 -26.13
CA LEU B 291 7.55 -29.23 -27.26
C LEU B 291 6.20 -28.56 -27.38
N HIS B 292 5.94 -27.95 -28.55
CA HIS B 292 4.64 -27.40 -28.89
C HIS B 292 4.00 -28.26 -29.97
N THR B 293 2.69 -28.44 -29.87
CA THR B 293 1.94 -29.22 -30.85
C THR B 293 0.71 -28.44 -31.31
N SER B 294 0.36 -28.62 -32.58
CA SER B 294 -0.80 -28.00 -33.18
C SER B 294 -1.73 -29.06 -33.75
N PRO B 295 -3.03 -28.78 -33.83
CA PRO B 295 -3.95 -29.78 -34.37
C PRO B 295 -3.67 -30.08 -35.84
N LEU B 296 -3.19 -31.28 -36.11
CA LEU B 296 -2.99 -31.76 -37.48
C LEU B 296 -4.27 -32.44 -37.94
N CYS B 297 -5.07 -31.74 -38.73
CA CYS B 297 -6.28 -32.28 -39.31
C CYS B 297 -6.13 -32.38 -40.82
N THR B 298 -6.81 -33.35 -41.42
CA THR B 298 -6.80 -33.48 -42.87
C THR B 298 -7.75 -32.46 -43.50
N THR B 299 -7.57 -32.25 -44.81
CA THR B 299 -8.32 -31.27 -45.57
C THR B 299 -9.15 -31.97 -46.64
N ASN B 300 -9.80 -33.07 -46.25
CA ASN B 300 -10.74 -33.74 -47.13
C ASN B 300 -11.87 -32.78 -47.53
N THR B 301 -12.41 -33.00 -48.72
CA THR B 301 -13.39 -32.07 -49.29
C THR B 301 -14.70 -32.07 -48.50
N LYS B 302 -15.12 -33.23 -48.02
CA LYS B 302 -16.34 -33.35 -47.23
C LYS B 302 -16.13 -32.83 -45.82
N GLU B 303 -17.11 -32.06 -45.33
CA GLU B 303 -17.03 -31.45 -44.00
C GLU B 303 -16.88 -32.50 -42.90
N GLY B 304 -17.81 -33.46 -42.84
CA GLY B 304 -17.89 -34.40 -41.74
C GLY B 304 -16.95 -35.59 -41.79
N SER B 305 -16.14 -35.71 -42.82
CA SER B 305 -15.33 -36.91 -43.05
C SER B 305 -13.84 -36.71 -42.79
N ASN B 306 -13.43 -35.59 -42.21
CA ASN B 306 -12.01 -35.42 -41.94
C ASN B 306 -11.64 -35.99 -40.56
N ILE B 307 -10.34 -36.16 -40.35
CA ILE B 307 -9.79 -36.64 -39.09
C ILE B 307 -8.63 -35.75 -38.66
N CYS B 308 -8.48 -35.59 -37.34
CA CYS B 308 -7.50 -34.69 -36.77
C CYS B 308 -6.77 -35.36 -35.62
N LEU B 309 -5.46 -35.09 -35.52
CA LEU B 309 -4.59 -35.70 -34.52
C LEU B 309 -3.80 -34.59 -33.84
N THR B 310 -3.38 -34.85 -32.59
CA THR B 310 -2.59 -33.87 -31.85
C THR B 310 -1.80 -34.57 -30.75
N ARG B 311 -0.49 -34.41 -30.75
CA ARG B 311 0.36 -34.92 -29.67
C ARG B 311 -0.01 -34.25 -28.35
N THR B 312 -0.24 -35.06 -27.32
CA THR B 312 -0.73 -34.55 -26.04
C THR B 312 0.38 -34.17 -25.08
N ASP B 313 1.63 -34.57 -25.35
CA ASP B 313 2.71 -34.42 -24.38
C ASP B 313 3.42 -33.08 -24.51
N ARG B 314 2.70 -32.03 -24.92
CA ARG B 314 3.27 -30.69 -25.00
C ARG B 314 3.79 -30.24 -23.64
N GLY B 315 4.73 -29.30 -23.68
CA GLY B 315 5.33 -28.76 -22.48
C GLY B 315 6.84 -28.83 -22.46
N TRP B 316 7.42 -28.89 -21.27
CA TRP B 316 8.87 -28.83 -21.10
C TRP B 316 9.42 -30.19 -20.69
N TYR B 317 10.65 -30.46 -21.12
CA TYR B 317 11.39 -31.64 -20.71
C TYR B 317 12.78 -31.18 -20.27
N CYS B 318 13.08 -31.32 -18.99
CA CYS B 318 14.37 -30.94 -18.43
C CYS B 318 15.09 -32.20 -17.97
N ASP B 319 16.33 -32.39 -18.44
CA ASP B 319 17.12 -33.60 -18.12
C ASP B 319 17.72 -33.64 -16.74
N ASN B 320 17.33 -34.64 -15.95
CA ASN B 320 17.84 -34.84 -14.60
C ASN B 320 18.24 -36.30 -14.47
N ALA B 321 19.52 -36.58 -14.18
CA ALA B 321 19.98 -37.95 -13.97
C ALA B 321 19.60 -38.93 -15.09
N GLY B 322 19.09 -40.09 -14.69
CA GLY B 322 18.65 -41.14 -15.61
C GLY B 322 17.47 -40.89 -16.54
N SER B 323 16.41 -40.26 -16.03
CA SER B 323 15.22 -39.96 -16.84
C SER B 323 14.81 -38.49 -16.74
N VAL B 324 14.55 -37.87 -17.89
CA VAL B 324 14.18 -36.47 -17.95
C VAL B 324 12.86 -36.06 -17.28
N SER B 325 12.87 -34.94 -16.56
CA SER B 325 11.67 -34.43 -16.00
C SER B 325 10.63 -33.98 -17.15
N PHE B 326 9.31 -34.22 -16.97
CA PHE B 326 8.32 -33.67 -17.90
C PHE B 326 7.32 -32.80 -17.16
N PHE B 327 7.01 -31.64 -17.73
CA PHE B 327 5.99 -30.73 -17.19
C PHE B 327 4.95 -30.45 -18.26
N PRO B 328 3.75 -31.03 -18.15
CA PRO B 328 2.70 -30.72 -19.13
C PRO B 328 1.98 -29.42 -18.81
N GLN B 329 1.92 -29.06 -17.53
CA GLN B 329 1.31 -27.81 -17.09
C GLN B 329 2.33 -26.70 -17.25
N ALA B 330 2.17 -25.88 -18.30
CA ALA B 330 3.14 -24.84 -18.59
C ALA B 330 3.24 -23.80 -17.48
N GLU B 331 2.20 -23.68 -16.64
CA GLU B 331 2.26 -22.75 -15.52
C GLU B 331 3.32 -23.14 -14.51
N THR B 332 3.73 -24.41 -14.48
CA THR B 332 4.74 -24.83 -13.51
C THR B 332 6.16 -24.49 -13.96
N CYS B 333 6.36 -24.18 -15.23
CA CYS B 333 7.67 -23.80 -15.75
C CYS B 333 7.70 -22.31 -16.03
N LYS B 334 8.86 -21.69 -15.79
CA LYS B 334 9.07 -20.27 -16.06
C LYS B 334 10.33 -20.13 -16.92
N VAL B 335 10.19 -19.51 -18.08
CA VAL B 335 11.31 -19.26 -18.97
C VAL B 335 11.77 -17.83 -18.76
N GLN B 336 13.02 -17.66 -18.34
CA GLN B 336 13.58 -16.35 -18.03
C GLN B 336 14.99 -16.29 -18.60
N SER B 337 15.15 -15.57 -19.70
CA SER B 337 16.44 -15.40 -20.38
C SER B 337 17.14 -16.74 -20.58
N ASN B 338 16.47 -17.61 -21.34
CA ASN B 338 16.92 -18.94 -21.71
C ASN B 338 17.04 -19.89 -20.53
N ARG B 339 16.73 -19.45 -19.32
CA ARG B 339 16.80 -20.29 -18.13
C ARG B 339 15.40 -20.80 -17.79
N VAL B 340 15.24 -22.11 -17.79
CA VAL B 340 13.95 -22.75 -17.50
C VAL B 340 13.95 -23.18 -16.04
N PHE B 341 13.14 -22.50 -15.23
CA PHE B 341 12.96 -22.84 -13.83
C PHE B 341 11.63 -23.58 -13.70
N CYS B 342 11.70 -24.83 -13.21
CA CYS B 342 10.50 -25.65 -13.09
C CYS B 342 10.54 -26.43 -11.79
N ASP B 343 9.40 -27.03 -11.46
CA ASP B 343 9.19 -27.67 -10.16
C ASP B 343 8.91 -29.15 -10.38
N THR B 344 9.78 -30.00 -9.84
CA THR B 344 9.67 -31.44 -10.02
C THR B 344 8.54 -32.06 -9.22
N MET B 345 7.95 -31.33 -8.26
CA MET B 345 6.82 -31.87 -7.51
C MET B 345 5.57 -31.97 -8.38
N ASN B 346 5.38 -31.00 -9.27
CA ASN B 346 4.32 -31.04 -10.27
C ASN B 346 4.81 -31.57 -11.61
N SER B 347 5.71 -32.56 -11.58
CA SER B 347 6.31 -33.11 -12.79
C SER B 347 6.17 -34.62 -12.78
N LEU B 348 6.72 -35.25 -13.81
CA LEU B 348 6.76 -36.70 -13.92
C LEU B 348 8.17 -37.16 -14.27
N THR B 349 8.51 -38.37 -13.83
CA THR B 349 9.82 -38.97 -14.08
C THR B 349 9.68 -40.02 -15.18
N LEU B 350 10.38 -39.81 -16.29
CA LEU B 350 10.30 -40.69 -17.44
C LEU B 350 11.70 -41.01 -17.95
N PRO B 351 11.85 -42.07 -18.74
CA PRO B 351 13.16 -42.38 -19.32
C PRO B 351 13.61 -41.32 -20.32
N SER B 352 14.90 -41.40 -20.67
CA SER B 352 15.47 -40.45 -21.63
C SER B 352 14.86 -40.59 -23.02
N GLU B 353 14.28 -41.75 -23.34
CA GLU B 353 13.73 -42.00 -24.66
C GLU B 353 12.60 -41.03 -25.04
N VAL B 354 12.07 -40.26 -24.09
CA VAL B 354 11.06 -39.25 -24.42
C VAL B 354 11.59 -38.21 -25.41
N ASN B 355 12.90 -37.99 -25.45
CA ASN B 355 13.46 -37.08 -26.44
C ASN B 355 13.24 -37.59 -27.85
N LEU B 356 13.42 -38.89 -28.07
CA LEU B 356 13.14 -39.52 -29.36
C LEU B 356 11.69 -39.40 -29.78
N CYS B 357 10.76 -39.07 -28.87
CA CYS B 357 9.37 -38.84 -29.26
C CYS B 357 9.25 -37.72 -30.29
N ASN B 358 10.32 -36.96 -30.49
CA ASN B 358 10.39 -35.91 -31.48
C ASN B 358 11.00 -36.37 -32.80
N VAL B 359 11.73 -37.48 -32.80
CA VAL B 359 12.52 -37.93 -33.93
C VAL B 359 11.89 -39.12 -34.64
N ASP B 360 11.49 -40.16 -33.90
CA ASP B 360 10.76 -41.29 -34.47
C ASP B 360 9.38 -41.39 -33.84
N ILE B 361 8.35 -41.16 -34.67
CA ILE B 361 6.97 -41.27 -34.18
C ILE B 361 6.47 -42.71 -34.16
N PHE B 362 7.03 -43.60 -34.98
CA PHE B 362 6.64 -45.00 -35.01
C PHE B 362 7.68 -45.91 -34.37
N ASN B 363 8.51 -45.36 -33.49
CA ASN B 363 9.58 -46.13 -32.86
C ASN B 363 9.02 -47.21 -31.94
N PRO B 364 9.70 -48.36 -31.85
CA PRO B 364 9.23 -49.44 -30.98
C PRO B 364 9.70 -49.36 -29.54
N LYS B 365 10.53 -48.37 -29.19
CA LYS B 365 11.08 -48.25 -27.84
C LYS B 365 10.38 -47.19 -26.99
N TYR B 366 9.57 -46.32 -27.60
CA TYR B 366 8.74 -45.38 -26.86
C TYR B 366 7.41 -45.21 -27.57
N ASP B 367 6.33 -45.18 -26.78
CA ASP B 367 4.99 -45.01 -27.31
C ASP B 367 4.56 -43.58 -26.99
N CYS B 368 4.50 -42.74 -28.02
CA CYS B 368 4.14 -41.34 -27.84
C CYS B 368 2.64 -41.21 -27.55
N LYS B 369 2.29 -40.20 -26.77
CA LYS B 369 0.90 -39.97 -26.39
C LYS B 369 0.30 -38.86 -27.23
N ILE B 370 -0.94 -39.06 -27.69
CA ILE B 370 -1.64 -38.15 -28.56
C ILE B 370 -3.12 -38.11 -28.15
N MET B 371 -3.85 -37.15 -28.71
CA MET B 371 -5.30 -37.15 -28.69
C MET B 371 -5.83 -37.06 -30.12
N THR B 372 -7.05 -37.53 -30.30
CA THR B 372 -7.69 -37.55 -31.61
C THR B 372 -9.08 -36.97 -31.52
N SER B 373 -9.53 -36.35 -32.61
CA SER B 373 -10.84 -35.74 -32.69
C SER B 373 -11.21 -35.59 -34.15
N LYS B 374 -12.43 -35.10 -34.39
CA LYS B 374 -12.93 -34.88 -35.75
C LYS B 374 -13.43 -33.45 -35.96
N THR B 375 -13.35 -32.59 -34.96
CA THR B 375 -13.81 -31.21 -35.07
C THR B 375 -12.72 -30.36 -35.72
N ASP B 376 -12.98 -29.90 -36.94
CA ASP B 376 -11.97 -29.18 -37.72
C ASP B 376 -12.09 -27.68 -37.45
N VAL B 377 -11.35 -27.22 -36.44
CA VAL B 377 -11.22 -25.80 -36.15
C VAL B 377 -9.78 -25.39 -36.45
N SER B 378 -9.63 -24.33 -37.25
CA SER B 378 -8.32 -23.84 -37.61
C SER B 378 -7.76 -22.91 -36.53
N SER B 379 -6.49 -23.10 -36.20
CA SER B 379 -5.89 -22.39 -35.08
C SER B 379 -4.37 -22.45 -35.23
N SER B 380 -3.69 -21.66 -34.40
CA SER B 380 -2.24 -21.54 -34.47
C SER B 380 -1.66 -21.58 -33.06
N VAL B 381 -0.42 -22.06 -32.97
CA VAL B 381 0.36 -22.00 -31.74
C VAL B 381 1.63 -21.20 -32.03
N ILE B 382 1.93 -20.23 -31.17
CA ILE B 382 3.09 -19.37 -31.33
C ILE B 382 4.26 -20.02 -30.59
N THR B 383 5.23 -20.53 -31.36
CA THR B 383 6.40 -21.18 -30.77
C THR B 383 7.40 -20.11 -30.32
N SER B 384 8.58 -20.55 -29.91
CA SER B 384 9.60 -19.61 -29.43
C SER B 384 10.27 -18.89 -30.59
N LEU B 385 10.52 -19.59 -31.70
CA LEU B 385 11.22 -19.02 -32.85
C LEU B 385 10.34 -19.01 -34.11
N GLY B 386 9.03 -19.03 -33.95
CA GLY B 386 8.14 -18.98 -35.10
C GLY B 386 6.69 -19.15 -34.69
N ALA B 387 5.91 -19.66 -35.64
CA ALA B 387 4.49 -19.87 -35.41
C ALA B 387 4.01 -20.98 -36.33
N ILE B 388 3.33 -21.97 -35.75
CA ILE B 388 2.74 -23.07 -36.51
C ILE B 388 1.28 -22.72 -36.75
N VAL B 389 0.87 -22.73 -38.01
CA VAL B 389 -0.48 -22.35 -38.41
C VAL B 389 -1.11 -23.54 -39.12
N SER B 390 -2.20 -24.05 -38.57
CA SER B 390 -2.97 -25.12 -39.18
C SER B 390 -4.20 -24.48 -39.80
N CYS B 391 -4.20 -24.38 -41.12
CA CYS B 391 -5.25 -23.69 -41.89
C CYS B 391 -6.04 -24.74 -42.65
N TYR B 392 -7.31 -24.91 -42.29
CA TYR B 392 -8.18 -25.89 -42.95
C TYR B 392 -9.51 -25.26 -43.27
N GLY B 393 -10.15 -25.78 -44.32
CA GLY B 393 -11.46 -25.30 -44.71
C GLY B 393 -11.39 -23.99 -45.46
N LYS B 394 -12.35 -23.10 -45.20
CA LYS B 394 -12.41 -21.80 -45.85
C LYS B 394 -11.86 -20.68 -44.98
N THR B 395 -11.27 -21.02 -43.84
CA THR B 395 -10.68 -20.00 -42.98
C THR B 395 -9.49 -19.36 -43.68
N LYS B 396 -9.47 -18.03 -43.69
CA LYS B 396 -8.39 -17.29 -44.34
C LYS B 396 -7.23 -17.11 -43.37
N CYS B 397 -6.04 -17.50 -43.82
CA CYS B 397 -4.84 -17.49 -42.99
C CYS B 397 -3.72 -16.77 -43.74
N THR B 398 -3.09 -15.81 -43.09
CA THR B 398 -2.04 -15.01 -43.71
C THR B 398 -0.96 -14.70 -42.69
N ALA B 399 0.25 -14.47 -43.20
CA ALA B 399 1.37 -14.00 -42.40
C ALA B 399 1.84 -12.67 -42.99
N SER B 400 1.97 -11.65 -42.13
CA SER B 400 2.21 -10.30 -42.60
C SER B 400 3.19 -9.60 -41.66
N ASN B 401 3.99 -8.71 -42.23
CA ASN B 401 4.76 -7.75 -41.47
C ASN B 401 4.16 -6.37 -41.72
N LYS B 402 4.39 -5.46 -40.77
CA LYS B 402 3.66 -4.19 -40.81
C LYS B 402 4.10 -3.28 -41.95
N ASN B 403 5.32 -3.44 -42.44
CA ASN B 403 5.86 -2.56 -43.47
C ASN B 403 5.72 -3.09 -44.89
N ARG B 404 5.05 -4.24 -45.08
CA ARG B 404 4.71 -4.67 -46.44
C ARG B 404 3.33 -5.29 -46.56
N GLY B 405 2.54 -5.36 -45.49
CA GLY B 405 1.27 -6.06 -45.53
C GLY B 405 1.44 -7.56 -45.62
N ILE B 406 0.45 -8.21 -46.25
CA ILE B 406 0.48 -9.67 -46.35
C ILE B 406 1.63 -10.11 -47.26
N ILE B 407 2.55 -10.90 -46.70
CA ILE B 407 3.71 -11.45 -47.39
C ILE B 407 3.51 -12.92 -47.75
N LYS B 408 2.70 -13.65 -46.99
CA LYS B 408 2.45 -15.05 -47.29
C LYS B 408 0.99 -15.38 -47.01
N THR B 409 0.40 -16.20 -47.88
CA THR B 409 -0.95 -16.72 -47.71
C THR B 409 -0.85 -18.21 -47.38
N PHE B 410 -1.24 -18.60 -46.17
CA PHE B 410 -1.15 -20.00 -45.77
C PHE B 410 -2.19 -20.82 -46.52
N SER B 411 -1.72 -21.81 -47.27
CA SER B 411 -2.62 -22.75 -47.94
C SER B 411 -3.15 -23.77 -46.93
N ASN B 412 -3.79 -24.83 -47.44
CA ASN B 412 -4.36 -25.84 -46.57
C ASN B 412 -3.27 -26.73 -45.99
N GLY B 413 -3.40 -27.04 -44.71
CA GLY B 413 -2.49 -27.93 -44.00
C GLY B 413 -1.90 -27.25 -42.78
N CYS B 414 -0.96 -27.95 -42.16
CA CYS B 414 -0.20 -27.41 -41.04
C CYS B 414 1.14 -26.90 -41.57
N ASP B 415 1.36 -25.60 -41.46
CA ASP B 415 2.58 -24.98 -41.94
C ASP B 415 3.24 -24.21 -40.81
N TYR B 416 4.45 -23.73 -41.09
CA TYR B 416 5.26 -23.04 -40.09
C TYR B 416 5.88 -21.81 -40.73
N VAL B 417 5.87 -20.71 -39.99
CA VAL B 417 6.40 -19.43 -40.46
C VAL B 417 7.48 -18.99 -39.48
N SER B 418 8.53 -18.39 -40.00
CA SER B 418 9.68 -18.03 -39.18
C SER B 418 9.34 -16.82 -38.31
N ASN B 419 10.34 -16.31 -37.59
CA ASN B 419 10.15 -15.18 -36.69
C ASN B 419 10.89 -13.93 -37.13
N LYS B 420 11.78 -14.02 -38.12
CA LYS B 420 12.58 -12.88 -38.50
C LYS B 420 11.84 -11.96 -39.46
N GLY B 421 11.18 -12.54 -40.46
CA GLY B 421 10.56 -11.77 -41.54
C GLY B 421 9.14 -11.33 -41.28
N VAL B 422 8.46 -11.93 -40.31
CA VAL B 422 7.03 -11.68 -40.09
C VAL B 422 6.82 -11.26 -38.65
N ASP B 423 5.89 -10.33 -38.44
CA ASP B 423 5.56 -9.82 -37.11
C ASP B 423 4.21 -10.30 -36.62
N THR B 424 3.27 -10.56 -37.51
CA THR B 424 1.90 -10.86 -37.14
C THR B 424 1.37 -11.98 -38.02
N VAL B 425 0.47 -12.80 -37.48
CA VAL B 425 -0.20 -13.85 -38.22
C VAL B 425 -1.70 -13.73 -37.94
N SER B 426 -2.52 -14.09 -38.93
CA SER B 426 -3.96 -13.94 -38.83
C SER B 426 -4.64 -15.16 -39.43
N VAL B 427 -5.46 -15.83 -38.63
CA VAL B 427 -6.20 -17.02 -39.06
C VAL B 427 -7.68 -16.72 -38.88
N GLY B 428 -8.45 -16.91 -39.95
CA GLY B 428 -9.84 -16.50 -39.94
C GLY B 428 -9.97 -15.01 -39.69
N ASN B 429 -10.50 -14.63 -38.53
CA ASN B 429 -10.50 -13.23 -38.10
C ASN B 429 -9.88 -13.06 -36.73
N THR B 430 -9.09 -14.03 -36.27
CA THR B 430 -8.37 -13.92 -35.01
C THR B 430 -6.89 -13.66 -35.29
N LEU B 431 -6.29 -12.80 -34.49
CA LEU B 431 -4.94 -12.29 -34.73
C LEU B 431 -3.98 -12.76 -33.65
N TYR B 432 -2.86 -13.33 -34.06
CA TYR B 432 -1.76 -13.69 -33.17
C TYR B 432 -0.52 -12.94 -33.61
N TYR B 433 0.42 -12.77 -32.68
CA TYR B 433 1.71 -12.17 -32.99
C TYR B 433 2.83 -13.18 -32.77
N VAL B 434 3.79 -13.20 -33.69
CA VAL B 434 4.88 -14.16 -33.65
C VAL B 434 5.95 -13.66 -32.70
N ASN B 435 6.49 -14.56 -31.89
CA ASN B 435 7.55 -14.20 -30.95
C ASN B 435 8.80 -13.79 -31.72
N LYS B 436 9.37 -12.64 -31.34
CA LYS B 436 10.52 -12.07 -32.04
C LYS B 436 11.85 -12.45 -31.39
N GLN B 437 11.92 -13.62 -30.76
CA GLN B 437 13.14 -14.04 -30.11
C GLN B 437 14.25 -14.27 -31.12
N GLU B 438 15.46 -13.86 -30.75
CA GLU B 438 16.63 -14.04 -31.60
C GLU B 438 17.14 -15.48 -31.52
N GLY B 439 17.27 -16.12 -32.67
CA GLY B 439 17.72 -17.49 -32.72
C GLY B 439 17.46 -18.09 -34.08
N LYS B 440 18.02 -19.28 -34.28
CA LYS B 440 17.94 -19.97 -35.56
C LYS B 440 16.84 -21.04 -35.53
N SER B 441 16.05 -21.10 -36.60
CA SER B 441 14.95 -22.03 -36.73
C SER B 441 15.19 -22.91 -37.97
N LEU B 442 15.02 -24.21 -37.80
CA LEU B 442 15.22 -25.18 -38.88
C LEU B 442 13.88 -25.78 -39.27
N TYR B 443 13.51 -25.61 -40.53
CA TYR B 443 12.26 -26.13 -41.09
C TYR B 443 12.50 -27.56 -41.59
N VAL B 444 12.58 -28.49 -40.63
CA VAL B 444 12.87 -29.88 -40.94
C VAL B 444 11.67 -30.48 -41.67
N LYS B 445 11.81 -30.72 -42.96
CA LYS B 445 10.71 -31.13 -43.80
C LYS B 445 10.22 -32.52 -43.40
N GLY B 446 8.97 -32.82 -43.75
CA GLY B 446 8.42 -34.13 -43.50
C GLY B 446 7.00 -34.25 -44.00
N GLU B 447 6.57 -35.49 -44.18
CA GLU B 447 5.17 -35.78 -44.51
C GLU B 447 4.34 -35.86 -43.24
N PRO B 448 3.28 -35.06 -43.09
CA PRO B 448 2.43 -35.20 -41.91
C PRO B 448 1.85 -36.60 -41.78
N ILE B 449 1.83 -37.11 -40.56
CA ILE B 449 1.46 -38.50 -40.31
C ILE B 449 -0.03 -38.76 -40.44
N ILE B 450 -0.85 -37.72 -40.53
CA ILE B 450 -2.30 -37.90 -40.58
C ILE B 450 -2.70 -38.73 -41.80
N ASN B 451 -1.93 -38.65 -42.88
CA ASN B 451 -2.23 -39.40 -44.09
C ASN B 451 -1.99 -40.90 -43.92
N PHE B 452 -1.43 -41.33 -42.79
CA PHE B 452 -1.17 -42.74 -42.53
C PHE B 452 -2.33 -43.45 -41.86
N TYR B 453 -3.38 -42.73 -41.51
CA TYR B 453 -4.57 -43.30 -40.88
C TYR B 453 -5.75 -43.25 -41.86
N ASP B 454 -6.59 -44.26 -41.77
CA ASP B 454 -7.82 -44.29 -42.57
C ASP B 454 -8.93 -43.56 -41.81
N PRO B 455 -9.55 -42.54 -42.39
CA PRO B 455 -10.63 -41.83 -41.67
C PRO B 455 -11.82 -42.70 -41.31
N LEU B 456 -12.01 -43.84 -41.99
CA LEU B 456 -13.08 -44.75 -41.62
C LEU B 456 -12.79 -45.51 -40.33
N VAL B 457 -11.53 -45.54 -39.89
CA VAL B 457 -11.13 -46.31 -38.72
C VAL B 457 -10.60 -45.44 -37.58
N PHE B 458 -10.51 -44.13 -37.79
CA PHE B 458 -9.92 -43.24 -36.80
C PHE B 458 -10.82 -43.11 -35.58
N PRO B 459 -10.36 -43.48 -34.38
CA PRO B 459 -11.13 -43.24 -33.15
C PRO B 459 -10.93 -41.81 -32.66
N SER B 460 -12.01 -41.05 -32.59
CA SER B 460 -11.99 -39.63 -32.23
C SER B 460 -12.58 -39.36 -30.86
N ASP B 461 -12.37 -40.28 -29.91
CA ASP B 461 -12.91 -40.16 -28.56
C ASP B 461 -11.83 -40.34 -27.50
N GLU B 462 -10.58 -39.98 -27.83
CA GLU B 462 -9.45 -40.15 -26.92
C GLU B 462 -8.95 -38.80 -26.44
N PHE B 463 -8.71 -38.70 -25.13
CA PHE B 463 -8.09 -37.54 -24.50
C PHE B 463 -6.63 -37.76 -24.17
N ASP B 464 -6.26 -38.95 -23.73
CA ASP B 464 -4.87 -39.38 -23.58
C ASP B 464 -4.75 -40.76 -24.23
N ALA B 465 -4.17 -40.81 -25.42
CA ALA B 465 -3.97 -42.07 -26.12
C ALA B 465 -2.48 -42.36 -26.26
N SER B 466 -2.16 -43.41 -27.01
CA SER B 466 -0.77 -43.76 -27.30
C SER B 466 -0.70 -44.37 -28.69
N ILE B 467 0.49 -44.27 -29.30
CA ILE B 467 0.64 -44.71 -30.69
C ILE B 467 0.35 -46.19 -30.83
N SER B 468 0.87 -47.02 -29.91
CA SER B 468 0.67 -48.46 -30.05
C SER B 468 -0.77 -48.85 -29.72
N GLN B 469 -1.37 -48.20 -28.71
CA GLN B 469 -2.74 -48.56 -28.37
C GLN B 469 -3.72 -48.01 -29.41
N VAL B 470 -3.41 -46.86 -30.02
CA VAL B 470 -4.21 -46.41 -31.15
C VAL B 470 -4.06 -47.38 -32.31
N ASN B 471 -2.84 -47.88 -32.52
CA ASN B 471 -2.62 -48.89 -33.55
C ASN B 471 -3.38 -50.17 -33.22
N GLU B 472 -3.46 -50.52 -31.94
CA GLU B 472 -4.23 -51.69 -31.54
C GLU B 472 -5.72 -51.43 -31.73
N LYS B 473 -6.16 -50.18 -31.51
CA LYS B 473 -7.54 -49.81 -31.81
C LYS B 473 -7.83 -49.94 -33.30
N ILE B 474 -6.92 -49.44 -34.15
CA ILE B 474 -7.08 -49.63 -35.58
C ILE B 474 -7.15 -51.11 -35.93
N ASN B 475 -6.31 -51.93 -35.28
CA ASN B 475 -6.27 -53.35 -35.59
C ASN B 475 -7.59 -54.04 -35.21
N GLN B 476 -8.12 -53.77 -34.02
CA GLN B 476 -9.38 -54.41 -33.63
C GLN B 476 -10.53 -53.91 -34.49
N SER B 477 -10.57 -52.60 -34.78
CA SER B 477 -11.65 -52.08 -35.63
C SER B 477 -11.55 -52.66 -37.03
N LEU B 478 -10.33 -52.74 -37.57
CA LEU B 478 -10.12 -53.34 -38.88
C LEU B 478 -10.50 -54.82 -38.85
N ALA B 479 -10.15 -55.52 -37.77
CA ALA B 479 -10.50 -56.93 -37.63
C ALA B 479 -12.00 -57.17 -37.60
N PHE B 480 -12.76 -56.33 -36.88
CA PHE B 480 -14.20 -56.51 -36.84
C PHE B 480 -14.85 -56.32 -38.21
N ILE B 481 -14.48 -55.26 -38.93
CA ILE B 481 -15.11 -55.05 -40.23
C ILE B 481 -14.61 -56.10 -41.21
N ARG B 482 -13.46 -56.71 -40.92
CA ARG B 482 -12.91 -57.84 -41.66
C ARG B 482 -13.63 -59.15 -41.36
N LYS B 483 -13.92 -59.43 -40.08
CA LYS B 483 -14.43 -60.76 -39.72
C LYS B 483 -15.91 -60.91 -39.99
N SER B 484 -16.65 -59.81 -39.99
CA SER B 484 -18.11 -59.84 -40.12
C SER B 484 -18.60 -60.64 -41.32
N ASP B 485 -17.78 -60.77 -42.38
CA ASP B 485 -18.23 -61.51 -43.55
C ASP B 485 -18.09 -63.03 -43.42
N GLU B 486 -16.92 -63.55 -43.06
CA GLU B 486 -16.79 -65.01 -43.14
C GLU B 486 -17.45 -65.75 -41.99
N LEU B 487 -17.87 -65.05 -40.93
CA LEU B 487 -18.78 -65.66 -39.96
C LEU B 487 -20.03 -66.24 -40.61
N LEU B 488 -20.54 -65.59 -41.65
CA LEU B 488 -21.66 -66.19 -42.38
C LEU B 488 -21.28 -66.58 -43.80
N GLN C 1 -7.07 -32.37 19.72
CA GLN C 1 -8.13 -32.76 18.80
C GLN C 1 -7.94 -34.18 18.30
N ASN C 2 -8.93 -35.03 18.56
CA ASN C 2 -8.79 -36.48 18.38
C ASN C 2 -9.09 -36.83 16.93
N ILE C 3 -8.18 -36.40 16.06
CA ILE C 3 -8.29 -36.63 14.62
C ILE C 3 -7.79 -38.04 14.28
N THR C 4 -8.45 -38.69 13.33
CA THR C 4 -8.18 -40.08 13.01
C THR C 4 -8.10 -40.28 11.49
N GLU C 5 -7.31 -41.28 11.09
CA GLU C 5 -7.10 -41.61 9.70
C GLU C 5 -7.16 -43.12 9.52
N GLU C 6 -7.67 -43.57 8.38
CA GLU C 6 -7.69 -44.98 8.03
C GLU C 6 -7.12 -45.14 6.64
N PHE C 7 -6.18 -46.08 6.48
CA PHE C 7 -5.67 -46.44 5.16
C PHE C 7 -6.14 -47.84 4.81
N TYR C 8 -6.78 -47.97 3.66
CA TYR C 8 -7.22 -49.26 3.13
C TYR C 8 -6.34 -49.65 1.96
N GLN C 9 -5.77 -50.86 2.02
CA GLN C 9 -4.97 -51.37 0.92
C GLN C 9 -5.82 -51.86 -0.24
N SER C 10 -7.12 -52.10 -0.02
CA SER C 10 -7.96 -52.66 -1.08
C SER C 10 -8.10 -51.67 -2.24
N THR C 11 -8.15 -50.37 -1.95
CA THR C 11 -8.19 -49.35 -2.98
C THR C 11 -7.00 -48.40 -2.90
N CYS C 12 -6.02 -48.71 -2.04
CA CYS C 12 -4.89 -47.82 -1.76
C CYS C 12 -5.35 -46.39 -1.49
N SER C 13 -6.40 -46.28 -0.68
CA SER C 13 -7.02 -44.99 -0.37
C SER C 13 -6.91 -44.71 1.13
N ALA C 14 -7.27 -43.49 1.51
CA ALA C 14 -7.15 -43.06 2.90
C ALA C 14 -8.28 -42.12 3.25
N VAL C 15 -8.97 -42.41 4.36
CA VAL C 15 -10.04 -41.56 4.87
C VAL C 15 -9.60 -40.95 6.19
N SER C 16 -9.71 -39.63 6.28
CA SER C 16 -9.41 -38.89 7.51
C SER C 16 -10.72 -38.41 8.13
N LYS C 17 -11.00 -38.87 9.34
CA LYS C 17 -12.25 -38.54 10.03
C LYS C 17 -11.97 -37.86 11.36
N GLY C 18 -12.95 -37.10 11.82
CA GLY C 18 -12.84 -36.44 13.10
C GLY C 18 -12.81 -34.93 13.03
N TYR C 19 -13.47 -34.37 12.03
CA TYR C 19 -13.45 -32.93 11.77
C TYR C 19 -14.78 -32.30 12.17
N LEU C 20 -14.78 -30.97 12.24
CA LEU C 20 -15.97 -30.19 12.55
C LEU C 20 -16.36 -29.36 11.34
N SER C 21 -17.61 -29.48 10.93
CA SER C 21 -18.05 -28.98 9.63
C SER C 21 -18.54 -27.54 9.73
N ALA C 22 -18.49 -26.85 8.59
CA ALA C 22 -19.06 -25.51 8.44
C ALA C 22 -19.53 -25.39 6.99
N LEU C 23 -20.82 -25.65 6.79
CA LEU C 23 -21.39 -25.83 5.45
C LEU C 23 -22.22 -24.61 5.06
N ARG C 24 -21.72 -23.84 4.10
CA ARG C 24 -22.39 -22.63 3.65
C ARG C 24 -23.67 -23.01 2.91
N THR C 25 -24.81 -22.86 3.59
CA THR C 25 -26.10 -23.11 2.97
C THR C 25 -26.84 -21.84 2.58
N GLY C 26 -26.45 -20.68 3.13
CA GLY C 26 -27.14 -19.44 2.81
C GLY C 26 -26.16 -18.29 2.62
N TRP C 27 -26.72 -17.16 2.21
CA TRP C 27 -25.98 -15.91 2.03
C TRP C 27 -26.66 -14.83 2.85
N TYR C 28 -25.87 -14.08 3.61
CA TYR C 28 -26.37 -12.92 4.35
C TYR C 28 -25.84 -11.66 3.69
N THR C 29 -26.77 -10.80 3.27
CA THR C 29 -26.44 -9.57 2.55
C THR C 29 -26.59 -8.38 3.49
N SER C 30 -25.49 -7.67 3.72
CA SER C 30 -25.47 -6.49 4.57
C SER C 30 -25.04 -5.30 3.73
N VAL C 31 -25.75 -4.18 3.91
CA VAL C 31 -25.50 -2.97 3.13
C VAL C 31 -24.48 -2.14 3.90
N ILE C 32 -23.22 -2.22 3.49
CA ILE C 32 -22.17 -1.40 4.08
C ILE C 32 -22.19 -0.03 3.42
N THR C 33 -22.08 1.01 4.23
CA THR C 33 -22.26 2.38 3.78
C THR C 33 -21.02 3.22 4.09
N ILE C 34 -20.59 4.00 3.11
CA ILE C 34 -19.53 4.99 3.28
C ILE C 34 -20.12 6.31 2.79
N GLU C 35 -20.46 7.20 3.73
CA GLU C 35 -21.06 8.49 3.37
C GLU C 35 -19.97 9.43 2.87
N LEU C 36 -20.04 9.79 1.60
CA LEU C 36 -19.07 10.68 0.97
C LEU C 36 -19.65 12.09 0.87
N SER C 37 -18.84 13.01 0.38
CA SER C 37 -19.28 14.37 0.09
C SER C 37 -18.74 14.77 -1.27
N ASN C 38 -19.64 15.00 -2.22
CA ASN C 38 -19.25 15.30 -3.60
C ASN C 38 -18.78 16.75 -3.67
N ILE C 39 -17.46 16.93 -3.57
CA ILE C 39 -16.85 18.25 -3.74
C ILE C 39 -16.95 18.64 -5.21
N LYS C 40 -17.55 19.80 -5.48
CA LYS C 40 -17.78 20.22 -6.86
C LYS C 40 -16.56 20.86 -7.50
N GLU C 41 -15.72 21.57 -6.73
CA GLU C 41 -14.54 22.18 -7.32
C GLU C 41 -13.46 22.36 -6.27
N ILE C 42 -12.21 22.14 -6.69
CA ILE C 42 -11.03 22.41 -5.87
C ILE C 42 -10.29 23.56 -6.54
N LYS C 43 -10.68 24.78 -6.19
CA LYS C 43 -10.20 25.98 -6.87
C LYS C 43 -8.96 26.59 -6.23
N CYS C 44 -8.24 25.83 -5.41
CA CYS C 44 -6.99 26.33 -4.84
C CYS C 44 -5.95 26.55 -5.92
N ASN C 45 -5.18 27.63 -5.77
CA ASN C 45 -4.16 28.01 -6.75
C ASN C 45 -2.78 28.19 -6.14
N GLY C 46 -2.61 27.97 -4.85
CA GLY C 46 -1.31 28.16 -4.22
C GLY C 46 -0.35 27.06 -4.61
N THR C 47 0.91 27.43 -4.78
CA THR C 47 1.96 26.49 -5.15
C THR C 47 2.82 26.09 -3.94
N ASP C 48 2.32 26.34 -2.73
CA ASP C 48 3.05 25.95 -1.53
C ASP C 48 3.08 24.43 -1.40
N ALA C 49 4.05 23.94 -0.61
CA ALA C 49 4.20 22.51 -0.41
C ALA C 49 2.97 21.91 0.26
N LYS C 50 2.50 22.51 1.36
CA LYS C 50 1.30 22.02 2.01
C LYS C 50 0.08 22.19 1.11
N VAL C 51 0.00 23.32 0.40
CA VAL C 51 -1.09 23.50 -0.55
C VAL C 51 -0.99 22.47 -1.67
N LYS C 52 0.25 22.19 -2.13
CA LYS C 52 0.45 21.15 -3.13
C LYS C 52 -0.04 19.81 -2.63
N LEU C 53 0.28 19.47 -1.38
CA LEU C 53 -0.14 18.19 -0.82
C LEU C 53 -1.66 18.12 -0.67
N ILE C 54 -2.26 19.16 -0.09
CA ILE C 54 -3.70 19.13 0.17
C ILE C 54 -4.50 19.13 -1.13
N LYS C 55 -4.01 19.81 -2.16
CA LYS C 55 -4.69 19.78 -3.45
C LYS C 55 -4.55 18.41 -4.08
N GLN C 56 -3.40 17.77 -3.87
CA GLN C 56 -3.18 16.40 -4.32
C GLN C 56 -4.17 15.45 -3.66
N GLU C 57 -4.41 15.61 -2.36
CA GLU C 57 -5.32 14.71 -1.67
C GLU C 57 -6.76 14.97 -2.10
N LEU C 58 -7.13 16.24 -2.25
CA LEU C 58 -8.46 16.58 -2.74
C LEU C 58 -8.66 16.10 -4.18
N ASP C 59 -7.60 16.14 -4.99
CA ASP C 59 -7.71 15.67 -6.37
C ASP C 59 -7.87 14.15 -6.41
N LYS C 60 -7.17 13.42 -5.54
CA LYS C 60 -7.37 11.98 -5.47
C LYS C 60 -8.77 11.64 -5.00
N TYR C 61 -9.29 12.40 -4.03
CA TYR C 61 -10.66 12.19 -3.58
C TYR C 61 -11.65 12.43 -4.71
N LYS C 62 -11.48 13.54 -5.45
CA LYS C 62 -12.40 13.84 -6.54
C LYS C 62 -12.28 12.81 -7.66
N ASN C 63 -11.06 12.36 -7.96
CA ASN C 63 -10.89 11.31 -8.96
C ASN C 63 -11.44 9.98 -8.47
N ALA C 64 -11.36 9.71 -7.18
CA ALA C 64 -11.99 8.51 -6.63
C ALA C 64 -13.50 8.57 -6.82
N VAL C 65 -14.10 9.72 -6.53
CA VAL C 65 -15.55 9.88 -6.73
C VAL C 65 -15.89 9.68 -8.19
N THR C 66 -15.10 10.27 -9.09
CA THR C 66 -15.38 10.15 -10.52
C THR C 66 -15.21 8.71 -10.98
N GLU C 67 -14.23 7.99 -10.43
CA GLU C 67 -14.05 6.58 -10.80
C GLU C 67 -15.21 5.74 -10.31
N LEU C 68 -15.64 5.95 -9.06
CA LEU C 68 -16.78 5.20 -8.53
C LEU C 68 -18.07 5.53 -9.29
N GLN C 69 -18.16 6.75 -9.83
CA GLN C 69 -19.27 7.09 -10.71
C GLN C 69 -19.16 6.39 -12.06
N LEU C 70 -17.94 6.20 -12.56
CA LEU C 70 -17.76 5.54 -13.85
C LEU C 70 -18.12 4.06 -13.80
N LEU C 71 -17.92 3.42 -12.65
CA LEU C 71 -18.26 2.00 -12.54
C LEU C 71 -19.73 1.74 -12.82
N MET C 72 -20.59 2.72 -12.57
CA MET C 72 -22.01 2.58 -12.84
C MET C 72 -22.33 2.89 -14.31
N PHE C 112 -12.75 -33.82 -10.29
CA PHE C 112 -13.04 -34.81 -11.32
C PHE C 112 -14.52 -34.87 -11.64
N LEU C 113 -15.36 -34.52 -10.65
CA LEU C 113 -16.80 -34.43 -10.84
C LEU C 113 -17.28 -33.00 -10.93
N GLY C 114 -16.41 -32.06 -11.32
CA GLY C 114 -16.78 -30.67 -11.37
C GLY C 114 -17.77 -30.32 -12.47
N PHE C 115 -17.87 -31.17 -13.49
CA PHE C 115 -18.75 -30.89 -14.62
C PHE C 115 -20.23 -31.01 -14.25
N LEU C 116 -20.54 -31.63 -13.12
CA LEU C 116 -21.93 -31.71 -12.67
C LEU C 116 -22.37 -30.51 -11.85
N LEU C 117 -21.42 -29.72 -11.36
CA LEU C 117 -21.77 -28.55 -10.55
C LEU C 117 -22.54 -27.53 -11.38
N GLY C 118 -23.65 -27.06 -10.85
CA GLY C 118 -24.46 -26.09 -11.55
C GLY C 118 -23.85 -24.70 -11.45
N VAL C 119 -23.72 -24.03 -12.58
CA VAL C 119 -23.09 -22.71 -12.61
C VAL C 119 -24.05 -21.69 -12.04
N GLY C 120 -23.87 -21.36 -10.76
CA GLY C 120 -24.65 -20.34 -10.10
C GLY C 120 -23.94 -19.00 -10.08
N SER C 121 -24.69 -17.97 -9.72
CA SER C 121 -24.18 -16.61 -9.61
C SER C 121 -23.84 -16.35 -8.17
N ALA C 122 -22.55 -16.39 -7.83
CA ALA C 122 -22.12 -16.15 -6.46
C ALA C 122 -22.46 -14.75 -5.99
N ILE C 123 -22.68 -13.81 -6.92
CA ILE C 123 -22.99 -12.43 -6.58
C ILE C 123 -24.44 -12.13 -6.96
N ALA C 124 -25.29 -13.17 -6.97
CA ALA C 124 -26.68 -12.98 -7.33
C ALA C 124 -27.41 -12.14 -6.29
N SER C 125 -27.21 -12.45 -5.01
CA SER C 125 -27.88 -11.71 -3.94
C SER C 125 -27.43 -10.27 -3.89
N GLY C 126 -26.12 -10.03 -3.98
CA GLY C 126 -25.61 -8.67 -3.94
C GLY C 126 -26.07 -7.83 -5.11
N VAL C 127 -26.06 -8.41 -6.32
CA VAL C 127 -26.49 -7.66 -7.50
C VAL C 127 -28.00 -7.43 -7.47
N ALA C 128 -28.76 -8.34 -6.86
CA ALA C 128 -30.20 -8.12 -6.70
C ALA C 128 -30.47 -6.94 -5.78
N VAL C 129 -29.78 -6.88 -4.63
CA VAL C 129 -29.95 -5.77 -3.71
C VAL C 129 -29.48 -4.47 -4.33
N SER C 130 -28.43 -4.53 -5.15
CA SER C 130 -27.93 -3.32 -5.83
C SER C 130 -28.95 -2.80 -6.84
N LYS C 131 -29.57 -3.69 -7.61
CA LYS C 131 -30.58 -3.27 -8.57
C LYS C 131 -31.80 -2.68 -7.86
N VAL C 132 -32.16 -3.24 -6.70
CA VAL C 132 -33.26 -2.68 -5.91
C VAL C 132 -32.87 -1.30 -5.41
N LEU C 133 -31.63 -1.12 -4.97
CA LEU C 133 -31.15 0.19 -4.56
C LEU C 133 -31.09 1.17 -5.72
N HIS C 134 -31.00 0.69 -6.96
CA HIS C 134 -30.95 1.57 -8.12
C HIS C 134 -32.30 2.18 -8.45
N LEU C 135 -33.39 1.71 -7.83
CA LEU C 135 -34.69 2.34 -8.02
C LEU C 135 -34.71 3.74 -7.40
N GLU C 136 -35.76 4.48 -7.70
CA GLU C 136 -35.95 5.81 -7.15
C GLU C 136 -36.58 5.73 -5.76
N GLY C 137 -36.00 6.46 -4.81
CA GLY C 137 -36.51 6.50 -3.45
C GLY C 137 -35.89 5.49 -2.50
N GLU C 138 -35.03 4.61 -2.99
CA GLU C 138 -34.38 3.65 -2.09
C GLU C 138 -33.21 4.29 -1.35
N VAL C 139 -32.42 5.11 -2.03
CA VAL C 139 -31.32 5.80 -1.39
C VAL C 139 -31.83 6.73 -0.30
N ASN C 140 -33.00 7.34 -0.51
CA ASN C 140 -33.59 8.21 0.50
C ASN C 140 -33.94 7.43 1.77
N LYS C 141 -34.47 6.22 1.62
CA LYS C 141 -34.79 5.42 2.80
C LYS C 141 -33.52 4.98 3.53
N ILE C 142 -32.50 4.56 2.79
CA ILE C 142 -31.24 4.15 3.42
C ILE C 142 -30.63 5.31 4.20
N LYS C 143 -30.73 6.53 3.65
CA LYS C 143 -30.17 7.69 4.33
C LYS C 143 -31.00 8.09 5.55
N SER C 144 -32.33 8.07 5.41
CA SER C 144 -33.18 8.52 6.51
C SER C 144 -33.16 7.55 7.69
N ALA C 145 -33.00 6.25 7.42
CA ALA C 145 -32.98 5.27 8.49
C ALA C 145 -31.72 5.36 9.33
N LEU C 146 -30.61 5.80 8.74
CA LEU C 146 -29.33 5.88 9.43
C LEU C 146 -28.97 7.30 9.84
N LEU C 147 -29.98 8.14 10.08
CA LEU C 147 -29.70 9.51 10.50
C LEU C 147 -29.34 9.58 11.99
N SER C 148 -29.90 8.70 12.81
CA SER C 148 -29.69 8.73 14.25
C SER C 148 -28.92 7.54 14.79
N THR C 149 -28.76 6.47 14.03
CA THR C 149 -28.09 5.27 14.50
C THR C 149 -27.04 4.83 13.49
N ASN C 150 -26.26 3.83 13.88
CA ASN C 150 -25.24 3.25 13.01
C ASN C 150 -25.72 2.00 12.28
N LYS C 151 -26.78 1.36 12.77
CA LYS C 151 -27.26 0.12 12.18
C LYS C 151 -28.79 0.14 12.21
N ALA C 152 -29.41 -0.05 11.05
CA ALA C 152 -30.86 -0.01 10.96
C ALA C 152 -31.31 -0.98 9.87
N VAL C 153 -32.47 -1.59 10.08
CA VAL C 153 -33.08 -2.46 9.08
C VAL C 153 -34.04 -1.62 8.24
N VAL C 154 -33.77 -1.56 6.94
CA VAL C 154 -34.54 -0.74 6.00
C VAL C 154 -35.42 -1.65 5.17
N SER C 155 -36.68 -1.28 5.00
CA SER C 155 -37.63 -2.01 4.17
C SER C 155 -37.65 -1.38 2.79
N LEU C 156 -37.09 -2.09 1.81
CA LEU C 156 -36.99 -1.58 0.45
C LEU C 156 -38.28 -1.87 -0.33
N SER C 157 -38.34 -1.38 -1.56
CA SER C 157 -39.54 -1.55 -2.36
C SER C 157 -39.73 -3.00 -2.81
N ASN C 158 -38.64 -3.75 -2.91
CA ASN C 158 -38.73 -5.17 -3.26
C ASN C 158 -39.48 -5.95 -2.18
N GLY C 159 -39.49 -5.45 -0.95
CA GLY C 159 -39.98 -6.20 0.19
C GLY C 159 -38.89 -6.76 1.08
N VAL C 160 -37.64 -6.46 0.79
CA VAL C 160 -36.51 -6.96 1.55
C VAL C 160 -36.19 -6.02 2.69
N SER C 161 -35.90 -6.59 3.85
CA SER C 161 -35.45 -5.85 5.02
C SER C 161 -33.97 -6.14 5.23
N VAL C 162 -33.14 -5.12 5.01
CA VAL C 162 -31.69 -5.29 4.96
C VAL C 162 -31.06 -4.53 6.13
N LEU C 163 -30.00 -5.10 6.69
CA LEU C 163 -29.23 -4.43 7.73
C LEU C 163 -28.21 -3.51 7.07
N THR C 164 -28.33 -2.21 7.32
CA THR C 164 -27.42 -1.21 6.78
C THR C 164 -26.59 -0.63 7.92
N SER C 165 -25.28 -0.53 7.69
CA SER C 165 -24.35 -0.07 8.72
C SER C 165 -23.31 0.85 8.12
N LYS C 166 -23.15 2.03 8.71
CA LYS C 166 -22.15 3.00 8.26
C LYS C 166 -20.81 2.66 8.92
N VAL C 167 -19.84 2.25 8.11
CA VAL C 167 -18.52 1.89 8.64
C VAL C 167 -17.52 3.03 8.54
N LEU C 168 -17.78 4.05 7.73
CA LEU C 168 -16.87 5.18 7.60
C LEU C 168 -17.66 6.38 7.10
N ASP C 169 -17.79 7.40 7.94
CA ASP C 169 -18.50 8.62 7.57
C ASP C 169 -17.48 9.65 7.07
N LEU C 170 -17.02 9.44 5.84
CA LEU C 170 -16.17 10.45 5.21
C LEU C 170 -16.91 11.77 5.04
N LYS C 171 -18.24 11.71 4.84
CA LYS C 171 -19.03 12.93 4.76
C LYS C 171 -18.89 13.73 6.04
N ASN C 172 -18.88 13.04 7.19
CA ASN C 172 -18.71 13.70 8.48
C ASN C 172 -17.38 14.44 8.54
N TYR C 173 -16.27 13.72 8.40
CA TYR C 173 -14.95 14.33 8.53
C TYR C 173 -14.72 15.44 7.50
N ILE C 174 -15.31 15.31 6.31
CA ILE C 174 -15.10 16.30 5.26
C ILE C 174 -15.88 17.59 5.51
N ASP C 175 -17.14 17.49 5.92
CA ASP C 175 -17.97 18.69 5.98
C ASP C 175 -17.70 19.53 7.22
N LYS C 176 -17.50 18.89 8.37
CA LYS C 176 -17.35 19.63 9.62
C LYS C 176 -15.96 19.54 10.23
N GLN C 177 -15.06 18.70 9.69
CA GLN C 177 -13.72 18.58 10.24
C GLN C 177 -12.61 18.92 9.26
N LEU C 178 -12.85 18.82 7.94
CA LEU C 178 -11.81 19.06 6.95
C LEU C 178 -12.06 20.33 6.15
N LEU C 179 -13.22 20.44 5.51
CA LEU C 179 -13.50 21.62 4.69
C LEU C 179 -13.48 22.91 5.48
N PRO C 180 -13.96 22.98 6.73
CA PRO C 180 -13.80 24.23 7.49
C PRO C 180 -12.36 24.72 7.58
N ILE C 181 -11.42 23.83 7.91
CA ILE C 181 -10.02 24.22 8.03
C ILE C 181 -9.48 24.69 6.68
N VAL C 182 -9.68 23.89 5.64
CA VAL C 182 -9.10 24.20 4.33
C VAL C 182 -9.66 25.52 3.80
N ASN C 183 -10.94 25.76 4.03
CA ASN C 183 -11.57 26.97 3.54
C ASN C 183 -11.28 28.17 4.41
N LYS C 184 -11.16 27.96 5.73
CA LYS C 184 -10.87 29.08 6.62
C LYS C 184 -9.48 29.64 6.36
N GLN C 185 -8.50 28.77 6.22
CA GLN C 185 -7.11 29.18 5.99
C GLN C 185 -6.83 29.50 4.54
N SER C 186 -7.84 29.47 3.66
CA SER C 186 -7.70 29.66 2.23
C SER C 186 -6.65 28.72 1.63
N CYS C 187 -6.93 27.42 1.76
CA CYS C 187 -6.18 26.31 1.16
C CYS C 187 -4.78 26.16 1.74
N SER C 188 -4.39 26.96 2.73
CA SER C 188 -3.04 26.90 3.30
C SER C 188 -3.12 26.22 4.67
N ILE C 189 -2.90 24.91 4.67
CA ILE C 189 -2.95 24.14 5.92
C ILE C 189 -1.81 24.59 6.82
N PRO C 190 -2.12 24.76 8.11
CA PRO C 190 -1.12 25.30 9.02
C PRO C 190 -0.20 24.20 9.56
N ASN C 191 -0.73 23.00 9.80
CA ASN C 191 0.02 21.91 10.38
C ASN C 191 -0.16 20.66 9.52
N ILE C 192 0.91 19.88 9.39
CA ILE C 192 0.87 18.70 8.52
C ILE C 192 0.10 17.54 9.12
N GLU C 193 -0.21 17.56 10.43
CA GLU C 193 -0.95 16.46 11.04
C GLU C 193 -2.33 16.26 10.41
N THR C 194 -3.00 17.34 10.03
CA THR C 194 -4.31 17.18 9.39
C THR C 194 -4.17 16.50 8.03
N VAL C 195 -3.12 16.83 7.28
CA VAL C 195 -2.89 16.16 6.00
C VAL C 195 -2.61 14.68 6.24
N ILE C 196 -1.87 14.35 7.31
CA ILE C 196 -1.55 12.96 7.60
C ILE C 196 -2.82 12.20 7.98
N GLU C 197 -3.69 12.80 8.79
CA GLU C 197 -4.92 12.13 9.18
C GLU C 197 -5.90 12.06 8.03
N PHE C 198 -5.85 13.03 7.11
CA PHE C 198 -6.64 12.93 5.89
C PHE C 198 -6.16 11.77 5.03
N GLN C 199 -4.84 11.56 4.95
CA GLN C 199 -4.32 10.37 4.29
C GLN C 199 -4.88 9.11 4.95
N GLN C 200 -4.84 9.04 6.28
CA GLN C 200 -5.28 7.85 6.98
C GLN C 200 -6.76 7.57 6.73
N LYS C 201 -7.58 8.62 6.71
CA LYS C 201 -9.01 8.43 6.50
C LYS C 201 -9.32 8.13 5.04
N ASN C 202 -8.68 8.84 4.12
CA ASN C 202 -8.97 8.68 2.70
C ASN C 202 -8.26 7.47 2.10
N ASN C 203 -7.33 6.85 2.85
CA ASN C 203 -6.65 5.67 2.33
C ASN C 203 -7.62 4.53 2.08
N ARG C 204 -8.60 4.36 2.97
CA ARG C 204 -9.59 3.30 2.78
C ARG C 204 -10.40 3.53 1.51
N LEU C 205 -10.85 4.77 1.29
CA LEU C 205 -11.62 5.06 0.09
C LEU C 205 -10.75 4.88 -1.16
N LEU C 206 -9.48 5.31 -1.09
CA LEU C 206 -8.59 5.15 -2.23
C LEU C 206 -8.31 3.69 -2.52
N GLU C 207 -8.07 2.89 -1.47
CA GLU C 207 -7.85 1.46 -1.69
C GLU C 207 -9.08 0.78 -2.25
N ILE C 208 -10.26 1.14 -1.73
CA ILE C 208 -11.51 0.56 -2.24
C ILE C 208 -11.70 0.93 -3.70
N THR C 209 -11.46 2.20 -4.04
CA THR C 209 -11.53 2.62 -5.44
C THR C 209 -10.56 1.82 -6.31
N ARG C 210 -9.37 1.53 -5.77
CA ARG C 210 -8.37 0.79 -6.53
C ARG C 210 -8.87 -0.62 -6.86
N GLU C 211 -9.41 -1.33 -5.86
CA GLU C 211 -9.85 -2.71 -6.14
C GLU C 211 -11.06 -2.71 -7.04
N PHE C 212 -11.96 -1.74 -6.85
CA PHE C 212 -13.14 -1.65 -7.72
C PHE C 212 -12.75 -1.34 -9.16
N SER C 213 -11.65 -0.61 -9.36
CA SER C 213 -11.22 -0.28 -10.71
C SER C 213 -10.53 -1.46 -11.41
N VAL C 214 -9.63 -2.15 -10.70
CA VAL C 214 -8.92 -3.29 -11.29
C VAL C 214 -9.68 -4.61 -11.21
N ASN C 215 -10.92 -4.62 -10.69
CA ASN C 215 -11.62 -5.87 -10.45
C ASN C 215 -13.06 -5.85 -10.96
N ALA C 216 -13.46 -4.79 -11.67
CA ALA C 216 -14.78 -4.70 -12.30
C ALA C 216 -15.91 -4.75 -11.25
N GLY C 217 -15.71 -4.03 -10.15
CA GLY C 217 -16.74 -3.86 -9.15
C GLY C 217 -17.06 -5.08 -8.30
N VAL C 218 -16.34 -6.19 -8.48
CA VAL C 218 -16.59 -7.40 -7.71
C VAL C 218 -15.24 -7.92 -7.22
N THR C 219 -15.05 -7.94 -5.91
CA THR C 219 -13.82 -8.39 -5.29
C THR C 219 -14.10 -9.54 -4.33
N THR C 220 -13.20 -10.52 -4.32
CA THR C 220 -13.30 -11.68 -3.44
C THR C 220 -11.92 -12.31 -3.28
N PRO C 221 -11.46 -12.58 -2.05
CA PRO C 221 -12.17 -12.34 -0.78
C PRO C 221 -12.24 -10.87 -0.39
N VAL C 222 -13.16 -10.54 0.52
CA VAL C 222 -13.32 -9.16 0.96
C VAL C 222 -12.05 -8.70 1.65
N SER C 223 -11.44 -7.65 1.11
CA SER C 223 -10.21 -7.13 1.67
C SER C 223 -10.45 -6.51 3.05
N THR C 224 -9.35 -6.23 3.74
CA THR C 224 -9.42 -5.56 5.03
C THR C 224 -9.94 -4.13 4.90
N TYR C 225 -9.76 -3.52 3.73
CA TYR C 225 -10.21 -2.14 3.54
C TYR C 225 -11.73 -2.06 3.49
N MET C 226 -12.39 -3.05 2.88
CA MET C 226 -13.84 -3.02 2.83
C MET C 226 -14.46 -3.39 4.18
N LEU C 227 -13.89 -4.38 4.86
CA LEU C 227 -14.46 -4.87 6.11
C LEU C 227 -13.32 -5.35 6.99
N THR C 228 -13.01 -4.59 8.04
CA THR C 228 -11.98 -4.97 8.99
C THR C 228 -12.46 -6.17 9.82
N ASN C 229 -11.51 -6.75 10.56
CA ASN C 229 -11.82 -7.97 11.31
C ASN C 229 -12.79 -7.69 12.46
N SER C 230 -12.60 -6.56 13.15
CA SER C 230 -13.55 -6.17 14.19
C SER C 230 -14.95 -6.00 13.61
N GLU C 231 -15.06 -5.38 12.44
CA GLU C 231 -16.37 -5.18 11.82
C GLU C 231 -16.98 -6.50 11.37
N LEU C 232 -16.15 -7.43 10.90
CA LEU C 232 -16.65 -8.74 10.50
C LEU C 232 -17.18 -9.52 11.71
N LEU C 233 -16.46 -9.48 12.82
CA LEU C 233 -16.94 -10.10 14.05
C LEU C 233 -18.26 -9.47 14.50
N SER C 234 -18.34 -8.15 14.47
CA SER C 234 -19.56 -7.47 14.89
C SER C 234 -20.74 -7.84 14.00
N LEU C 235 -20.52 -7.91 12.69
CA LEU C 235 -21.61 -8.23 11.77
C LEU C 235 -22.06 -9.69 11.94
N ILE C 236 -21.12 -10.60 12.23
CA ILE C 236 -21.49 -11.99 12.49
C ILE C 236 -22.32 -12.08 13.76
N ASN C 237 -21.96 -11.33 14.80
CA ASN C 237 -22.69 -11.39 16.06
C ASN C 237 -24.11 -10.88 15.93
N ASP C 238 -24.35 -9.90 15.05
CA ASP C 238 -25.65 -9.27 14.91
C ASP C 238 -26.55 -9.98 13.91
N MET C 239 -26.18 -11.19 13.47
CA MET C 239 -27.05 -11.92 12.58
C MET C 239 -28.13 -12.66 13.37
N PRO C 240 -29.36 -12.70 12.87
CA PRO C 240 -30.46 -13.42 13.57
C PRO C 240 -30.39 -14.93 13.37
N ILE C 241 -29.37 -15.55 13.95
CA ILE C 241 -29.13 -16.98 13.81
C ILE C 241 -28.79 -17.56 15.19
N THR C 242 -28.57 -18.87 15.21
CA THR C 242 -28.25 -19.56 16.46
C THR C 242 -26.86 -19.17 16.95
N ASN C 243 -26.57 -19.55 18.20
CA ASN C 243 -25.32 -19.14 18.83
C ASN C 243 -24.14 -20.00 18.38
N ASP C 244 -24.39 -21.25 17.99
CA ASP C 244 -23.29 -22.12 17.58
C ASP C 244 -22.65 -21.65 16.28
N GLN C 245 -23.47 -21.20 15.32
CA GLN C 245 -22.93 -20.60 14.11
C GLN C 245 -22.15 -19.33 14.42
N LYS C 246 -22.63 -18.54 15.37
CA LYS C 246 -21.90 -17.34 15.79
C LYS C 246 -20.50 -17.67 16.30
N LYS C 247 -20.38 -18.67 17.16
CA LYS C 247 -19.07 -19.00 17.73
C LYS C 247 -18.13 -19.59 16.68
N LEU C 248 -18.65 -20.43 15.78
CA LEU C 248 -17.81 -21.00 14.73
C LEU C 248 -17.24 -19.91 13.82
N MET C 249 -18.09 -18.99 13.37
CA MET C 249 -17.62 -17.91 12.51
C MET C 249 -16.72 -16.93 13.26
N SER C 250 -16.97 -16.73 14.56
CA SER C 250 -16.11 -15.85 15.36
C SER C 250 -14.73 -16.45 15.59
N ASN C 251 -14.62 -17.78 15.58
CA ASN C 251 -13.31 -18.42 15.71
C ASN C 251 -12.55 -18.44 14.39
N ASN C 252 -13.26 -18.47 13.26
CA ASN C 252 -12.63 -18.57 11.95
C ASN C 252 -13.10 -17.45 11.04
N VAL C 253 -13.16 -16.21 11.58
CA VAL C 253 -13.43 -15.02 10.78
C VAL C 253 -12.59 -14.97 9.52
N GLN C 254 -11.37 -15.51 9.56
CA GLN C 254 -10.49 -15.44 8.41
C GLN C 254 -11.01 -16.31 7.27
N ILE C 255 -11.39 -17.55 7.56
CA ILE C 255 -11.95 -18.41 6.53
C ILE C 255 -13.30 -17.87 6.06
N VAL C 256 -14.07 -17.28 6.97
CA VAL C 256 -15.36 -16.69 6.60
C VAL C 256 -15.16 -15.55 5.60
N ARG C 257 -14.16 -14.71 5.84
CA ARG C 257 -13.83 -13.64 4.90
C ARG C 257 -13.36 -14.20 3.56
N GLN C 258 -12.59 -15.29 3.59
CA GLN C 258 -12.14 -15.93 2.35
C GLN C 258 -13.32 -16.46 1.53
N GLN C 259 -14.42 -16.82 2.18
CA GLN C 259 -15.57 -17.42 1.51
C GLN C 259 -16.65 -16.42 1.13
N SER C 260 -16.43 -15.13 1.35
CA SER C 260 -17.44 -14.11 1.16
C SER C 260 -17.12 -13.25 -0.05
N TYR C 261 -18.11 -12.47 -0.49
CA TYR C 261 -18.00 -11.63 -1.67
C TYR C 261 -18.36 -10.19 -1.32
N SER C 262 -17.97 -9.28 -2.22
CA SER C 262 -18.29 -7.87 -2.11
C SER C 262 -18.75 -7.34 -3.46
N ILE C 263 -19.94 -6.74 -3.48
CA ILE C 263 -20.57 -6.27 -4.71
C ILE C 263 -20.80 -4.77 -4.61
N MET C 264 -20.44 -4.04 -5.66
CA MET C 264 -20.56 -2.59 -5.68
C MET C 264 -21.97 -2.16 -6.07
N SER C 265 -22.48 -1.16 -5.36
CA SER C 265 -23.82 -0.66 -5.61
C SER C 265 -23.79 0.86 -5.82
N ILE C 266 -24.97 1.49 -5.77
CA ILE C 266 -25.09 2.89 -6.19
C ILE C 266 -24.15 3.80 -5.40
N ILE C 267 -23.75 4.89 -6.04
CA ILE C 267 -23.10 6.02 -5.38
C ILE C 267 -23.78 7.28 -5.89
N LYS C 268 -24.71 7.81 -5.12
CA LYS C 268 -25.40 9.04 -5.47
C LYS C 268 -26.00 9.66 -4.22
N GLU C 269 -26.08 10.99 -4.21
CA GLU C 269 -26.62 11.75 -3.07
C GLU C 269 -25.76 11.56 -1.83
N GLU C 270 -24.44 11.67 -2.02
CA GLU C 270 -23.47 11.68 -0.92
C GLU C 270 -23.50 10.38 -0.10
N VAL C 271 -23.55 9.25 -0.80
CA VAL C 271 -23.51 7.95 -0.13
C VAL C 271 -22.99 6.90 -1.10
N LEU C 272 -22.02 6.09 -0.65
CA LEU C 272 -21.56 4.92 -1.40
C LEU C 272 -21.92 3.68 -0.62
N ALA C 273 -22.91 2.94 -1.11
CA ALA C 273 -23.32 1.67 -0.51
C ALA C 273 -22.78 0.52 -1.34
N TYR C 274 -22.23 -0.49 -0.67
CA TYR C 274 -21.87 -1.74 -1.31
C TYR C 274 -22.32 -2.89 -0.43
N VAL C 275 -22.72 -3.99 -1.07
CA VAL C 275 -23.31 -5.12 -0.39
C VAL C 275 -22.24 -6.18 -0.16
N VAL C 276 -22.02 -6.53 1.11
CA VAL C 276 -21.16 -7.65 1.46
C VAL C 276 -22.01 -8.91 1.56
N GLN C 277 -21.56 -9.98 0.91
CA GLN C 277 -22.29 -11.24 0.86
C GLN C 277 -21.49 -12.26 1.67
N LEU C 278 -21.91 -12.46 2.93
CA LEU C 278 -21.25 -13.30 3.92
C LEU C 278 -21.85 -14.71 3.94
N PRO C 279 -21.03 -15.71 4.20
CA PRO C 279 -21.53 -17.10 4.21
C PRO C 279 -22.31 -17.39 5.48
N LEU C 280 -23.41 -18.11 5.31
CA LEU C 280 -24.26 -18.55 6.41
C LEU C 280 -24.17 -20.07 6.51
N TYR C 281 -23.45 -20.56 7.52
CA TYR C 281 -23.24 -21.99 7.71
C TYR C 281 -24.40 -22.54 8.54
N GLY C 282 -25.49 -22.86 7.84
CA GLY C 282 -26.70 -23.34 8.49
C GLY C 282 -26.58 -24.67 9.20
N VAL C 283 -25.42 -25.31 9.10
CA VAL C 283 -25.18 -26.61 9.74
C VAL C 283 -23.78 -26.57 10.35
N ILE C 284 -23.69 -26.83 11.65
CA ILE C 284 -22.44 -26.73 12.40
C ILE C 284 -22.21 -28.03 13.16
N ASP C 285 -20.94 -28.44 13.28
CA ASP C 285 -20.50 -29.56 14.10
C ASP C 285 -21.09 -30.89 13.59
N THR C 286 -20.95 -31.13 12.29
CA THR C 286 -21.30 -32.43 11.76
C THR C 286 -20.06 -33.25 11.43
N PRO C 287 -20.15 -34.58 11.43
CA PRO C 287 -19.02 -35.40 11.02
C PRO C 287 -18.64 -35.17 9.56
N CYS C 288 -17.34 -35.06 9.31
CA CYS C 288 -16.82 -34.81 7.97
C CYS C 288 -15.55 -35.62 7.76
N TRP C 289 -15.42 -36.23 6.58
CA TRP C 289 -14.26 -37.06 6.28
C TRP C 289 -13.75 -36.78 4.88
N LYS C 290 -12.42 -36.86 4.72
CA LYS C 290 -11.74 -36.63 3.46
C LYS C 290 -11.24 -37.94 2.89
N LEU C 291 -11.39 -38.12 1.58
CA LEU C 291 -10.95 -39.32 0.89
C LEU C 291 -9.84 -38.97 -0.10
N HIS C 292 -8.68 -39.59 0.06
CA HIS C 292 -7.58 -39.49 -0.88
C HIS C 292 -7.42 -40.83 -1.60
N THR C 293 -7.10 -40.76 -2.89
CA THR C 293 -6.89 -41.96 -3.70
C THR C 293 -5.59 -41.84 -4.47
N SER C 294 -4.92 -42.97 -4.65
CA SER C 294 -3.68 -43.07 -5.41
C SER C 294 -3.83 -44.06 -6.54
N PRO C 295 -3.07 -43.89 -7.62
CA PRO C 295 -3.20 -44.83 -8.75
C PRO C 295 -2.76 -46.23 -8.36
N LEU C 296 -3.72 -47.16 -8.30
CA LEU C 296 -3.43 -48.57 -8.06
C LEU C 296 -3.22 -49.23 -9.42
N CYS C 297 -1.96 -49.47 -9.77
CA CYS C 297 -1.61 -50.18 -10.99
C CYS C 297 -0.94 -51.50 -10.63
N THR C 298 -1.10 -52.48 -11.50
CA THR C 298 -0.45 -53.76 -11.30
C THR C 298 1.02 -53.68 -11.72
N THR C 299 1.79 -54.67 -11.27
CA THR C 299 3.23 -54.72 -11.49
C THR C 299 3.58 -55.95 -12.32
N ASN C 300 2.79 -56.18 -13.37
CA ASN C 300 3.11 -57.22 -14.34
C ASN C 300 4.47 -56.95 -14.97
N THR C 301 5.16 -58.04 -15.36
CA THR C 301 6.53 -57.94 -15.84
C THR C 301 6.61 -57.19 -17.17
N LYS C 302 5.65 -57.41 -18.06
CA LYS C 302 5.61 -56.74 -19.35
C LYS C 302 5.18 -55.28 -19.19
N GLU C 303 5.89 -54.39 -19.90
CA GLU C 303 5.62 -52.95 -19.84
C GLU C 303 4.19 -52.62 -20.24
N GLY C 304 3.80 -53.02 -21.44
CA GLY C 304 2.52 -52.62 -22.03
C GLY C 304 1.29 -53.37 -21.59
N SER C 305 1.43 -54.36 -20.70
CA SER C 305 0.33 -55.25 -20.35
C SER C 305 -0.23 -55.02 -18.95
N ASN C 306 0.15 -53.94 -18.27
CA ASN C 306 -0.41 -53.71 -16.95
C ASN C 306 -1.70 -52.91 -17.03
N ILE C 307 -2.45 -52.90 -15.92
CA ILE C 307 -3.69 -52.15 -15.79
C ILE C 307 -3.68 -51.38 -14.49
N CYS C 308 -4.29 -50.20 -14.50
CA CYS C 308 -4.29 -49.28 -13.37
C CYS C 308 -5.69 -48.74 -13.11
N LEU C 309 -6.04 -48.59 -11.84
CA LEU C 309 -7.36 -48.15 -11.41
C LEU C 309 -7.19 -47.01 -10.40
N THR C 310 -8.20 -46.15 -10.32
CA THR C 310 -8.15 -45.05 -9.35
C THR C 310 -9.57 -44.55 -9.06
N ARG C 311 -9.94 -44.55 -7.78
CA ARG C 311 -11.23 -43.98 -7.37
C ARG C 311 -11.27 -42.49 -7.69
N THR C 312 -12.34 -42.06 -8.36
CA THR C 312 -12.43 -40.69 -8.82
C THR C 312 -13.09 -39.74 -7.82
N ASP C 313 -13.72 -40.26 -6.77
CA ASP C 313 -14.53 -39.45 -5.87
C ASP C 313 -13.72 -38.85 -4.73
N ARG C 314 -12.44 -38.59 -4.95
CA ARG C 314 -11.59 -37.97 -3.94
C ARG C 314 -12.16 -36.61 -3.52
N GLY C 315 -11.80 -36.19 -2.31
CA GLY C 315 -12.24 -34.93 -1.77
C GLY C 315 -12.88 -35.05 -0.40
N TRP C 316 -13.78 -34.13 -0.08
CA TRP C 316 -14.38 -34.04 1.24
C TRP C 316 -15.84 -34.47 1.20
N TYR C 317 -16.29 -35.07 2.30
CA TYR C 317 -17.69 -35.41 2.51
C TYR C 317 -18.11 -34.88 3.88
N CYS C 318 -19.00 -33.90 3.90
CA CYS C 318 -19.51 -33.32 5.13
C CYS C 318 -20.98 -33.67 5.28
N ASP C 319 -21.35 -34.26 6.43
CA ASP C 319 -22.68 -34.81 6.79
C ASP C 319 -23.63 -33.77 7.28
N ASN C 320 -24.63 -33.44 6.46
CA ASN C 320 -25.67 -32.40 6.67
C ASN C 320 -26.93 -33.13 6.49
N ALA C 321 -27.82 -33.19 7.46
CA ALA C 321 -29.09 -33.82 7.28
C ALA C 321 -29.23 -35.19 6.63
N GLY C 322 -30.11 -35.33 5.68
CA GLY C 322 -30.34 -36.62 5.01
C GLY C 322 -29.22 -37.38 4.27
N SER C 323 -28.28 -36.62 3.77
CA SER C 323 -27.16 -37.23 3.13
C SER C 323 -25.93 -36.33 3.23
N VAL C 324 -24.78 -36.89 2.99
CA VAL C 324 -23.61 -36.17 3.05
C VAL C 324 -23.39 -35.23 1.98
N SER C 325 -22.83 -34.08 2.19
CA SER C 325 -22.45 -33.27 1.08
C SER C 325 -21.11 -33.85 0.36
N PHE C 326 -20.80 -33.56 -0.93
CA PHE C 326 -19.52 -33.98 -1.50
C PHE C 326 -18.88 -32.82 -2.23
N PHE C 327 -17.57 -32.64 -2.02
CA PHE C 327 -16.77 -31.62 -2.70
C PHE C 327 -15.60 -32.30 -3.40
N PRO C 328 -15.64 -32.46 -4.72
CA PRO C 328 -14.48 -33.03 -5.42
C PRO C 328 -13.38 -32.01 -5.67
N GLN C 329 -13.77 -30.74 -5.81
CA GLN C 329 -12.81 -29.65 -6.00
C GLN C 329 -12.27 -29.24 -4.64
N ALA C 330 -11.05 -29.67 -4.33
CA ALA C 330 -10.46 -29.41 -3.02
C ALA C 330 -10.30 -27.92 -2.74
N GLU C 331 -10.26 -27.08 -3.79
CA GLU C 331 -10.15 -25.65 -3.58
C GLU C 331 -11.39 -25.07 -2.91
N THR C 332 -12.53 -25.76 -2.98
CA THR C 332 -13.75 -25.27 -2.36
C THR C 332 -13.80 -25.53 -0.87
N CYS C 333 -12.98 -26.44 -0.36
CA CYS C 333 -12.92 -26.75 1.06
C CYS C 333 -11.64 -26.16 1.67
N LYS C 334 -11.75 -25.71 2.91
CA LYS C 334 -10.61 -25.18 3.66
C LYS C 334 -10.55 -25.89 5.00
N VAL C 335 -9.41 -26.51 5.28
CA VAL C 335 -9.18 -27.20 6.54
C VAL C 335 -8.38 -26.27 7.44
N GLN C 336 -8.96 -25.91 8.59
CA GLN C 336 -8.33 -24.95 9.51
C GLN C 336 -8.54 -25.49 10.93
N SER C 337 -7.47 -26.03 11.52
CA SER C 337 -7.48 -26.58 12.87
C SER C 337 -8.66 -27.54 13.07
N ASN C 338 -8.67 -28.60 12.27
CA ASN C 338 -9.65 -29.68 12.27
C ASN C 338 -11.05 -29.21 11.85
N ARG C 339 -11.23 -27.94 11.52
CA ARG C 339 -12.52 -27.41 11.11
C ARG C 339 -12.54 -27.32 9.58
N VAL C 340 -13.48 -28.02 8.96
CA VAL C 340 -13.62 -28.04 7.51
C VAL C 340 -14.71 -27.05 7.11
N PHE C 341 -14.31 -25.95 6.48
CA PHE C 341 -15.22 -24.96 5.96
C PHE C 341 -15.35 -25.17 4.45
N CYS C 342 -16.57 -25.45 4.00
CA CYS C 342 -16.81 -25.72 2.59
C CYS C 342 -18.09 -25.06 2.13
N ASP C 343 -18.29 -25.03 0.81
CA ASP C 343 -19.37 -24.29 0.18
C ASP C 343 -20.27 -25.27 -0.56
N THR C 344 -21.54 -25.33 -0.15
CA THR C 344 -22.50 -26.26 -0.73
C THR C 344 -22.95 -25.86 -2.13
N MET C 345 -22.68 -24.63 -2.56
CA MET C 345 -23.05 -24.22 -3.92
C MET C 345 -22.17 -24.91 -4.96
N ASN C 346 -20.90 -25.12 -4.65
CA ASN C 346 -20.00 -25.91 -5.48
C ASN C 346 -19.89 -27.35 -4.99
N SER C 347 -20.99 -27.92 -4.53
CA SER C 347 -21.01 -29.27 -3.98
C SER C 347 -22.11 -30.08 -4.65
N LEU C 348 -22.26 -31.32 -4.19
CA LEU C 348 -23.32 -32.20 -4.65
C LEU C 348 -24.02 -32.84 -3.46
N THR C 349 -25.30 -33.15 -3.65
CA THR C 349 -26.13 -33.77 -2.62
C THR C 349 -26.29 -35.25 -2.94
N LEU C 350 -25.83 -36.11 -2.04
CA LEU C 350 -25.85 -37.55 -2.23
C LEU C 350 -26.37 -38.23 -0.98
N PRO C 351 -26.81 -39.49 -1.09
CA PRO C 351 -27.26 -40.23 0.10
C PRO C 351 -26.10 -40.50 1.05
N SER C 352 -26.46 -40.93 2.26
CA SER C 352 -25.47 -41.25 3.28
C SER C 352 -24.60 -42.44 2.91
N GLU C 353 -25.09 -43.31 2.01
CA GLU C 353 -24.37 -44.52 1.61
C GLU C 353 -23.01 -44.23 0.99
N VAL C 354 -22.71 -42.98 0.62
CA VAL C 354 -21.39 -42.65 0.10
C VAL C 354 -20.29 -42.93 1.11
N ASN C 355 -20.60 -42.93 2.41
CA ASN C 355 -19.61 -43.30 3.41
C ASN C 355 -19.16 -44.75 3.26
N LEU C 356 -20.12 -45.65 2.99
CA LEU C 356 -19.81 -47.05 2.72
C LEU C 356 -18.93 -47.25 1.49
N CYS C 357 -18.81 -46.25 0.60
CA CYS C 357 -17.89 -46.36 -0.53
C CYS C 357 -16.46 -46.60 -0.07
N ASN C 358 -16.19 -46.43 1.23
CA ASN C 358 -14.88 -46.67 1.81
C ASN C 358 -14.78 -48.07 2.42
N VAL C 359 -15.90 -48.72 2.69
CA VAL C 359 -15.95 -49.96 3.46
C VAL C 359 -16.24 -51.17 2.56
N ASP C 360 -17.27 -51.08 1.72
CA ASP C 360 -17.55 -52.12 0.73
C ASP C 360 -17.41 -51.58 -0.68
N ILE C 361 -16.42 -52.08 -1.42
CA ILE C 361 -16.23 -51.64 -2.80
C ILE C 361 -17.15 -52.36 -3.78
N PHE C 362 -17.60 -53.58 -3.45
CA PHE C 362 -18.49 -54.35 -4.30
C PHE C 362 -19.92 -54.38 -3.77
N ASN C 363 -20.29 -53.40 -2.95
CA ASN C 363 -21.60 -53.36 -2.34
C ASN C 363 -22.70 -53.15 -3.39
N PRO C 364 -23.88 -53.74 -3.18
CA PRO C 364 -24.98 -53.57 -4.14
C PRO C 364 -25.85 -52.35 -3.91
N LYS C 365 -25.61 -51.57 -2.85
CA LYS C 365 -26.44 -50.41 -2.53
C LYS C 365 -25.81 -49.08 -2.93
N TYR C 366 -24.52 -49.06 -3.27
CA TYR C 366 -23.87 -47.88 -3.82
C TYR C 366 -22.85 -48.29 -4.87
N ASP C 367 -22.83 -47.56 -5.98
CA ASP C 367 -21.91 -47.81 -7.07
C ASP C 367 -20.83 -46.75 -7.00
N CYS C 368 -19.62 -47.14 -6.60
CA CYS C 368 -18.52 -46.20 -6.46
C CYS C 368 -18.00 -45.80 -7.84
N LYS C 369 -17.50 -44.57 -7.93
CA LYS C 369 -16.99 -44.04 -9.18
C LYS C 369 -15.47 -44.10 -9.21
N ILE C 370 -14.92 -44.50 -10.36
CA ILE C 370 -13.49 -44.69 -10.55
C ILE C 370 -13.11 -44.24 -11.95
N MET C 371 -11.80 -44.14 -12.19
CA MET C 371 -11.25 -44.02 -13.53
C MET C 371 -10.23 -45.13 -13.75
N THR C 372 -10.03 -45.47 -15.02
CA THR C 372 -9.11 -46.53 -15.40
C THR C 372 -8.17 -46.04 -16.49
N SER C 373 -6.96 -46.59 -16.50
CA SER C 373 -5.96 -46.24 -17.48
C SER C 373 -4.92 -47.35 -17.53
N LYS C 374 -3.96 -47.21 -18.45
CA LYS C 374 -2.89 -48.19 -18.60
C LYS C 374 -1.50 -47.56 -18.52
N THR C 375 -1.41 -46.25 -18.30
CA THR C 375 -0.12 -45.57 -18.22
C THR C 375 0.44 -45.72 -16.81
N ASP C 376 1.53 -46.46 -16.68
CA ASP C 376 2.11 -46.79 -15.38
C ASP C 376 3.14 -45.74 -15.00
N VAL C 377 2.69 -44.70 -14.32
CA VAL C 377 3.56 -43.69 -13.74
C VAL C 377 3.47 -43.81 -12.22
N SER C 378 4.63 -43.90 -11.58
CA SER C 378 4.69 -44.02 -10.13
C SER C 378 4.61 -42.65 -9.46
N SER C 379 3.80 -42.55 -8.42
CA SER C 379 3.53 -41.26 -7.79
C SER C 379 2.98 -41.52 -6.40
N SER C 380 2.87 -40.44 -5.62
CA SER C 380 2.45 -40.52 -4.23
C SER C 380 1.46 -39.41 -3.93
N VAL C 381 0.57 -39.67 -2.98
CA VAL C 381 -0.32 -38.66 -2.43
C VAL C 381 -0.05 -38.54 -0.94
N ILE C 382 0.10 -37.32 -0.46
CA ILE C 382 0.39 -37.05 0.94
C ILE C 382 -0.93 -36.87 1.67
N THR C 383 -1.29 -37.85 2.50
CA THR C 383 -2.54 -37.79 3.25
C THR C 383 -2.36 -36.89 4.48
N SER C 384 -3.37 -36.86 5.35
CA SER C 384 -3.30 -36.03 6.54
C SER C 384 -2.39 -36.64 7.61
N LEU C 385 -2.44 -37.96 7.76
CA LEU C 385 -1.67 -38.66 8.79
C LEU C 385 -0.67 -39.65 8.19
N GLY C 386 -0.26 -39.43 6.95
CA GLY C 386 0.73 -40.31 6.34
C GLY C 386 0.94 -39.98 4.88
N ALA C 387 1.35 -40.99 4.12
CA ALA C 387 1.63 -40.83 2.71
C ALA C 387 1.43 -42.17 2.02
N ILE C 388 0.64 -42.18 0.95
CA ILE C 388 0.44 -43.38 0.14
C ILE C 388 1.39 -43.30 -1.04
N VAL C 389 2.21 -44.33 -1.22
CA VAL C 389 3.22 -44.37 -2.26
C VAL C 389 2.94 -45.58 -3.14
N SER C 390 2.67 -45.32 -4.41
CA SER C 390 2.49 -46.36 -5.41
C SER C 390 3.77 -46.46 -6.22
N CYS C 391 4.55 -47.51 -5.97
CA CYS C 391 5.86 -47.69 -6.56
C CYS C 391 5.79 -48.86 -7.54
N TYR C 392 5.96 -48.58 -8.83
CA TYR C 392 5.89 -49.60 -9.86
C TYR C 392 7.06 -49.44 -10.82
N GLY C 393 7.46 -50.56 -11.43
CA GLY C 393 8.53 -50.54 -12.40
C GLY C 393 9.89 -50.46 -11.76
N LYS C 394 10.79 -49.69 -12.35
CA LYS C 394 12.15 -49.52 -11.84
C LYS C 394 12.32 -48.22 -11.07
N THR C 395 11.25 -47.50 -10.84
CA THR C 395 11.33 -46.26 -10.08
C THR C 395 11.73 -46.56 -8.64
N LYS C 396 12.74 -45.86 -8.15
CA LYS C 396 13.23 -46.05 -6.79
C LYS C 396 12.41 -45.23 -5.82
N CYS C 397 11.89 -45.88 -4.78
CA CYS C 397 11.00 -45.26 -3.81
C CYS C 397 11.50 -45.57 -2.41
N THR C 398 11.65 -44.53 -1.58
CA THR C 398 12.18 -44.70 -0.24
C THR C 398 11.46 -43.74 0.71
N ALA C 399 11.44 -44.12 1.99
CA ALA C 399 10.94 -43.26 3.06
C ALA C 399 12.08 -43.06 4.05
N SER C 400 12.36 -41.80 4.39
CA SER C 400 13.53 -41.46 5.18
C SER C 400 13.21 -40.36 6.17
N ASN C 401 13.87 -40.40 7.32
CA ASN C 401 13.89 -39.29 8.24
C ASN C 401 15.30 -38.70 8.22
N LYS C 402 15.41 -37.44 8.61
CA LYS C 402 16.67 -36.72 8.39
C LYS C 402 17.79 -37.21 9.30
N ASN C 403 17.46 -37.79 10.45
CA ASN C 403 18.46 -38.20 11.43
C ASN C 403 18.85 -39.68 11.33
N ARG C 404 18.34 -40.42 10.34
CA ARG C 404 18.86 -41.76 10.10
C ARG C 404 18.99 -42.11 8.63
N GLY C 405 18.67 -41.20 7.70
CA GLY C 405 18.65 -41.55 6.30
C GLY C 405 17.49 -42.45 5.92
N ILE C 406 17.71 -43.26 4.89
CA ILE C 406 16.65 -44.15 4.41
C ILE C 406 16.35 -45.22 5.46
N ILE C 407 15.10 -45.24 5.93
CA ILE C 407 14.60 -46.18 6.92
C ILE C 407 13.75 -47.28 6.28
N LYS C 408 13.11 -46.99 5.15
CA LYS C 408 12.31 -47.99 4.47
C LYS C 408 12.47 -47.85 2.96
N THR C 409 12.52 -48.98 2.27
CA THR C 409 12.55 -49.03 0.81
C THR C 409 11.22 -49.58 0.32
N PHE C 410 10.44 -48.76 -0.37
CA PHE C 410 9.13 -49.19 -0.85
C PHE C 410 9.30 -50.20 -1.98
N SER C 411 8.76 -51.40 -1.78
CA SER C 411 8.75 -52.42 -2.83
C SER C 411 7.65 -52.10 -3.84
N ASN C 412 7.36 -53.06 -4.73
CA ASN C 412 6.36 -52.85 -5.75
C ASN C 412 4.96 -52.92 -5.16
N GLY C 413 4.10 -52.00 -5.59
CA GLY C 413 2.71 -51.96 -5.19
C GLY C 413 2.35 -50.61 -4.60
N CYS C 414 1.13 -50.54 -4.08
CA CYS C 414 0.65 -49.34 -3.37
C CYS C 414 0.80 -49.60 -1.88
N ASP C 415 1.65 -48.81 -1.23
CA ASP C 415 1.90 -48.95 0.20
C ASP C 415 1.64 -47.63 0.89
N TYR C 416 1.69 -47.67 2.22
CA TYR C 416 1.38 -46.52 3.05
C TYR C 416 2.41 -46.43 4.16
N VAL C 417 2.85 -45.21 4.43
CA VAL C 417 3.86 -44.93 5.44
C VAL C 417 3.27 -43.94 6.44
N SER C 418 3.60 -44.11 7.70
CA SER C 418 3.00 -43.30 8.76
C SER C 418 3.59 -41.90 8.73
N ASN C 419 3.22 -41.08 9.72
CA ASN C 419 3.67 -39.70 9.79
C ASN C 419 4.56 -39.42 10.99
N LYS C 420 4.67 -40.37 11.93
CA LYS C 420 5.43 -40.11 13.15
C LYS C 420 6.93 -40.36 12.94
N GLY C 421 7.26 -41.47 12.30
CA GLY C 421 8.64 -41.91 12.17
C GLY C 421 9.39 -41.37 10.98
N VAL C 422 8.69 -40.83 9.98
CA VAL C 422 9.31 -40.43 8.73
C VAL C 422 8.95 -38.98 8.43
N ASP C 423 9.91 -38.24 7.89
CA ASP C 423 9.73 -36.83 7.54
C ASP C 423 9.62 -36.59 6.05
N THR C 424 10.26 -37.43 5.23
CA THR C 424 10.35 -37.19 3.80
C THR C 424 10.18 -38.51 3.06
N VAL C 425 9.62 -38.43 1.86
CA VAL C 425 9.48 -39.58 0.98
C VAL C 425 9.99 -39.19 -0.39
N SER C 426 10.56 -40.16 -1.11
CA SER C 426 11.16 -39.90 -2.41
C SER C 426 10.82 -41.03 -3.37
N VAL C 427 10.20 -40.68 -4.50
CA VAL C 427 9.82 -41.64 -5.52
C VAL C 427 10.52 -41.23 -6.81
N GLY C 428 11.23 -42.18 -7.42
CA GLY C 428 12.07 -41.86 -8.56
C GLY C 428 13.12 -40.84 -8.19
N ASN C 429 13.01 -39.62 -8.73
CA ASN C 429 13.84 -38.50 -8.30
C ASN C 429 13.01 -37.29 -7.89
N THR C 430 11.73 -37.49 -7.58
CA THR C 430 10.87 -36.42 -7.08
C THR C 430 10.64 -36.62 -5.59
N LEU C 431 10.65 -35.51 -4.85
CA LEU C 431 10.64 -35.53 -3.40
C LEU C 431 9.35 -34.93 -2.85
N TYR C 432 8.70 -35.67 -1.95
CA TYR C 432 7.54 -35.19 -1.22
C TYR C 432 7.86 -35.22 0.28
N TYR C 433 7.13 -34.42 1.04
CA TYR C 433 7.26 -34.43 2.50
C TYR C 433 5.95 -34.86 3.13
N VAL C 434 6.05 -35.70 4.15
CA VAL C 434 4.88 -36.27 4.81
C VAL C 434 4.34 -35.26 5.83
N ASN C 435 3.02 -35.12 5.87
CA ASN C 435 2.40 -34.21 6.83
C ASN C 435 2.63 -34.70 8.25
N LYS C 436 3.08 -33.79 9.11
CA LYS C 436 3.44 -34.13 10.49
C LYS C 436 2.30 -33.88 11.47
N GLN C 437 1.07 -34.01 11.02
CA GLN C 437 -0.08 -33.76 11.88
C GLN C 437 -0.14 -34.81 12.99
N GLU C 438 -0.49 -34.35 14.20
CA GLU C 438 -0.63 -35.24 15.35
C GLU C 438 -1.96 -35.98 15.29
N GLY C 439 -1.89 -37.30 15.36
CA GLY C 439 -3.09 -38.12 15.30
C GLY C 439 -2.72 -39.57 15.07
N LYS C 440 -3.73 -40.42 15.20
CA LYS C 440 -3.55 -41.86 15.07
C LYS C 440 -3.96 -42.35 13.69
N SER C 441 -3.15 -43.23 13.12
CA SER C 441 -3.35 -43.78 11.79
C SER C 441 -3.47 -45.30 11.90
N LEU C 442 -4.47 -45.87 11.25
CA LEU C 442 -4.72 -47.31 11.27
C LEU C 442 -4.45 -47.87 9.88
N TYR C 443 -3.52 -48.81 9.80
CA TYR C 443 -3.14 -49.48 8.55
C TYR C 443 -4.05 -50.70 8.35
N VAL C 444 -5.29 -50.42 7.95
CA VAL C 444 -6.30 -51.45 7.77
C VAL C 444 -5.92 -52.31 6.56
N LYS C 445 -5.46 -53.53 6.83
CA LYS C 445 -4.91 -54.38 5.79
C LYS C 445 -5.99 -54.78 4.79
N GLY C 446 -5.55 -55.15 3.58
CA GLY C 446 -6.48 -55.62 2.57
C GLY C 446 -5.74 -56.01 1.31
N GLU C 447 -6.44 -56.81 0.49
CA GLU C 447 -5.94 -57.16 -0.84
C GLU C 447 -6.35 -56.08 -1.83
N PRO C 448 -5.41 -55.46 -2.55
CA PRO C 448 -5.81 -54.49 -3.58
C PRO C 448 -6.72 -55.11 -4.63
N ILE C 449 -7.74 -54.36 -5.03
CA ILE C 449 -8.79 -54.90 -5.90
C ILE C 449 -8.33 -55.05 -7.34
N ILE C 450 -7.18 -54.51 -7.71
CA ILE C 450 -6.74 -54.56 -9.11
C ILE C 450 -6.58 -56.00 -9.57
N ASN C 451 -6.24 -56.91 -8.65
CA ASN C 451 -6.06 -58.31 -9.01
C ASN C 451 -7.38 -59.00 -9.34
N PHE C 452 -8.51 -58.33 -9.17
CA PHE C 452 -9.82 -58.90 -9.46
C PHE C 452 -10.26 -58.65 -10.90
N TYR C 453 -9.49 -57.89 -11.66
CA TYR C 453 -9.79 -57.61 -13.06
C TYR C 453 -8.80 -58.32 -13.96
N ASP C 454 -9.28 -58.75 -15.13
CA ASP C 454 -8.42 -59.35 -16.14
C ASP C 454 -7.83 -58.26 -17.02
N PRO C 455 -6.51 -58.14 -17.13
CA PRO C 455 -5.93 -57.08 -17.98
C PRO C 455 -6.34 -57.18 -19.45
N LEU C 456 -6.76 -58.35 -19.92
CA LEU C 456 -7.24 -58.47 -21.30
C LEU C 456 -8.61 -57.83 -21.51
N VAL C 457 -9.34 -57.55 -20.43
CA VAL C 457 -10.70 -57.03 -20.52
C VAL C 457 -10.83 -55.64 -19.91
N PHE C 458 -9.78 -55.10 -19.33
CA PHE C 458 -9.85 -53.82 -18.63
C PHE C 458 -10.04 -52.68 -19.61
N PRO C 459 -11.12 -51.91 -19.51
CA PRO C 459 -11.28 -50.70 -20.33
C PRO C 459 -10.54 -49.52 -19.72
N SER C 460 -9.58 -48.98 -20.46
CA SER C 460 -8.71 -47.91 -19.98
C SER C 460 -9.00 -46.58 -20.66
N ASP C 461 -10.28 -46.31 -20.94
CA ASP C 461 -10.69 -45.08 -21.62
C ASP C 461 -11.79 -44.36 -20.85
N GLU C 462 -11.82 -44.51 -19.54
CA GLU C 462 -12.86 -43.92 -18.70
C GLU C 462 -12.29 -42.81 -17.83
N PHE C 463 -13.00 -41.67 -17.79
CA PHE C 463 -12.67 -40.55 -16.92
C PHE C 463 -13.57 -40.49 -15.69
N ASP C 464 -14.86 -40.80 -15.85
CA ASP C 464 -15.80 -41.00 -14.75
C ASP C 464 -16.55 -42.29 -15.02
N ALA C 465 -16.19 -43.36 -14.31
CA ALA C 465 -16.84 -44.65 -14.46
C ALA C 465 -17.57 -45.01 -13.17
N SER C 466 -18.10 -46.23 -13.12
CA SER C 466 -18.74 -46.75 -11.93
C SER C 466 -18.51 -48.26 -11.85
N ILE C 467 -18.56 -48.78 -10.62
CA ILE C 467 -18.23 -50.20 -10.41
C ILE C 467 -19.17 -51.11 -11.19
N SER C 468 -20.48 -50.83 -11.14
CA SER C 468 -21.43 -51.71 -11.83
C SER C 468 -21.33 -51.55 -13.34
N GLN C 469 -21.15 -50.32 -13.83
CA GLN C 469 -21.06 -50.15 -15.27
C GLN C 469 -19.73 -50.65 -15.81
N VAL C 470 -18.66 -50.55 -15.01
CA VAL C 470 -17.41 -51.20 -15.42
C VAL C 470 -17.60 -52.72 -15.43
N ASN C 471 -18.34 -53.24 -14.45
CA ASN C 471 -18.64 -54.67 -14.44
C ASN C 471 -19.49 -55.04 -15.65
N GLU C 472 -20.41 -54.15 -16.05
CA GLU C 472 -21.20 -54.42 -17.24
C GLU C 472 -20.34 -54.33 -18.49
N LYS C 473 -19.34 -53.43 -18.49
CA LYS C 473 -18.36 -53.40 -19.58
C LYS C 473 -17.57 -54.70 -19.65
N ILE C 474 -17.10 -55.19 -18.50
CA ILE C 474 -16.43 -56.49 -18.48
C ILE C 474 -17.34 -57.57 -19.01
N ASN C 475 -18.63 -57.52 -18.63
CA ASN C 475 -19.56 -58.56 -19.07
C ASN C 475 -19.76 -58.55 -20.57
N GLN C 476 -19.99 -57.36 -21.16
CA GLN C 476 -20.19 -57.31 -22.60
C GLN C 476 -18.91 -57.69 -23.36
N SER C 477 -17.76 -57.21 -22.89
CA SER C 477 -16.50 -57.57 -23.55
C SER C 477 -16.25 -59.06 -23.43
N LEU C 478 -16.49 -59.62 -22.25
CA LEU C 478 -16.34 -61.07 -22.07
C LEU C 478 -17.33 -61.82 -22.95
N ALA C 479 -18.56 -61.32 -23.04
CA ALA C 479 -19.57 -61.96 -23.88
C ALA C 479 -19.18 -61.97 -25.36
N PHE C 480 -18.63 -60.86 -25.88
CA PHE C 480 -18.24 -60.84 -27.28
C PHE C 480 -17.13 -61.83 -27.58
N ILE C 481 -16.09 -61.87 -26.75
CA ILE C 481 -15.00 -62.81 -27.05
C ILE C 481 -15.48 -64.23 -26.81
N ARG C 482 -16.53 -64.39 -26.01
CA ARG C 482 -17.21 -65.66 -25.78
C ARG C 482 -18.09 -66.08 -26.95
N LYS C 483 -18.86 -65.16 -27.54
CA LYS C 483 -19.88 -65.54 -28.52
C LYS C 483 -19.27 -65.76 -29.91
N SER C 484 -18.15 -65.10 -30.20
CA SER C 484 -17.54 -65.14 -31.52
C SER C 484 -17.33 -66.55 -32.07
N ASP C 485 -17.19 -67.55 -31.20
CA ASP C 485 -16.97 -68.91 -31.67
C ASP C 485 -18.23 -69.64 -32.11
N GLU C 486 -19.28 -69.70 -31.27
CA GLU C 486 -20.38 -70.57 -31.66
C GLU C 486 -21.29 -69.97 -32.72
N LEU C 487 -21.15 -68.67 -33.03
CA LEU C 487 -21.78 -68.13 -34.24
C LEU C 487 -21.40 -68.92 -35.49
N LEU C 488 -20.17 -69.40 -35.57
CA LEU C 488 -19.80 -70.26 -36.68
C LEU C 488 -19.51 -71.69 -36.24
N GLN D 1 -46.02 8.53 12.71
CA GLN D 1 -46.94 8.23 13.80
C GLN D 1 -46.61 6.88 14.44
N VAL D 2 -45.87 6.92 15.53
CA VAL D 2 -45.50 5.73 16.29
C VAL D 2 -46.17 5.78 17.65
N GLN D 3 -46.62 4.62 18.13
CA GLN D 3 -47.36 4.54 19.38
C GLN D 3 -46.86 3.38 20.23
N LEU D 4 -46.64 3.64 21.51
CA LEU D 4 -46.28 2.63 22.50
C LEU D 4 -47.20 2.78 23.69
N VAL D 5 -48.04 1.77 23.94
CA VAL D 5 -49.00 1.79 25.03
C VAL D 5 -48.57 0.80 26.10
N GLN D 6 -48.71 1.21 27.35
CA GLN D 6 -48.32 0.40 28.50
C GLN D 6 -49.55 0.00 29.31
N SER D 7 -49.37 -1.02 30.14
CA SER D 7 -50.45 -1.56 30.94
C SER D 7 -50.77 -0.66 32.12
N GLY D 8 -51.77 -1.05 32.91
CA GLY D 8 -52.20 -0.26 34.05
C GLY D 8 -51.30 -0.44 35.25
N ALA D 9 -51.51 0.43 36.25
CA ALA D 9 -50.71 0.38 37.46
C ALA D 9 -50.96 -0.92 38.23
N GLU D 10 -50.07 -1.19 39.18
CA GLU D 10 -50.11 -2.44 39.94
C GLU D 10 -49.42 -2.24 41.27
N VAL D 11 -49.87 -3.00 42.27
CA VAL D 11 -49.32 -2.95 43.62
C VAL D 11 -48.95 -4.37 44.05
N LYS D 12 -47.77 -4.51 44.66
CA LYS D 12 -47.23 -5.81 45.01
C LYS D 12 -46.51 -5.72 46.36
N LYS D 13 -46.45 -6.87 47.05
CA LYS D 13 -45.67 -7.06 48.25
C LYS D 13 -44.25 -7.51 47.91
N PRO D 14 -43.28 -7.29 48.80
CA PRO D 14 -41.91 -7.68 48.49
C PRO D 14 -41.77 -9.19 48.35
N GLY D 15 -40.96 -9.62 47.39
CA GLY D 15 -40.71 -11.01 47.12
C GLY D 15 -41.47 -11.58 45.94
N ALA D 16 -42.45 -10.86 45.41
CA ALA D 16 -43.20 -11.31 44.25
C ALA D 16 -42.41 -11.09 42.96
N SER D 17 -43.09 -11.13 41.82
CA SER D 17 -42.49 -10.80 40.53
C SER D 17 -43.33 -9.76 39.83
N VAL D 18 -42.70 -9.05 38.89
CA VAL D 18 -43.37 -8.05 38.06
C VAL D 18 -43.20 -8.44 36.60
N LYS D 19 -44.32 -8.48 35.88
CA LYS D 19 -44.33 -8.72 34.43
C LYS D 19 -45.05 -7.57 33.76
N LEU D 20 -44.32 -6.74 33.05
CA LEU D 20 -44.86 -5.54 32.43
C LEU D 20 -44.92 -5.71 30.91
N SER D 21 -45.92 -5.10 30.29
CA SER D 21 -46.15 -5.18 28.85
C SER D 21 -46.01 -3.81 28.21
N CYS D 22 -45.61 -3.83 26.93
CA CYS D 22 -45.47 -2.60 26.16
C CYS D 22 -45.86 -2.95 24.72
N GLN D 23 -47.06 -2.53 24.32
CA GLN D 23 -47.59 -2.86 23.00
C GLN D 23 -47.27 -1.75 22.02
N ALA D 24 -46.72 -2.13 20.87
CA ALA D 24 -46.30 -1.19 19.85
C ALA D 24 -47.29 -1.18 18.69
N SER D 25 -47.36 -0.05 18.00
CA SER D 25 -48.22 0.08 16.83
C SER D 25 -47.73 1.24 15.98
N GLY D 26 -47.99 1.16 14.67
CA GLY D 26 -47.65 2.21 13.75
C GLY D 26 -46.36 2.03 13.00
N TYR D 27 -45.67 0.91 13.19
CA TYR D 27 -44.39 0.68 12.52
C TYR D 27 -44.10 -0.82 12.56
N THR D 28 -43.11 -1.22 11.76
CA THR D 28 -42.64 -2.61 11.76
C THR D 28 -41.77 -2.82 12.98
N PHE D 29 -42.34 -3.44 14.01
CA PHE D 29 -41.61 -3.67 15.26
C PHE D 29 -40.39 -4.55 15.04
N ASN D 30 -40.50 -5.54 14.14
CA ASN D 30 -39.44 -6.52 13.96
C ASN D 30 -38.12 -5.90 13.49
N ASN D 31 -38.16 -4.70 12.92
CA ASN D 31 -36.95 -4.02 12.48
C ASN D 31 -36.26 -3.23 13.58
N TYR D 32 -36.82 -3.22 14.79
CA TYR D 32 -36.26 -2.49 15.91
C TYR D 32 -36.26 -3.38 17.15
N GLY D 33 -35.73 -2.84 18.25
CA GLY D 33 -35.81 -3.49 19.55
C GLY D 33 -36.32 -2.52 20.59
N VAL D 34 -36.40 -3.02 21.82
CA VAL D 34 -36.93 -2.24 22.93
C VAL D 34 -35.92 -2.25 24.08
N SER D 35 -35.66 -1.06 24.63
CA SER D 35 -34.96 -0.90 25.89
C SER D 35 -35.96 -0.52 26.97
N TRP D 36 -35.78 -1.07 28.17
CA TRP D 36 -36.66 -0.80 29.30
C TRP D 36 -35.93 0.07 30.32
N LEU D 37 -36.59 1.12 30.77
CA LEU D 37 -36.01 2.09 31.69
C LEU D 37 -36.88 2.23 32.92
N ARG D 38 -36.27 2.72 34.00
CA ARG D 38 -36.92 2.87 35.29
C ARG D 38 -36.83 4.32 35.75
N GLN D 39 -37.91 4.80 36.38
CA GLN D 39 -37.96 6.15 36.93
C GLN D 39 -38.63 6.07 38.31
N ALA D 40 -37.81 6.05 39.36
CA ALA D 40 -38.37 6.07 40.70
C ALA D 40 -38.55 7.50 41.19
N PRO D 41 -39.52 7.75 42.08
CA PRO D 41 -39.74 9.12 42.55
C PRO D 41 -38.54 9.69 43.29
N GLY D 42 -37.90 10.71 42.70
CA GLY D 42 -36.77 11.38 43.30
C GLY D 42 -35.45 11.14 42.61
N GLN D 43 -35.39 10.26 41.62
CA GLN D 43 -34.16 9.98 40.90
C GLN D 43 -34.42 9.99 39.40
N GLY D 44 -33.33 9.99 38.64
CA GLY D 44 -33.41 10.02 37.19
C GLY D 44 -33.70 8.65 36.60
N LEU D 45 -33.37 8.52 35.31
CA LEU D 45 -33.63 7.28 34.58
C LEU D 45 -32.43 6.34 34.67
N GLU D 46 -32.70 5.05 34.55
CA GLU D 46 -31.69 4.02 34.61
C GLU D 46 -31.95 3.01 33.52
N TRP D 47 -30.96 2.77 32.66
CA TRP D 47 -31.09 1.78 31.60
C TRP D 47 -31.01 0.39 32.20
N MET D 48 -32.12 -0.34 32.20
CA MET D 48 -32.14 -1.67 32.78
C MET D 48 -31.66 -2.72 31.78
N GLY D 49 -32.16 -2.69 30.56
CA GLY D 49 -31.82 -3.69 29.58
C GLY D 49 -32.37 -3.35 28.22
N TRP D 50 -31.78 -3.97 27.20
CA TRP D 50 -32.20 -3.80 25.82
C TRP D 50 -32.28 -5.17 25.16
N ILE D 51 -33.35 -5.41 24.42
CA ILE D 51 -33.52 -6.66 23.68
C ILE D 51 -34.08 -6.35 22.30
N SER D 52 -33.45 -6.89 21.26
CA SER D 52 -33.84 -6.63 19.89
C SER D 52 -34.87 -7.65 19.43
N ALA D 53 -35.92 -7.16 18.78
CA ALA D 53 -36.91 -8.05 18.18
C ALA D 53 -36.46 -8.59 16.83
N TYR D 54 -35.25 -8.26 16.39
CA TYR D 54 -34.75 -8.70 15.09
C TYR D 54 -33.93 -9.98 15.21
N ASN D 55 -32.94 -9.99 16.11
CA ASN D 55 -32.07 -11.15 16.27
C ASN D 55 -32.20 -11.83 17.64
N GLY D 56 -32.90 -11.22 18.60
CA GLY D 56 -33.00 -11.77 19.92
C GLY D 56 -31.85 -11.46 20.84
N ASN D 57 -30.79 -10.81 20.35
CA ASN D 57 -29.67 -10.42 21.19
C ASN D 57 -30.14 -9.45 22.28
N LYS D 58 -29.59 -9.63 23.48
CA LYS D 58 -30.02 -8.87 24.64
C LYS D 58 -28.80 -8.53 25.48
N LYS D 59 -28.90 -7.41 26.21
CA LYS D 59 -27.84 -6.98 27.12
C LYS D 59 -28.45 -6.30 28.32
N TYR D 60 -28.00 -6.69 29.51
CA TYR D 60 -28.50 -6.14 30.76
C TYR D 60 -27.42 -5.30 31.43
N ALA D 61 -27.86 -4.28 32.18
CA ALA D 61 -26.92 -3.49 32.96
C ALA D 61 -26.29 -4.36 34.05
N PRO D 62 -25.05 -4.06 34.44
CA PRO D 62 -24.40 -4.87 35.48
C PRO D 62 -25.14 -4.85 36.80
N LYS D 63 -25.70 -3.71 37.19
CA LYS D 63 -26.40 -3.60 38.46
C LYS D 63 -27.65 -4.48 38.53
N PHE D 64 -28.17 -4.91 37.38
CA PHE D 64 -29.44 -5.62 37.33
C PHE D 64 -29.29 -7.09 36.96
N GLN D 65 -28.06 -7.56 36.74
CA GLN D 65 -27.85 -8.97 36.41
C GLN D 65 -28.22 -9.86 37.59
N GLY D 66 -28.94 -10.95 37.28
CA GLY D 66 -29.46 -11.84 38.30
C GLY D 66 -30.92 -11.63 38.63
N ARG D 67 -31.55 -10.58 38.11
CA ARG D 67 -32.95 -10.30 38.36
C ARG D 67 -33.76 -10.05 37.11
N LEU D 68 -33.14 -9.68 36.00
CA LEU D 68 -33.85 -9.24 34.81
C LEU D 68 -33.92 -10.35 33.78
N THR D 69 -35.02 -10.38 33.04
CA THR D 69 -35.14 -11.19 31.83
C THR D 69 -36.21 -10.59 30.94
N LEU D 70 -35.83 -10.32 29.69
CA LEU D 70 -36.69 -9.65 28.72
C LEU D 70 -37.12 -10.63 27.64
N THR D 71 -38.37 -10.50 27.18
CA THR D 71 -38.97 -11.44 26.25
C THR D 71 -39.79 -10.67 25.24
N THR D 72 -39.47 -10.83 23.95
CA THR D 72 -40.21 -10.18 22.87
C THR D 72 -41.26 -11.12 22.31
N VAL D 73 -42.44 -10.57 22.01
CA VAL D 73 -43.51 -11.31 21.35
C VAL D 73 -43.77 -10.61 20.03
N THR D 74 -43.35 -11.25 18.93
CA THR D 74 -43.50 -10.65 17.61
C THR D 74 -44.86 -10.89 16.98
N SER D 75 -45.62 -11.87 17.46
CA SER D 75 -46.95 -12.12 16.92
C SER D 75 -47.90 -10.94 17.14
N THR D 76 -47.65 -10.13 18.17
CA THR D 76 -48.48 -8.97 18.44
C THR D 76 -47.68 -7.69 18.65
N GLY D 77 -46.36 -7.73 18.48
CA GLY D 77 -45.54 -6.54 18.61
C GLY D 77 -45.51 -5.96 20.02
N THR D 78 -45.19 -6.79 21.01
CA THR D 78 -45.22 -6.39 22.41
C THR D 78 -43.93 -6.81 23.08
N ALA D 79 -43.46 -5.97 24.01
CA ALA D 79 -42.33 -6.28 24.88
C ALA D 79 -42.81 -6.68 26.27
N TYR D 80 -42.07 -7.60 26.88
CA TYR D 80 -42.35 -8.00 28.25
C TYR D 80 -41.04 -8.00 29.04
N MET D 81 -41.12 -7.56 30.29
CA MET D 81 -39.95 -7.47 31.16
C MET D 81 -40.30 -8.09 32.50
N GLU D 82 -39.49 -9.06 32.92
CA GLU D 82 -39.65 -9.69 34.22
C GLU D 82 -38.49 -9.27 35.14
N LEU D 83 -38.81 -8.79 36.35
CA LEU D 83 -37.84 -8.48 37.40
C LEU D 83 -38.25 -9.18 38.69
N ARG D 84 -37.26 -9.69 39.43
CA ARG D 84 -37.50 -10.36 40.70
C ARG D 84 -36.75 -9.65 41.82
N SER D 85 -36.78 -10.26 43.02
CA SER D 85 -36.14 -9.70 44.21
C SER D 85 -36.65 -8.28 44.50
N LEU D 86 -37.97 -8.18 44.64
CA LEU D 86 -38.59 -6.88 44.80
C LEU D 86 -38.26 -6.30 46.17
N LYS D 87 -37.90 -5.02 46.19
CA LYS D 87 -37.67 -4.27 47.41
C LYS D 87 -38.22 -2.87 47.23
N SER D 88 -38.02 -2.02 48.24
CA SER D 88 -38.55 -0.66 48.21
C SER D 88 -38.06 0.12 46.99
N ASP D 89 -36.96 -0.29 46.38
CA ASP D 89 -36.44 0.36 45.18
C ASP D 89 -37.17 -0.05 43.91
N ASP D 90 -38.35 -0.68 44.02
CA ASP D 90 -39.13 -1.05 42.85
C ASP D 90 -40.34 -0.15 42.63
N THR D 91 -40.74 0.64 43.62
CA THR D 91 -41.81 1.61 43.43
C THR D 91 -41.32 2.66 42.45
N ALA D 92 -41.79 2.59 41.21
CA ALA D 92 -41.22 3.40 40.14
C ALA D 92 -42.12 3.33 38.91
N LEU D 93 -41.86 4.24 37.98
CA LEU D 93 -42.50 4.26 36.67
C LEU D 93 -41.55 3.63 35.65
N TYR D 94 -42.06 2.70 34.85
CA TYR D 94 -41.24 1.96 33.91
C TYR D 94 -41.56 2.41 32.49
N PHE D 95 -40.53 2.68 31.70
CA PHE D 95 -40.67 3.32 30.40
C PHE D 95 -40.21 2.39 29.28
N CYS D 96 -40.94 2.41 28.17
CA CYS D 96 -40.64 1.63 26.99
C CYS D 96 -40.07 2.57 25.93
N ALA D 97 -39.09 2.09 25.18
CA ALA D 97 -38.56 2.88 24.07
C ALA D 97 -37.94 1.96 23.02
N ARG D 98 -37.89 2.47 21.78
CA ARG D 98 -37.33 1.75 20.66
C ARG D 98 -35.83 1.98 20.56
N ASP D 99 -35.13 1.02 19.96
CA ASP D 99 -33.68 1.05 19.84
C ASP D 99 -33.27 0.24 18.62
N PRO D 100 -32.05 0.41 18.13
CA PRO D 100 -31.62 -0.30 16.92
C PRO D 100 -31.64 -1.80 17.11
N PRO D 101 -31.68 -2.58 16.03
CA PRO D 101 -31.70 -4.04 16.15
C PRO D 101 -30.36 -4.64 16.53
N ALA D 102 -29.27 -3.89 16.43
CA ALA D 102 -27.94 -4.42 16.67
C ALA D 102 -27.21 -3.52 17.65
N VAL D 103 -26.05 -3.99 18.11
CA VAL D 103 -25.25 -3.23 19.07
C VAL D 103 -24.71 -1.98 18.37
N ALA D 104 -25.28 -0.84 18.70
CA ALA D 104 -24.89 0.44 18.09
C ALA D 104 -25.40 1.56 19.00
N ALA D 105 -25.26 2.79 18.54
CA ALA D 105 -25.77 3.94 19.27
C ALA D 105 -27.28 3.83 19.44
N ALA D 106 -27.78 4.35 20.56
CA ALA D 106 -29.20 4.28 20.89
C ALA D 106 -29.95 5.44 20.25
N MET D 107 -31.11 5.14 19.68
CA MET D 107 -31.95 6.17 19.08
C MET D 107 -32.99 6.70 20.07
N PHE D 108 -33.78 5.81 20.68
CA PHE D 108 -34.75 6.18 21.72
C PHE D 108 -35.74 7.22 21.21
N ASP D 109 -36.29 6.96 20.02
CA ASP D 109 -37.06 7.99 19.32
C ASP D 109 -38.42 8.22 20.00
N PHE D 110 -39.14 7.15 20.32
CA PHE D 110 -40.48 7.28 20.88
C PHE D 110 -40.56 6.52 22.20
N TRP D 111 -41.31 7.09 23.15
CA TRP D 111 -41.44 6.54 24.49
C TRP D 111 -42.91 6.33 24.82
N GLY D 112 -43.20 5.28 25.59
CA GLY D 112 -44.54 5.07 26.09
C GLY D 112 -44.78 5.76 27.42
N GLN D 113 -46.06 5.98 27.73
CA GLN D 113 -46.42 6.79 28.89
C GLN D 113 -46.08 6.13 30.22
N GLY D 114 -45.66 4.87 30.22
CA GLY D 114 -45.19 4.24 31.45
C GLY D 114 -46.26 3.47 32.17
N THR D 115 -45.82 2.44 32.91
CA THR D 115 -46.66 1.68 33.80
C THR D 115 -46.10 1.79 35.21
N GLN D 116 -46.95 2.14 36.17
CA GLN D 116 -46.52 2.39 37.54
C GLN D 116 -46.70 1.13 38.39
N VAL D 117 -45.63 0.73 39.06
CA VAL D 117 -45.65 -0.43 39.95
C VAL D 117 -45.14 0.03 41.31
N THR D 118 -45.92 -0.24 42.36
CA THR D 118 -45.61 0.20 43.71
C THR D 118 -45.53 -1.00 44.65
N VAL D 119 -44.50 -1.01 45.50
CA VAL D 119 -44.34 -2.02 46.52
C VAL D 119 -44.51 -1.38 47.89
N SER D 120 -44.94 -2.19 48.85
CA SER D 120 -45.22 -1.72 50.21
C SER D 120 -45.46 -2.94 51.08
N SER D 121 -45.64 -2.70 52.37
CA SER D 121 -45.96 -3.76 53.32
C SER D 121 -47.30 -3.50 54.00
N ASP E 1 -18.36 2.30 32.83
CA ASP E 1 -19.46 3.15 32.37
C ASP E 1 -19.07 4.62 32.36
N VAL E 2 -19.47 5.33 31.32
CA VAL E 2 -19.19 6.75 31.18
C VAL E 2 -20.33 7.54 31.83
N VAL E 3 -20.00 8.34 32.83
CA VAL E 3 -20.99 9.12 33.57
C VAL E 3 -21.09 10.50 32.94
N LEU E 4 -22.32 10.94 32.68
CA LEU E 4 -22.58 12.23 32.06
C LEU E 4 -23.05 13.22 33.12
N THR E 5 -22.42 14.39 33.16
CA THR E 5 -22.77 15.43 34.11
C THR E 5 -23.48 16.56 33.38
N GLN E 6 -24.62 16.98 33.93
CA GLN E 6 -25.41 18.06 33.36
C GLN E 6 -25.20 19.33 34.15
N SER E 7 -25.41 20.47 33.48
CA SER E 7 -25.23 21.76 34.12
C SER E 7 -26.17 22.78 33.49
N PRO E 8 -26.99 23.49 34.27
CA PRO E 8 -27.10 23.25 35.72
C PRO E 8 -28.12 22.16 36.04
N LEU E 9 -28.52 22.07 37.30
CA LEU E 9 -29.53 21.12 37.71
C LEU E 9 -30.90 21.77 37.93
N SER E 10 -30.93 23.09 38.11
CA SER E 10 -32.16 23.86 38.20
C SER E 10 -32.09 25.01 37.23
N LEU E 11 -33.12 25.18 36.40
CA LEU E 11 -33.13 26.16 35.32
C LEU E 11 -34.36 27.04 35.41
N PRO E 12 -34.32 28.10 36.22
CA PRO E 12 -35.39 29.11 36.17
C PRO E 12 -35.13 30.10 35.05
N VAL E 13 -36.12 30.26 34.16
CA VAL E 13 -35.95 31.05 32.95
C VAL E 13 -37.15 31.97 32.76
N THR E 14 -36.90 33.10 32.11
CA THR E 14 -37.93 34.07 31.78
C THR E 14 -38.42 33.89 30.35
N LEU E 15 -39.70 34.14 30.14
CA LEU E 15 -40.32 33.85 28.86
C LEU E 15 -39.69 34.66 27.73
N GLY E 16 -39.42 33.99 26.61
CA GLY E 16 -38.90 34.64 25.42
C GLY E 16 -37.39 34.63 25.29
N GLN E 17 -36.66 34.40 26.37
CA GLN E 17 -35.21 34.45 26.35
C GLN E 17 -34.63 33.09 25.98
N PRO E 18 -33.35 33.04 25.63
CA PRO E 18 -32.70 31.74 25.39
C PRO E 18 -32.41 31.00 26.68
N ALA E 19 -32.10 29.71 26.53
CA ALA E 19 -31.71 28.85 27.64
C ALA E 19 -30.56 27.95 27.19
N SER E 20 -29.75 27.53 28.15
CA SER E 20 -28.56 26.72 27.88
C SER E 20 -28.49 25.56 28.84
N ILE E 21 -28.26 24.35 28.32
CA ILE E 21 -28.09 23.15 29.13
C ILE E 21 -26.90 22.38 28.57
N SER E 22 -25.87 22.20 29.40
CA SER E 22 -24.63 21.55 28.98
C SER E 22 -24.56 20.12 29.52
N CYS E 23 -23.94 19.24 28.74
CA CYS E 23 -23.72 17.85 29.13
C CYS E 23 -22.25 17.52 28.90
N ARG E 24 -21.62 16.90 29.91
CA ARG E 24 -20.17 16.73 29.95
C ARG E 24 -19.90 15.27 30.24
N SER E 25 -19.12 14.63 29.37
CA SER E 25 -18.87 13.20 29.44
C SER E 25 -17.58 12.91 30.21
N SER E 26 -17.48 11.68 30.72
CA SER E 26 -16.29 11.25 31.43
C SER E 26 -15.24 10.61 30.52
N GLN E 27 -15.64 10.08 29.38
CA GLN E 27 -14.69 9.55 28.41
C GLN E 27 -15.22 9.78 27.00
N SER E 28 -14.35 9.56 26.02
CA SER E 28 -14.69 9.87 24.64
C SER E 28 -15.84 9.01 24.15
N LEU E 29 -16.80 9.64 23.47
CA LEU E 29 -17.97 8.98 22.92
C LEU E 29 -17.86 8.74 21.42
N VAL E 30 -16.65 8.80 20.88
CA VAL E 30 -16.45 8.65 19.43
C VAL E 30 -16.44 7.16 19.10
N LEU E 31 -17.35 6.76 18.21
CA LEU E 31 -17.45 5.38 17.79
C LEU E 31 -16.38 5.08 16.73
N SER E 32 -16.45 3.90 16.12
CA SER E 32 -15.42 3.49 15.16
C SER E 32 -15.43 4.38 13.92
N ASP E 33 -16.61 4.78 13.45
CA ASP E 33 -16.69 5.57 12.23
C ASP E 33 -16.23 7.00 12.46
N GLY E 34 -16.62 7.60 13.58
CA GLY E 34 -16.27 8.98 13.85
C GLY E 34 -17.43 9.79 14.40
N ASN E 35 -18.63 9.22 14.36
CA ASN E 35 -19.81 9.91 14.86
C ASN E 35 -19.79 9.98 16.37
N THR E 36 -20.00 11.17 16.92
CA THR E 36 -20.10 11.39 18.35
C THR E 36 -21.56 11.48 18.73
N TYR E 37 -22.01 10.59 19.62
CA TYR E 37 -23.43 10.37 19.88
C TYR E 37 -23.80 10.95 21.24
N LEU E 38 -24.47 12.09 21.23
CA LEU E 38 -25.17 12.61 22.40
C LEU E 38 -26.55 13.08 21.99
N SER E 39 -27.57 12.57 22.67
CA SER E 39 -28.96 12.88 22.38
C SER E 39 -29.58 13.63 23.56
N TRP E 40 -30.64 14.38 23.26
CA TRP E 40 -31.35 15.18 24.25
C TRP E 40 -32.83 14.79 24.24
N PHE E 41 -33.42 14.74 25.43
CA PHE E 41 -34.79 14.27 25.60
C PHE E 41 -35.56 15.23 26.49
N HIS E 42 -36.77 15.58 26.07
CA HIS E 42 -37.63 16.50 26.79
C HIS E 42 -38.83 15.74 27.34
N GLN E 43 -39.06 15.85 28.64
CA GLN E 43 -40.16 15.17 29.31
C GLN E 43 -41.05 16.20 29.97
N ARG E 44 -42.32 16.24 29.55
CA ARG E 44 -43.30 17.09 30.21
C ARG E 44 -43.96 16.33 31.35
N PRO E 45 -44.38 17.03 32.41
CA PRO E 45 -44.98 16.34 33.57
C PRO E 45 -46.22 15.54 33.17
N GLY E 46 -46.34 14.34 33.77
CA GLY E 46 -47.47 13.49 33.53
C GLY E 46 -47.42 12.66 32.26
N HIS E 47 -46.48 12.95 31.35
CA HIS E 47 -46.38 12.28 30.07
C HIS E 47 -44.99 11.67 29.90
N SER E 48 -44.80 10.96 28.79
CA SER E 48 -43.53 10.33 28.49
C SER E 48 -42.55 11.33 27.87
N PRO E 49 -41.24 11.12 28.06
CA PRO E 49 -40.27 11.99 27.40
C PRO E 49 -40.30 11.79 25.89
N ARG E 50 -39.83 12.82 25.19
CA ARG E 50 -39.77 12.80 23.74
C ARG E 50 -38.38 13.22 23.27
N ARG E 51 -37.83 12.49 22.31
CA ARG E 51 -36.53 12.83 21.76
C ARG E 51 -36.55 14.21 21.11
N LEU E 52 -35.50 14.96 21.34
CA LEU E 52 -35.39 16.34 20.87
C LEU E 52 -34.23 16.54 19.90
N ILE E 53 -33.06 15.99 20.22
CA ILE E 53 -31.88 16.05 19.37
C ILE E 53 -31.27 14.66 19.34
N TYR E 54 -31.07 14.10 18.15
CA TYR E 54 -30.56 12.74 18.05
C TYR E 54 -29.06 12.66 17.83
N ARG E 55 -28.51 13.51 16.96
CA ARG E 55 -27.07 13.71 16.88
C ARG E 55 -26.77 15.19 17.02
N ILE E 56 -25.51 15.49 17.34
CA ILE E 56 -25.07 16.86 17.60
C ILE E 56 -25.44 17.76 16.43
N SER E 57 -26.18 18.83 16.71
CA SER E 57 -26.67 19.79 15.72
C SER E 57 -27.60 19.13 14.71
N HIS E 58 -28.31 18.08 15.11
CA HIS E 58 -29.33 17.44 14.28
C HIS E 58 -30.69 17.56 14.96
N ARG E 59 -31.54 18.42 14.42
CA ARG E 59 -32.89 18.57 14.95
C ARG E 59 -33.75 17.38 14.54
N ASP E 60 -34.68 17.00 15.42
CA ASP E 60 -35.53 15.84 15.18
C ASP E 60 -36.82 16.25 14.48
N SER E 61 -37.56 15.24 14.01
CA SER E 61 -38.79 15.48 13.29
C SER E 61 -39.85 16.10 14.19
N GLY E 62 -40.44 17.20 13.73
CA GLY E 62 -41.43 17.92 14.49
C GLY E 62 -40.88 18.86 15.56
N VAL E 63 -39.58 18.77 15.85
CA VAL E 63 -38.96 19.66 16.83
C VAL E 63 -38.91 21.07 16.25
N PRO E 64 -39.50 22.07 16.92
CA PRO E 64 -39.59 23.41 16.32
C PRO E 64 -38.23 24.11 16.21
N ASP E 65 -38.24 25.31 15.62
CA ASP E 65 -37.00 26.05 15.38
C ASP E 65 -36.28 26.40 16.67
N ARG E 66 -36.99 26.42 17.80
CA ARG E 66 -36.42 26.95 19.03
C ARG E 66 -35.27 26.11 19.59
N PHE E 67 -35.09 24.89 19.08
CA PHE E 67 -34.17 23.94 19.67
C PHE E 67 -32.97 23.70 18.75
N SER E 68 -31.78 23.66 19.34
CA SER E 68 -30.54 23.37 18.63
C SER E 68 -29.43 23.22 19.66
N GLY E 69 -28.40 22.47 19.29
CA GLY E 69 -27.26 22.29 20.16
C GLY E 69 -26.08 21.62 19.46
N SER E 70 -24.89 22.20 19.55
CA SER E 70 -23.73 21.66 18.85
C SER E 70 -22.46 22.00 19.62
N GLU E 71 -21.64 20.99 19.88
CA GLU E 71 -20.33 21.19 20.49
C GLU E 71 -19.47 19.95 20.27
N SER E 72 -18.15 20.16 20.26
CA SER E 72 -17.18 19.12 19.92
C SER E 72 -16.14 18.96 21.02
N GLY E 73 -15.35 17.90 20.89
CA GLY E 73 -14.25 17.61 21.81
C GLY E 73 -14.63 16.88 23.08
N THR E 74 -15.18 17.61 24.05
CA THR E 74 -15.58 16.97 25.31
C THR E 74 -16.95 17.40 25.81
N ASP E 75 -17.45 18.58 25.41
CA ASP E 75 -18.72 19.10 25.89
C ASP E 75 -19.77 19.03 24.79
N PHE E 76 -21.03 19.08 25.20
CA PHE E 76 -22.16 19.18 24.29
C PHE E 76 -23.20 20.11 24.89
N THR E 77 -23.94 20.79 24.03
CA THR E 77 -24.80 21.88 24.45
C THR E 77 -26.24 21.65 23.99
N LEU E 78 -27.17 22.26 24.72
CA LEU E 78 -28.56 22.35 24.33
C LEU E 78 -28.98 23.80 24.45
N LYS E 79 -29.30 24.42 23.31
CA LYS E 79 -29.62 25.84 23.24
C LYS E 79 -31.07 26.00 22.84
N ILE E 80 -31.84 26.66 23.69
CA ILE E 80 -33.23 26.99 23.40
C ILE E 80 -33.26 28.41 22.86
N SER E 81 -33.74 28.57 21.62
CA SER E 81 -33.77 29.89 21.00
C SER E 81 -34.66 30.83 21.80
N ARG E 82 -35.92 30.45 22.01
CA ARG E 82 -36.84 31.20 22.85
C ARG E 82 -37.66 30.21 23.66
N VAL E 83 -37.58 30.30 24.98
CA VAL E 83 -38.36 29.44 25.86
C VAL E 83 -39.81 29.92 25.88
N GLU E 84 -40.74 29.01 25.70
CA GLU E 84 -42.15 29.34 25.77
C GLU E 84 -42.78 28.68 27.00
N ALA E 85 -44.08 28.92 27.18
CA ALA E 85 -44.82 28.35 28.29
C ALA E 85 -45.03 26.85 28.15
N GLU E 86 -44.77 26.28 26.97
CA GLU E 86 -44.90 24.87 26.69
C GLU E 86 -43.63 24.10 26.99
N ASP E 87 -42.53 24.79 27.30
CA ASP E 87 -41.24 24.15 27.49
C ASP E 87 -40.98 23.73 28.94
N VAL E 88 -41.99 23.78 29.80
CA VAL E 88 -41.83 23.23 31.14
C VAL E 88 -41.60 21.73 31.08
N GLY E 89 -40.75 21.24 31.95
CA GLY E 89 -40.47 19.82 32.05
C GLY E 89 -39.06 19.59 32.60
N ILE E 90 -38.45 18.50 32.14
CA ILE E 90 -37.09 18.13 32.53
C ILE E 90 -36.37 17.62 31.29
N TYR E 91 -35.09 17.97 31.17
CA TYR E 91 -34.27 17.61 30.01
C TYR E 91 -33.13 16.70 30.44
N TYR E 92 -32.89 15.67 29.64
CA TYR E 92 -31.84 14.68 29.89
C TYR E 92 -30.94 14.56 28.67
N CYS E 93 -29.64 14.40 28.91
CA CYS E 93 -28.68 14.09 27.85
C CYS E 93 -28.30 12.62 27.94
N MET E 94 -27.92 12.05 26.79
CA MET E 94 -27.74 10.62 26.68
C MET E 94 -26.62 10.29 25.69
N GLN E 95 -25.77 9.34 26.07
CA GLN E 95 -24.78 8.77 25.17
C GLN E 95 -25.21 7.36 24.78
N GLY E 96 -24.88 6.96 23.56
CA GLY E 96 -25.32 5.68 23.05
C GLY E 96 -24.20 4.74 22.66
N THR E 97 -22.95 5.18 22.79
CA THR E 97 -21.82 4.39 22.30
C THR E 97 -21.33 3.37 23.31
N HIS E 98 -21.35 3.72 24.59
CA HIS E 98 -20.79 2.86 25.63
C HIS E 98 -21.90 2.15 26.39
N TRP E 99 -21.66 0.89 26.75
CA TRP E 99 -22.59 0.11 27.56
C TRP E 99 -22.14 0.14 29.01
N PRO E 100 -23.04 0.44 29.96
CA PRO E 100 -24.47 0.72 29.74
C PRO E 100 -24.72 2.13 29.23
N ARG E 101 -25.83 2.31 28.51
CA ARG E 101 -26.20 3.61 27.97
C ARG E 101 -26.62 4.51 29.12
N THR E 102 -25.71 5.39 29.55
CA THR E 102 -25.94 6.21 30.72
C THR E 102 -26.70 7.49 30.37
N PHE E 103 -27.66 7.85 31.20
CA PHE E 103 -28.36 9.12 31.11
C PHE E 103 -27.70 10.16 32.01
N GLY E 104 -28.18 11.40 31.90
CA GLY E 104 -27.81 12.43 32.85
C GLY E 104 -28.71 12.44 34.06
N GLN E 105 -28.45 13.40 34.95
CA GLN E 105 -29.32 13.57 36.11
C GLN E 105 -30.64 14.22 35.72
N GLY E 106 -30.62 15.13 34.75
CA GLY E 106 -31.81 15.85 34.36
C GLY E 106 -31.98 17.20 35.01
N THR E 107 -32.21 18.23 34.20
CA THR E 107 -32.41 19.59 34.70
C THR E 107 -33.87 19.97 34.51
N LYS E 108 -34.47 20.54 35.56
CA LYS E 108 -35.86 21.00 35.50
C LYS E 108 -35.90 22.42 34.94
N VAL E 109 -36.91 22.70 34.13
CA VAL E 109 -37.06 23.99 33.48
C VAL E 109 -38.49 24.48 33.69
N GLU E 110 -38.62 25.60 34.40
CA GLU E 110 -39.90 26.26 34.60
C GLU E 110 -39.77 27.72 34.18
N ILE E 111 -40.92 28.37 34.02
CA ILE E 111 -40.96 29.78 33.65
C ILE E 111 -41.04 30.63 34.90
N LYS E 112 -40.28 31.72 34.91
CA LYS E 112 -40.27 32.65 36.04
C LYS E 112 -41.41 33.66 35.93
N GLN F 1 17.52 18.32 -41.55
CA GLN F 1 17.08 19.13 -42.68
C GLN F 1 15.59 18.90 -42.94
N VAL F 2 14.76 19.79 -42.42
CA VAL F 2 13.31 19.73 -42.61
C VAL F 2 12.89 20.94 -43.44
N GLN F 3 11.92 20.74 -44.33
CA GLN F 3 11.48 21.79 -45.24
C GLN F 3 9.96 21.82 -45.31
N LEU F 4 9.40 23.03 -45.22
CA LEU F 4 7.97 23.26 -45.40
C LEU F 4 7.81 24.40 -46.40
N VAL F 5 7.23 24.12 -47.55
CA VAL F 5 7.03 25.09 -48.61
C VAL F 5 5.55 25.42 -48.73
N GLN F 6 5.25 26.70 -48.91
CA GLN F 6 3.89 27.20 -49.02
C GLN F 6 3.62 27.73 -50.42
N SER F 7 2.34 27.85 -50.75
CA SER F 7 1.91 28.28 -52.07
C SER F 7 2.09 29.79 -52.23
N GLY F 8 1.76 30.30 -53.42
CA GLY F 8 1.92 31.69 -53.71
C GLY F 8 0.80 32.56 -53.14
N ALA F 9 1.02 33.86 -53.19
CA ALA F 9 0.04 34.81 -52.65
C ALA F 9 -1.26 34.75 -53.46
N GLU F 10 -2.30 35.34 -52.89
CA GLU F 10 -3.63 35.29 -53.48
C GLU F 10 -4.45 36.48 -52.99
N VAL F 11 -5.39 36.92 -53.82
CA VAL F 11 -6.27 38.03 -53.51
C VAL F 11 -7.71 37.59 -53.73
N LYS F 12 -8.59 37.94 -52.79
CA LYS F 12 -9.98 37.49 -52.80
C LYS F 12 -10.89 38.61 -52.32
N LYS F 13 -12.14 38.56 -52.78
CA LYS F 13 -13.23 39.41 -52.31
C LYS F 13 -13.92 38.78 -51.12
N PRO F 14 -14.58 39.59 -50.27
CA PRO F 14 -15.24 39.03 -49.09
C PRO F 14 -16.37 38.08 -49.48
N GLY F 15 -16.49 36.99 -48.72
CA GLY F 15 -17.51 35.99 -48.95
C GLY F 15 -17.03 34.73 -49.64
N ALA F 16 -15.83 34.75 -50.22
CA ALA F 16 -15.27 33.58 -50.88
C ALA F 16 -14.73 32.58 -49.87
N SER F 17 -13.89 31.65 -50.33
CA SER F 17 -13.20 30.71 -49.46
C SER F 17 -11.71 30.76 -49.76
N VAL F 18 -10.91 30.31 -48.78
CA VAL F 18 -9.47 30.22 -48.91
C VAL F 18 -9.05 28.78 -48.67
N LYS F 19 -8.28 28.21 -49.61
CA LYS F 19 -7.70 26.88 -49.47
C LYS F 19 -6.19 27.00 -49.64
N LEU F 20 -5.46 26.82 -48.55
CA LEU F 20 -4.01 26.98 -48.53
C LEU F 20 -3.32 25.64 -48.39
N SER F 21 -2.15 25.53 -49.01
CA SER F 21 -1.38 24.29 -49.04
C SER F 21 -0.05 24.49 -48.31
N CYS F 22 0.47 23.39 -47.74
CA CYS F 22 1.76 23.41 -47.06
C CYS F 22 2.40 22.04 -47.32
N GLN F 23 3.38 22.01 -48.21
CA GLN F 23 4.03 20.77 -48.62
C GLN F 23 5.27 20.53 -47.77
N ALA F 24 5.38 19.33 -47.22
CA ALA F 24 6.48 18.97 -46.34
C ALA F 24 7.48 18.07 -47.07
N SER F 25 8.72 18.11 -46.63
CA SER F 25 9.77 17.26 -47.19
C SER F 25 10.91 17.16 -46.19
N GLY F 26 11.63 16.05 -46.26
CA GLY F 26 12.80 15.84 -45.43
C GLY F 26 12.57 15.01 -44.18
N TYR F 27 11.35 14.52 -43.97
CA TYR F 27 11.04 13.75 -42.76
C TYR F 27 9.78 12.95 -43.01
N THR F 28 9.52 12.00 -42.12
CA THR F 28 8.29 11.21 -42.17
C THR F 28 7.15 12.06 -41.63
N PHE F 29 6.34 12.61 -42.54
CA PHE F 29 5.25 13.49 -42.14
C PHE F 29 4.23 12.74 -41.28
N ASN F 30 3.99 11.46 -41.59
CA ASN F 30 2.94 10.70 -40.92
C ASN F 30 3.16 10.56 -39.42
N ASN F 31 4.39 10.75 -38.95
CA ASN F 31 4.67 10.67 -37.52
C ASN F 31 4.44 11.98 -36.79
N TYR F 32 4.02 13.03 -37.49
CA TYR F 32 3.77 14.33 -36.89
C TYR F 32 2.44 14.88 -37.41
N GLY F 33 2.07 16.06 -36.91
CA GLY F 33 0.92 16.78 -37.41
C GLY F 33 1.30 18.22 -37.70
N VAL F 34 0.30 18.98 -38.15
CA VAL F 34 0.50 20.37 -38.55
C VAL F 34 -0.49 21.25 -37.79
N SER F 35 0.02 22.34 -37.23
CA SER F 35 -0.79 23.44 -36.73
C SER F 35 -0.69 24.61 -37.69
N TRP F 36 -1.81 25.30 -37.91
CA TRP F 36 -1.86 26.45 -38.80
C TRP F 36 -2.02 27.72 -37.98
N LEU F 37 -1.20 28.72 -38.30
CA LEU F 37 -1.17 29.98 -37.56
C LEU F 37 -1.38 31.15 -38.52
N ARG F 38 -1.81 32.28 -37.96
CA ARG F 38 -2.14 33.47 -38.71
C ARG F 38 -1.32 34.65 -38.20
N GLN F 39 -0.88 35.51 -39.13
CA GLN F 39 -0.12 36.71 -38.78
C GLN F 39 -0.66 37.85 -39.64
N ALA F 40 -1.54 38.67 -39.06
CA ALA F 40 -2.02 39.83 -39.79
C ALA F 40 -1.13 41.03 -39.52
N PRO F 41 -1.03 41.97 -40.47
CA PRO F 41 -0.16 43.13 -40.28
C PRO F 41 -0.56 43.98 -39.09
N GLY F 42 0.28 44.02 -38.05
CA GLY F 42 0.03 44.82 -36.87
C GLY F 42 -0.28 44.03 -35.62
N GLN F 43 -0.44 42.71 -35.71
CA GLN F 43 -0.75 41.87 -34.56
C GLN F 43 0.15 40.65 -34.56
N GLY F 44 0.16 39.94 -33.44
CA GLY F 44 0.97 38.75 -33.27
C GLY F 44 0.35 37.53 -33.93
N LEU F 45 0.80 36.36 -33.47
CA LEU F 45 0.34 35.09 -34.01
C LEU F 45 -0.86 34.57 -33.25
N GLU F 46 -1.69 33.78 -33.94
CA GLU F 46 -2.89 33.21 -33.36
C GLU F 46 -2.98 31.75 -33.80
N TRP F 47 -3.08 30.84 -32.82
CA TRP F 47 -3.22 29.42 -33.13
C TRP F 47 -4.63 29.17 -33.62
N MET F 48 -4.76 28.83 -34.91
CA MET F 48 -6.08 28.59 -35.48
C MET F 48 -6.53 27.15 -35.25
N GLY F 49 -5.67 26.18 -35.51
CA GLY F 49 -6.05 24.79 -35.38
C GLY F 49 -4.86 23.88 -35.56
N TRP F 50 -5.02 22.65 -35.07
CA TRP F 50 -4.00 21.61 -35.17
C TRP F 50 -4.66 20.32 -35.62
N ILE F 51 -4.04 19.64 -36.57
CA ILE F 51 -4.54 18.35 -37.06
C ILE F 51 -3.36 17.41 -37.25
N SER F 52 -3.47 16.21 -36.69
CA SER F 52 -2.39 15.23 -36.74
C SER F 52 -2.54 14.36 -37.98
N ALA F 53 -1.42 14.14 -38.68
CA ALA F 53 -1.40 13.22 -39.80
C ALA F 53 -1.27 11.76 -39.37
N TYR F 54 -1.24 11.50 -38.06
CA TYR F 54 -1.09 10.15 -37.54
C TYR F 54 -2.45 9.49 -37.25
N ASN F 55 -3.30 10.17 -36.49
CA ASN F 55 -4.59 9.63 -36.11
C ASN F 55 -5.78 10.40 -36.68
N GLY F 56 -5.56 11.57 -37.27
CA GLY F 56 -6.64 12.39 -37.77
C GLY F 56 -7.32 13.25 -36.73
N ASN F 57 -6.96 13.12 -35.45
CA ASN F 57 -7.54 13.97 -34.43
C ASN F 57 -7.21 15.43 -34.70
N LYS F 58 -8.18 16.30 -34.44
CA LYS F 58 -8.05 17.72 -34.75
C LYS F 58 -8.70 18.53 -33.64
N LYS F 59 -8.20 19.76 -33.46
CA LYS F 59 -8.74 20.67 -32.47
C LYS F 59 -8.64 22.10 -32.99
N TYR F 60 -9.72 22.85 -32.90
CA TYR F 60 -9.78 24.22 -33.36
C TYR F 60 -9.90 25.17 -32.18
N ALA F 61 -9.37 26.38 -32.35
CA ALA F 61 -9.53 27.40 -31.33
C ALA F 61 -11.00 27.81 -31.23
N PRO F 62 -11.44 28.21 -30.03
CA PRO F 62 -12.86 28.59 -29.88
C PRO F 62 -13.27 29.76 -30.77
N LYS F 63 -12.38 30.74 -30.95
CA LYS F 63 -12.71 31.90 -31.77
C LYS F 63 -12.94 31.55 -33.23
N PHE F 64 -12.47 30.39 -33.68
CA PHE F 64 -12.50 30.05 -35.09
C PHE F 64 -13.49 28.92 -35.40
N GLN F 65 -14.19 28.40 -34.41
CA GLN F 65 -15.16 27.34 -34.65
C GLN F 65 -16.32 27.86 -35.50
N GLY F 66 -16.72 27.07 -36.49
CA GLY F 66 -17.74 27.44 -37.43
C GLY F 66 -17.21 27.93 -38.77
N ARG F 67 -15.89 28.12 -38.89
CA ARG F 67 -15.28 28.57 -40.14
C ARG F 67 -14.11 27.72 -40.60
N LEU F 68 -13.49 26.95 -39.72
CA LEU F 68 -12.25 26.24 -40.03
C LEU F 68 -12.53 24.77 -40.31
N THR F 69 -11.74 24.22 -41.24
CA THR F 69 -11.68 22.78 -41.43
C THR F 69 -10.34 22.43 -42.06
N LEU F 70 -9.62 21.51 -41.43
CA LEU F 70 -8.27 21.12 -41.83
C LEU F 70 -8.29 19.72 -42.40
N THR F 71 -7.48 19.48 -43.43
CA THR F 71 -7.48 18.22 -44.17
C THR F 71 -6.04 17.86 -44.49
N THR F 72 -5.60 16.67 -44.05
CA THR F 72 -4.26 16.18 -44.34
C THR F 72 -4.28 15.26 -45.55
N VAL F 73 -3.26 15.39 -46.40
CA VAL F 73 -3.07 14.51 -47.53
C VAL F 73 -1.74 13.79 -47.32
N THR F 74 -1.80 12.50 -46.99
CA THR F 74 -0.59 11.74 -46.70
C THR F 74 0.08 11.17 -47.94
N SER F 75 -0.64 11.09 -49.07
CA SER F 75 -0.04 10.58 -50.29
C SER F 75 1.10 11.47 -50.79
N THR F 76 1.07 12.76 -50.45
CA THR F 76 2.13 13.67 -50.85
C THR F 76 2.70 14.50 -49.69
N GLY F 77 2.25 14.26 -48.47
CA GLY F 77 2.77 14.96 -47.31
C GLY F 77 2.47 16.44 -47.30
N THR F 78 1.19 16.80 -47.47
CA THR F 78 0.76 18.18 -47.57
C THR F 78 -0.40 18.43 -46.62
N ALA F 79 -0.43 19.63 -46.05
CA ALA F 79 -1.55 20.12 -45.25
C ALA F 79 -2.41 21.09 -46.05
N TYR F 80 -3.71 21.06 -45.79
CA TYR F 80 -4.63 21.99 -46.40
C TYR F 80 -5.53 22.58 -45.32
N MET F 81 -5.84 23.87 -45.43
CA MET F 81 -6.67 24.56 -44.46
C MET F 81 -7.72 25.36 -45.23
N GLU F 82 -8.98 25.13 -44.88
CA GLU F 82 -10.09 25.88 -45.44
C GLU F 82 -10.69 26.80 -44.38
N LEU F 83 -10.84 28.09 -44.70
CA LEU F 83 -11.54 29.07 -43.86
C LEU F 83 -12.59 29.80 -44.69
N ARG F 84 -13.74 30.07 -44.07
CA ARG F 84 -14.83 30.77 -44.73
C ARG F 84 -15.17 32.05 -43.96
N SER F 85 -16.25 32.73 -44.40
CA SER F 85 -16.70 33.98 -43.80
C SER F 85 -15.59 35.03 -43.82
N LEU F 86 -15.07 35.29 -45.02
CA LEU F 86 -13.94 36.18 -45.17
C LEU F 86 -14.35 37.62 -44.88
N LYS F 87 -13.53 38.31 -44.10
CA LYS F 87 -13.70 39.73 -43.82
C LYS F 87 -12.31 40.38 -43.82
N SER F 88 -12.29 41.67 -43.48
CA SER F 88 -11.04 42.42 -43.50
C SER F 88 -9.98 41.81 -42.58
N ASP F 89 -10.38 41.00 -41.61
CA ASP F 89 -9.46 40.33 -40.71
C ASP F 89 -8.82 39.09 -41.33
N ASP F 90 -8.91 38.91 -42.65
CA ASP F 90 -8.27 37.78 -43.32
C ASP F 90 -7.02 38.16 -44.09
N THR F 91 -6.79 39.45 -44.34
CA THR F 91 -5.54 39.89 -44.96
C THR F 91 -4.41 39.62 -43.97
N ALA F 92 -3.64 38.56 -44.24
CA ALA F 92 -2.67 38.08 -43.26
C ALA F 92 -1.74 37.08 -43.92
N LEU F 93 -0.65 36.78 -43.22
CA LEU F 93 0.29 35.74 -43.60
C LEU F 93 0.00 34.50 -42.78
N TYR F 94 -0.09 33.35 -43.44
CA TYR F 94 -0.46 32.10 -42.79
C TYR F 94 0.75 31.18 -42.71
N PHE F 95 0.97 30.61 -41.54
CA PHE F 95 2.20 29.88 -41.23
C PHE F 95 1.91 28.41 -40.96
N CYS F 96 2.79 27.55 -41.46
CA CYS F 96 2.71 26.11 -41.26
C CYS F 96 3.76 25.71 -40.24
N ALA F 97 3.43 24.74 -39.38
CA ALA F 97 4.41 24.22 -38.44
C ALA F 97 4.04 22.80 -38.03
N ARG F 98 5.05 22.05 -37.61
CA ARG F 98 4.88 20.67 -37.15
C ARG F 98 4.55 20.63 -35.66
N ASP F 99 3.87 19.55 -35.26
CA ASP F 99 3.41 19.38 -33.89
C ASP F 99 3.29 17.90 -33.61
N PRO F 100 3.22 17.50 -32.34
CA PRO F 100 3.15 16.07 -32.00
C PRO F 100 1.90 15.42 -32.58
N PRO F 101 1.91 14.09 -32.71
CA PRO F 101 0.74 13.39 -33.26
C PRO F 101 -0.43 13.29 -32.30
N ALA F 102 -0.21 13.55 -31.01
CA ALA F 102 -1.25 13.37 -30.00
C ALA F 102 -1.37 14.65 -29.18
N VAL F 103 -2.40 14.69 -28.33
CA VAL F 103 -2.63 15.85 -27.49
C VAL F 103 -1.52 15.91 -26.44
N ALA F 104 -0.60 16.87 -26.62
CA ALA F 104 0.53 17.04 -25.73
C ALA F 104 1.10 18.43 -25.94
N ALA F 105 2.24 18.71 -25.31
CA ALA F 105 2.91 19.99 -25.50
C ALA F 105 3.32 20.16 -26.96
N ALA F 106 3.31 21.41 -27.42
CA ALA F 106 3.61 21.74 -28.80
C ALA F 106 5.11 21.90 -28.99
N MET F 107 5.63 21.31 -30.08
CA MET F 107 7.05 21.44 -30.40
C MET F 107 7.33 22.63 -31.33
N PHE F 108 6.62 22.70 -32.46
CA PHE F 108 6.72 23.82 -33.39
C PHE F 108 8.15 24.03 -33.87
N ASP F 109 8.79 22.93 -34.27
CA ASP F 109 10.24 22.96 -34.52
C ASP F 109 10.57 23.74 -35.79
N PHE F 110 9.86 23.47 -36.88
CA PHE F 110 10.16 24.10 -38.16
C PHE F 110 8.93 24.79 -38.72
N TRP F 111 9.13 25.93 -39.36
CA TRP F 111 8.06 26.76 -39.88
C TRP F 111 8.29 27.02 -41.37
N GLY F 112 7.19 27.10 -42.13
CA GLY F 112 7.27 27.49 -43.52
C GLY F 112 7.19 29.00 -43.71
N GLN F 113 7.67 29.46 -44.87
CA GLN F 113 7.81 30.90 -45.09
C GLN F 113 6.47 31.62 -45.23
N GLY F 114 5.37 30.90 -45.28
CA GLY F 114 4.07 31.55 -45.25
C GLY F 114 3.50 31.79 -46.64
N THR F 115 2.16 31.83 -46.69
CA THR F 115 1.42 32.21 -47.89
C THR F 115 0.55 33.40 -47.55
N GLN F 116 0.64 34.45 -48.36
CA GLN F 116 -0.06 35.70 -48.10
C GLN F 116 -1.39 35.73 -48.83
N VAL F 117 -2.46 36.01 -48.10
CA VAL F 117 -3.81 36.12 -48.66
C VAL F 117 -4.38 37.47 -48.24
N THR F 118 -4.83 38.24 -49.23
CA THR F 118 -5.33 39.59 -49.00
C THR F 118 -6.77 39.72 -49.50
N VAL F 119 -7.61 40.35 -48.69
CA VAL F 119 -8.98 40.64 -49.06
C VAL F 119 -9.15 42.14 -49.21
N SER F 120 -10.10 42.53 -50.04
CA SER F 120 -10.37 43.94 -50.34
C SER F 120 -11.67 44.01 -51.13
N SER F 121 -12.09 45.23 -51.43
CA SER F 121 -13.28 45.46 -52.23
C SER F 121 -12.93 46.26 -53.49
N ASP G 1 -8.19 30.10 -21.16
CA ASP G 1 -6.90 30.23 -21.81
C ASP G 1 -5.91 31.00 -20.94
N VAL G 2 -4.67 30.52 -20.91
CA VAL G 2 -3.62 31.17 -20.14
C VAL G 2 -2.93 32.21 -21.02
N VAL G 3 -2.96 33.46 -20.58
CA VAL G 3 -2.38 34.56 -21.34
C VAL G 3 -0.94 34.77 -20.87
N LEU G 4 -0.02 34.88 -21.82
CA LEU G 4 1.40 35.07 -21.52
C LEU G 4 1.78 36.53 -21.77
N THR G 5 2.43 37.14 -20.80
CA THR G 5 2.86 38.53 -20.89
C THR G 5 4.37 38.58 -21.07
N GLN G 6 4.82 39.34 -22.06
CA GLN G 6 6.24 39.48 -22.34
C GLN G 6 6.73 40.83 -21.81
N SER G 7 8.03 40.88 -21.51
CA SER G 7 8.63 42.11 -21.01
C SER G 7 10.09 42.18 -21.43
N PRO G 8 10.51 43.28 -22.07
CA PRO G 8 9.63 44.38 -22.45
C PRO G 8 9.01 44.13 -23.82
N LEU G 9 8.41 45.17 -24.41
CA LEU G 9 7.85 45.07 -25.75
C LEU G 9 8.73 45.69 -26.82
N SER G 10 9.66 46.55 -26.42
CA SER G 10 10.67 47.12 -27.31
C SER G 10 12.04 46.92 -26.70
N LEU G 11 12.97 46.38 -27.48
CA LEU G 11 14.30 46.01 -26.98
C LEU G 11 15.38 46.63 -27.84
N PRO G 12 15.76 47.89 -27.55
CA PRO G 12 16.96 48.47 -28.19
C PRO G 12 18.21 48.03 -27.45
N VAL G 13 19.15 47.44 -28.18
CA VAL G 13 20.33 46.84 -27.57
C VAL G 13 21.58 47.26 -28.32
N THR G 14 22.70 47.29 -27.61
CA THR G 14 24.00 47.62 -28.18
C THR G 14 24.78 46.34 -28.48
N LEU G 15 25.57 46.39 -29.55
CA LEU G 15 26.24 45.19 -30.05
C LEU G 15 27.22 44.65 -29.01
N GLY G 16 27.19 43.33 -28.82
CA GLY G 16 28.11 42.64 -27.94
C GLY G 16 27.62 42.42 -26.53
N GLN G 17 26.61 43.16 -26.08
CA GLN G 17 26.12 43.07 -24.71
C GLN G 17 25.06 41.99 -24.60
N PRO G 18 24.72 41.59 -23.37
CA PRO G 18 23.61 40.64 -23.19
C PRO G 18 22.26 41.31 -23.36
N ALA G 19 21.23 40.47 -23.50
CA ALA G 19 19.85 40.91 -23.60
C ALA G 19 18.97 39.98 -22.78
N SER G 20 17.84 40.49 -22.31
CA SER G 20 16.93 39.76 -21.45
C SER G 20 15.50 39.94 -21.93
N ILE G 21 14.77 38.83 -22.06
CA ILE G 21 13.36 38.85 -22.43
C ILE G 21 12.61 37.89 -21.52
N SER G 22 11.67 38.41 -20.74
CA SER G 22 10.93 37.63 -19.76
C SER G 22 9.51 37.33 -20.25
N CYS G 23 9.01 36.14 -19.88
CA CYS G 23 7.66 35.71 -20.20
C CYS G 23 6.98 35.25 -18.93
N ARG G 24 5.76 35.71 -18.71
CA ARG G 24 5.07 35.57 -17.43
C ARG G 24 3.68 35.00 -17.72
N SER G 25 3.36 33.88 -17.09
CA SER G 25 2.13 33.16 -17.36
C SER G 25 1.03 33.55 -16.38
N SER G 26 -0.21 33.31 -16.79
CA SER G 26 -1.36 33.61 -15.94
C SER G 26 -1.76 32.43 -15.05
N GLN G 27 -1.42 31.20 -15.43
CA GLN G 27 -1.68 30.04 -14.59
C GLN G 27 -0.57 29.02 -14.80
N SER G 28 -0.55 28.02 -13.91
CA SER G 28 0.54 27.05 -13.92
C SER G 28 0.56 26.25 -15.22
N LEU G 29 1.75 26.09 -15.78
CA LEU G 29 1.96 25.34 -17.02
C LEU G 29 2.52 23.95 -16.77
N VAL G 30 2.40 23.44 -15.55
CA VAL G 30 2.97 22.14 -15.19
C VAL G 30 2.00 21.05 -15.66
N LEU G 31 2.49 20.15 -16.50
CA LEU G 31 1.68 19.05 -17.01
C LEU G 31 1.60 17.94 -15.96
N SER G 32 1.05 16.80 -16.34
CA SER G 32 0.86 15.70 -15.39
C SER G 32 2.18 15.14 -14.91
N ASP G 33 3.17 15.03 -15.80
CA ASP G 33 4.45 14.43 -15.42
C ASP G 33 5.26 15.37 -14.52
N GLY G 34 5.28 16.66 -14.85
CA GLY G 34 6.07 17.61 -14.09
C GLY G 34 6.83 18.59 -14.97
N ASN G 35 6.86 18.32 -16.27
CA ASN G 35 7.57 19.20 -17.19
C ASN G 35 6.82 20.50 -17.39
N THR G 36 7.53 21.61 -17.24
CA THR G 36 6.97 22.94 -17.47
C THR G 36 7.39 23.40 -18.86
N TYR G 37 6.42 23.69 -19.71
CA TYR G 37 6.63 23.90 -21.15
C TYR G 37 6.51 25.38 -21.49
N LEU G 38 7.65 26.03 -21.72
CA LEU G 38 7.69 27.33 -22.35
C LEU G 38 8.77 27.33 -23.42
N SER G 39 8.40 27.69 -24.64
CA SER G 39 9.30 27.71 -25.77
C SER G 39 9.48 29.14 -26.27
N TRP G 40 10.61 29.37 -26.95
CA TRP G 40 10.98 30.67 -27.48
C TRP G 40 11.22 30.56 -28.97
N PHE G 41 10.79 31.57 -29.72
CA PHE G 41 10.84 31.55 -31.17
C PHE G 41 11.41 32.86 -31.70
N HIS G 42 12.33 32.77 -32.64
CA HIS G 42 12.99 33.93 -33.22
C HIS G 42 12.56 34.06 -34.68
N GLN G 43 12.05 35.24 -35.03
CA GLN G 43 11.57 35.51 -36.39
C GLN G 43 12.36 36.68 -36.97
N ARG G 44 13.09 36.42 -38.06
CA ARG G 44 13.75 37.49 -38.78
C ARG G 44 12.81 38.09 -39.83
N PRO G 45 12.95 39.38 -40.13
CA PRO G 45 12.04 40.02 -41.09
C PRO G 45 12.08 39.34 -42.45
N GLY G 46 10.91 39.20 -43.07
CA GLY G 46 10.79 38.62 -44.37
C GLY G 46 10.81 37.11 -44.42
N HIS G 47 11.14 36.43 -43.33
CA HIS G 47 11.27 34.99 -43.28
C HIS G 47 10.37 34.43 -42.17
N SER G 48 10.34 33.10 -42.07
CA SER G 48 9.53 32.43 -41.07
C SER G 48 10.26 32.38 -39.72
N PRO G 49 9.52 32.33 -38.62
CA PRO G 49 10.18 32.18 -37.31
C PRO G 49 10.83 30.82 -37.18
N ARG G 50 11.81 30.75 -36.29
CA ARG G 50 12.52 29.51 -36.02
C ARG G 50 12.57 29.26 -34.52
N ARG G 51 12.32 28.02 -34.12
CA ARG G 51 12.38 27.67 -32.71
C ARG G 51 13.78 27.86 -32.18
N LEU G 52 13.86 28.39 -30.96
CA LEU G 52 15.13 28.73 -30.31
C LEU G 52 15.36 27.95 -29.03
N ILE G 53 14.33 27.84 -28.19
CA ILE G 53 14.39 27.08 -26.94
C ILE G 53 13.11 26.27 -26.86
N TYR G 54 13.23 24.96 -26.68
CA TYR G 54 12.05 24.10 -26.67
C TYR G 54 11.55 23.78 -25.27
N ARG G 55 12.45 23.46 -24.33
CA ARG G 55 12.12 23.41 -22.92
C ARG G 55 13.07 24.31 -22.15
N ILE G 56 12.67 24.66 -20.93
CA ILE G 56 13.42 25.59 -20.10
C ILE G 56 14.85 25.11 -19.95
N SER G 57 15.80 25.97 -20.30
CA SER G 57 17.24 25.69 -20.29
C SER G 57 17.61 24.55 -21.23
N HIS G 58 16.86 24.37 -22.31
CA HIS G 58 17.17 23.39 -23.33
C HIS G 58 17.42 24.11 -24.66
N ARG G 59 18.67 24.18 -25.08
CA ARG G 59 19.01 24.79 -26.35
C ARG G 59 18.62 23.86 -27.51
N ASP G 60 18.22 24.46 -28.62
CA ASP G 60 17.77 23.69 -29.78
C ASP G 60 18.92 23.41 -30.73
N SER G 61 18.66 22.53 -31.69
CA SER G 61 19.68 22.11 -32.65
C SER G 61 20.08 23.29 -33.54
N GLY G 62 21.38 23.53 -33.64
CA GLY G 62 21.91 24.63 -34.42
C GLY G 62 21.86 25.97 -33.75
N VAL G 63 21.17 26.11 -32.63
CA VAL G 63 21.11 27.37 -31.89
C VAL G 63 22.48 27.62 -31.26
N PRO G 64 23.11 28.76 -31.57
CA PRO G 64 24.48 28.99 -31.09
C PRO G 64 24.58 29.19 -29.59
N ASP G 65 25.81 29.34 -29.09
CA ASP G 65 26.05 29.45 -27.66
C ASP G 65 25.38 30.69 -27.05
N ARG G 66 25.06 31.68 -27.87
CA ARG G 66 24.63 32.97 -27.33
C ARG G 66 23.27 32.90 -26.64
N PHE G 67 22.52 31.81 -26.82
CA PHE G 67 21.13 31.73 -26.39
C PHE G 67 20.99 30.76 -25.23
N SER G 68 20.22 31.16 -24.22
CA SER G 68 19.91 30.32 -23.07
C SER G 68 18.85 31.03 -22.25
N GLY G 69 18.09 30.24 -21.50
CA GLY G 69 17.06 30.79 -20.63
C GLY G 69 16.48 29.77 -19.67
N SER G 70 16.44 30.09 -18.37
CA SER G 70 15.97 29.14 -17.38
C SER G 70 15.36 29.88 -16.19
N GLU G 71 14.14 29.50 -15.82
CA GLU G 71 13.48 30.04 -14.64
C GLU G 71 12.33 29.13 -14.23
N SER G 72 12.01 29.13 -12.93
CA SER G 72 11.03 28.22 -12.34
C SER G 72 9.95 28.99 -11.60
N GLY G 73 8.90 28.27 -11.20
CA GLY G 73 7.81 28.81 -10.42
C GLY G 73 6.72 29.51 -11.22
N THR G 74 6.98 30.76 -11.62
CA THR G 74 5.98 31.50 -12.40
C THR G 74 6.55 32.24 -13.59
N ASP G 75 7.84 32.57 -13.59
CA ASP G 75 8.47 33.34 -14.67
C ASP G 75 9.38 32.44 -15.49
N PHE G 76 9.67 32.90 -16.70
CA PHE G 76 10.63 32.26 -17.59
C PHE G 76 11.42 33.33 -18.32
N THR G 77 12.66 33.02 -18.65
CA THR G 77 13.61 34.02 -19.13
C THR G 77 14.20 33.61 -20.47
N LEU G 78 14.62 34.62 -21.23
CA LEU G 78 15.41 34.42 -22.44
C LEU G 78 16.63 35.33 -22.33
N LYS G 79 17.81 34.74 -22.25
CA LYS G 79 19.05 35.46 -22.04
C LYS G 79 19.92 35.30 -23.28
N ILE G 80 20.28 36.43 -23.89
CA ILE G 80 21.19 36.46 -25.03
C ILE G 80 22.58 36.75 -24.48
N SER G 81 23.52 35.84 -24.68
CA SER G 81 24.87 36.04 -24.16
C SER G 81 25.51 37.27 -24.78
N ARG G 82 25.58 37.32 -26.11
CA ARG G 82 26.05 38.49 -26.84
C ARG G 82 25.17 38.69 -28.06
N VAL G 83 24.52 39.85 -28.14
CA VAL G 83 23.69 40.17 -29.30
C VAL G 83 24.59 40.54 -30.47
N GLU G 84 24.32 39.97 -31.64
CA GLU G 84 25.06 40.30 -32.84
C GLU G 84 24.14 41.01 -33.83
N ALA G 85 24.72 41.38 -34.98
CA ALA G 85 23.96 42.05 -36.02
C ALA G 85 22.96 41.14 -36.72
N GLU G 86 23.05 39.83 -36.49
CA GLU G 86 22.16 38.84 -37.06
C GLU G 86 20.93 38.59 -36.19
N ASP G 87 20.91 39.15 -34.99
CA ASP G 87 19.84 38.88 -34.04
C ASP G 87 18.67 39.86 -34.15
N VAL G 88 18.62 40.68 -35.20
CA VAL G 88 17.44 41.50 -35.44
C VAL G 88 16.24 40.61 -35.73
N GLY G 89 15.08 41.03 -35.24
CA GLY G 89 13.84 40.33 -35.48
C GLY G 89 12.86 40.57 -34.35
N ILE G 90 12.03 39.56 -34.08
CA ILE G 90 11.04 39.60 -33.01
C ILE G 90 11.03 38.23 -32.33
N TYR G 91 10.89 38.24 -31.01
CA TYR G 91 10.92 37.02 -30.20
C TYR G 91 9.57 36.81 -29.52
N TYR G 92 9.11 35.56 -29.53
CA TYR G 92 7.84 35.18 -28.93
C TYR G 92 8.04 34.02 -27.96
N CYS G 93 7.32 34.06 -26.85
CA CYS G 93 7.28 32.95 -25.92
C CYS G 93 5.96 32.19 -26.08
N MET G 94 5.98 30.90 -25.75
CA MET G 94 4.86 30.02 -26.06
C MET G 94 4.72 28.95 -24.99
N GLN G 95 3.48 28.69 -24.60
CA GLN G 95 3.14 27.56 -23.74
C GLN G 95 2.42 26.51 -24.56
N GLY G 96 2.63 25.25 -24.21
CA GLY G 96 2.07 24.15 -24.97
C GLY G 96 1.14 23.24 -24.21
N THR G 97 0.95 23.51 -22.93
CA THR G 97 0.18 22.59 -22.07
C THR G 97 -1.32 22.87 -22.12
N HIS G 98 -1.72 24.13 -22.21
CA HIS G 98 -3.12 24.51 -22.13
C HIS G 98 -3.64 24.84 -23.53
N TRP G 99 -4.89 24.44 -23.80
CA TRP G 99 -5.57 24.76 -25.04
C TRP G 99 -6.47 25.97 -24.83
N PRO G 100 -6.41 26.99 -25.71
CA PRO G 100 -5.56 27.04 -26.89
C PRO G 100 -4.10 27.39 -26.57
N ARG G 101 -3.18 26.96 -27.43
CA ARG G 101 -1.76 27.23 -27.25
C ARG G 101 -1.51 28.72 -27.49
N THR G 102 -1.39 29.48 -26.42
CA THR G 102 -1.29 30.93 -26.51
C THR G 102 0.15 31.36 -26.72
N PHE G 103 0.35 32.33 -27.61
CA PHE G 103 1.63 32.98 -27.81
C PHE G 103 1.72 34.24 -26.97
N GLY G 104 2.91 34.86 -26.98
CA GLY G 104 3.08 36.18 -26.41
C GLY G 104 2.78 37.27 -27.44
N GLN G 105 2.94 38.52 -26.99
CA GLN G 105 2.79 39.64 -27.90
C GLN G 105 3.99 39.75 -28.85
N GLY G 106 5.19 39.42 -28.37
CA GLY G 106 6.38 39.55 -29.18
C GLY G 106 7.14 40.84 -28.96
N THR G 107 8.45 40.74 -28.70
CA THR G 107 9.30 41.90 -28.50
C THR G 107 10.25 42.05 -29.68
N LYS G 108 10.35 43.27 -30.20
CA LYS G 108 11.24 43.55 -31.32
C LYS G 108 12.64 43.85 -30.78
N VAL G 109 13.65 43.39 -31.51
CA VAL G 109 15.05 43.55 -31.10
C VAL G 109 15.84 44.08 -32.29
N GLU G 110 16.37 45.29 -32.14
CA GLU G 110 17.25 45.90 -33.12
C GLU G 110 18.55 46.33 -32.44
N ILE G 111 19.56 46.62 -33.24
CA ILE G 111 20.85 47.07 -32.75
C ILE G 111 20.88 48.58 -32.71
N LYS G 112 21.43 49.13 -31.64
CA LYS G 112 21.55 50.58 -31.47
C LYS G 112 22.80 51.11 -32.16
N GLN H 1 28.91 -25.88 29.29
CA GLN H 1 30.30 -26.35 29.35
C GLN H 1 30.83 -26.62 27.95
N VAL H 2 31.56 -25.64 27.41
CA VAL H 2 32.19 -25.74 26.10
C VAL H 2 33.70 -25.74 26.28
N GLN H 3 34.38 -26.55 25.47
CA GLN H 3 35.83 -26.70 25.59
C GLN H 3 36.49 -26.65 24.21
N LEU H 4 37.57 -25.89 24.13
CA LEU H 4 38.40 -25.82 22.93
C LEU H 4 39.85 -26.01 23.35
N VAL H 5 40.46 -27.10 22.89
CA VAL H 5 41.83 -27.44 23.25
C VAL H 5 42.71 -27.27 22.02
N GLN H 6 43.90 -26.71 22.23
CA GLN H 6 44.86 -26.44 21.18
C GLN H 6 46.11 -27.31 21.36
N SER H 7 46.87 -27.43 20.27
CA SER H 7 48.05 -28.28 20.26
C SER H 7 49.21 -27.60 20.99
N GLY H 8 50.35 -28.30 21.06
CA GLY H 8 51.50 -27.79 21.76
C GLY H 8 52.29 -26.77 20.95
N ALA H 9 53.23 -26.12 21.63
CA ALA H 9 54.04 -25.10 20.99
C ALA H 9 54.92 -25.72 19.91
N GLU H 10 55.48 -24.86 19.06
CA GLU H 10 56.26 -25.30 17.92
C GLU H 10 57.23 -24.18 17.51
N VAL H 11 58.37 -24.58 16.94
CA VAL H 11 59.39 -23.66 16.48
C VAL H 11 59.73 -24.00 15.03
N LYS H 12 59.85 -22.96 14.20
CA LYS H 12 60.05 -23.13 12.77
C LYS H 12 61.02 -22.07 12.25
N LYS H 13 61.70 -22.39 11.16
CA LYS H 13 62.53 -21.47 10.40
C LYS H 13 61.70 -20.76 9.32
N PRO H 14 62.12 -19.59 8.87
CA PRO H 14 61.34 -18.87 7.86
C PRO H 14 61.26 -19.63 6.56
N GLY H 15 60.08 -19.59 5.93
CA GLY H 15 59.84 -20.25 4.67
C GLY H 15 59.06 -21.55 4.78
N ALA H 16 58.91 -22.10 5.98
CA ALA H 16 58.16 -23.33 6.18
C ALA H 16 56.66 -23.06 6.16
N SER H 17 55.87 -24.01 6.66
CA SER H 17 54.43 -23.82 6.82
C SER H 17 54.04 -24.15 8.26
N VAL H 18 52.88 -23.62 8.66
CA VAL H 18 52.31 -23.88 9.98
C VAL H 18 50.92 -24.49 9.81
N LYS H 19 50.69 -25.62 10.47
CA LYS H 19 49.38 -26.27 10.50
C LYS H 19 48.97 -26.43 11.96
N LEU H 20 47.97 -25.67 12.38
CA LEU H 20 47.52 -25.65 13.77
C LEU H 20 46.17 -26.32 13.90
N SER H 21 45.96 -26.98 15.03
CA SER H 21 44.73 -27.70 15.30
C SER H 21 43.98 -27.08 16.48
N CYS H 22 42.65 -27.23 16.47
CA CYS H 22 41.81 -26.74 17.55
C CYS H 22 40.65 -27.74 17.68
N GLN H 23 40.71 -28.56 18.72
CA GLN H 23 39.73 -29.62 18.94
C GLN H 23 38.63 -29.12 19.86
N ALA H 24 37.38 -29.31 19.44
CA ALA H 24 36.22 -28.84 20.17
C ALA H 24 35.53 -30.01 20.88
N SER H 25 34.84 -29.69 21.97
CA SER H 25 34.09 -30.69 22.72
C SER H 25 33.05 -29.99 23.57
N GLY H 26 31.95 -30.69 23.84
CA GLY H 26 30.91 -30.18 24.70
C GLY H 26 29.72 -29.57 23.98
N TYR H 27 29.70 -29.58 22.66
CA TYR H 27 28.62 -28.98 21.90
C TYR H 27 28.64 -29.55 20.49
N THR H 28 27.55 -29.30 19.76
CA THR H 28 27.45 -29.71 18.36
C THR H 28 28.26 -28.72 17.52
N PHE H 29 29.48 -29.12 17.14
CA PHE H 29 30.35 -28.25 16.38
C PHE H 29 29.74 -27.88 15.03
N ASN H 30 29.02 -28.82 14.40
CA ASN H 30 28.50 -28.61 13.05
C ASN H 30 27.53 -27.43 12.96
N ASN H 31 26.94 -27.02 14.07
CA ASN H 31 26.02 -25.88 14.08
C ASN H 31 26.73 -24.54 14.20
N TYR H 32 28.05 -24.53 14.32
CA TYR H 32 28.82 -23.29 14.45
C TYR H 32 30.03 -23.35 13.51
N GLY H 33 30.80 -22.27 13.51
CA GLY H 33 32.06 -22.21 12.80
C GLY H 33 33.16 -21.71 13.72
N VAL H 34 34.36 -21.60 13.14
CA VAL H 34 35.53 -21.19 13.89
C VAL H 34 36.20 -20.02 13.18
N SER H 35 36.53 -18.98 13.94
CA SER H 35 37.42 -17.92 13.51
C SER H 35 38.77 -18.08 14.18
N TRP H 36 39.85 -17.82 13.44
CA TRP H 36 41.20 -17.94 13.94
C TRP H 36 41.80 -16.55 14.13
N LEU H 37 42.42 -16.33 15.28
CA LEU H 37 42.97 -15.03 15.64
C LEU H 37 44.43 -15.18 16.02
N ARG H 38 45.15 -14.06 15.94
CA ARG H 38 46.59 -14.03 16.20
C ARG H 38 46.89 -13.00 17.29
N GLN H 39 47.85 -13.34 18.15
CA GLN H 39 48.29 -12.45 19.22
C GLN H 39 49.81 -12.51 19.28
N ALA H 40 50.47 -11.53 18.67
CA ALA H 40 51.92 -11.47 18.76
C ALA H 40 52.35 -10.65 19.98
N PRO H 41 53.51 -10.94 20.55
CA PRO H 41 53.96 -10.20 21.74
C PRO H 41 54.13 -8.71 21.47
N GLY H 42 53.29 -7.89 22.09
CA GLY H 42 53.37 -6.45 21.96
C GLY H 42 52.24 -5.81 21.18
N GLN H 43 51.35 -6.60 20.57
CA GLN H 43 50.24 -6.06 19.80
C GLN H 43 48.96 -6.79 20.20
N GLY H 44 47.84 -6.24 19.75
CA GLY H 44 46.53 -6.80 20.04
C GLY H 44 46.19 -7.97 19.15
N LEU H 45 44.89 -8.25 19.06
CA LEU H 45 44.39 -9.37 18.28
C LEU H 45 44.06 -8.93 16.86
N GLU H 46 44.15 -9.89 15.93
CA GLU H 46 43.88 -9.65 14.52
C GLU H 46 43.03 -10.81 13.99
N TRP H 47 41.88 -10.48 13.42
CA TRP H 47 41.02 -11.49 12.82
C TRP H 47 41.64 -11.96 11.51
N MET H 48 42.11 -13.21 11.49
CA MET H 48 42.73 -13.75 10.29
C MET H 48 41.70 -14.30 9.32
N GLY H 49 40.77 -15.10 9.81
CA GLY H 49 39.79 -15.73 8.94
C GLY H 49 38.73 -16.45 9.74
N TRP H 50 37.60 -16.70 9.07
CA TRP H 50 36.47 -17.42 9.65
C TRP H 50 35.99 -18.45 8.64
N ILE H 51 35.72 -19.66 9.12
CA ILE H 51 35.20 -20.74 8.29
C ILE H 51 34.12 -21.47 9.07
N SER H 52 32.97 -21.66 8.44
CA SER H 52 31.82 -22.30 9.08
C SER H 52 31.86 -23.80 8.84
N ALA H 53 31.64 -24.57 9.91
CA ALA H 53 31.53 -26.02 9.78
C ALA H 53 30.14 -26.45 9.31
N TYR H 54 29.25 -25.51 9.02
CA TYR H 54 27.89 -25.82 8.59
C TYR H 54 27.77 -25.85 7.08
N ASN H 55 28.22 -24.79 6.40
CA ASN H 55 28.11 -24.69 4.95
C ASN H 55 29.46 -24.68 4.24
N GLY H 56 30.56 -24.54 4.96
CA GLY H 56 31.87 -24.45 4.33
C GLY H 56 32.25 -23.06 3.85
N ASN H 57 31.34 -22.09 3.93
CA ASN H 57 31.67 -20.73 3.53
C ASN H 57 32.79 -20.18 4.40
N LYS H 58 33.70 -19.43 3.78
CA LYS H 58 34.88 -18.92 4.45
C LYS H 58 35.17 -17.51 3.97
N LYS H 59 35.80 -16.73 4.84
CA LYS H 59 36.20 -15.36 4.50
C LYS H 59 37.51 -15.04 5.21
N TYR H 60 38.45 -14.48 4.45
CA TYR H 60 39.76 -14.12 4.98
C TYR H 60 39.90 -12.60 5.01
N ALA H 61 40.70 -12.12 5.96
CA ALA H 61 41.01 -10.71 6.01
C ALA H 61 41.83 -10.31 4.78
N PRO H 62 41.69 -9.05 4.32
CA PRO H 62 42.45 -8.63 3.13
C PRO H 62 43.96 -8.71 3.33
N LYS H 63 44.45 -8.38 4.52
CA LYS H 63 45.89 -8.40 4.77
C LYS H 63 46.49 -9.81 4.68
N PHE H 64 45.66 -10.85 4.76
CA PHE H 64 46.14 -12.22 4.85
C PHE H 64 45.84 -13.03 3.59
N GLN H 65 45.19 -12.44 2.59
CA GLN H 65 44.89 -13.16 1.36
C GLN H 65 46.18 -13.50 0.62
N GLY H 66 46.25 -14.75 0.13
CA GLY H 66 47.43 -15.27 -0.51
C GLY H 66 48.30 -16.15 0.37
N ARG H 67 47.98 -16.24 1.67
CA ARG H 67 48.74 -17.06 2.59
C ARG H 67 47.88 -17.99 3.43
N LEU H 68 46.59 -17.71 3.59
CA LEU H 68 45.75 -18.43 4.53
C LEU H 68 44.89 -19.46 3.80
N THR H 69 44.64 -20.58 4.47
CA THR H 69 43.62 -21.53 4.04
C THR H 69 43.17 -22.33 5.24
N LEU H 70 41.86 -22.35 5.48
CA LEU H 70 41.26 -22.98 6.65
C LEU H 70 40.49 -24.23 6.21
N THR H 71 40.53 -25.26 7.05
CA THR H 71 39.97 -26.57 6.72
C THR H 71 39.29 -27.13 7.97
N THR H 72 38.00 -27.43 7.87
CA THR H 72 37.25 -28.01 8.97
C THR H 72 37.20 -29.53 8.83
N VAL H 73 37.34 -30.23 9.95
CA VAL H 73 37.18 -31.67 10.00
C VAL H 73 36.02 -31.97 10.92
N THR H 74 34.89 -32.39 10.35
CA THR H 74 33.69 -32.64 11.15
C THR H 74 33.64 -34.03 11.75
N SER H 75 34.45 -34.97 11.25
CA SER H 75 34.48 -36.32 11.83
C SER H 75 34.97 -36.32 13.27
N THR H 76 35.77 -35.33 13.65
CA THR H 76 36.26 -35.23 15.02
C THR H 76 36.06 -33.85 15.64
N GLY H 77 35.40 -32.92 14.94
CA GLY H 77 35.13 -31.61 15.49
C GLY H 77 36.37 -30.77 15.73
N THR H 78 37.22 -30.63 14.72
CA THR H 78 38.50 -29.94 14.84
C THR H 78 38.64 -28.94 13.70
N ALA H 79 39.26 -27.81 14.01
CA ALA H 79 39.66 -26.80 13.02
C ALA H 79 41.14 -26.90 12.72
N TYR H 80 41.49 -26.62 11.47
CA TYR H 80 42.88 -26.56 11.06
C TYR H 80 43.11 -25.28 10.26
N MET H 81 44.27 -24.65 10.46
CA MET H 81 44.61 -23.41 9.78
C MET H 81 46.01 -23.54 9.23
N GLU H 82 46.16 -23.31 7.93
CA GLU H 82 47.46 -23.30 7.28
C GLU H 82 47.83 -21.87 6.87
N LEU H 83 49.04 -21.42 7.26
CA LEU H 83 49.61 -20.14 6.84
C LEU H 83 51.00 -20.37 6.26
N ARG H 84 51.34 -19.64 5.21
CA ARG H 84 52.64 -19.73 4.56
C ARG H 84 53.35 -18.37 4.57
N SER H 85 54.50 -18.31 3.90
CA SER H 85 55.32 -17.09 3.84
C SER H 85 55.68 -16.61 5.24
N LEU H 86 56.31 -17.50 6.00
CA LEU H 86 56.62 -17.21 7.40
C LEU H 86 57.71 -16.16 7.48
N LYS H 87 57.52 -15.18 8.36
CA LYS H 87 58.50 -14.17 8.67
C LYS H 87 58.46 -13.90 10.17
N SER H 88 59.25 -12.92 10.61
CA SER H 88 59.34 -12.59 12.02
C SER H 88 57.99 -12.23 12.62
N ASP H 89 57.02 -11.84 11.80
CA ASP H 89 55.67 -11.51 12.26
C ASP H 89 54.82 -12.74 12.51
N ASP H 90 55.41 -13.93 12.57
CA ASP H 90 54.65 -15.14 12.87
C ASP H 90 54.86 -15.66 14.29
N THR H 91 55.87 -15.18 15.00
CA THR H 91 56.04 -15.54 16.40
C THR H 91 54.88 -14.94 17.18
N ALA H 92 53.92 -15.78 17.56
CA ALA H 92 52.67 -15.29 18.11
C ALA H 92 51.89 -16.44 18.73
N LEU H 93 50.87 -16.08 19.49
CA LEU H 93 49.91 -17.03 20.05
C LEU H 93 48.65 -17.00 19.20
N TYR H 94 48.17 -18.19 18.81
CA TYR H 94 47.03 -18.30 17.91
C TYR H 94 45.82 -18.80 18.69
N PHE H 95 44.68 -18.14 18.50
CA PHE H 95 43.49 -18.37 19.31
C PHE H 95 42.35 -18.92 18.47
N CYS H 96 41.61 -19.85 19.05
CA CYS H 96 40.45 -20.47 18.43
C CYS H 96 39.20 -19.91 19.08
N ALA H 97 38.14 -19.68 18.29
CA ALA H 97 36.88 -19.25 18.85
C ALA H 97 35.73 -19.65 17.92
N ARG H 98 34.55 -19.78 18.52
CA ARG H 98 33.33 -20.13 17.80
C ARG H 98 32.65 -18.90 17.22
N ASP H 99 31.90 -19.10 16.15
CA ASP H 99 31.22 -18.02 15.44
C ASP H 99 30.00 -18.59 14.75
N PRO H 100 29.06 -17.74 14.33
CA PRO H 100 27.83 -18.23 13.70
C PRO H 100 28.11 -18.98 12.42
N PRO H 101 27.18 -19.83 11.97
CA PRO H 101 27.40 -20.59 10.73
C PRO H 101 27.27 -19.77 9.47
N ALA H 102 26.71 -18.56 9.53
CA ALA H 102 26.45 -17.75 8.36
C ALA H 102 27.02 -16.36 8.58
N VAL H 103 27.03 -15.57 7.50
CA VAL H 103 27.55 -14.20 7.56
C VAL H 103 26.62 -13.38 8.45
N ALA H 104 27.07 -13.06 9.65
CA ALA H 104 26.29 -12.29 10.61
C ALA H 104 27.25 -11.75 11.67
N ALA H 105 26.69 -11.14 12.70
CA ALA H 105 27.49 -10.65 13.81
C ALA H 105 28.23 -11.79 14.49
N ALA H 106 29.42 -11.49 15.01
CA ALA H 106 30.27 -12.49 15.63
C ALA H 106 29.90 -12.66 17.10
N MET H 107 29.83 -13.91 17.54
CA MET H 107 29.54 -14.20 18.94
C MET H 107 30.81 -14.35 19.77
N PHE H 108 31.74 -15.22 19.35
CA PHE H 108 33.03 -15.39 19.98
C PHE H 108 32.88 -15.76 21.46
N ASP H 109 32.01 -16.74 21.72
CA ASP H 109 31.60 -17.02 23.10
C ASP H 109 32.73 -17.67 23.89
N PHE H 110 33.37 -18.70 23.33
CA PHE H 110 34.40 -19.44 24.04
C PHE H 110 35.69 -19.46 23.25
N TRP H 111 36.81 -19.38 23.95
CA TRP H 111 38.13 -19.30 23.36
C TRP H 111 39.01 -20.42 23.90
N GLY H 112 39.90 -20.94 23.05
CA GLY H 112 40.89 -21.90 23.49
C GLY H 112 42.16 -21.22 23.98
N GLN H 113 42.93 -21.97 24.79
CA GLN H 113 44.09 -21.39 25.47
C GLN H 113 45.23 -21.02 24.52
N GLY H 114 45.15 -21.38 23.25
CA GLY H 114 46.13 -20.93 22.29
C GLY H 114 47.26 -21.92 22.08
N THR H 115 47.84 -21.87 20.88
CA THR H 115 49.04 -22.62 20.52
C THR H 115 50.11 -21.63 20.10
N GLN H 116 51.29 -21.74 20.69
CA GLN H 116 52.38 -20.79 20.45
C GLN H 116 53.31 -21.31 19.36
N VAL H 117 53.54 -20.47 18.36
CA VAL H 117 54.44 -20.80 17.26
C VAL H 117 55.47 -19.68 17.16
N THR H 118 56.75 -20.05 17.17
CA THR H 118 57.85 -19.10 17.16
C THR H 118 58.76 -19.35 15.97
N VAL H 119 59.15 -18.28 15.29
CA VAL H 119 60.09 -18.35 14.19
C VAL H 119 61.38 -17.64 14.60
N SER H 120 62.48 -18.08 13.99
CA SER H 120 63.80 -17.53 14.31
C SER H 120 64.78 -18.08 13.27
N SER H 121 66.03 -17.63 13.37
CA SER H 121 67.10 -18.11 12.50
C SER H 121 68.22 -18.75 13.32
N ASP I 1 37.17 -1.23 6.27
CA ASP I 1 37.10 -1.78 7.63
C ASP I 1 36.86 -0.67 8.65
N VAL I 2 36.00 -0.96 9.62
CA VAL I 2 35.69 -0.01 10.68
C VAL I 2 36.67 -0.22 11.82
N VAL I 3 37.41 0.82 12.16
CA VAL I 3 38.42 0.76 13.22
C VAL I 3 37.79 1.21 14.52
N LEU I 4 38.00 0.43 15.58
CA LEU I 4 37.44 0.72 16.89
C LEU I 4 38.55 1.28 17.79
N THR I 5 38.26 2.41 18.44
CA THR I 5 39.21 3.06 19.33
C THR I 5 38.75 2.86 20.77
N GLN I 6 39.66 2.43 21.63
CA GLN I 6 39.36 2.22 23.04
C GLN I 6 39.93 3.35 23.86
N SER I 7 39.32 3.58 25.03
CA SER I 7 39.77 4.64 25.91
C SER I 7 39.47 4.26 27.36
N PRO I 8 40.48 4.31 28.24
CA PRO I 8 41.86 4.61 27.88
C PRO I 8 42.61 3.35 27.46
N LEU I 9 43.94 3.44 27.38
CA LEU I 9 44.77 2.29 27.05
C LEU I 9 45.45 1.70 28.28
N SER I 10 45.56 2.46 29.37
CA SER I 10 46.05 1.97 30.64
C SER I 10 45.05 2.31 31.73
N LEU I 11 44.68 1.33 32.55
CA LEU I 11 43.62 1.48 33.55
C LEU I 11 44.13 1.05 34.92
N PRO I 12 44.79 1.95 35.65
CA PRO I 12 45.09 1.68 37.06
C PRO I 12 43.90 2.01 37.93
N VAL I 13 43.45 1.04 38.73
CA VAL I 13 42.23 1.17 39.49
C VAL I 13 42.45 0.71 40.92
N THR I 14 41.69 1.28 41.85
CA THR I 14 41.72 0.91 43.25
C THR I 14 40.59 -0.06 43.58
N LEU I 15 40.87 -0.97 44.50
CA LEU I 15 39.95 -2.06 44.80
C LEU I 15 38.62 -1.54 45.33
N GLY I 16 37.53 -2.09 44.81
CA GLY I 16 36.19 -1.76 45.26
C GLY I 16 35.49 -0.67 44.48
N GLN I 17 36.22 0.14 43.73
CA GLN I 17 35.64 1.27 43.01
C GLN I 17 35.16 0.84 41.64
N PRO I 18 34.35 1.65 40.97
CA PRO I 18 33.96 1.34 39.59
C PRO I 18 35.09 1.62 38.60
N ALA I 19 34.91 1.10 37.40
CA ALA I 19 35.83 1.32 36.29
C ALA I 19 35.03 1.53 35.01
N SER I 20 35.63 2.26 34.07
CA SER I 20 34.98 2.63 32.82
C SER I 20 35.92 2.38 31.65
N ILE I 21 35.42 1.71 30.61
CA ILE I 21 36.17 1.47 29.38
C ILE I 21 35.26 1.75 28.21
N SER I 22 35.63 2.73 27.38
CA SER I 22 34.81 3.16 26.26
C SER I 22 35.37 2.64 24.94
N CYS I 23 34.48 2.34 24.01
CA CYS I 23 34.83 1.90 22.67
C CYS I 23 34.09 2.74 21.64
N ARG I 24 34.80 3.24 20.65
CA ARG I 24 34.30 4.26 19.74
C ARG I 24 34.55 3.77 18.31
N SER I 25 33.49 3.71 17.51
CA SER I 25 33.56 3.14 16.17
C SER I 25 33.79 4.23 15.13
N SER I 26 34.29 3.81 13.97
CA SER I 26 34.53 4.73 12.87
C SER I 26 33.32 4.87 11.93
N GLN I 27 32.45 3.87 11.88
CA GLN I 27 31.23 3.95 11.10
C GLN I 27 30.12 3.18 11.80
N SER I 28 28.89 3.37 11.32
CA SER I 28 27.73 2.80 11.97
C SER I 28 27.77 1.28 11.94
N LEU I 29 27.48 0.66 13.09
CA LEU I 29 27.46 -0.79 13.23
C LEU I 29 26.06 -1.36 13.23
N VAL I 30 25.08 -0.61 12.73
CA VAL I 30 23.69 -1.04 12.73
C VAL I 30 23.47 -1.98 11.55
N LEU I 31 23.02 -3.19 11.82
CA LEU I 31 22.75 -4.18 10.78
C LEU I 31 21.39 -3.89 10.15
N SER I 32 20.93 -4.82 9.31
CA SER I 32 19.68 -4.60 8.58
C SER I 32 18.48 -4.55 9.52
N ASP I 33 18.48 -5.40 10.55
CA ASP I 33 17.33 -5.46 11.46
C ASP I 33 17.28 -4.24 12.37
N GLY I 34 18.42 -3.82 12.90
CA GLY I 34 18.46 -2.70 13.82
C GLY I 34 19.36 -2.95 15.01
N ASN I 35 19.81 -4.18 15.17
CA ASN I 35 20.67 -4.52 16.30
C ASN I 35 22.08 -3.94 16.09
N THR I 36 22.57 -3.25 17.11
CA THR I 36 23.92 -2.69 17.10
C THR I 36 24.82 -3.63 17.89
N TYR I 37 25.86 -4.15 17.24
CA TYR I 37 26.67 -5.25 17.76
C TYR I 37 28.03 -4.72 18.22
N LEU I 38 28.20 -4.62 19.54
CA LEU I 38 29.51 -4.44 20.14
C LEU I 38 29.63 -5.39 21.33
N SER I 39 30.69 -6.21 21.32
CA SER I 39 30.94 -7.18 22.36
C SER I 39 32.21 -6.84 23.11
N TRP I 40 32.30 -7.33 24.36
CA TRP I 40 33.43 -7.09 25.23
C TRP I 40 34.02 -8.42 25.68
N PHE I 41 35.35 -8.48 25.77
CA PHE I 41 36.05 -9.71 26.06
C PHE I 41 37.11 -9.46 27.13
N HIS I 42 37.17 -10.35 28.12
CA HIS I 42 38.10 -10.24 29.23
C HIS I 42 39.11 -11.37 29.13
N GLN I 43 40.40 -11.02 29.13
CA GLN I 43 41.48 -11.98 29.04
C GLN I 43 42.37 -11.87 30.26
N ARG I 44 42.46 -12.96 31.03
CA ARG I 44 43.39 -13.01 32.15
C ARG I 44 44.75 -13.52 31.68
N PRO I 45 45.83 -13.08 32.31
CA PRO I 45 47.16 -13.51 31.85
C PRO I 45 47.33 -15.02 31.90
N GLY I 46 48.00 -15.56 30.88
CA GLY I 46 48.28 -16.97 30.79
C GLY I 46 47.13 -17.83 30.29
N HIS I 47 45.92 -17.28 30.17
CA HIS I 47 44.74 -18.03 29.77
C HIS I 47 44.09 -17.36 28.57
N SER I 48 43.04 -18.00 28.05
CA SER I 48 42.31 -17.49 26.90
C SER I 48 41.31 -16.41 27.32
N PRO I 49 40.99 -15.47 26.43
CA PRO I 49 39.95 -14.49 26.76
C PRO I 49 38.59 -15.15 26.84
N ARG I 50 37.69 -14.48 27.57
CA ARG I 50 36.33 -14.96 27.75
C ARG I 50 35.36 -13.84 27.46
N ARG I 51 34.29 -14.16 26.72
CA ARG I 51 33.28 -13.18 26.40
C ARG I 51 32.60 -12.68 27.67
N LEU I 52 32.35 -11.38 27.72
CA LEU I 52 31.79 -10.71 28.87
C LEU I 52 30.44 -10.06 28.59
N ILE I 53 30.32 -9.37 27.47
CA ILE I 53 29.08 -8.73 27.04
C ILE I 53 28.92 -9.04 25.56
N TYR I 54 27.77 -9.62 25.18
CA TYR I 54 27.57 -10.01 23.79
C TYR I 54 26.79 -8.99 22.97
N ARG I 55 25.73 -8.42 23.52
CA ARG I 55 25.08 -7.25 22.96
C ARG I 55 25.01 -6.16 24.01
N ILE I 56 24.80 -4.93 23.54
CA ILE I 56 24.80 -3.75 24.41
C ILE I 56 23.79 -3.96 25.55
N SER I 57 24.28 -3.82 26.79
CA SER I 57 23.49 -4.03 28.01
C SER I 57 22.96 -5.46 28.12
N HIS I 58 23.68 -6.42 27.54
CA HIS I 58 23.33 -7.84 27.68
C HIS I 58 24.46 -8.57 28.38
N ARG I 59 24.24 -8.93 29.64
CA ARG I 59 25.24 -9.69 30.38
C ARG I 59 25.27 -11.14 29.90
N ASP I 60 26.46 -11.74 29.94
CA ASP I 60 26.64 -13.10 29.46
C ASP I 60 26.46 -14.11 30.59
N SER I 61 26.39 -15.38 30.21
CA SER I 61 26.17 -16.45 31.18
C SER I 61 27.37 -16.58 32.11
N GLY I 62 27.10 -16.61 33.41
CA GLY I 62 28.14 -16.68 34.41
C GLY I 62 28.85 -15.38 34.73
N VAL I 63 28.63 -14.33 33.93
CA VAL I 63 29.24 -13.03 34.19
C VAL I 63 28.59 -12.43 35.43
N PRO I 64 29.37 -12.09 36.47
CA PRO I 64 28.77 -11.64 37.72
C PRO I 64 28.11 -10.27 37.62
N ASP I 65 27.49 -9.83 38.72
CA ASP I 65 26.75 -8.58 38.72
C ASP I 65 27.64 -7.37 38.43
N ARG I 66 28.96 -7.50 38.63
CA ARG I 66 29.83 -6.33 38.57
C ARG I 66 29.95 -5.74 37.18
N PHE I 67 29.50 -6.43 36.15
CA PHE I 67 29.75 -6.05 34.77
C PHE I 67 28.46 -5.60 34.09
N SER I 68 28.55 -4.50 33.35
CA SER I 68 27.43 -3.97 32.56
C SER I 68 27.97 -2.86 31.69
N GLY I 69 27.28 -2.62 30.58
CA GLY I 69 27.65 -1.54 29.68
C GLY I 69 26.60 -1.27 28.62
N SER I 70 26.18 -0.01 28.47
CA SER I 70 25.14 0.34 27.52
C SER I 70 25.32 1.76 27.01
N GLU I 71 25.32 1.92 25.69
CA GLU I 71 25.37 3.24 25.07
C GLU I 71 24.91 3.14 23.62
N SER I 72 24.38 4.24 23.09
CA SER I 72 23.75 4.29 21.78
C SER I 72 24.39 5.38 20.92
N GLY I 73 24.02 5.36 19.63
CA GLY I 73 24.46 6.36 18.67
C GLY I 73 25.83 6.12 18.06
N THR I 74 26.90 6.45 18.79
CA THR I 74 28.24 6.24 18.28
C THR I 74 29.21 5.62 19.27
N ASP I 75 28.96 5.72 20.57
CA ASP I 75 29.85 5.23 21.60
C ASP I 75 29.24 4.00 22.27
N PHE I 76 30.10 3.22 22.92
CA PHE I 76 29.69 2.09 23.74
C PHE I 76 30.59 2.03 24.96
N THR I 77 30.04 1.52 26.05
CA THR I 77 30.68 1.62 27.36
C THR I 77 30.82 0.24 27.99
N LEU I 78 31.82 0.13 28.87
CA LEU I 78 31.98 -1.02 29.74
C LEU I 78 32.16 -0.50 31.16
N LYS I 79 31.21 -0.81 32.02
CA LYS I 79 31.18 -0.30 33.38
C LYS I 79 31.35 -1.45 34.35
N ILE I 80 32.38 -1.38 35.17
CA ILE I 80 32.64 -2.35 36.22
C ILE I 80 32.05 -1.80 37.51
N SER I 81 31.09 -2.51 38.09
CA SER I 81 30.45 -2.02 39.31
C SER I 81 31.46 -1.90 40.44
N ARG I 82 32.16 -2.99 40.75
CA ARG I 82 33.25 -2.99 41.73
C ARG I 82 34.37 -3.87 41.19
N VAL I 83 35.55 -3.29 41.02
CA VAL I 83 36.71 -4.04 40.57
C VAL I 83 37.25 -4.86 41.73
N GLU I 84 37.51 -6.15 41.49
CA GLU I 84 38.09 -7.01 42.49
C GLU I 84 39.51 -7.41 42.07
N ALA I 85 40.16 -8.20 42.93
CA ALA I 85 41.50 -8.68 42.65
C ALA I 85 41.55 -9.72 41.55
N GLU I 86 40.39 -10.24 41.13
CA GLU I 86 40.27 -11.22 40.05
C GLU I 86 40.11 -10.56 38.69
N ASP I 87 39.93 -9.24 38.65
CA ASP I 87 39.66 -8.54 37.41
C ASP I 87 40.91 -8.06 36.69
N VAL I 88 42.10 -8.49 37.11
CA VAL I 88 43.31 -8.20 36.35
C VAL I 88 43.24 -8.87 34.98
N GLY I 89 43.76 -8.19 33.99
CA GLY I 89 43.83 -8.71 32.64
C GLY I 89 43.81 -7.58 31.62
N ILE I 90 43.22 -7.87 30.46
CA ILE I 90 43.08 -6.91 29.37
C ILE I 90 41.69 -7.07 28.77
N TYR I 91 41.06 -5.95 28.41
CA TYR I 91 39.72 -5.93 27.87
C TYR I 91 39.72 -5.42 26.44
N TYR I 92 38.95 -6.08 25.58
CA TYR I 92 38.85 -5.73 24.16
C TYR I 92 37.39 -5.55 23.79
N CYS I 93 37.12 -4.57 22.93
CA CYS I 93 35.80 -4.39 22.34
C CYS I 93 35.82 -4.87 20.89
N MET I 94 34.65 -5.30 20.41
CA MET I 94 34.57 -5.98 19.13
C MET I 94 33.26 -5.66 18.44
N GLN I 95 33.34 -5.40 17.14
CA GLN I 95 32.16 -5.28 16.28
C GLN I 95 32.06 -6.52 15.40
N GLY I 96 30.82 -6.91 15.09
CA GLY I 96 30.60 -8.13 14.32
C GLY I 96 29.87 -7.93 13.01
N THR I 97 29.50 -6.70 12.71
CA THR I 97 28.65 -6.44 11.54
C THR I 97 29.46 -6.26 10.26
N HIS I 98 30.63 -5.64 10.35
CA HIS I 98 31.43 -5.32 9.17
C HIS I 98 32.60 -6.28 9.05
N TRP I 99 32.91 -6.66 7.81
CA TRP I 99 34.07 -7.50 7.51
C TRP I 99 35.23 -6.64 7.07
N PRO I 100 36.43 -6.82 7.62
CA PRO I 100 36.75 -7.83 8.65
C PRO I 100 36.29 -7.43 10.05
N ARG I 101 36.05 -8.43 10.89
CA ARG I 101 35.61 -8.18 12.27
C ARG I 101 36.78 -7.61 13.06
N THR I 102 36.77 -6.30 13.24
CA THR I 102 37.89 -5.59 13.86
C THR I 102 37.76 -5.59 15.38
N PHE I 103 38.88 -5.83 16.05
CA PHE I 103 38.98 -5.71 17.49
C PHE I 103 39.49 -4.32 17.87
N GLY I 104 39.50 -4.05 19.17
CA GLY I 104 40.17 -2.87 19.68
C GLY I 104 41.63 -3.12 19.97
N GLN I 105 42.29 -2.07 20.48
CA GLN I 105 43.68 -2.23 20.89
C GLN I 105 43.79 -3.01 22.19
N GLY I 106 42.83 -2.84 23.10
CA GLY I 106 42.88 -3.51 24.39
C GLY I 106 43.46 -2.66 25.51
N THR I 107 42.74 -2.56 26.62
CA THR I 107 43.19 -1.79 27.78
C THR I 107 43.56 -2.75 28.90
N LYS I 108 44.71 -2.53 29.53
CA LYS I 108 45.16 -3.35 30.64
C LYS I 108 44.58 -2.80 31.94
N VAL I 109 44.20 -3.71 32.84
CA VAL I 109 43.57 -3.34 34.10
C VAL I 109 44.28 -4.08 35.22
N GLU I 110 44.93 -3.33 36.11
CA GLU I 110 45.55 -3.86 37.31
C GLU I 110 45.02 -3.11 38.53
N ILE I 111 45.28 -3.68 39.70
CA ILE I 111 44.86 -3.09 40.97
C ILE I 111 45.99 -2.23 41.51
N LYS I 112 45.65 -1.05 42.02
CA LYS I 112 46.62 -0.15 42.60
C LYS I 112 46.90 -0.48 44.07
N GLU J 1 32.30 30.35 12.82
CA GLU J 1 31.62 29.42 13.71
C GLU J 1 32.46 28.14 13.79
N VAL J 2 32.42 27.33 12.74
CA VAL J 2 33.36 26.22 12.62
C VAL J 2 34.70 26.76 12.14
N GLN J 3 35.77 26.33 12.80
CA GLN J 3 37.12 26.80 12.53
C GLN J 3 38.01 25.61 12.20
N LEU J 4 39.04 25.86 11.40
CA LEU J 4 40.00 24.83 11.02
C LEU J 4 41.40 25.37 11.24
N VAL J 5 42.20 24.65 12.03
CA VAL J 5 43.56 25.05 12.35
C VAL J 5 44.53 24.25 11.48
N GLN J 6 45.56 24.92 10.99
CA GLN J 6 46.54 24.32 10.10
C GLN J 6 47.92 24.34 10.74
N SER J 7 48.85 23.63 10.09
CA SER J 7 50.23 23.60 10.55
C SER J 7 50.93 24.94 10.26
N GLY J 8 52.09 25.11 10.88
CA GLY J 8 52.81 26.36 10.81
C GLY J 8 53.60 26.51 9.52
N ALA J 9 54.41 27.57 9.49
CA ALA J 9 55.24 27.84 8.32
C ALA J 9 56.26 26.72 8.10
N GLU J 10 56.52 26.42 6.83
CA GLU J 10 57.36 25.29 6.45
C GLU J 10 58.44 25.76 5.49
N VAL J 11 59.70 25.39 5.78
CA VAL J 11 60.84 25.75 4.96
C VAL J 11 61.63 24.47 4.68
N LYS J 12 62.05 24.30 3.43
CA LYS J 12 62.77 23.09 3.04
C LYS J 12 63.68 23.40 1.85
N LYS J 13 64.62 22.48 1.60
CA LYS J 13 65.56 22.34 0.50
C LYS J 13 64.96 21.46 -0.60
N PRO J 14 65.16 21.82 -1.87
CA PRO J 14 64.60 21.01 -2.95
C PRO J 14 65.04 19.55 -2.90
N GLY J 15 64.09 18.65 -3.12
CA GLY J 15 64.34 17.23 -3.19
C GLY J 15 63.69 16.40 -2.11
N GLU J 16 63.64 16.90 -0.88
CA GLU J 16 63.11 16.15 0.23
C GLU J 16 61.58 16.18 0.23
N SER J 17 60.99 15.47 1.18
CA SER J 17 59.54 15.40 1.36
C SER J 17 59.09 16.32 2.49
N LEU J 18 57.78 16.60 2.51
CA LEU J 18 57.20 17.48 3.50
C LEU J 18 55.73 17.14 3.70
N LYS J 19 55.27 17.22 4.95
CA LYS J 19 53.88 16.96 5.30
C LYS J 19 53.33 18.12 6.09
N ILE J 20 52.13 18.57 5.72
CA ILE J 20 51.42 19.62 6.45
C ILE J 20 50.05 19.07 6.87
N SER J 21 49.52 19.64 7.94
CA SER J 21 48.28 19.15 8.53
C SER J 21 47.29 20.29 8.73
N CYS J 22 46.02 19.92 8.74
CA CYS J 22 44.91 20.84 8.92
C CYS J 22 43.88 20.14 9.79
N LYS J 23 43.54 20.75 10.92
CA LYS J 23 42.66 20.11 11.90
C LYS J 23 41.41 20.95 12.05
N GLY J 24 40.26 20.28 12.19
CA GLY J 24 39.00 21.00 12.33
C GLY J 24 38.26 20.69 13.62
N SER J 25 36.94 20.49 13.53
CA SER J 25 36.11 20.19 14.70
C SER J 25 35.50 18.82 14.53
N ALA J 26 34.59 18.46 15.44
CA ALA J 26 34.02 17.12 15.52
C ALA J 26 32.68 16.98 14.82
N ASP J 27 31.76 17.93 15.06
CA ASP J 27 30.37 17.74 14.69
C ASP J 27 30.17 17.79 13.17
N SER J 28 30.46 18.94 12.56
CA SER J 28 30.14 19.13 11.15
C SER J 28 31.16 18.48 10.23
N PHE J 29 32.43 18.40 10.65
CA PHE J 29 33.51 17.85 9.83
C PHE J 29 33.19 16.48 9.25
N THR J 30 32.22 15.76 9.81
CA THR J 30 31.91 14.42 9.33
C THR J 30 31.19 14.43 7.98
N ASN J 31 30.37 15.44 7.72
CA ASN J 31 29.50 15.44 6.54
C ASN J 31 29.98 16.37 5.44
N HIS J 32 31.18 16.94 5.56
CA HIS J 32 31.71 17.84 4.56
C HIS J 32 33.00 17.26 3.98
N TRP J 33 33.17 17.42 2.67
CA TRP J 33 34.43 17.03 2.03
C TRP J 33 35.53 18.01 2.43
N ILE J 34 36.78 17.57 2.29
CA ILE J 34 37.93 18.42 2.54
C ILE J 34 38.75 18.51 1.26
N GLY J 35 38.84 19.72 0.70
CA GLY J 35 39.65 19.96 -0.48
C GLY J 35 40.86 20.81 -0.19
N TRP J 36 41.88 20.70 -1.03
CA TRP J 36 43.11 21.48 -0.91
C TRP J 36 43.33 22.29 -2.17
N VAL J 37 43.74 23.56 -2.00
CA VAL J 37 44.04 24.45 -3.10
C VAL J 37 45.37 25.11 -2.84
N ARG J 38 46.00 25.57 -3.92
CA ARG J 38 47.28 26.26 -3.86
C ARG J 38 47.14 27.64 -4.48
N GLN J 39 47.86 28.61 -3.93
CA GLN J 39 47.85 29.98 -4.44
C GLN J 39 49.28 30.51 -4.45
N THR J 40 49.74 30.91 -5.64
CA THR J 40 51.07 31.48 -5.80
C THR J 40 50.98 33.00 -5.95
N PRO J 41 51.95 33.73 -5.43
CA PRO J 41 51.91 35.20 -5.52
C PRO J 41 51.91 35.68 -6.97
N GLY J 42 50.93 36.53 -7.29
CA GLY J 42 50.79 37.06 -8.63
C GLY J 42 49.95 36.22 -9.57
N LYS J 43 49.48 35.06 -9.14
CA LYS J 43 48.65 34.18 -9.94
C LYS J 43 47.35 33.88 -9.19
N GLY J 44 46.47 33.12 -9.85
CA GLY J 44 45.20 32.75 -9.25
C GLY J 44 45.31 31.46 -8.46
N LEU J 45 44.22 31.15 -7.75
CA LEU J 45 44.16 29.95 -6.93
C LEU J 45 43.98 28.72 -7.81
N GLU J 46 44.80 27.69 -7.57
CA GLU J 46 44.78 26.47 -8.37
C GLU J 46 44.36 25.31 -7.49
N TRP J 47 43.24 24.68 -7.83
CA TRP J 47 42.68 23.60 -7.04
C TRP J 47 43.54 22.35 -7.14
N MET J 48 43.95 21.81 -5.99
CA MET J 48 44.82 20.65 -5.94
C MET J 48 44.02 19.34 -5.92
N GLY J 49 43.16 19.16 -4.93
CA GLY J 49 42.43 17.92 -4.80
C GLY J 49 41.34 18.02 -3.76
N MET J 50 40.71 16.87 -3.51
CA MET J 50 39.62 16.78 -2.56
C MET J 50 39.56 15.35 -2.02
N ILE J 51 39.16 15.24 -0.75
CA ILE J 51 38.99 13.94 -0.09
C ILE J 51 37.81 14.02 0.86
N TYR J 52 37.14 12.88 1.05
CA TYR J 52 36.08 12.81 2.05
C TYR J 52 36.62 12.22 3.34
N PRO J 53 36.41 12.88 4.48
CA PRO J 53 36.93 12.35 5.76
C PRO J 53 36.35 11.00 6.13
N GLY J 54 35.16 10.66 5.64
CA GLY J 54 34.51 9.42 6.02
C GLY J 54 35.07 8.18 5.37
N ASP J 55 35.29 8.23 4.05
CA ASP J 55 35.72 7.06 3.29
C ASP J 55 37.12 7.18 2.74
N SER J 56 37.79 8.32 2.97
CA SER J 56 39.16 8.56 2.49
C SER J 56 39.27 8.42 0.98
N ASP J 57 38.17 8.65 0.27
CA ASP J 57 38.20 8.67 -1.18
C ASP J 57 38.97 9.89 -1.68
N THR J 58 39.62 9.72 -2.83
CA THR J 58 40.54 10.72 -3.37
C THR J 58 40.08 11.15 -4.76
N ARG J 59 40.21 12.45 -5.03
CA ARG J 59 39.99 13.00 -6.36
C ARG J 59 41.00 14.12 -6.58
N TYR J 60 41.87 13.96 -7.58
CA TYR J 60 43.00 14.84 -7.78
C TYR J 60 42.81 15.68 -9.05
N SER J 61 43.53 16.80 -9.09
CA SER J 61 43.58 17.63 -10.29
C SER J 61 44.48 16.99 -11.33
N PRO J 62 44.27 17.31 -12.61
CA PRO J 62 45.18 16.77 -13.64
C PRO J 62 46.60 17.27 -13.48
N SER J 63 46.78 18.52 -13.06
CA SER J 63 48.12 19.09 -12.92
C SER J 63 48.84 18.62 -11.66
N PHE J 64 48.11 18.08 -10.68
CA PHE J 64 48.70 17.63 -9.43
C PHE J 64 48.57 16.12 -9.23
N GLN J 65 48.05 15.39 -10.21
CA GLN J 65 47.93 13.95 -10.11
C GLN J 65 49.31 13.31 -10.15
N GLY J 66 49.63 12.51 -9.12
CA GLY J 66 50.92 11.86 -9.03
C GLY J 66 52.03 12.71 -8.43
N GLN J 67 51.80 14.02 -8.26
CA GLN J 67 52.81 14.91 -7.71
C GLN J 67 52.75 14.98 -6.19
N VAL J 68 51.55 14.81 -5.61
CA VAL J 68 51.35 14.95 -4.17
C VAL J 68 50.19 14.04 -3.78
N THR J 69 50.20 13.57 -2.54
CA THR J 69 49.20 12.63 -2.07
C THR J 69 48.47 13.22 -0.86
N LEU J 70 47.23 12.77 -0.69
CA LEU J 70 46.37 13.18 0.41
C LEU J 70 46.07 12.03 1.35
N SER J 71 45.87 12.35 2.64
CA SER J 71 45.50 11.36 3.62
C SER J 71 44.56 12.00 4.63
N VAL J 72 43.86 11.16 5.39
CA VAL J 72 42.86 11.62 6.34
C VAL J 72 42.84 10.66 7.53
N ASP J 73 42.47 11.19 8.70
CA ASP J 73 42.26 10.38 9.90
C ASP J 73 41.05 10.92 10.63
N LYS J 74 39.93 10.19 10.58
CA LYS J 74 38.72 10.61 11.28
C LYS J 74 38.89 10.55 12.79
N SER J 75 39.76 9.66 13.27
CA SER J 75 39.91 9.47 14.71
C SER J 75 40.34 10.77 15.41
N VAL J 76 41.25 11.51 14.79
CA VAL J 76 41.71 12.78 15.34
C VAL J 76 41.26 13.96 14.49
N THR J 77 40.36 13.74 13.53
CA THR J 77 39.85 14.77 12.63
C THR J 77 41.00 15.56 11.99
N THR J 78 41.87 14.83 11.31
CA THR J 78 43.05 15.40 10.67
C THR J 78 43.04 15.12 9.18
N VAL J 79 43.51 16.09 8.40
CA VAL J 79 43.80 15.90 6.98
C VAL J 79 45.24 16.30 6.75
N TYR J 80 45.95 15.49 5.96
CA TYR J 80 47.38 15.69 5.73
C TYR J 80 47.67 15.81 4.23
N LEU J 81 48.70 16.58 3.92
CA LEU J 81 49.18 16.75 2.55
C LEU J 81 50.65 16.41 2.53
N GLN J 82 51.02 15.41 1.73
CA GLN J 82 52.38 14.86 1.77
C GLN J 82 52.96 14.88 0.36
N TRP J 83 54.18 15.41 0.24
CA TRP J 83 54.86 15.55 -1.04
C TRP J 83 55.90 14.45 -1.24
N ASN J 84 55.94 13.90 -2.46
CA ASN J 84 56.93 12.88 -2.77
C ASN J 84 58.29 13.51 -3.03
N SER J 85 58.33 14.60 -3.80
CA SER J 85 59.57 15.30 -4.10
C SER J 85 59.27 16.78 -4.29
N LEU J 86 59.82 17.63 -3.43
CA LEU J 86 59.56 19.05 -3.56
C LEU J 86 60.35 19.63 -4.73
N LYS J 87 59.87 20.78 -5.22
CA LYS J 87 60.56 21.51 -6.28
C LYS J 87 60.55 23.00 -5.94
N ALA J 88 61.32 23.76 -6.71
CA ALA J 88 61.47 25.19 -6.41
C ALA J 88 60.20 25.97 -6.71
N SER J 89 59.47 25.58 -7.76
CA SER J 89 58.27 26.31 -8.17
C SER J 89 57.08 26.07 -7.25
N ASP J 90 57.23 25.28 -6.20
CA ASP J 90 56.12 24.92 -5.32
C ASP J 90 55.93 25.89 -4.16
N THR J 91 56.81 26.88 -4.01
CA THR J 91 56.69 27.85 -2.93
C THR J 91 55.42 28.68 -3.11
N ALA J 92 54.48 28.52 -2.20
CA ALA J 92 53.16 29.14 -2.32
C ALA J 92 52.44 29.01 -0.98
N ILE J 93 51.23 29.54 -0.92
CA ILE J 93 50.36 29.45 0.25
C ILE J 93 49.30 28.40 -0.02
N TYR J 94 49.19 27.42 0.87
CA TYR J 94 48.28 26.29 0.70
C TYR J 94 47.13 26.42 1.68
N TYR J 95 45.93 26.08 1.22
CA TYR J 95 44.71 26.21 2.00
C TYR J 95 43.97 24.89 2.07
N CYS J 96 43.56 24.50 3.27
CA CYS J 96 42.57 23.45 3.43
C CYS J 96 41.19 24.09 3.55
N ALA J 97 40.20 23.48 2.89
CA ALA J 97 38.87 24.06 2.90
C ALA J 97 37.83 22.94 2.88
N ARG J 98 36.83 23.05 3.74
CA ARG J 98 35.72 22.12 3.75
C ARG J 98 34.67 22.56 2.73
N GLN J 99 34.21 21.63 1.91
CA GLN J 99 33.22 21.90 0.89
C GLN J 99 31.99 21.07 1.16
N VAL J 100 30.84 21.74 1.29
CA VAL J 100 29.56 21.07 1.45
C VAL J 100 29.05 20.65 0.07
N GLY J 101 28.03 19.82 0.03
CA GLY J 101 27.52 19.31 -1.22
C GLY J 101 28.40 18.18 -1.75
N GLY J 102 28.03 17.70 -2.93
CA GLY J 102 28.69 16.57 -3.53
C GLY J 102 28.48 15.25 -2.81
N VAL J 103 27.64 15.22 -1.77
CA VAL J 103 27.42 14.00 -1.02
C VAL J 103 26.63 13.00 -1.85
N VAL J 104 25.76 13.48 -2.72
CA VAL J 104 24.97 12.64 -3.62
C VAL J 104 25.01 13.26 -5.01
N VAL J 105 25.59 12.53 -5.97
CA VAL J 105 25.65 12.97 -7.36
C VAL J 105 25.25 11.80 -8.25
N ALA J 106 24.81 12.13 -9.45
CA ALA J 106 24.33 11.13 -10.41
C ALA J 106 24.82 11.50 -11.80
N GLU J 107 25.61 10.60 -12.40
CA GLU J 107 26.17 10.80 -13.74
C GLU J 107 26.86 12.16 -13.89
N PRO J 108 27.93 12.42 -13.16
CA PRO J 108 28.61 13.71 -13.25
C PRO J 108 29.43 13.79 -14.52
N PRO J 109 29.55 14.98 -15.13
CA PRO J 109 28.96 16.27 -14.74
C PRO J 109 27.45 16.32 -14.98
N PRO J 110 26.73 17.22 -14.29
CA PRO J 110 27.24 18.20 -13.32
C PRO J 110 27.45 17.62 -11.92
N TYR J 111 28.29 18.28 -11.13
CA TYR J 111 28.46 17.97 -9.73
C TYR J 111 27.60 18.89 -8.89
N TYR J 112 27.47 18.55 -7.60
CA TYR J 112 26.62 19.30 -6.69
C TYR J 112 27.43 19.94 -5.56
N TYR J 113 28.61 20.47 -5.89
CA TYR J 113 29.37 21.26 -4.95
C TYR J 113 28.83 22.69 -4.96
N TYR J 114 28.57 23.24 -3.78
CA TYR J 114 27.99 24.57 -3.69
C TYR J 114 28.85 25.58 -2.95
N GLY J 115 29.66 25.18 -2.01
CA GLY J 115 30.43 26.13 -1.23
C GLY J 115 31.72 25.56 -0.70
N MET J 116 32.71 26.43 -0.54
CA MET J 116 33.92 26.19 0.26
C MET J 116 33.94 27.30 1.30
N ASP J 117 33.25 27.06 2.42
CA ASP J 117 32.89 28.14 3.33
C ASP J 117 33.89 28.34 4.48
N ALA J 118 34.52 27.27 4.96
CA ALA J 118 35.49 27.38 6.04
C ALA J 118 36.86 26.94 5.53
N TRP J 119 37.82 27.85 5.60
CA TRP J 119 39.17 27.60 5.12
C TRP J 119 40.16 27.72 6.28
N GLY J 120 41.25 26.96 6.19
CA GLY J 120 42.34 27.12 7.14
C GLY J 120 43.00 28.49 6.99
N GLN J 121 43.81 28.82 7.98
CA GLN J 121 44.48 30.13 7.99
C GLN J 121 45.61 30.23 6.97
N GLY J 122 45.92 29.15 6.27
CA GLY J 122 46.95 29.19 5.24
C GLY J 122 48.32 28.81 5.76
N THR J 123 48.99 27.89 5.08
CA THR J 123 50.34 27.46 5.42
C THR J 123 51.29 27.96 4.35
N THR J 124 52.29 28.74 4.75
CA THR J 124 53.30 29.25 3.83
C THR J 124 54.42 28.23 3.71
N VAL J 125 54.61 27.70 2.51
CA VAL J 125 55.62 26.67 2.23
C VAL J 125 56.65 27.26 1.28
N THR J 126 57.91 27.22 1.68
CA THR J 126 59.00 27.78 0.89
C THR J 126 60.02 26.69 0.60
N VAL J 127 60.46 26.62 -0.65
CA VAL J 127 61.49 25.67 -1.07
C VAL J 127 62.68 26.52 -1.52
N SER J 128 63.68 26.63 -0.67
CA SER J 128 64.79 27.55 -0.87
C SER J 128 66.10 26.87 -0.52
N SER J 129 67.18 27.42 -1.04
CA SER J 129 68.51 26.87 -0.77
C SER J 129 69.10 27.45 0.51
N ASP K 1 40.83 22.94 -17.28
CA ASP K 1 39.95 22.50 -18.36
C ASP K 1 39.09 23.65 -18.86
N ILE K 2 38.03 23.96 -18.12
CA ILE K 2 37.16 25.07 -18.47
C ILE K 2 37.87 26.38 -18.13
N GLN K 3 37.77 27.35 -19.05
CA GLN K 3 38.33 28.67 -18.83
C GLN K 3 37.21 29.62 -18.37
N LEU K 4 37.38 30.16 -17.17
CA LEU K 4 36.50 31.21 -16.65
C LEU K 4 37.27 32.52 -16.68
N THR K 5 36.74 33.50 -17.40
CA THR K 5 37.36 34.81 -17.52
C THR K 5 36.44 35.85 -16.89
N GLN K 6 37.00 36.68 -16.03
CA GLN K 6 36.24 37.72 -15.36
C GLN K 6 36.49 39.06 -16.06
N SER K 7 35.46 39.89 -16.09
CA SER K 7 35.54 41.19 -16.74
C SER K 7 34.87 42.25 -15.89
N PRO K 8 35.48 43.44 -15.76
CA PRO K 8 36.79 43.74 -16.33
C PRO K 8 37.94 43.17 -15.48
N SER K 9 39.14 43.12 -16.06
CA SER K 9 40.29 42.60 -15.32
C SER K 9 40.61 43.45 -14.09
N SER K 10 40.31 44.74 -14.12
CA SER K 10 40.46 45.61 -12.98
C SER K 10 39.33 46.63 -12.99
N LEU K 11 39.05 47.19 -11.81
CA LEU K 11 37.92 48.10 -11.67
C LEU K 11 38.25 49.19 -10.67
N SER K 12 37.75 50.40 -10.93
CA SER K 12 37.85 51.53 -10.04
C SER K 12 36.47 52.05 -9.71
N ALA K 13 36.22 52.33 -8.44
CA ALA K 13 34.90 52.77 -8.00
C ALA K 13 35.04 53.65 -6.78
N SER K 14 33.94 54.29 -6.41
CA SER K 14 33.85 55.12 -5.20
C SER K 14 32.97 54.43 -4.17
N VAL K 15 33.04 54.93 -2.94
CA VAL K 15 32.29 54.32 -1.84
C VAL K 15 30.80 54.49 -2.07
N GLY K 16 30.04 53.41 -1.83
CA GLY K 16 28.60 53.44 -1.94
C GLY K 16 28.05 53.23 -3.34
N ASP K 17 28.91 53.11 -4.35
CA ASP K 17 28.44 52.96 -5.72
C ASP K 17 27.81 51.58 -5.92
N ARG K 18 27.07 51.44 -7.01
CA ARG K 18 26.53 50.15 -7.44
C ARG K 18 27.45 49.61 -8.54
N VAL K 19 28.15 48.51 -8.22
CA VAL K 19 29.14 47.94 -9.12
C VAL K 19 28.63 46.60 -9.62
N THR K 20 28.83 46.33 -10.91
CA THR K 20 28.48 45.06 -11.52
C THR K 20 29.74 44.43 -12.10
N LEU K 21 30.01 43.18 -11.72
CA LEU K 21 31.17 42.46 -12.22
C LEU K 21 30.70 41.18 -12.90
N THR K 22 31.12 40.98 -14.15
CA THR K 22 30.67 39.85 -14.96
C THR K 22 31.80 38.85 -15.11
N CYS K 23 31.44 37.57 -15.19
CA CYS K 23 32.42 36.53 -15.43
C CYS K 23 31.82 35.52 -16.41
N ARG K 24 32.58 35.19 -17.45
CA ARG K 24 32.13 34.33 -18.54
C ARG K 24 32.90 33.03 -18.55
N ALA K 25 32.18 31.92 -18.72
CA ALA K 25 32.78 30.59 -18.79
C ALA K 25 32.85 30.13 -20.24
N SER K 26 33.94 29.43 -20.58
CA SER K 26 34.11 28.88 -21.92
C SER K 26 33.11 27.78 -22.26
N GLN K 27 32.33 27.31 -21.29
CA GLN K 27 31.32 26.31 -21.54
C GLN K 27 30.19 26.50 -20.55
N SER K 28 28.96 26.19 -20.99
CA SER K 28 27.79 26.36 -20.15
C SER K 28 27.93 25.58 -18.86
N ILE K 29 27.79 26.26 -17.73
CA ILE K 29 27.96 25.66 -16.41
C ILE K 29 26.66 25.59 -15.64
N ALA K 30 25.55 26.04 -16.22
CA ALA K 30 24.21 25.80 -15.71
C ALA K 30 24.06 26.25 -14.25
N THR K 31 24.21 27.57 -14.06
CA THR K 31 23.95 28.29 -12.80
C THR K 31 24.62 27.65 -11.58
N PHE K 32 25.63 26.81 -11.80
CA PHE K 32 26.40 26.22 -10.71
C PHE K 32 27.71 26.99 -10.51
N LEU K 33 27.57 28.26 -10.14
CA LEU K 33 28.70 29.15 -9.95
C LEU K 33 28.63 29.80 -8.58
N ASN K 34 29.81 30.02 -7.98
CA ASN K 34 29.94 30.64 -6.67
C ASN K 34 30.82 31.88 -6.77
N TRP K 35 30.66 32.78 -5.80
CA TRP K 35 31.48 33.99 -5.71
C TRP K 35 32.19 34.02 -4.36
N PHE K 36 33.52 34.04 -4.40
CA PHE K 36 34.33 34.13 -3.20
C PHE K 36 34.97 35.51 -3.09
N GLN K 37 35.20 35.93 -1.84
CA GLN K 37 35.93 37.16 -1.54
C GLN K 37 37.23 36.82 -0.82
N GLN K 38 38.31 37.51 -1.19
CA GLN K 38 39.60 37.29 -0.57
C GLN K 38 40.36 38.60 -0.50
N ARG K 39 40.96 38.87 0.66
CA ARG K 39 41.81 40.03 0.91
C ARG K 39 43.26 39.59 1.01
N PRO K 40 44.21 40.53 0.94
CA PRO K 40 45.62 40.16 1.13
C PRO K 40 45.80 39.57 2.52
N GLY K 41 46.28 38.33 2.58
CA GLY K 41 46.50 37.68 3.84
C GLY K 41 45.30 36.89 4.32
N LYS K 42 44.21 36.91 3.56
CA LYS K 42 42.94 36.30 3.91
C LYS K 42 42.55 35.19 2.95
N ALA K 43 41.91 34.18 3.53
CA ALA K 43 41.42 33.02 2.81
C ALA K 43 40.25 33.44 1.93
N PRO K 44 39.89 32.63 0.95
CA PRO K 44 38.66 32.95 0.21
C PRO K 44 37.45 32.69 1.09
N LYS K 45 36.47 33.58 1.01
CA LYS K 45 35.22 33.47 1.74
C LYS K 45 34.08 33.30 0.75
N LEU K 46 33.29 32.24 0.93
CA LEU K 46 32.09 32.05 0.13
C LEU K 46 31.06 33.10 0.51
N LEU K 47 30.77 34.03 -0.40
CA LEU K 47 29.76 35.04 -0.17
C LEU K 47 28.47 34.80 -0.95
N MET K 48 28.55 34.11 -2.07
CA MET K 48 27.36 33.78 -2.85
C MET K 48 27.57 32.42 -3.49
N PHE K 49 26.49 31.64 -3.55
CA PHE K 49 26.51 30.33 -4.18
C PHE K 49 25.23 30.13 -4.97
N ASP K 50 25.28 29.19 -5.91
CA ASP K 50 24.23 28.97 -6.90
C ASP K 50 24.05 30.19 -7.80
N ALA K 51 25.06 31.06 -7.85
CA ALA K 51 25.16 32.17 -8.80
C ALA K 51 24.18 33.30 -8.50
N SER K 52 23.25 33.08 -7.57
CA SER K 52 22.33 34.13 -7.17
C SER K 52 21.99 34.14 -5.69
N LYS K 53 22.26 33.09 -4.94
CA LYS K 53 21.72 32.90 -3.60
C LYS K 53 22.77 33.24 -2.56
N LEU K 54 22.37 34.04 -1.56
CA LEU K 54 23.30 34.49 -0.54
C LEU K 54 23.55 33.42 0.51
N GLN K 55 24.79 33.33 0.97
CA GLN K 55 25.15 32.47 2.09
C GLN K 55 24.58 33.03 3.39
N THR K 56 24.37 32.15 4.37
CA THR K 56 23.92 32.59 5.68
C THR K 56 24.95 33.50 6.33
N GLY K 57 24.63 34.78 6.50
CA GLY K 57 25.48 35.72 7.18
C GLY K 57 26.05 36.83 6.32
N VAL K 58 26.16 36.62 5.01
CA VAL K 58 26.69 37.68 4.15
C VAL K 58 25.64 38.78 4.01
N PRO K 59 26.02 40.06 4.05
CA PRO K 59 25.03 41.14 3.94
C PRO K 59 24.18 40.99 2.68
N SER K 60 22.89 41.32 2.83
CA SER K 60 21.92 41.20 1.74
C SER K 60 22.15 42.23 0.64
N ARG K 61 23.12 43.12 0.77
CA ARG K 61 23.43 44.06 -0.29
C ARG K 61 24.01 43.38 -1.52
N PHE K 62 24.54 42.16 -1.36
CA PHE K 62 25.04 41.40 -2.50
C PHE K 62 23.88 40.75 -3.23
N SER K 63 23.91 40.81 -4.56
CA SER K 63 22.88 40.18 -5.38
C SER K 63 23.51 39.65 -6.66
N GLY K 64 23.26 38.37 -6.94
CA GLY K 64 23.81 37.75 -8.13
C GLY K 64 22.76 37.44 -9.17
N SER K 65 23.17 37.30 -10.42
CA SER K 65 22.25 36.91 -11.49
C SER K 65 23.06 36.27 -12.60
N GLY K 66 22.36 35.64 -13.53
CA GLY K 66 22.95 35.08 -14.73
C GLY K 66 22.78 33.58 -14.82
N SER K 67 23.18 33.05 -15.96
CA SER K 67 23.04 31.64 -16.28
C SER K 67 23.86 31.34 -17.52
N GLY K 68 23.83 30.07 -17.95
CA GLY K 68 24.52 29.64 -19.15
C GLY K 68 26.01 29.90 -19.13
N THR K 69 26.47 30.88 -19.90
CA THR K 69 27.88 31.24 -19.93
C THR K 69 28.13 32.67 -19.50
N HIS K 70 27.14 33.35 -18.90
CA HIS K 70 27.30 34.72 -18.45
C HIS K 70 26.71 34.86 -17.06
N PHE K 71 27.52 35.32 -16.12
CA PHE K 71 27.08 35.58 -14.75
C PHE K 71 27.58 36.94 -14.33
N THR K 72 26.90 37.54 -13.35
CA THR K 72 27.28 38.85 -12.86
C THR K 72 26.96 38.97 -11.38
N LEU K 73 27.81 39.73 -10.68
CA LEU K 73 27.62 40.04 -9.26
C LEU K 73 27.35 41.54 -9.13
N THR K 74 26.46 41.90 -8.22
CA THR K 74 26.05 43.29 -8.05
C THR K 74 26.09 43.66 -6.57
N ILE K 75 26.81 44.75 -6.27
CA ILE K 75 26.86 45.33 -4.94
C ILE K 75 26.14 46.68 -4.99
N SER K 76 25.37 46.98 -3.95
CA SER K 76 24.60 48.22 -3.95
C SER K 76 25.30 49.33 -3.17
N THR K 77 25.88 49.01 -2.01
CA THR K 77 26.53 49.99 -1.14
C THR K 77 27.96 49.49 -0.88
N LEU K 78 28.92 50.11 -1.54
CA LEU K 78 30.32 49.72 -1.35
C LEU K 78 30.85 50.20 -0.01
N GLN K 79 31.59 49.31 0.66
CA GLN K 79 32.31 49.54 1.90
C GLN K 79 33.81 49.42 1.67
N PRO K 80 34.63 50.27 2.29
CA PRO K 80 36.08 50.10 2.18
C PRO K 80 36.57 48.72 2.57
N GLU K 81 35.86 48.02 3.47
CA GLU K 81 36.21 46.64 3.76
C GLU K 81 35.67 45.66 2.72
N ASP K 82 34.73 46.12 1.87
CA ASP K 82 34.24 45.32 0.76
C ASP K 82 35.16 45.38 -0.45
N PHE K 83 36.05 46.37 -0.50
CA PHE K 83 37.05 46.47 -1.57
C PHE K 83 38.07 45.34 -1.39
N ALA K 84 37.93 44.29 -2.20
CA ALA K 84 38.81 43.13 -2.12
C ALA K 84 38.83 42.47 -3.49
N THR K 85 39.38 41.26 -3.56
CA THR K 85 39.46 40.51 -4.80
C THR K 85 38.37 39.45 -4.83
N TYR K 86 37.64 39.39 -5.94
CA TYR K 86 36.49 38.51 -6.08
C TYR K 86 36.77 37.44 -7.12
N TYR K 87 36.41 36.20 -6.79
CA TYR K 87 36.63 35.05 -7.66
C TYR K 87 35.28 34.38 -7.90
N CYS K 88 34.89 34.24 -9.17
CA CYS K 88 33.78 33.37 -9.49
C CYS K 88 34.32 31.96 -9.69
N GLN K 89 33.60 30.97 -9.18
CA GLN K 89 34.08 29.60 -9.11
C GLN K 89 33.06 28.67 -9.74
N GLN K 90 33.50 27.88 -10.72
CA GLN K 90 32.64 26.90 -11.36
C GLN K 90 32.64 25.61 -10.57
N SER K 91 31.46 24.99 -10.46
CA SER K 91 31.28 23.72 -9.80
C SER K 91 30.68 22.69 -10.76
N TYR K 92 30.92 22.85 -12.06
CA TYR K 92 30.30 21.99 -13.06
C TYR K 92 31.13 20.73 -13.33
N ASP K 93 32.45 20.88 -13.41
CA ASP K 93 33.31 19.76 -13.79
C ASP K 93 34.70 19.97 -13.22
N LEU K 94 35.53 18.90 -13.29
CA LEU K 94 36.92 18.95 -12.84
C LEU K 94 37.83 19.46 -13.96
N PRO K 95 38.90 20.18 -13.61
CA PRO K 95 39.17 20.64 -12.24
C PRO K 95 38.44 21.93 -11.92
N LEU K 96 37.96 22.06 -10.68
CA LEU K 96 37.33 23.30 -10.24
C LEU K 96 38.30 24.46 -10.43
N THR K 97 37.93 25.41 -11.26
CA THR K 97 38.85 26.46 -11.70
C THR K 97 38.30 27.84 -11.37
N PHE K 98 39.21 28.76 -11.10
CA PHE K 98 38.88 30.13 -10.75
C PHE K 98 39.09 31.05 -11.95
N GLY K 99 38.60 32.28 -11.83
CA GLY K 99 38.86 33.30 -12.81
C GLY K 99 40.17 34.02 -12.55
N PRO K 100 40.51 34.96 -13.43
CA PRO K 100 41.77 35.71 -13.24
C PRO K 100 41.76 36.65 -12.04
N GLY K 101 40.59 36.95 -11.47
CA GLY K 101 40.52 37.80 -10.30
C GLY K 101 40.22 39.24 -10.64
N THR K 102 39.42 39.91 -9.81
CA THR K 102 39.06 41.31 -10.00
C THR K 102 39.40 42.07 -8.72
N LYS K 103 40.35 43.00 -8.81
CA LYS K 103 40.79 43.81 -7.67
C LYS K 103 40.03 45.13 -7.70
N VAL K 104 39.06 45.27 -6.82
CA VAL K 104 38.24 46.49 -6.73
C VAL K 104 39.02 47.50 -5.89
N GLU K 105 39.59 48.51 -6.55
CA GLU K 105 40.44 49.51 -5.91
C GLU K 105 39.73 50.86 -5.87
N ILE K 106 40.04 51.63 -4.84
CA ILE K 106 39.49 52.97 -4.66
C ILE K 106 40.35 53.97 -5.44
N LYS K 107 39.68 54.86 -6.18
CA LYS K 107 40.37 55.87 -6.96
C LYS K 107 39.53 57.15 -7.04
N GLU L 1 4.07 25.05 38.31
CA GLU L 1 3.17 25.32 37.20
C GLU L 1 1.83 24.64 37.50
N VAL L 2 1.78 23.32 37.35
CA VAL L 2 0.64 22.56 37.85
C VAL L 2 0.79 22.38 39.35
N GLN L 3 -0.30 22.62 40.07
CA GLN L 3 -0.32 22.57 41.53
C GLN L 3 -1.40 21.59 41.97
N LEU L 4 -1.18 21.00 43.14
CA LEU L 4 -2.14 20.06 43.73
C LEU L 4 -2.39 20.45 45.17
N VAL L 5 -3.65 20.67 45.52
CA VAL L 5 -4.05 21.07 46.86
C VAL L 5 -4.57 19.85 47.61
N GLN L 6 -4.21 19.74 48.87
CA GLN L 6 -4.57 18.61 49.71
C GLN L 6 -5.44 19.07 50.88
N SER L 7 -5.98 18.09 51.60
CA SER L 7 -6.78 18.37 52.78
C SER L 7 -5.90 18.81 53.93
N GLY L 8 -6.53 19.35 54.97
CA GLY L 8 -5.84 19.94 56.09
C GLY L 8 -5.35 18.90 57.08
N ALA L 9 -4.85 19.40 58.21
CA ALA L 9 -4.35 18.52 59.25
C ALA L 9 -5.47 17.66 59.82
N GLU L 10 -5.13 16.42 60.18
CA GLU L 10 -6.11 15.43 60.62
C GLU L 10 -5.67 14.83 61.94
N VAL L 11 -6.59 14.79 62.91
CA VAL L 11 -6.33 14.22 64.22
C VAL L 11 -7.45 13.24 64.54
N LYS L 12 -7.10 12.08 65.09
CA LYS L 12 -8.08 11.05 65.38
C LYS L 12 -7.58 10.17 66.52
N LYS L 13 -8.50 9.40 67.10
CA LYS L 13 -8.40 8.35 68.10
C LYS L 13 -8.25 6.99 67.41
N PRO L 14 -7.39 6.11 67.93
CA PRO L 14 -7.21 4.80 67.31
C PRO L 14 -8.51 4.02 67.19
N GLY L 15 -8.72 3.40 66.03
CA GLY L 15 -9.85 2.55 65.77
C GLY L 15 -10.80 3.04 64.69
N GLU L 16 -11.04 4.34 64.63
CA GLU L 16 -11.99 4.88 63.68
C GLU L 16 -11.38 5.00 62.29
N SER L 17 -12.18 5.44 61.33
CA SER L 17 -11.76 5.63 59.95
C SER L 17 -11.49 7.11 59.68
N LEU L 18 -10.79 7.35 58.57
CA LEU L 18 -10.41 8.71 58.19
C LEU L 18 -10.21 8.77 56.68
N LYS L 19 -10.63 9.88 56.09
CA LYS L 19 -10.48 10.11 54.65
C LYS L 19 -9.80 11.46 54.42
N ILE L 20 -8.79 11.46 53.54
CA ILE L 20 -8.10 12.68 53.13
C ILE L 20 -8.20 12.82 51.62
N SER L 21 -8.13 14.06 51.14
CA SER L 21 -8.34 14.36 49.73
C SER L 21 -7.21 15.21 49.19
N CYS L 22 -7.00 15.09 47.88
CA CYS L 22 -5.95 15.82 47.17
C CYS L 22 -6.55 16.21 45.83
N LYS L 23 -6.56 17.52 45.54
CA LYS L 23 -7.22 18.05 44.34
C LYS L 23 -6.17 18.71 43.47
N GLY L 24 -6.30 18.53 42.15
CA GLY L 24 -5.34 19.11 41.23
C GLY L 24 -5.96 20.06 40.22
N SER L 25 -5.57 19.97 38.95
CA SER L 25 -6.07 20.82 37.89
C SER L 25 -6.81 19.97 36.85
N ALA L 26 -7.19 20.59 35.75
CA ALA L 26 -8.04 19.95 34.74
C ALA L 26 -7.25 19.38 33.57
N ASP L 27 -6.30 20.16 33.02
CA ASP L 27 -5.71 19.82 31.73
C ASP L 27 -4.80 18.60 31.83
N SER L 28 -3.73 18.70 32.60
CA SER L 28 -2.71 17.65 32.61
C SER L 28 -3.11 16.45 33.46
N PHE L 29 -3.89 16.69 34.53
CA PHE L 29 -4.29 15.64 35.47
C PHE L 29 -4.90 14.42 34.79
N THR L 30 -5.36 14.55 33.54
CA THR L 30 -6.01 13.44 32.86
C THR L 30 -5.01 12.36 32.43
N ASN L 31 -3.79 12.75 32.08
CA ASN L 31 -2.84 11.82 31.47
C ASN L 31 -1.73 11.38 32.42
N HIS L 32 -1.83 11.71 33.70
CA HIS L 32 -0.83 11.34 34.69
C HIS L 32 -1.46 10.47 35.76
N TRP L 33 -0.73 9.45 36.19
CA TRP L 33 -1.17 8.63 37.32
C TRP L 33 -1.06 9.43 38.61
N ILE L 34 -1.80 8.99 39.63
CA ILE L 34 -1.75 9.60 40.95
C ILE L 34 -1.31 8.53 41.95
N GLY L 35 -0.15 8.72 42.54
CA GLY L 35 0.34 7.82 43.57
C GLY L 35 0.37 8.45 44.94
N TRP L 36 0.33 7.63 45.98
CA TRP L 36 0.38 8.08 47.37
C TRP L 36 1.58 7.46 48.07
N VAL L 37 2.28 8.27 48.86
CA VAL L 37 3.43 7.81 49.63
C VAL L 37 3.28 8.32 51.06
N ARG L 38 3.95 7.63 51.99
CA ARG L 38 3.95 7.98 53.39
C ARG L 38 5.38 8.22 53.86
N GLN L 39 5.53 9.17 54.78
CA GLN L 39 6.84 9.50 55.33
C GLN L 39 6.71 9.68 56.83
N THR L 40 7.45 8.89 57.61
CA THR L 40 7.46 8.99 59.05
C THR L 40 8.71 9.70 59.53
N PRO L 41 8.63 10.47 60.61
CA PRO L 41 9.80 11.21 61.10
C PRO L 41 10.92 10.26 61.50
N GLY L 42 12.11 10.51 60.97
CA GLY L 42 13.28 9.70 61.24
C GLY L 42 13.47 8.51 60.33
N LYS L 43 12.54 8.26 59.42
CA LYS L 43 12.61 7.16 58.46
C LYS L 43 12.48 7.69 57.04
N GLY L 44 12.60 6.79 56.08
CA GLY L 44 12.49 7.16 54.68
C GLY L 44 11.06 7.10 54.18
N LEU L 45 10.88 7.59 52.96
CA LEU L 45 9.55 7.62 52.34
C LEU L 45 9.15 6.23 51.88
N GLU L 46 7.94 5.82 52.23
CA GLU L 46 7.44 4.49 51.92
C GLU L 46 6.26 4.61 50.97
N TRP L 47 6.41 4.04 49.77
CA TRP L 47 5.38 4.15 48.74
C TRP L 47 4.14 3.33 49.12
N MET L 48 2.98 3.98 49.10
CA MET L 48 1.74 3.32 49.47
C MET L 48 1.05 2.67 48.28
N GLY L 49 0.73 3.46 47.25
CA GLY L 49 0.00 2.92 46.13
C GLY L 49 -0.06 3.91 44.98
N MET L 50 -0.81 3.52 43.95
CA MET L 50 -0.96 4.34 42.75
C MET L 50 -2.29 4.02 42.11
N ILE L 51 -2.90 5.04 41.49
CA ILE L 51 -4.16 4.89 40.76
C ILE L 51 -4.15 5.80 39.55
N TYR L 52 -4.85 5.37 38.49
CA TYR L 52 -5.02 6.23 37.33
C TYR L 52 -6.35 6.95 37.40
N PRO L 53 -6.36 8.28 37.26
CA PRO L 53 -7.64 9.01 37.34
C PRO L 53 -8.63 8.63 36.26
N GLY L 54 -8.18 8.10 35.12
CA GLY L 54 -9.06 7.78 34.02
C GLY L 54 -9.87 6.52 34.21
N ASP L 55 -9.23 5.44 34.65
CA ASP L 55 -9.88 4.14 34.75
C ASP L 55 -10.04 3.66 36.19
N SER L 56 -9.57 4.43 37.17
CA SER L 56 -9.67 4.08 38.59
C SER L 56 -9.01 2.73 38.88
N ASP L 57 -8.04 2.34 38.07
CA ASP L 57 -7.27 1.14 38.34
C ASP L 57 -6.39 1.33 39.57
N THR L 58 -6.16 0.25 40.30
CA THR L 58 -5.48 0.29 41.58
C THR L 58 -4.25 -0.60 41.55
N ARG L 59 -3.17 -0.13 42.17
CA ARG L 59 -1.96 -0.93 42.40
C ARG L 59 -1.39 -0.56 43.75
N TYR L 60 -1.33 -1.53 44.66
CA TYR L 60 -0.99 -1.29 46.05
C TYR L 60 0.38 -1.88 46.39
N SER L 61 0.97 -1.34 47.45
CA SER L 61 2.21 -1.89 47.98
C SER L 61 1.93 -3.17 48.76
N PRO L 62 2.93 -4.04 48.90
CA PRO L 62 2.72 -5.25 49.71
C PRO L 62 2.45 -4.93 51.16
N SER L 63 3.11 -3.91 51.71
CA SER L 63 2.95 -3.57 53.12
C SER L 63 1.66 -2.81 53.40
N PHE L 64 1.02 -2.24 52.38
CA PHE L 64 -0.22 -1.49 52.56
C PHE L 64 -1.41 -2.13 51.87
N GLN L 65 -1.25 -3.32 51.29
CA GLN L 65 -2.35 -4.02 50.65
C GLN L 65 -3.35 -4.48 51.70
N GLY L 66 -4.61 -4.09 51.54
CA GLY L 66 -5.65 -4.44 52.49
C GLY L 66 -5.75 -3.55 53.70
N GLN L 67 -4.77 -2.68 53.93
CA GLN L 67 -4.78 -1.79 55.08
C GLN L 67 -5.50 -0.47 54.79
N VAL L 68 -5.46 -0.02 53.55
CA VAL L 68 -6.04 1.27 53.17
C VAL L 68 -6.48 1.17 51.72
N THR L 69 -7.49 1.95 51.36
CA THR L 69 -8.07 1.90 50.02
C THR L 69 -7.97 3.26 49.35
N LEU L 70 -7.92 3.24 48.03
CA LEU L 70 -7.86 4.43 47.20
C LEU L 70 -9.12 4.61 46.36
N SER L 71 -9.46 5.86 46.09
CA SER L 71 -10.59 6.17 45.22
C SER L 71 -10.27 7.43 44.42
N VAL L 72 -11.04 7.64 43.35
CA VAL L 72 -10.80 8.75 42.43
C VAL L 72 -12.15 9.22 41.88
N ASP L 73 -12.21 10.51 41.53
CA ASP L 73 -13.38 11.06 40.85
C ASP L 73 -12.88 12.05 39.81
N LYS L 74 -12.97 11.68 38.53
CA LYS L 74 -12.55 12.56 37.46
C LYS L 74 -13.46 13.78 37.33
N SER L 75 -14.73 13.65 37.75
CA SER L 75 -15.68 14.73 37.58
C SER L 75 -15.23 16.00 38.31
N VAL L 76 -14.69 15.84 39.52
CA VAL L 76 -14.20 16.95 40.31
C VAL L 76 -12.68 16.93 40.45
N THR L 77 -12.00 16.06 39.70
CA THR L 77 -10.54 15.90 39.75
C THR L 77 -10.06 15.73 41.19
N THR L 78 -10.59 14.70 41.85
CA THR L 78 -10.29 14.42 43.24
C THR L 78 -9.70 13.02 43.38
N VAL L 79 -8.73 12.87 44.28
CA VAL L 79 -8.24 11.57 44.71
C VAL L 79 -8.38 11.50 46.23
N TYR L 80 -8.86 10.36 46.72
CA TYR L 80 -9.14 10.18 48.14
C TYR L 80 -8.37 8.99 48.70
N LEU L 81 -8.03 9.08 49.97
CA LEU L 81 -7.36 8.01 50.69
C LEU L 81 -8.18 7.71 51.94
N GLN L 82 -8.67 6.47 52.07
CA GLN L 82 -9.63 6.12 53.09
C GLN L 82 -9.09 4.92 53.89
N TRP L 83 -9.10 5.04 55.20
CA TRP L 83 -8.59 4.01 56.09
C TRP L 83 -9.72 3.17 56.69
N ASN L 84 -9.51 1.85 56.73
CA ASN L 84 -10.50 0.98 57.33
C ASN L 84 -10.41 1.02 58.86
N SER L 85 -9.21 0.97 59.40
CA SER L 85 -8.99 1.03 60.85
C SER L 85 -7.65 1.69 61.13
N LEU L 86 -7.67 2.84 61.79
CA LEU L 86 -6.43 3.53 62.08
C LEU L 86 -5.68 2.83 63.20
N LYS L 87 -4.37 3.07 63.26
CA LYS L 87 -3.52 2.54 64.32
C LYS L 87 -2.57 3.64 64.78
N ALA L 88 -1.88 3.37 65.90
CA ALA L 88 -1.03 4.39 66.49
C ALA L 88 0.22 4.65 65.65
N SER L 89 0.76 3.61 65.01
CA SER L 89 1.99 3.74 64.23
C SER L 89 1.80 4.44 62.90
N ASP L 90 0.58 4.88 62.59
CA ASP L 90 0.27 5.48 61.29
C ASP L 90 0.47 7.00 61.27
N THR L 91 0.80 7.61 62.40
CA THR L 91 1.02 9.05 62.46
C THR L 91 2.23 9.42 61.62
N ALA L 92 2.00 10.16 60.54
CA ALA L 92 3.04 10.48 59.56
C ALA L 92 2.52 11.57 58.64
N ILE L 93 3.36 11.99 57.71
CA ILE L 93 3.01 12.96 56.68
C ILE L 93 2.77 12.23 55.37
N TYR L 94 1.59 12.44 54.78
CA TYR L 94 1.18 11.74 53.58
C TYR L 94 1.22 12.69 52.39
N TYR L 95 1.67 12.19 51.24
CA TYR L 95 1.83 13.01 50.05
C TYR L 95 1.07 12.38 48.88
N CYS L 96 0.31 13.19 48.16
CA CYS L 96 -0.19 12.81 46.85
C CYS L 96 0.75 13.34 45.79
N ALA L 97 1.04 12.53 44.78
CA ALA L 97 1.98 12.92 43.74
C ALA L 97 1.56 12.35 42.40
N ARG L 98 1.57 13.20 41.38
CA ARG L 98 1.28 12.77 40.03
C ARG L 98 2.56 12.23 39.39
N GLN L 99 2.45 11.06 38.77
CA GLN L 99 3.60 10.42 38.12
C GLN L 99 3.30 10.26 36.64
N VAL L 100 4.18 10.80 35.80
CA VAL L 100 4.08 10.65 34.36
C VAL L 100 4.70 9.31 33.99
N GLY L 101 4.48 8.88 32.74
CA GLY L 101 4.93 7.58 32.31
C GLY L 101 4.03 6.47 32.80
N GLY L 102 4.43 5.24 32.49
CA GLY L 102 3.61 4.08 32.80
C GLY L 102 2.32 3.97 32.02
N VAL L 103 2.09 4.88 31.06
CA VAL L 103 0.85 4.84 30.29
C VAL L 103 0.83 3.66 29.35
N VAL L 104 2.01 3.25 28.86
CA VAL L 104 2.13 2.09 27.98
C VAL L 104 3.32 1.26 28.47
N VAL L 105 3.05 0.03 28.91
CA VAL L 105 4.08 -0.89 29.35
C VAL L 105 3.82 -2.26 28.72
N ALA L 106 4.88 -3.06 28.62
CA ALA L 106 4.81 -4.37 27.98
C ALA L 106 5.62 -5.36 28.80
N GLU L 107 4.95 -6.39 29.31
CA GLU L 107 5.60 -7.45 30.11
C GLU L 107 6.43 -6.86 31.26
N PRO L 108 5.82 -6.18 32.22
CA PRO L 108 6.60 -5.60 33.31
C PRO L 108 7.00 -6.65 34.31
N PRO L 109 8.18 -6.51 34.94
CA PRO L 109 9.17 -5.45 34.79
C PRO L 109 9.93 -5.54 33.46
N PRO L 110 10.53 -4.42 33.01
CA PRO L 110 10.56 -3.11 33.66
C PRO L 110 9.31 -2.26 33.41
N TYR L 111 9.08 -1.30 34.30
CA TYR L 111 8.02 -0.31 34.10
C TYR L 111 8.61 0.96 33.49
N TYR L 112 7.74 1.85 33.05
CA TYR L 112 8.15 3.07 32.38
C TYR L 112 7.73 4.31 33.17
N TYR L 113 7.85 4.24 34.49
CA TYR L 113 7.66 5.43 35.32
C TYR L 113 8.95 6.23 35.34
N TYR L 114 8.85 7.53 35.10
CA TYR L 114 10.04 8.37 35.01
C TYR L 114 10.09 9.49 36.05
N GLY L 115 8.97 10.02 36.49
CA GLY L 115 8.99 11.14 37.41
C GLY L 115 7.77 11.18 38.30
N MET L 116 7.97 11.74 39.51
CA MET L 116 6.90 12.19 40.38
C MET L 116 7.19 13.67 40.62
N ASP L 117 6.69 14.52 39.72
CA ASP L 117 7.15 15.89 39.63
C ASP L 117 6.33 16.88 40.43
N ALA L 118 5.02 16.68 40.54
CA ALA L 118 4.15 17.57 41.31
C ALA L 118 3.56 16.82 42.49
N TRP L 119 3.84 17.32 43.69
CA TRP L 119 3.38 16.70 44.93
C TRP L 119 2.48 17.67 45.68
N GLY L 120 1.52 17.12 46.42
CA GLY L 120 0.74 17.93 47.33
C GLY L 120 1.58 18.51 48.45
N GLN L 121 1.00 19.48 49.15
CA GLN L 121 1.73 20.16 50.23
C GLN L 121 1.90 19.30 51.47
N GLY L 122 1.34 18.09 51.50
CA GLY L 122 1.50 17.19 52.61
C GLY L 122 0.42 17.34 53.66
N THR L 123 -0.17 16.22 54.06
CA THR L 123 -1.20 16.19 55.10
C THR L 123 -0.63 15.51 56.34
N THR L 124 -0.64 16.21 57.46
CA THR L 124 -0.16 15.66 58.72
C THR L 124 -1.31 14.94 59.42
N VAL L 125 -1.16 13.63 59.59
CA VAL L 125 -2.17 12.78 60.20
C VAL L 125 -1.62 12.25 61.51
N THR L 126 -2.35 12.48 62.60
CA THR L 126 -1.93 12.06 63.93
C THR L 126 -3.00 11.16 64.53
N VAL L 127 -2.57 10.04 65.11
CA VAL L 127 -3.46 9.12 65.80
C VAL L 127 -3.05 9.13 67.26
N SER L 128 -3.80 9.85 68.08
CA SER L 128 -3.42 10.11 69.46
C SER L 128 -4.64 9.95 70.36
N SER L 129 -4.38 9.75 71.65
CA SER L 129 -5.43 9.60 72.64
C SER L 129 -5.89 10.95 73.16
N ASP M 1 10.94 -4.50 48.31
CA ASP M 1 11.49 -5.58 47.50
C ASP M 1 12.97 -5.33 47.19
N ILE M 2 13.23 -4.40 46.30
CA ILE M 2 14.60 -4.04 45.95
C ILE M 2 15.14 -3.08 47.01
N GLN M 3 16.36 -3.34 47.48
CA GLN M 3 17.02 -2.48 48.45
C GLN M 3 17.95 -1.52 47.70
N LEU M 4 17.73 -0.22 47.88
CA LEU M 4 18.59 0.82 47.34
C LEU M 4 19.32 1.48 48.51
N THR M 5 20.66 1.46 48.45
CA THR M 5 21.50 2.03 49.49
C THR M 5 22.29 3.18 48.90
N GLN M 6 22.23 4.34 49.55
CA GLN M 6 22.93 5.53 49.11
C GLN M 6 24.23 5.69 49.88
N SER M 7 25.27 6.15 49.18
CA SER M 7 26.58 6.31 49.77
C SER M 7 27.15 7.68 49.42
N PRO M 8 27.74 8.39 50.40
CA PRO M 8 27.78 7.96 51.79
C PRO M 8 26.47 8.24 52.54
N SER M 9 26.30 7.60 53.70
CA SER M 9 25.07 7.80 54.47
C SER M 9 24.91 9.26 54.91
N SER M 10 26.03 9.96 55.10
CA SER M 10 26.00 11.39 55.39
C SER M 10 27.20 12.04 54.69
N LEU M 11 27.07 13.32 54.40
CA LEU M 11 28.09 14.02 53.61
C LEU M 11 28.27 15.44 54.13
N SER M 12 29.51 15.91 54.08
CA SER M 12 29.85 17.28 54.43
C SER M 12 30.63 17.89 53.27
N ALA M 13 30.35 19.15 52.95
CA ALA M 13 30.99 19.80 51.83
C ALA M 13 30.97 21.31 52.05
N SER M 14 31.67 22.02 51.18
CA SER M 14 31.73 23.48 51.19
C SER M 14 30.97 24.03 50.00
N VAL M 15 30.67 25.34 50.07
CA VAL M 15 29.91 25.99 49.02
C VAL M 15 30.72 26.02 47.73
N GLY M 16 30.08 25.68 46.62
CA GLY M 16 30.72 25.69 45.32
C GLY M 16 31.51 24.44 44.98
N ASP M 17 31.60 23.48 45.90
CA ASP M 17 32.38 22.28 45.65
C ASP M 17 31.66 21.37 44.65
N ARG M 18 32.43 20.47 44.05
CA ARG M 18 31.90 19.43 43.18
C ARG M 18 31.72 18.17 44.00
N VAL M 19 30.48 17.74 44.21
CA VAL M 19 30.15 16.60 45.04
C VAL M 19 29.56 15.50 44.16
N THR M 20 29.98 14.26 44.41
CA THR M 20 29.44 13.08 43.75
C THR M 20 28.78 12.20 44.78
N LEU M 21 27.52 11.83 44.53
CA LEU M 21 26.75 11.02 45.48
C LEU M 21 26.18 9.81 44.76
N THR M 22 26.56 8.63 45.22
CA THR M 22 26.22 7.36 44.57
C THR M 22 25.13 6.64 45.35
N CYS M 23 24.39 5.79 44.65
CA CYS M 23 23.57 4.77 45.30
C CYS M 23 23.56 3.49 44.49
N ARG M 24 23.53 2.37 45.20
CA ARG M 24 23.64 1.04 44.62
C ARG M 24 22.34 0.28 44.86
N ALA M 25 21.83 -0.35 43.82
CA ALA M 25 20.63 -1.16 43.92
C ALA M 25 21.00 -2.64 44.05
N SER M 26 20.23 -3.37 44.86
CA SER M 26 20.43 -4.81 45.03
C SER M 26 20.14 -5.61 43.77
N GLN M 27 19.62 -4.97 42.72
CA GLN M 27 19.34 -5.65 41.47
C GLN M 27 19.44 -4.64 40.34
N SER M 28 19.82 -5.12 39.16
CA SER M 28 19.95 -4.25 38.00
C SER M 28 18.61 -3.60 37.70
N ILE M 29 18.60 -2.27 37.62
CA ILE M 29 17.38 -1.51 37.36
C ILE M 29 17.40 -0.82 36.01
N ALA M 30 18.46 -0.99 35.23
CA ALA M 30 18.51 -0.58 33.83
C ALA M 30 18.18 0.90 33.65
N THR M 31 19.02 1.74 34.26
CA THR M 31 19.03 3.20 34.12
C THR M 31 17.68 3.86 34.41
N PHE M 32 16.72 3.09 34.93
CA PHE M 32 15.41 3.62 35.32
C PHE M 32 15.43 4.10 36.76
N LEU M 33 16.26 5.10 37.02
CA LEU M 33 16.42 5.67 38.35
C LEU M 33 16.20 7.17 38.32
N ASN M 34 15.55 7.69 39.34
CA ASN M 34 15.21 9.11 39.47
C ASN M 34 15.89 9.69 40.70
N TRP M 35 16.11 11.01 40.66
CA TRP M 35 16.70 11.75 41.77
C TRP M 35 15.74 12.83 42.24
N PHE M 36 15.32 12.77 43.50
CA PHE M 36 14.44 13.75 44.10
C PHE M 36 15.19 14.53 45.19
N GLN M 37 14.78 15.78 45.39
CA GLN M 37 15.32 16.61 46.45
C GLN M 37 14.19 17.04 47.37
N GLN M 38 14.45 17.01 48.68
CA GLN M 38 13.46 17.36 49.67
C GLN M 38 14.10 18.15 50.80
N ARG M 39 13.42 19.21 51.23
CA ARG M 39 13.81 20.01 52.37
C ARG M 39 12.90 19.74 53.55
N PRO M 40 13.28 20.13 54.76
CA PRO M 40 12.40 19.91 55.92
C PRO M 40 11.07 20.64 55.73
N GLY M 41 9.98 19.87 55.80
CA GLY M 41 8.64 20.42 55.69
C GLY M 41 8.15 20.63 54.28
N LYS M 42 8.98 20.35 53.28
CA LYS M 42 8.65 20.60 51.88
C LYS M 42 8.50 19.28 51.15
N ALA M 43 7.60 19.26 50.16
CA ALA M 43 7.40 18.09 49.33
C ALA M 43 8.65 17.82 48.48
N PRO M 44 8.88 16.58 48.09
CA PRO M 44 10.05 16.28 47.25
C PRO M 44 9.90 16.86 45.85
N LYS M 45 11.03 17.24 45.26
CA LYS M 45 11.08 17.80 43.92
C LYS M 45 11.94 16.92 43.04
N LEU M 46 11.37 16.45 41.93
CA LEU M 46 12.11 15.63 40.98
C LEU M 46 13.14 16.49 40.27
N LEU M 47 14.42 16.12 40.35
CA LEU M 47 15.47 16.77 39.59
C LEU M 47 15.81 16.03 38.31
N MET M 48 16.02 14.73 38.38
CA MET M 48 16.56 13.95 37.28
C MET M 48 15.75 12.68 37.09
N PHE M 49 15.51 12.32 35.83
CA PHE M 49 14.95 11.04 35.47
C PHE M 49 15.90 10.36 34.47
N ASP M 50 15.75 9.03 34.36
CA ASP M 50 16.65 8.18 33.58
C ASP M 50 18.09 8.27 34.09
N ALA M 51 18.27 8.74 35.31
CA ALA M 51 19.53 8.71 36.05
C ALA M 51 20.60 9.62 35.45
N SER M 52 20.31 10.23 34.31
CA SER M 52 21.23 11.21 33.73
C SER M 52 20.55 12.40 33.08
N LYS M 53 19.26 12.33 32.75
CA LYS M 53 18.61 13.34 31.93
C LYS M 53 17.86 14.35 32.79
N LEU M 54 18.04 15.63 32.50
CA LEU M 54 17.56 16.69 33.35
C LEU M 54 16.10 17.00 33.08
N GLN M 55 15.35 17.21 34.15
CA GLN M 55 13.97 17.67 34.05
C GLN M 55 13.93 19.15 33.72
N THR M 56 12.97 19.54 32.88
CA THR M 56 12.81 20.94 32.51
C THR M 56 12.57 21.80 33.75
N GLY M 57 13.41 22.81 33.94
CA GLY M 57 13.35 23.69 35.08
C GLY M 57 14.41 23.45 36.13
N VAL M 58 15.06 22.29 36.10
CA VAL M 58 16.14 22.00 37.05
C VAL M 58 17.42 22.62 36.51
N PRO M 59 18.22 23.29 37.35
CA PRO M 59 19.45 23.93 36.86
C PRO M 59 20.38 22.94 36.17
N SER M 60 21.05 23.43 35.11
CA SER M 60 21.95 22.60 34.31
C SER M 60 23.21 22.20 35.06
N ARG M 61 23.45 22.75 36.25
CA ARG M 61 24.61 22.35 37.03
C ARG M 61 24.51 20.92 37.55
N PHE M 62 23.30 20.37 37.62
CA PHE M 62 23.12 18.97 38.01
C PHE M 62 23.44 18.04 36.85
N SER M 63 24.17 16.97 37.14
CA SER M 63 24.45 15.95 36.15
C SER M 63 24.30 14.57 36.80
N GLY M 64 24.11 13.57 35.95
CA GLY M 64 23.97 12.20 36.42
C GLY M 64 24.67 11.23 35.49
N SER M 65 25.04 10.09 36.05
CA SER M 65 25.62 9.00 35.27
C SER M 65 25.42 7.70 36.02
N GLY M 66 25.65 6.60 35.33
CA GLY M 66 25.55 5.27 35.91
C GLY M 66 24.56 4.40 35.18
N SER M 67 24.55 3.13 35.58
CA SER M 67 23.71 2.11 34.97
C SER M 67 23.76 0.87 35.84
N GLY M 68 22.97 -0.14 35.46
CA GLY M 68 22.95 -1.42 36.13
C GLY M 68 22.62 -1.34 37.61
N THR M 69 23.62 -1.55 38.47
CA THR M 69 23.43 -1.49 39.92
C THR M 69 24.24 -0.37 40.57
N HIS M 70 24.76 0.56 39.78
CA HIS M 70 25.54 1.66 40.33
C HIS M 70 25.18 2.94 39.60
N PHE M 71 24.79 3.96 40.37
CA PHE M 71 24.46 5.27 39.83
C PHE M 71 25.13 6.35 40.67
N THR M 72 25.24 7.54 40.10
CA THR M 72 25.84 8.65 40.81
C THR M 72 25.27 9.96 40.29
N LEU M 73 25.20 10.95 41.17
CA LEU M 73 24.76 12.29 40.84
C LEU M 73 25.88 13.28 41.16
N THR M 74 26.13 14.21 40.25
CA THR M 74 27.23 15.16 40.38
C THR M 74 26.68 16.57 40.36
N ILE M 75 27.06 17.36 41.36
CA ILE M 75 26.75 18.78 41.42
C ILE M 75 28.06 19.55 41.29
N SER M 76 28.08 20.57 40.43
CA SER M 76 29.30 21.30 40.14
C SER M 76 29.54 22.45 41.12
N THR M 77 28.57 23.34 41.25
CA THR M 77 28.68 24.53 42.10
C THR M 77 27.60 24.45 43.17
N LEU M 78 28.00 24.08 44.39
CA LEU M 78 27.04 23.96 45.47
C LEU M 78 26.57 25.33 45.96
N GLN M 79 25.26 25.42 46.24
CA GLN M 79 24.56 26.56 46.80
C GLN M 79 23.94 26.17 48.14
N PRO M 80 23.89 27.08 49.11
CA PRO M 80 23.16 26.78 50.36
C PRO M 80 21.73 26.29 50.16
N GLU M 81 21.05 26.69 49.08
CA GLU M 81 19.73 26.11 48.83
C GLU M 81 19.84 24.72 48.24
N ASP M 82 21.00 24.37 47.66
CA ASP M 82 21.20 23.02 47.15
C ASP M 82 21.34 22.02 48.29
N PHE M 83 21.82 22.46 49.45
CA PHE M 83 22.05 21.58 50.59
C PHE M 83 20.70 21.14 51.16
N ALA M 84 20.32 19.91 50.85
CA ALA M 84 19.07 19.33 51.31
C ALA M 84 19.25 17.82 51.35
N THR M 85 18.15 17.09 51.47
CA THR M 85 18.18 15.63 51.47
C THR M 85 17.84 15.14 50.07
N TYR M 86 18.62 14.18 49.58
CA TYR M 86 18.50 13.67 48.22
C TYR M 86 18.11 12.20 48.26
N TYR M 87 17.15 11.83 47.42
CA TYR M 87 16.66 10.46 47.34
C TYR M 87 16.79 9.99 45.90
N CYS M 88 17.44 8.86 45.70
CA CYS M 88 17.32 8.21 44.41
C CYS M 88 16.21 7.17 44.48
N GLN M 89 15.52 7.00 43.36
CA GLN M 89 14.25 6.28 43.32
C GLN M 89 14.27 5.28 42.19
N GLN M 90 14.05 4.01 42.51
CA GLN M 90 13.99 2.98 41.49
C GLN M 90 12.62 2.97 40.84
N SER M 91 12.60 2.78 39.52
CA SER M 91 11.36 2.68 38.77
C SER M 91 11.31 1.39 37.94
N TYR M 92 12.07 0.38 38.34
CA TYR M 92 12.18 -0.85 37.56
C TYR M 92 11.07 -1.83 37.89
N ASP M 93 10.71 -1.96 39.17
CA ASP M 93 9.72 -2.95 39.58
C ASP M 93 8.97 -2.43 40.79
N LEU M 94 7.85 -3.08 41.10
CA LEU M 94 6.99 -2.77 42.23
C LEU M 94 7.44 -3.54 43.47
N PRO M 95 7.38 -2.92 44.66
CA PRO M 95 6.98 -1.52 44.84
C PRO M 95 8.15 -0.57 44.70
N LEU M 96 7.89 0.63 44.16
CA LEU M 96 8.90 1.67 44.07
C LEU M 96 9.41 2.05 45.46
N THR M 97 10.72 1.96 45.67
CA THR M 97 11.32 2.15 46.99
C THR M 97 12.43 3.19 46.92
N PHE M 98 12.64 3.88 48.04
CA PHE M 98 13.62 4.95 48.17
C PHE M 98 14.86 4.44 48.90
N GLY M 99 15.92 5.24 48.86
CA GLY M 99 17.11 4.97 49.63
C GLY M 99 17.03 5.53 51.04
N PRO M 100 18.11 5.35 51.81
CA PRO M 100 18.10 5.84 53.21
C PRO M 100 18.17 7.35 53.35
N GLY M 101 18.56 8.07 52.31
CA GLY M 101 18.62 9.52 52.38
C GLY M 101 20.01 10.02 52.72
N THR M 102 20.36 11.18 52.16
CA THR M 102 21.67 11.79 52.36
C THR M 102 21.48 13.25 52.73
N LYS M 103 22.01 13.65 53.88
CA LYS M 103 21.92 15.02 54.36
C LYS M 103 23.20 15.78 54.02
N VAL M 104 23.09 16.76 53.13
CA VAL M 104 24.24 17.55 52.69
C VAL M 104 24.32 18.79 53.56
N GLU M 105 25.40 18.92 54.31
CA GLU M 105 25.53 19.96 55.33
C GLU M 105 26.82 20.75 55.07
N ILE M 106 26.76 22.05 55.27
CA ILE M 106 27.90 22.93 55.02
C ILE M 106 28.82 22.92 56.23
N LYS M 107 30.01 22.35 56.07
CA LYS M 107 31.00 22.31 57.15
C LYS M 107 32.39 22.60 56.62
N GLU N 1 -2.49 45.41 6.37
CA GLU N 1 -1.35 44.70 5.81
C GLU N 1 -1.52 44.66 4.29
N VAL N 2 -2.43 43.82 3.81
CA VAL N 2 -2.84 43.89 2.41
C VAL N 2 -3.82 45.03 2.24
N GLN N 3 -3.61 45.85 1.21
CA GLN N 3 -4.40 47.03 0.94
C GLN N 3 -4.98 46.94 -0.47
N LEU N 4 -6.12 47.58 -0.66
CA LEU N 4 -6.78 47.62 -1.97
C LEU N 4 -7.15 49.05 -2.29
N VAL N 5 -6.69 49.54 -3.43
CA VAL N 5 -6.94 50.91 -3.87
C VAL N 5 -8.06 50.89 -4.89
N GLN N 6 -8.95 51.88 -4.80
CA GLN N 6 -10.12 51.98 -5.66
C GLN N 6 -10.06 53.26 -6.49
N SER N 7 -10.97 53.35 -7.45
CA SER N 7 -11.08 54.55 -8.27
C SER N 7 -11.69 55.70 -7.48
N GLY N 8 -11.59 56.90 -8.05
CA GLY N 8 -11.99 58.11 -7.37
C GLY N 8 -13.49 58.34 -7.44
N ALA N 9 -13.90 59.52 -6.99
CA ALA N 9 -15.31 59.88 -6.99
C ALA N 9 -15.83 59.97 -8.41
N GLU N 10 -17.09 59.56 -8.60
CA GLU N 10 -17.70 59.45 -9.92
C GLU N 10 -19.02 60.19 -9.93
N VAL N 11 -19.21 61.05 -10.94
CA VAL N 11 -20.44 61.82 -11.12
C VAL N 11 -20.92 61.62 -12.55
N LYS N 12 -22.23 61.41 -12.71
CA LYS N 12 -22.80 61.16 -14.03
C LYS N 12 -24.25 61.59 -14.05
N LYS N 13 -24.79 61.73 -15.26
CA LYS N 13 -26.16 61.97 -15.69
C LYS N 13 -26.89 60.65 -15.93
N PRO N 14 -28.16 60.55 -15.53
CA PRO N 14 -28.90 59.30 -15.72
C PRO N 14 -28.94 58.86 -17.18
N GLY N 15 -28.71 57.56 -17.39
CA GLY N 15 -28.80 56.96 -18.71
C GLY N 15 -27.50 56.38 -19.24
N GLU N 16 -26.38 57.06 -18.99
CA GLU N 16 -25.11 56.63 -19.53
C GLU N 16 -24.52 55.49 -18.70
N SER N 17 -23.38 54.99 -19.14
CA SER N 17 -22.66 53.91 -18.47
C SER N 17 -21.49 54.46 -17.66
N LEU N 18 -20.99 53.63 -16.75
CA LEU N 18 -19.90 54.03 -15.87
C LEU N 18 -19.13 52.79 -15.41
N LYS N 19 -17.81 52.92 -15.31
CA LYS N 19 -16.94 51.85 -14.87
C LYS N 19 -16.06 52.33 -13.74
N ILE N 20 -15.97 51.55 -12.67
CA ILE N 20 -15.09 51.83 -11.55
C ILE N 20 -14.15 50.64 -11.35
N SER N 21 -12.98 50.91 -10.77
CA SER N 21 -11.93 49.93 -10.64
C SER N 21 -11.43 49.85 -9.20
N CYS N 22 -10.92 48.69 -8.85
CA CYS N 22 -10.38 48.43 -7.52
C CYS N 22 -9.14 47.56 -7.71
N LYS N 23 -8.00 48.03 -7.22
CA LYS N 23 -6.71 47.36 -7.45
C LYS N 23 -6.15 46.93 -6.12
N GLY N 24 -5.54 45.75 -6.10
CA GLY N 24 -4.97 45.22 -4.87
C GLY N 24 -3.48 44.93 -4.94
N SER N 25 -3.04 43.80 -4.41
CA SER N 25 -1.63 43.41 -4.41
C SER N 25 -1.46 42.13 -5.22
N ALA N 26 -0.26 41.57 -5.19
CA ALA N 26 0.10 40.43 -6.03
C ALA N 26 -0.01 39.09 -5.32
N ASP N 27 0.51 39.00 -4.09
CA ASP N 27 0.71 37.70 -3.46
C ASP N 27 -0.61 37.05 -3.05
N SER N 28 -1.36 37.68 -2.15
CA SER N 28 -2.54 37.05 -1.59
C SER N 28 -3.75 37.14 -2.51
N PHE N 29 -3.83 38.21 -3.31
CA PHE N 29 -4.98 38.44 -4.20
C PHE N 29 -5.31 37.25 -5.08
N THR N 30 -4.38 36.31 -5.27
CA THR N 30 -4.63 35.17 -6.14
C THR N 30 -5.59 34.16 -5.54
N ASN N 31 -5.58 33.99 -4.21
CA ASN N 31 -6.33 32.92 -3.57
C ASN N 31 -7.58 33.41 -2.86
N HIS N 32 -7.97 34.67 -3.03
CA HIS N 32 -9.15 35.22 -2.38
C HIS N 32 -10.13 35.68 -3.45
N TRP N 33 -11.42 35.44 -3.19
CA TRP N 33 -12.46 35.95 -4.06
C TRP N 33 -12.59 37.46 -3.89
N ILE N 34 -13.17 38.12 -4.89
CA ILE N 34 -13.43 39.56 -4.83
C ILE N 34 -14.93 39.77 -4.96
N GLY N 35 -15.54 40.31 -3.91
CA GLY N 35 -16.95 40.63 -3.95
C GLY N 35 -17.21 42.13 -3.90
N TRP N 36 -18.37 42.55 -4.40
CA TRP N 36 -18.77 43.94 -4.41
C TRP N 36 -20.07 44.13 -3.63
N VAL N 37 -20.13 45.18 -2.82
CA VAL N 37 -21.32 45.50 -2.05
C VAL N 37 -21.64 46.98 -2.24
N ARG N 38 -22.90 47.32 -2.00
CA ARG N 38 -23.38 48.70 -2.10
C ARG N 38 -23.98 49.13 -0.77
N GLN N 39 -23.80 50.40 -0.44
CA GLN N 39 -24.33 50.96 0.80
C GLN N 39 -24.93 52.32 0.49
N THR N 40 -26.22 52.48 0.78
CA THR N 40 -26.92 53.75 0.59
C THR N 40 -27.11 54.45 1.94
N PRO N 41 -27.05 55.78 1.95
CA PRO N 41 -27.20 56.51 3.21
C PRO N 41 -28.55 56.26 3.84
N GLY N 42 -28.53 55.87 5.12
CA GLY N 42 -29.73 55.59 5.87
C GLY N 42 -30.24 54.16 5.77
N LYS N 43 -29.59 53.32 4.96
CA LYS N 43 -29.96 51.92 4.80
C LYS N 43 -28.75 51.04 5.09
N GLY N 44 -28.98 49.72 5.04
CA GLY N 44 -27.92 48.77 5.29
C GLY N 44 -27.15 48.42 4.03
N LEU N 45 -26.06 47.66 4.22
CA LEU N 45 -25.22 47.26 3.11
C LEU N 45 -25.88 46.14 2.33
N GLU N 46 -25.91 46.28 1.01
CA GLU N 46 -26.58 45.33 0.12
C GLU N 46 -25.53 44.68 -0.77
N TRP N 47 -25.39 43.36 -0.65
CA TRP N 47 -24.38 42.62 -1.40
C TRP N 47 -24.73 42.57 -2.88
N MET N 48 -23.79 42.98 -3.72
CA MET N 48 -24.01 43.02 -5.17
C MET N 48 -23.61 41.71 -5.85
N GLY N 49 -22.36 41.31 -5.70
CA GLY N 49 -21.89 40.12 -6.38
C GLY N 49 -20.52 39.70 -5.90
N MET N 50 -19.98 38.69 -6.57
CA MET N 50 -18.68 38.14 -6.24
C MET N 50 -18.07 37.52 -7.48
N ILE N 51 -16.75 37.59 -7.58
CA ILE N 51 -16.00 36.98 -8.68
C ILE N 51 -14.67 36.47 -8.15
N TYR N 52 -14.17 35.40 -8.79
CA TYR N 52 -12.84 34.90 -8.47
C TYR N 52 -11.82 35.44 -9.45
N PRO N 53 -10.73 36.06 -8.97
CA PRO N 53 -9.74 36.60 -9.91
C PRO N 53 -9.08 35.56 -10.79
N GLY N 54 -9.06 34.30 -10.38
CA GLY N 54 -8.39 33.25 -11.12
C GLY N 54 -9.14 32.78 -12.35
N ASP N 55 -10.43 32.50 -12.20
CA ASP N 55 -11.23 31.93 -13.28
C ASP N 55 -12.29 32.87 -13.82
N SER N 56 -12.40 34.08 -13.27
CA SER N 56 -13.38 35.08 -13.70
C SER N 56 -14.81 34.55 -13.63
N ASP N 57 -15.04 33.59 -12.74
CA ASP N 57 -16.40 33.11 -12.49
C ASP N 57 -17.22 34.19 -11.80
N THR N 58 -18.52 34.19 -12.08
CA THR N 58 -19.42 35.24 -11.65
C THR N 58 -20.56 34.65 -10.81
N ARG N 59 -20.93 35.35 -9.75
CA ARG N 59 -22.11 35.03 -8.95
C ARG N 59 -22.76 36.32 -8.52
N TYR N 60 -24.01 36.54 -8.93
CA TYR N 60 -24.68 37.81 -8.75
C TYR N 60 -25.83 37.69 -7.75
N SER N 61 -26.21 38.83 -7.18
CA SER N 61 -27.37 38.90 -6.32
C SER N 61 -28.64 38.87 -7.15
N PRO N 62 -29.76 38.44 -6.56
CA PRO N 62 -31.03 38.47 -7.30
C PRO N 62 -31.45 39.88 -7.67
N SER N 63 -31.21 40.85 -6.79
CA SER N 63 -31.63 42.21 -7.03
C SER N 63 -30.72 42.95 -8.00
N PHE N 64 -29.50 42.45 -8.23
CA PHE N 64 -28.56 43.09 -9.14
C PHE N 64 -28.24 42.25 -10.36
N GLN N 65 -28.90 41.10 -10.53
CA GLN N 65 -28.67 40.26 -11.70
C GLN N 65 -29.20 40.95 -12.95
N GLY N 66 -28.34 41.11 -13.95
CA GLY N 66 -28.71 41.77 -15.19
C GLY N 66 -28.63 43.28 -15.15
N GLN N 67 -28.46 43.89 -13.98
CA GLN N 67 -28.39 45.34 -13.86
C GLN N 67 -26.97 45.86 -14.02
N VAL N 68 -25.97 45.06 -13.63
CA VAL N 68 -24.57 45.49 -13.64
C VAL N 68 -23.71 44.25 -13.85
N THR N 69 -22.55 44.45 -14.46
CA THR N 69 -21.66 43.34 -14.80
C THR N 69 -20.32 43.52 -14.13
N LEU N 70 -19.65 42.39 -13.89
CA LEU N 70 -18.33 42.35 -13.27
C LEU N 70 -17.28 41.83 -14.24
N SER N 71 -16.05 42.31 -14.08
CA SER N 71 -14.93 41.82 -14.87
C SER N 71 -13.68 41.82 -14.00
N VAL N 72 -12.66 41.09 -14.48
CA VAL N 72 -11.42 40.91 -13.72
C VAL N 72 -10.26 40.80 -14.71
N ASP N 73 -9.08 41.22 -14.26
CA ASP N 73 -7.85 41.03 -15.03
C ASP N 73 -6.74 40.67 -14.07
N LYS N 74 -6.32 39.40 -14.08
CA LYS N 74 -5.23 38.96 -13.21
C LYS N 74 -3.90 39.58 -13.61
N SER N 75 -3.73 39.93 -14.89
CA SER N 75 -2.46 40.45 -15.37
C SER N 75 -2.06 41.72 -14.62
N VAL N 76 -3.02 42.60 -14.36
CA VAL N 76 -2.77 43.85 -13.65
C VAL N 76 -3.44 43.85 -12.27
N THR N 77 -3.96 42.71 -11.83
CA THR N 77 -4.66 42.56 -10.55
C THR N 77 -5.74 43.64 -10.39
N THR N 78 -6.66 43.67 -11.35
CA THR N 78 -7.73 44.66 -11.39
C THR N 78 -9.09 43.97 -11.36
N VAL N 79 -10.04 44.58 -10.66
CA VAL N 79 -11.44 44.20 -10.75
C VAL N 79 -12.24 45.43 -11.13
N TYR N 80 -13.19 45.25 -12.04
CA TYR N 80 -13.97 46.36 -12.59
C TYR N 80 -15.46 46.12 -12.39
N LEU N 81 -16.20 47.21 -12.24
CA LEU N 81 -17.65 47.19 -12.11
C LEU N 81 -18.21 48.12 -13.17
N GLN N 82 -19.04 47.58 -14.06
CA GLN N 82 -19.49 48.31 -15.24
C GLN N 82 -21.01 48.28 -15.30
N TRP N 83 -21.62 49.44 -15.47
CA TRP N 83 -23.07 49.59 -15.50
C TRP N 83 -23.59 49.71 -16.93
N ASN N 84 -24.70 49.01 -17.21
CA ASN N 84 -25.30 49.10 -18.52
C ASN N 84 -26.11 50.38 -18.67
N SER N 85 -26.89 50.73 -17.65
CA SER N 85 -27.69 51.95 -17.67
C SER N 85 -27.84 52.46 -16.24
N LEU N 86 -27.30 53.66 -15.96
CA LEU N 86 -27.40 54.19 -14.62
C LEU N 86 -28.81 54.70 -14.34
N LYS N 87 -29.16 54.79 -13.07
CA LYS N 87 -30.43 55.33 -12.63
C LYS N 87 -30.21 56.26 -11.44
N ALA N 88 -31.26 57.00 -11.07
CA ALA N 88 -31.12 57.99 -10.02
C ALA N 88 -30.96 57.35 -8.66
N SER N 89 -31.62 56.22 -8.42
CA SER N 89 -31.57 55.57 -7.11
C SER N 89 -30.26 54.84 -6.84
N ASP N 90 -29.30 54.90 -7.76
CA ASP N 90 -28.05 54.17 -7.62
C ASP N 90 -26.96 54.96 -6.91
N THR N 91 -27.22 56.21 -6.56
CA THR N 91 -26.23 57.04 -5.87
C THR N 91 -25.96 56.46 -4.49
N ALA N 92 -24.74 55.98 -4.27
CA ALA N 92 -24.38 55.27 -3.05
C ALA N 92 -22.86 55.13 -3.00
N ILE N 93 -22.38 54.52 -1.92
CA ILE N 93 -20.96 54.23 -1.74
C ILE N 93 -20.74 52.75 -2.02
N TYR N 94 -19.82 52.44 -2.93
CA TYR N 94 -19.56 51.07 -3.37
C TYR N 94 -18.22 50.61 -2.81
N TYR N 95 -18.17 49.35 -2.40
CA TYR N 95 -16.98 48.78 -1.77
C TYR N 95 -16.56 47.51 -2.51
N CYS N 96 -15.27 47.41 -2.81
CA CYS N 96 -14.67 46.13 -3.21
C CYS N 96 -14.07 45.48 -1.97
N ALA N 97 -14.27 44.17 -1.84
CA ALA N 97 -13.78 43.47 -0.68
C ALA N 97 -13.34 42.06 -1.05
N ARG N 98 -12.16 41.67 -0.58
CA ARG N 98 -11.68 40.32 -0.77
C ARG N 98 -12.24 39.41 0.30
N GLN N 99 -12.76 38.26 -0.10
CA GLN N 99 -13.34 37.30 0.83
C GLN N 99 -12.57 36.00 0.74
N VAL N 100 -12.05 35.54 1.87
CA VAL N 100 -11.36 34.25 1.96
C VAL N 100 -12.42 33.17 2.11
N GLY N 101 -12.01 31.91 1.95
CA GLY N 101 -12.94 30.81 1.99
C GLY N 101 -13.71 30.67 0.69
N GLY N 102 -14.61 29.71 0.68
CA GLY N 102 -15.36 29.39 -0.53
C GLY N 102 -14.54 28.76 -1.64
N VAL N 103 -13.26 28.47 -1.39
CA VAL N 103 -12.41 27.90 -2.43
C VAL N 103 -12.81 26.45 -2.70
N VAL N 104 -13.31 25.74 -1.69
CA VAL N 104 -13.78 24.38 -1.83
C VAL N 104 -15.11 24.25 -1.11
N VAL N 105 -16.18 23.97 -1.86
CA VAL N 105 -17.51 23.76 -1.30
C VAL N 105 -18.11 22.50 -1.92
N ALA N 106 -19.07 21.91 -1.21
CA ALA N 106 -19.71 20.68 -1.63
C ALA N 106 -21.20 20.76 -1.35
N GLU N 107 -22.00 20.66 -2.42
CA GLU N 107 -23.46 20.72 -2.32
C GLU N 107 -23.95 21.94 -1.52
N PRO N 108 -23.69 23.16 -2.00
CA PRO N 108 -24.12 24.33 -1.25
C PRO N 108 -25.61 24.57 -1.40
N PRO N 109 -26.29 25.09 -0.37
CA PRO N 109 -25.77 25.48 0.95
C PRO N 109 -25.41 24.28 1.82
N PRO N 110 -24.56 24.47 2.84
CA PRO N 110 -23.92 25.74 3.22
C PRO N 110 -22.67 26.07 2.41
N TYR N 111 -22.30 27.35 2.39
CA TYR N 111 -21.06 27.80 1.79
C TYR N 111 -20.00 27.94 2.88
N TYR N 112 -18.76 28.11 2.45
CA TYR N 112 -17.63 28.19 3.37
C TYR N 112 -16.94 29.56 3.29
N TYR N 113 -17.73 30.62 3.16
CA TYR N 113 -17.19 31.97 3.28
C TYR N 113 -17.09 32.33 4.75
N TYR N 114 -15.93 32.86 5.15
CA TYR N 114 -15.70 33.17 6.55
C TYR N 114 -15.41 34.64 6.84
N GLY N 115 -14.82 35.37 5.90
CA GLY N 115 -14.46 36.74 6.17
C GLY N 115 -14.44 37.60 4.93
N MET N 116 -14.72 38.88 5.11
CA MET N 116 -14.44 39.94 4.14
C MET N 116 -13.54 40.93 4.89
N ASP N 117 -12.23 40.67 4.87
CA ASP N 117 -11.31 41.32 5.80
C ASP N 117 -10.67 42.58 5.25
N ALA N 118 -10.39 42.65 3.96
CA ALA N 118 -9.79 43.83 3.36
C ALA N 118 -10.75 44.44 2.36
N TRP N 119 -11.12 45.70 2.59
CA TRP N 119 -12.06 46.43 1.77
C TRP N 119 -11.39 47.64 1.15
N GLY N 120 -11.83 48.02 -0.04
CA GLY N 120 -11.40 49.28 -0.63
C GLY N 120 -11.87 50.47 0.18
N GLN N 121 -11.27 51.63 -0.12
CA GLN N 121 -11.60 52.84 0.61
C GLN N 121 -12.97 53.40 0.27
N GLY N 122 -13.69 52.80 -0.67
CA GLY N 122 -15.03 53.24 -1.01
C GLY N 122 -15.06 54.26 -2.13
N THR N 123 -15.89 54.03 -3.13
CA THR N 123 -16.07 54.94 -4.25
C THR N 123 -17.46 55.56 -4.16
N THR N 124 -17.51 56.89 -4.10
CA THR N 124 -18.78 57.60 -4.04
C THR N 124 -19.25 57.86 -5.47
N VAL N 125 -20.41 57.29 -5.82
CA VAL N 125 -20.99 57.40 -7.15
C VAL N 125 -22.30 58.17 -7.02
N THR N 126 -22.42 59.25 -7.80
CA THR N 126 -23.59 60.10 -7.77
C THR N 126 -24.19 60.17 -9.17
N VAL N 127 -25.51 60.02 -9.25
CA VAL N 127 -26.24 60.15 -10.51
C VAL N 127 -27.16 61.35 -10.35
N SER N 128 -26.76 62.48 -10.93
CA SER N 128 -27.43 63.76 -10.70
C SER N 128 -27.56 64.51 -12.02
N SER N 129 -28.50 65.45 -12.05
CA SER N 129 -28.73 66.25 -13.24
C SER N 129 -27.81 67.47 -13.27
N ASP O 1 -33.03 37.34 0.66
CA ASP O 1 -33.62 36.05 0.96
C ASP O 1 -33.81 35.86 2.47
N ILE O 2 -32.78 35.30 3.11
CA ILE O 2 -32.81 35.13 4.56
C ILE O 2 -32.80 36.50 5.23
N GLN O 3 -33.74 36.72 6.15
CA GLN O 3 -33.80 37.97 6.89
C GLN O 3 -33.07 37.82 8.21
N LEU O 4 -32.06 38.66 8.42
CA LEU O 4 -31.35 38.75 9.69
C LEU O 4 -31.78 40.02 10.39
N THR O 5 -32.29 39.89 11.61
CA THR O 5 -32.75 41.02 12.40
C THR O 5 -31.89 41.14 13.65
N GLN O 6 -31.34 42.33 13.87
CA GLN O 6 -30.46 42.58 15.01
C GLN O 6 -31.24 43.23 16.13
N SER O 7 -30.91 42.88 17.37
CA SER O 7 -31.61 43.36 18.53
C SER O 7 -30.62 43.74 19.62
N PRO O 8 -30.83 44.88 20.31
CA PRO O 8 -31.91 45.84 19.99
C PRO O 8 -31.55 46.74 18.81
N SER O 9 -32.54 47.43 18.25
CA SER O 9 -32.29 48.30 17.10
C SER O 9 -31.32 49.42 17.45
N SER O 10 -31.29 49.85 18.71
CA SER O 10 -30.33 50.82 19.20
C SER O 10 -29.97 50.46 20.63
N LEU O 11 -28.84 50.98 21.09
CA LEU O 11 -28.34 50.58 22.41
C LEU O 11 -27.62 51.74 23.07
N SER O 12 -27.76 51.82 24.39
CA SER O 12 -27.04 52.78 25.22
C SER O 12 -26.26 52.00 26.27
N ALA O 13 -24.99 52.36 26.44
CA ALA O 13 -24.11 51.68 27.37
C ALA O 13 -23.10 52.69 27.89
N SER O 14 -22.28 52.26 28.84
CA SER O 14 -21.21 53.08 29.38
C SER O 14 -19.85 52.46 29.05
N VAL O 15 -18.81 53.27 29.20
CA VAL O 15 -17.46 52.81 28.89
C VAL O 15 -17.06 51.70 29.85
N GLY O 16 -16.52 50.61 29.30
CA GLY O 16 -16.10 49.48 30.09
C GLY O 16 -17.20 48.49 30.42
N ASP O 17 -18.45 48.79 30.05
CA ASP O 17 -19.55 47.90 30.35
C ASP O 17 -19.49 46.64 29.49
N ARG O 18 -20.07 45.56 30.03
CA ARG O 18 -20.22 44.32 29.28
C ARG O 18 -21.53 44.40 28.50
N VAL O 19 -21.45 44.51 27.17
CA VAL O 19 -22.61 44.68 26.33
C VAL O 19 -22.80 43.42 25.49
N THR O 20 -24.05 42.98 25.35
CA THR O 20 -24.41 41.85 24.52
C THR O 20 -25.38 42.29 23.45
N LEU O 21 -25.07 41.99 22.19
CA LEU O 21 -25.94 42.32 21.07
C LEU O 21 -26.28 41.05 20.30
N THR O 22 -27.56 40.80 20.11
CA THR O 22 -28.06 39.59 19.48
C THR O 22 -28.53 39.90 18.06
N CYS O 23 -28.56 38.86 17.22
CA CYS O 23 -29.32 38.91 15.98
C CYS O 23 -29.82 37.53 15.63
N ARG O 24 -30.99 37.48 15.01
CA ARG O 24 -31.71 36.25 14.71
C ARG O 24 -31.94 36.13 13.22
N ALA O 25 -31.71 34.94 12.68
CA ALA O 25 -31.93 34.67 11.26
C ALA O 25 -33.26 33.95 11.08
N SER O 26 -33.95 34.28 9.98
CA SER O 26 -35.21 33.63 9.63
C SER O 26 -35.03 32.15 9.29
N GLN O 27 -33.81 31.66 9.22
CA GLN O 27 -33.54 30.26 8.94
C GLN O 27 -32.20 29.88 9.55
N SER O 28 -32.10 28.64 10.01
CA SER O 28 -30.87 28.17 10.63
C SER O 28 -29.69 28.32 9.68
N ILE O 29 -28.63 28.98 10.14
CA ILE O 29 -27.46 29.25 9.33
C ILE O 29 -26.22 28.51 9.84
N ALA O 30 -26.34 27.76 10.92
CA ALA O 30 -25.33 26.80 11.37
C ALA O 30 -23.96 27.47 11.56
N THR O 31 -23.93 28.36 12.57
CA THR O 31 -22.72 29.03 13.07
C THR O 31 -21.86 29.65 11.97
N PHE O 32 -22.42 29.83 10.78
CA PHE O 32 -21.72 30.50 9.68
C PHE O 32 -22.11 31.97 9.63
N LEU O 33 -21.76 32.70 10.69
CA LEU O 33 -22.08 34.10 10.83
C LEU O 33 -20.83 34.88 11.19
N ASN O 34 -20.72 36.10 10.67
CA ASN O 34 -19.59 36.99 10.89
C ASN O 34 -20.08 38.29 11.52
N TRP O 35 -19.17 38.97 12.21
CA TRP O 35 -19.46 40.26 12.83
C TRP O 35 -18.49 41.32 12.30
N PHE O 36 -19.02 42.32 11.62
CA PHE O 36 -18.24 43.44 11.10
C PHE O 36 -18.53 44.70 11.90
N GLN O 37 -17.52 45.54 12.03
CA GLN O 37 -17.66 46.85 12.66
C GLN O 37 -17.35 47.93 11.64
N GLN O 38 -18.19 48.95 11.58
CA GLN O 38 -18.06 50.04 10.62
C GLN O 38 -18.25 51.39 11.30
N ARG O 39 -17.38 52.33 10.96
CA ARG O 39 -17.40 53.69 11.45
C ARG O 39 -18.06 54.60 10.42
N PRO O 40 -18.44 55.82 10.81
CA PRO O 40 -18.95 56.78 9.81
C PRO O 40 -17.89 57.11 8.79
N GLY O 41 -18.10 56.73 7.53
CA GLY O 41 -17.14 57.02 6.48
C GLY O 41 -16.07 55.96 6.32
N LYS O 42 -16.16 54.87 7.08
CA LYS O 42 -15.14 53.82 7.14
C LYS O 42 -15.67 52.52 6.55
N ALA O 43 -14.77 51.78 5.92
CA ALA O 43 -15.08 50.46 5.42
C ALA O 43 -15.30 49.51 6.60
N PRO O 44 -16.04 48.42 6.42
CA PRO O 44 -16.26 47.51 7.54
C PRO O 44 -14.97 46.77 7.87
N LYS O 45 -14.91 46.26 9.09
CA LYS O 45 -13.78 45.46 9.54
C LYS O 45 -14.30 44.17 10.16
N LEU O 46 -13.91 43.04 9.58
CA LEU O 46 -14.25 41.74 10.15
C LEU O 46 -13.53 41.56 11.48
N LEU O 47 -14.30 41.49 12.58
CA LEU O 47 -13.72 41.20 13.88
C LEU O 47 -13.84 39.72 14.23
N MET O 48 -15.00 39.12 14.00
CA MET O 48 -15.25 37.75 14.39
C MET O 48 -15.84 36.99 13.22
N PHE O 49 -15.46 35.72 13.11
CA PHE O 49 -15.96 34.83 12.09
C PHE O 49 -16.24 33.47 12.72
N ASP O 50 -17.06 32.67 12.04
CA ASP O 50 -17.61 31.43 12.56
C ASP O 50 -18.43 31.66 13.83
N ALA O 51 -18.87 32.91 14.05
CA ALA O 51 -19.83 33.29 15.07
C ALA O 51 -19.24 33.22 16.48
N SER O 52 -18.03 32.66 16.62
CA SER O 52 -17.34 32.67 17.90
C SER O 52 -15.84 32.88 17.82
N LYS O 53 -15.21 32.73 16.66
CA LYS O 53 -13.75 32.65 16.57
C LYS O 53 -13.19 34.03 16.23
N LEU O 54 -12.12 34.39 16.92
CA LEU O 54 -11.57 35.74 16.82
C LEU O 54 -10.67 35.87 15.59
N GLN O 55 -10.77 37.01 14.92
CA GLN O 55 -9.87 37.32 13.82
C GLN O 55 -8.54 37.82 14.37
N THR O 56 -7.46 37.46 13.68
CA THR O 56 -6.13 37.89 14.09
C THR O 56 -6.04 39.41 14.10
N GLY O 57 -5.58 39.96 15.23
CA GLY O 57 -5.45 41.38 15.41
C GLY O 57 -6.57 42.02 16.21
N VAL O 58 -7.75 41.39 16.25
CA VAL O 58 -8.87 41.92 17.03
C VAL O 58 -8.63 41.58 18.50
N PRO O 59 -8.84 42.53 19.41
CA PRO O 59 -8.58 42.27 20.83
C PRO O 59 -9.42 41.11 21.36
N SER O 60 -8.86 40.42 22.34
CA SER O 60 -9.51 39.24 22.92
C SER O 60 -10.73 39.57 23.77
N ARG O 61 -11.01 40.86 24.00
CA ARG O 61 -12.19 41.23 24.77
C ARG O 61 -13.48 40.89 24.03
N PHE O 62 -13.41 40.69 22.72
CA PHE O 62 -14.58 40.29 21.95
C PHE O 62 -14.79 38.79 22.10
N SER O 63 -16.04 38.39 22.34
CA SER O 63 -16.36 36.97 22.43
C SER O 63 -17.77 36.75 21.88
N GLY O 64 -17.90 35.76 20.99
CA GLY O 64 -19.18 35.47 20.38
C GLY O 64 -19.73 34.12 20.80
N SER O 65 -21.05 33.95 20.68
CA SER O 65 -21.67 32.66 20.96
C SER O 65 -22.96 32.56 20.15
N GLY O 66 -23.50 31.35 20.10
CA GLY O 66 -24.78 31.10 19.48
C GLY O 66 -24.68 30.10 18.33
N SER O 67 -25.85 29.75 17.82
CA SER O 67 -25.98 28.75 16.76
C SER O 67 -27.42 28.81 16.26
N GLY O 68 -27.70 27.97 15.26
CA GLY O 68 -29.05 27.85 14.72
C GLY O 68 -29.64 29.14 14.22
N THR O 69 -30.61 29.69 14.96
CA THR O 69 -31.24 30.95 14.59
C THR O 69 -31.02 32.06 15.60
N HIS O 70 -30.08 31.89 16.53
CA HIS O 70 -29.80 32.91 17.54
C HIS O 70 -28.30 33.03 17.73
N PHE O 71 -27.77 34.23 17.58
CA PHE O 71 -26.36 34.51 17.82
C PHE O 71 -26.23 35.76 18.67
N THR O 72 -25.12 35.86 19.40
CA THR O 72 -24.87 36.99 20.28
C THR O 72 -23.40 37.36 20.25
N LEU O 73 -23.12 38.65 20.43
CA LEU O 73 -21.77 39.17 20.50
C LEU O 73 -21.60 39.86 21.85
N THR O 74 -20.46 39.61 22.49
CA THR O 74 -20.24 40.06 23.86
C THR O 74 -18.92 40.81 23.95
N ILE O 75 -18.96 42.00 24.54
CA ILE O 75 -17.79 42.82 24.78
C ILE O 75 -17.62 42.95 26.29
N SER O 76 -16.43 42.64 26.79
CA SER O 76 -16.21 42.71 28.23
C SER O 76 -15.85 44.13 28.68
N THR O 77 -14.94 44.79 27.97
CA THR O 77 -14.48 46.13 28.31
C THR O 77 -14.70 47.02 27.09
N LEU O 78 -15.76 47.82 27.11
CA LEU O 78 -15.98 48.78 26.04
C LEU O 78 -14.98 49.92 26.16
N GLN O 79 -14.36 50.27 25.04
CA GLN O 79 -13.47 51.42 24.96
C GLN O 79 -14.13 52.53 24.14
N PRO O 80 -13.72 53.79 24.37
CA PRO O 80 -14.45 54.91 23.74
C PRO O 80 -14.56 54.82 22.23
N GLU O 81 -13.53 54.32 21.55
CA GLU O 81 -13.59 54.22 20.10
C GLU O 81 -14.29 52.97 19.60
N ASP O 82 -14.61 52.02 20.50
CA ASP O 82 -15.34 50.83 20.08
C ASP O 82 -16.80 51.12 19.78
N PHE O 83 -17.30 52.29 20.19
CA PHE O 83 -18.67 52.71 19.91
C PHE O 83 -18.81 52.98 18.42
N ALA O 84 -19.43 52.03 17.70
CA ALA O 84 -19.56 52.12 16.26
C ALA O 84 -20.79 51.34 15.85
N THR O 85 -20.92 51.07 14.55
CA THR O 85 -22.04 50.29 14.03
C THR O 85 -21.56 48.87 13.79
N TYR O 86 -22.38 47.90 14.18
CA TYR O 86 -22.04 46.48 14.10
C TYR O 86 -23.04 45.77 13.20
N TYR O 87 -22.52 44.93 12.30
CA TYR O 87 -23.32 44.16 11.38
C TYR O 87 -22.97 42.69 11.54
N CYS O 88 -23.98 41.85 11.78
CA CYS O 88 -23.77 40.41 11.65
C CYS O 88 -24.18 39.99 10.24
N GLN O 89 -23.40 39.07 9.67
CA GLN O 89 -23.50 38.73 8.26
C GLN O 89 -23.59 37.22 8.10
N GLN O 90 -24.61 36.76 7.39
CA GLN O 90 -24.77 35.34 7.15
C GLN O 90 -23.90 34.89 5.98
N SER O 91 -23.31 33.71 6.12
CA SER O 91 -22.50 33.10 5.07
C SER O 91 -23.07 31.74 4.66
N TYR O 92 -24.36 31.54 4.86
CA TYR O 92 -24.99 30.24 4.63
C TYR O 92 -25.51 30.08 3.21
N ASP O 93 -26.08 31.14 2.63
CA ASP O 93 -26.71 31.05 1.32
C ASP O 93 -26.69 32.42 0.65
N LEU O 94 -27.04 32.43 -0.66
CA LEU O 94 -27.16 33.67 -1.42
C LEU O 94 -28.57 34.23 -1.34
N PRO O 95 -28.72 35.56 -1.39
CA PRO O 95 -27.61 36.51 -1.37
C PRO O 95 -27.13 36.78 0.06
N LEU O 96 -25.82 36.89 0.24
CA LEU O 96 -25.27 37.27 1.55
C LEU O 96 -25.90 38.58 1.99
N THR O 97 -26.51 38.57 3.18
CA THR O 97 -27.32 39.69 3.63
C THR O 97 -26.84 40.19 4.98
N PHE O 98 -27.11 41.46 5.24
CA PHE O 98 -26.75 42.11 6.49
C PHE O 98 -28.00 42.37 7.31
N GLY O 99 -27.79 42.60 8.61
CA GLY O 99 -28.87 43.02 9.47
C GLY O 99 -29.09 44.51 9.41
N PRO O 100 -30.10 44.97 10.15
CA PRO O 100 -30.39 46.41 10.19
C PRO O 100 -29.30 47.25 10.84
N GLY O 101 -28.35 46.64 11.53
CA GLY O 101 -27.26 47.39 12.14
C GLY O 101 -27.59 47.87 13.54
N THR O 102 -26.57 47.88 14.39
CA THR O 102 -26.72 48.23 15.80
C THR O 102 -25.73 49.34 16.14
N LYS O 103 -26.25 50.52 16.47
CA LYS O 103 -25.41 51.66 16.82
C LYS O 103 -25.23 51.71 18.34
N VAL O 104 -23.98 51.59 18.78
CA VAL O 104 -23.65 51.60 20.20
C VAL O 104 -23.16 52.98 20.60
N GLU O 105 -23.88 53.64 21.51
CA GLU O 105 -23.54 54.99 21.93
C GLU O 105 -23.69 55.09 23.44
N ILE O 106 -22.80 55.91 24.04
CA ILE O 106 -22.83 56.18 25.49
C ILE O 106 -23.74 57.38 25.75
N LYS O 107 -24.55 57.29 26.81
CA LYS O 107 -25.50 58.36 27.12
C LYS O 107 -25.53 58.64 28.62
#